data_7MQX
#
_entry.id   7MQX
#
_cell.length_a   225.483
_cell.length_b   149.430
_cell.length_c   149.523
_cell.angle_alpha   90.000
_cell.angle_beta   129.340
_cell.angle_gamma   90.000
#
_symmetry.space_group_name_H-M   'C 1 2 1'
#
loop_
_entity.id
_entity.type
_entity.pdbx_description
1 polymer 'Mandelate racemase'
2 non-polymer 'MAGNESIUM ION'
3 non-polymer (3S)-2,1-benzoxaborole-1,3(3H)-diol
4 non-polymer 1,2-ETHANEDIOL
5 water water
#
_entity_poly.entity_id   1
_entity_poly.type   'polypeptide(L)'
_entity_poly.pdbx_seq_one_letter_code
;MASWSHPQFEKGALEVLFQGPGYHMSEVLITGLRTRAVNVPLAYPVHTAVGTVGTAPLVLIDLATSAGVVGHSYLFAYTP
VALKSLKQLLDDMAAMIVNEPLAPVSLEAMLAKRFCLAGYTGLIRMAAAGIDMAAWDALGKVHETPLVKLLGANARPVQA
YDSHSLDGVKLATERAVTAAELGFRAVKTKIGYPALDQDLAVVRSIRQAVGDDFGIMVDYNQSLDVPAAIKRSQALQQEG
VTWIEEPTLQHDYEGHQRIQSKLNVPVQMGENWLGPEEMFKALSIGACRLAMPDAMKIGGVTGWIRASALAQQFGIPMSS
HLFQEISAHLLAATPTAHWLERLDLAGSVIEPTLTFEGGNAVIPDLPGVGIIWREKEIGKYLV
;
_entity_poly.pdbx_strand_id   A,B,C,D,E,F,G,H
#
loop_
_chem_comp.id
_chem_comp.type
_chem_comp.name
_chem_comp.formula
EDO non-polymer 1,2-ETHANEDIOL 'C2 H6 O2'
MG non-polymer 'MAGNESIUM ION' 'Mg 2'
ZMD non-polymer (3S)-2,1-benzoxaborole-1,3(3H)-diol 'C7 H7 B O3'
#
# COMPACT_ATOMS: atom_id res chain seq x y z
N GLU A 27 -42.42 28.11 -2.15
CA GLU A 27 -43.40 28.45 -1.13
C GLU A 27 -42.88 29.56 -0.22
N VAL A 28 -41.73 29.36 0.42
CA VAL A 28 -41.10 30.42 1.20
C VAL A 28 -39.84 30.87 0.47
N LEU A 29 -39.76 32.17 0.19
CA LEU A 29 -38.63 32.75 -0.51
C LEU A 29 -37.79 33.60 0.42
N ILE A 30 -36.49 33.68 0.13
CA ILE A 30 -35.64 34.64 0.79
C ILE A 30 -35.97 36.03 0.26
N THR A 31 -36.26 36.97 1.16
CA THR A 31 -36.65 38.32 0.75
C THR A 31 -35.63 39.39 1.12
N GLY A 32 -34.57 39.05 1.85
CA GLY A 32 -33.56 40.05 2.16
C GLY A 32 -32.39 39.43 2.91
N LEU A 33 -31.28 40.15 2.90
N LEU A 33 -31.27 40.15 2.88
CA LEU A 33 -30.07 39.71 3.60
CA LEU A 33 -30.07 39.75 3.59
C LEU A 33 -29.39 40.95 4.17
C LEU A 33 -29.43 40.99 4.17
N ARG A 34 -29.35 41.06 5.49
CA ARG A 34 -28.71 42.17 6.18
C ARG A 34 -27.51 41.64 6.95
N THR A 35 -26.38 42.34 6.85
CA THR A 35 -25.20 41.99 7.60
C THR A 35 -24.71 43.19 8.40
N ARG A 36 -24.16 42.93 9.57
CA ARG A 36 -23.61 43.95 10.45
C ARG A 36 -22.24 43.49 10.94
N ALA A 37 -21.20 44.28 10.69
CA ALA A 37 -19.87 43.93 11.17
C ALA A 37 -19.66 44.57 12.53
N VAL A 38 -19.27 43.73 13.50
CA VAL A 38 -19.03 44.18 14.86
C VAL A 38 -17.65 43.70 15.28
N ASN A 39 -17.04 44.42 16.20
CA ASN A 39 -15.78 44.06 16.83
C ASN A 39 -16.07 44.09 18.31
N VAL A 40 -16.06 42.92 18.94
CA VAL A 40 -16.85 42.69 20.13
C VAL A 40 -15.97 42.31 21.32
N PRO A 41 -16.27 42.80 22.53
CA PRO A 41 -15.35 42.61 23.65
C PRO A 41 -15.40 41.19 24.19
N LEU A 42 -14.25 40.72 24.62
CA LEU A 42 -14.12 39.43 25.27
C LEU A 42 -13.66 39.68 26.70
N ALA A 43 -14.24 38.93 27.64
CA ALA A 43 -13.81 39.03 29.02
C ALA A 43 -12.34 38.66 29.16
N TYR A 44 -11.84 37.79 28.29
CA TYR A 44 -10.46 37.35 28.27
C TYR A 44 -9.99 37.23 26.82
N PRO A 45 -8.94 37.93 26.42
CA PRO A 45 -8.42 37.77 25.05
C PRO A 45 -8.05 36.32 24.81
N VAL A 46 -8.20 35.90 23.55
CA VAL A 46 -7.80 34.55 23.16
C VAL A 46 -6.33 34.65 22.76
N HIS A 47 -5.46 34.47 23.75
CA HIS A 47 -4.03 34.33 23.47
C HIS A 47 -3.77 32.95 22.85
N THR A 48 -2.90 32.91 21.84
CA THR A 48 -2.56 31.64 21.19
C THR A 48 -1.07 31.61 20.93
N ALA A 49 -0.57 30.41 20.65
CA ALA A 49 0.82 30.23 20.27
C ALA A 49 1.22 31.07 19.06
N VAL A 50 0.27 31.47 18.21
N VAL A 50 0.27 31.47 18.21
CA VAL A 50 0.59 32.21 17.00
CA VAL A 50 0.60 32.20 17.00
C VAL A 50 0.09 33.65 17.04
C VAL A 50 0.10 33.65 17.04
N GLY A 51 -0.34 34.13 18.20
CA GLY A 51 -0.81 35.50 18.33
C GLY A 51 -2.13 35.59 19.07
N THR A 52 -2.53 36.83 19.33
CA THR A 52 -3.67 37.12 20.21
C THR A 52 -4.88 37.65 19.45
N VAL A 53 -6.03 37.02 19.69
CA VAL A 53 -7.34 37.50 19.26
C VAL A 53 -7.91 38.26 20.43
N GLY A 54 -7.79 39.59 20.40
CA GLY A 54 -8.20 40.42 21.54
C GLY A 54 -9.67 40.81 21.55
N THR A 55 -10.23 41.00 20.37
CA THR A 55 -11.66 41.26 20.19
C THR A 55 -12.23 40.14 19.32
N ALA A 56 -13.55 40.06 19.25
CA ALA A 56 -14.16 39.11 18.31
C ALA A 56 -14.72 39.88 17.12
N PRO A 57 -14.06 39.85 15.96
CA PRO A 57 -14.65 40.43 14.75
C PRO A 57 -15.69 39.49 14.18
N LEU A 58 -16.96 39.88 14.29
CA LEU A 58 -18.09 39.07 13.88
C LEU A 58 -18.88 39.78 12.78
N VAL A 59 -19.50 38.98 11.93
CA VAL A 59 -20.51 39.48 11.01
C VAL A 59 -21.84 38.85 11.40
N LEU A 60 -22.81 39.68 11.79
CA LEU A 60 -24.12 39.19 12.16
C LEU A 60 -25.03 39.20 10.93
N ILE A 61 -25.78 38.12 10.73
CA ILE A 61 -26.53 37.87 9.51
C ILE A 61 -28.01 37.79 9.85
N ASP A 62 -28.84 38.51 9.08
CA ASP A 62 -30.29 38.43 9.17
C ASP A 62 -30.83 38.07 7.80
N LEU A 63 -31.52 36.95 7.70
CA LEU A 63 -32.08 36.44 6.45
C LEU A 63 -33.59 36.56 6.52
N ALA A 64 -34.14 37.56 5.83
CA ALA A 64 -35.58 37.80 5.83
C ALA A 64 -36.27 36.87 4.84
N THR A 65 -37.52 36.51 5.15
CA THR A 65 -38.27 35.56 4.34
C THR A 65 -39.69 36.05 4.05
N SER A 66 -40.25 35.48 2.97
CA SER A 66 -41.66 35.72 2.67
C SER A 66 -42.60 35.09 3.69
N ALA A 67 -42.08 34.29 4.62
CA ALA A 67 -42.85 33.80 5.76
C ALA A 67 -42.85 34.79 6.91
N GLY A 68 -42.10 35.89 6.81
CA GLY A 68 -42.02 36.90 7.82
C GLY A 68 -40.96 36.65 8.87
N VAL A 69 -40.72 35.39 9.21
CA VAL A 69 -39.64 35.06 10.15
C VAL A 69 -38.31 35.47 9.52
N VAL A 70 -37.33 35.73 10.38
CA VAL A 70 -35.99 36.11 9.96
C VAL A 70 -34.98 35.10 10.52
N GLY A 71 -34.14 34.55 9.66
CA GLY A 71 -33.09 33.66 10.14
C GLY A 71 -31.88 34.47 10.64
N HIS A 72 -31.33 34.02 11.78
CA HIS A 72 -30.16 34.69 12.35
C HIS A 72 -28.97 33.74 12.34
N SER A 73 -27.78 34.28 12.08
CA SER A 73 -26.54 33.55 12.27
C SER A 73 -25.41 34.55 12.38
N TYR A 74 -24.22 34.04 12.62
CA TYR A 74 -23.08 34.94 12.60
C TYR A 74 -21.84 34.17 12.18
N LEU A 75 -20.85 34.94 11.75
CA LEU A 75 -19.56 34.43 11.31
C LEU A 75 -18.48 35.07 12.17
N PHE A 76 -17.37 34.35 12.33
CA PHE A 76 -16.21 34.82 13.06
C PHE A 76 -15.09 35.03 12.05
N ALA A 77 -14.54 36.24 12.00
CA ALA A 77 -13.56 36.59 10.97
C ALA A 77 -12.12 36.37 11.43
N TYR A 78 -11.90 36.02 12.70
CA TYR A 78 -10.60 35.71 13.28
C TYR A 78 -9.69 36.92 13.46
N THR A 79 -9.53 37.73 12.43
CA THR A 79 -8.77 38.96 12.56
C THR A 79 -9.58 40.13 11.99
N PRO A 80 -9.48 41.32 12.58
CA PRO A 80 -10.15 42.48 12.00
C PRO A 80 -9.72 42.77 10.57
N VAL A 81 -8.54 42.28 10.15
CA VAL A 81 -8.05 42.53 8.80
C VAL A 81 -8.99 41.97 7.76
N ALA A 82 -9.72 40.90 8.10
CA ALA A 82 -10.65 40.28 7.17
C ALA A 82 -12.09 40.68 7.38
N LEU A 83 -12.40 41.45 8.44
CA LEU A 83 -13.78 41.67 8.83
C LEU A 83 -14.58 42.41 7.75
N LYS A 84 -14.11 43.58 7.34
CA LYS A 84 -14.84 44.35 6.33
C LYS A 84 -14.89 43.61 5.00
N SER A 85 -13.84 42.85 4.67
CA SER A 85 -13.84 42.06 3.42
C SER A 85 -14.94 41.02 3.46
N LEU A 86 -15.12 40.36 4.60
CA LEU A 86 -16.15 39.33 4.71
C LEU A 86 -17.54 39.93 4.63
N LYS A 87 -17.77 41.07 5.29
CA LYS A 87 -19.07 41.74 5.17
C LYS A 87 -19.35 42.13 3.73
N GLN A 88 -18.37 42.77 3.08
CA GLN A 88 -18.51 43.17 1.68
C GLN A 88 -18.87 42.00 0.80
N LEU A 89 -18.13 40.90 0.96
CA LEU A 89 -18.42 39.69 0.18
C LEU A 89 -19.86 39.24 0.36
N LEU A 90 -20.32 39.13 1.61
CA LEU A 90 -21.69 38.70 1.88
C LEU A 90 -22.71 39.62 1.21
N ASP A 91 -22.47 40.94 1.30
CA ASP A 91 -23.39 41.90 0.71
C ASP A 91 -23.49 41.72 -0.79
N ASP A 92 -22.37 41.45 -1.44
CA ASP A 92 -22.38 41.23 -2.88
C ASP A 92 -22.93 39.85 -3.24
N MET A 93 -22.91 38.90 -2.29
CA MET A 93 -23.56 37.61 -2.50
C MET A 93 -25.07 37.71 -2.37
N ALA A 94 -25.58 38.77 -1.73
CA ALA A 94 -27.02 38.88 -1.50
C ALA A 94 -27.79 38.68 -2.80
N ALA A 95 -27.29 39.26 -3.90
CA ALA A 95 -27.95 39.14 -5.18
C ALA A 95 -28.12 37.71 -5.64
N MET A 96 -27.28 36.78 -5.17
CA MET A 96 -27.43 35.40 -5.59
C MET A 96 -28.52 34.64 -4.84
N ILE A 97 -28.96 35.12 -3.69
CA ILE A 97 -29.88 34.34 -2.87
C ILE A 97 -31.22 35.02 -2.65
N VAL A 98 -31.31 36.35 -2.72
CA VAL A 98 -32.61 36.99 -2.52
C VAL A 98 -33.53 36.53 -3.64
N ASN A 99 -34.75 36.15 -3.29
CA ASN A 99 -35.83 35.68 -4.15
C ASN A 99 -35.70 34.20 -4.47
N GLU A 100 -34.70 33.50 -3.93
CA GLU A 100 -34.62 32.05 -4.06
C GLU A 100 -35.45 31.37 -2.98
N PRO A 101 -35.93 30.15 -3.23
CA PRO A 101 -36.60 29.40 -2.16
C PRO A 101 -35.68 29.24 -0.97
N LEU A 102 -36.28 29.23 0.22
CA LEU A 102 -35.57 28.89 1.47
C LEU A 102 -35.35 27.38 1.51
N ALA A 103 -34.39 26.93 0.73
CA ALA A 103 -34.05 25.51 0.60
C ALA A 103 -32.54 25.42 0.80
N PRO A 104 -32.09 25.30 2.06
CA PRO A 104 -30.65 25.48 2.33
C PRO A 104 -29.77 24.54 1.54
N VAL A 105 -30.23 23.30 1.31
CA VAL A 105 -29.39 22.33 0.62
C VAL A 105 -29.29 22.68 -0.86
N SER A 106 -30.39 23.13 -1.45
CA SER A 106 -30.33 23.58 -2.84
C SER A 106 -29.55 24.89 -2.97
N LEU A 107 -29.72 25.82 -2.02
CA LEU A 107 -28.91 27.04 -2.03
C LEU A 107 -27.42 26.73 -2.01
N GLU A 108 -27.02 25.77 -1.16
CA GLU A 108 -25.60 25.43 -1.03
C GLU A 108 -25.05 24.89 -2.34
N ALA A 109 -25.80 24.01 -3.00
CA ALA A 109 -25.39 23.48 -4.30
C ALA A 109 -25.22 24.59 -5.32
N MET A 110 -26.11 25.58 -5.28
CA MET A 110 -26.01 26.69 -6.23
C MET A 110 -24.77 27.52 -5.95
N LEU A 111 -24.47 27.78 -4.67
CA LEU A 111 -23.30 28.58 -4.34
C LEU A 111 -22.03 27.83 -4.69
N ALA A 112 -22.02 26.51 -4.49
CA ALA A 112 -20.86 25.71 -4.84
C ALA A 112 -20.55 25.81 -6.33
N LYS A 113 -21.57 25.73 -7.17
CA LYS A 113 -21.35 25.82 -8.61
C LYS A 113 -20.95 27.23 -9.03
N ARG A 114 -21.61 28.25 -8.48
CA ARG A 114 -21.34 29.61 -8.95
C ARG A 114 -19.93 30.05 -8.61
N PHE A 115 -19.35 29.50 -7.55
CA PHE A 115 -18.01 29.89 -7.08
C PHE A 115 -16.94 28.86 -7.46
N CYS A 116 -17.26 27.90 -8.33
CA CYS A 116 -16.30 26.84 -8.59
C CYS A 116 -15.04 27.34 -9.31
N LEU A 117 -15.11 28.48 -9.98
CA LEU A 117 -13.92 29.01 -10.65
C LEU A 117 -13.09 29.89 -9.72
N ALA A 118 -13.76 30.77 -8.96
CA ALA A 118 -13.08 31.62 -7.99
C ALA A 118 -12.45 30.81 -6.87
N GLY A 119 -13.06 29.68 -6.51
CA GLY A 119 -12.56 28.91 -5.39
C GLY A 119 -13.54 28.91 -4.24
N TYR A 120 -14.27 27.81 -4.12
CA TYR A 120 -15.32 27.65 -3.11
C TYR A 120 -14.67 27.20 -1.79
N THR A 121 -13.86 28.10 -1.24
CA THR A 121 -13.10 27.85 -0.02
C THR A 121 -12.84 29.20 0.64
N GLY A 122 -12.17 29.17 1.78
CA GLY A 122 -11.80 30.39 2.48
C GLY A 122 -13.00 31.27 2.79
N LEU A 123 -12.81 32.58 2.57
CA LEU A 123 -13.82 33.58 2.89
C LEU A 123 -15.13 33.31 2.17
N ILE A 124 -15.05 32.91 0.89
CA ILE A 124 -16.24 32.62 0.10
C ILE A 124 -17.00 31.46 0.71
N ARG A 125 -16.30 30.40 1.11
CA ARG A 125 -16.94 29.27 1.77
C ARG A 125 -17.54 29.67 3.10
N MET A 126 -16.81 30.51 3.85
CA MET A 126 -17.28 30.97 5.15
C MET A 126 -18.56 31.80 5.00
N ALA A 127 -18.59 32.71 4.02
CA ALA A 127 -19.81 33.46 3.75
C ALA A 127 -20.98 32.52 3.39
N ALA A 128 -20.73 31.52 2.55
CA ALA A 128 -21.80 30.59 2.17
C ALA A 128 -22.33 29.86 3.40
N ALA A 129 -21.44 29.53 4.33
CA ALA A 129 -21.86 28.86 5.56
C ALA A 129 -22.72 29.77 6.43
N GLY A 130 -22.40 31.07 6.48
CA GLY A 130 -23.24 32.01 7.22
C GLY A 130 -24.66 32.07 6.67
N ILE A 131 -24.79 32.04 5.36
CA ILE A 131 -26.11 32.00 4.73
C ILE A 131 -26.81 30.69 5.05
N ASP A 132 -26.07 29.58 5.02
CA ASP A 132 -26.69 28.31 5.32
C ASP A 132 -27.20 28.28 6.74
N MET A 133 -26.41 28.80 7.69
CA MET A 133 -26.82 28.74 9.09
C MET A 133 -28.03 29.64 9.34
N ALA A 134 -28.09 30.81 8.71
CA ALA A 134 -29.28 31.65 8.86
C ALA A 134 -30.49 30.99 8.18
N ALA A 135 -30.27 30.34 7.02
CA ALA A 135 -31.39 29.74 6.30
C ALA A 135 -32.01 28.58 7.07
N TRP A 136 -31.18 27.78 7.76
CA TRP A 136 -31.73 26.68 8.56
C TRP A 136 -32.40 27.20 9.83
N ASP A 137 -31.87 28.26 10.43
CA ASP A 137 -32.58 28.90 11.53
C ASP A 137 -33.95 29.40 11.06
N ALA A 138 -33.99 30.09 9.91
CA ALA A 138 -35.24 30.47 9.28
C ALA A 138 -36.17 29.28 9.06
N LEU A 139 -35.65 28.16 8.53
CA LEU A 139 -36.54 27.03 8.22
C LEU A 139 -37.15 26.45 9.49
N GLY A 140 -36.37 26.39 10.58
CA GLY A 140 -36.93 25.97 11.85
C GLY A 140 -38.03 26.91 12.30
N LYS A 141 -37.85 28.20 12.06
CA LYS A 141 -38.88 29.17 12.46
C LYS A 141 -40.15 28.99 11.63
N VAL A 142 -40.01 28.72 10.33
CA VAL A 142 -41.18 28.47 9.48
C VAL A 142 -42.01 27.32 10.03
N HIS A 143 -41.33 26.28 10.55
CA HIS A 143 -42.03 25.13 11.09
C HIS A 143 -42.20 25.21 12.60
N GLU A 144 -41.83 26.33 13.22
CA GLU A 144 -42.07 26.57 14.64
C GLU A 144 -41.50 25.44 15.50
N THR A 145 -40.24 25.09 15.25
CA THR A 145 -39.66 23.95 15.92
C THR A 145 -38.16 24.18 16.10
N PRO A 146 -37.57 23.74 17.21
CA PRO A 146 -36.12 23.86 17.35
C PRO A 146 -35.39 23.13 16.23
N LEU A 147 -34.22 23.66 15.86
CA LEU A 147 -33.47 23.07 14.75
C LEU A 147 -33.21 21.59 14.97
N VAL A 148 -32.86 21.17 16.19
CA VAL A 148 -32.55 19.77 16.41
C VAL A 148 -33.74 18.88 16.05
N LYS A 149 -34.96 19.34 16.37
CA LYS A 149 -36.14 18.53 16.07
C LYS A 149 -36.40 18.51 14.56
N LEU A 150 -36.19 19.63 13.88
CA LEU A 150 -36.28 19.68 12.42
C LEU A 150 -35.32 18.68 11.78
N LEU A 151 -34.17 18.45 12.42
CA LEU A 151 -33.21 17.49 11.89
C LEU A 151 -33.58 16.06 12.23
N GLY A 152 -34.69 15.85 12.93
CA GLY A 152 -35.18 14.53 13.23
C GLY A 152 -34.62 13.90 14.47
N ALA A 153 -34.01 14.67 15.38
CA ALA A 153 -33.39 14.15 16.58
C ALA A 153 -34.01 14.76 17.83
N ASN A 154 -33.90 14.05 18.95
CA ASN A 154 -34.31 14.63 20.22
C ASN A 154 -33.24 15.57 20.75
N ALA A 155 -33.69 16.61 21.45
CA ALA A 155 -32.78 17.43 22.23
C ALA A 155 -32.19 16.58 23.35
N ARG A 156 -30.89 16.67 23.52
CA ARG A 156 -30.27 16.02 24.66
C ARG A 156 -29.20 16.97 25.18
N PRO A 157 -28.90 16.93 26.47
CA PRO A 157 -27.77 17.71 26.97
C PRO A 157 -26.48 17.20 26.34
N VAL A 158 -25.54 18.11 26.07
CA VAL A 158 -24.24 17.69 25.54
C VAL A 158 -23.15 18.26 26.42
N GLN A 159 -22.27 17.37 26.88
CA GLN A 159 -21.17 17.78 27.74
C GLN A 159 -20.31 18.84 27.06
N ALA A 160 -19.88 19.81 27.83
CA ALA A 160 -19.21 20.99 27.32
C ALA A 160 -17.93 21.16 28.10
N TYR A 161 -16.89 21.63 27.43
CA TYR A 161 -15.68 22.02 28.14
C TYR A 161 -15.54 23.53 28.03
N ASP A 162 -15.01 24.13 29.08
CA ASP A 162 -14.81 25.57 29.09
C ASP A 162 -13.47 25.87 28.41
N SER A 163 -13.51 26.64 27.34
CA SER A 163 -12.38 26.80 26.43
C SER A 163 -11.64 28.07 26.81
N HIS A 164 -10.39 27.92 27.25
CA HIS A 164 -9.52 29.03 27.67
C HIS A 164 -8.44 29.26 26.61
N SER A 165 -7.33 29.90 26.99
CA SER A 165 -6.36 30.33 25.97
CA SER A 165 -6.36 30.36 25.99
C SER A 165 -4.94 30.19 26.54
N LEU A 166 -3.98 30.84 25.87
CA LEU A 166 -2.57 30.80 26.28
C LEU A 166 -2.40 31.83 27.40
N ASP A 167 -2.87 31.45 28.58
CA ASP A 167 -3.14 32.39 29.64
C ASP A 167 -2.00 32.54 30.63
N GLY A 168 -0.97 31.71 30.55
CA GLY A 168 0.03 31.63 31.59
C GLY A 168 -0.47 30.81 32.77
N VAL A 169 0.50 30.31 33.55
CA VAL A 169 0.19 29.38 34.65
C VAL A 169 -0.86 29.97 35.60
N LYS A 170 -0.72 31.25 35.91
CA LYS A 170 -1.55 31.90 36.92
CA LYS A 170 -1.55 31.91 36.91
C LYS A 170 -3.02 31.95 36.48
N LEU A 171 -3.30 32.64 35.39
CA LEU A 171 -4.68 32.78 34.92
C LEU A 171 -5.24 31.44 34.46
N ALA A 172 -4.41 30.60 33.85
CA ALA A 172 -4.93 29.30 33.42
C ALA A 172 -5.43 28.49 34.61
N THR A 173 -4.72 28.56 35.73
CA THR A 173 -5.16 27.81 36.90
C THR A 173 -6.42 28.41 37.49
N GLU A 174 -6.50 29.74 37.52
CA GLU A 174 -7.65 30.42 38.10
C GLU A 174 -8.91 30.22 37.27
N ARG A 175 -8.79 30.20 35.93
CA ARG A 175 -9.97 29.98 35.11
C ARG A 175 -10.44 28.54 35.17
N ALA A 176 -9.50 27.59 35.33
CA ALA A 176 -9.89 26.20 35.49
C ALA A 176 -10.66 26.01 36.79
N VAL A 177 -10.21 26.66 37.87
CA VAL A 177 -10.94 26.56 39.13
C VAL A 177 -12.34 27.12 39.00
N THR A 178 -12.48 28.27 38.34
CA THR A 178 -13.79 28.86 38.15
C THR A 178 -14.68 27.98 37.28
N ALA A 179 -14.12 27.40 36.22
CA ALA A 179 -14.89 26.46 35.39
C ALA A 179 -15.41 25.29 36.21
N ALA A 180 -14.54 24.66 37.02
CA ALA A 180 -14.99 23.54 37.83
C ALA A 180 -16.09 23.97 38.80
N GLU A 181 -16.01 25.21 39.30
CA GLU A 181 -17.03 25.69 40.21
C GLU A 181 -18.35 25.95 39.49
N LEU A 182 -18.29 26.31 38.20
CA LEU A 182 -19.51 26.45 37.43
C LEU A 182 -20.11 25.11 37.01
N GLY A 183 -19.41 24.00 37.22
CA GLY A 183 -19.94 22.68 36.93
C GLY A 183 -19.36 22.00 35.70
N PHE A 184 -18.48 22.66 34.95
CA PHE A 184 -17.82 22.00 33.82
C PHE A 184 -16.93 20.88 34.32
N ARG A 185 -16.86 19.80 33.56
CA ARG A 185 -16.03 18.66 33.92
CA ARG A 185 -16.05 18.65 33.90
C ARG A 185 -14.75 18.59 33.09
N ALA A 186 -14.46 19.62 32.30
CA ALA A 186 -13.22 19.68 31.54
C ALA A 186 -12.99 21.12 31.09
N VAL A 187 -11.72 21.46 30.84
CA VAL A 187 -11.35 22.75 30.26
C VAL A 187 -10.35 22.49 29.14
N LYS A 188 -10.18 23.50 28.29
CA LYS A 188 -9.15 23.51 27.26
C LYS A 188 -8.24 24.71 27.50
N THR A 189 -6.93 24.48 27.45
CA THR A 189 -5.98 25.59 27.50
C THR A 189 -5.12 25.55 26.26
N LYS A 190 -4.67 26.71 25.83
CA LYS A 190 -3.79 26.76 24.67
C LYS A 190 -2.34 26.81 25.14
N ILE A 191 -1.49 26.03 24.48
CA ILE A 191 -0.09 25.90 24.87
C ILE A 191 0.73 26.13 23.61
N GLY A 192 2.05 25.92 23.72
CA GLY A 192 2.97 26.34 22.69
C GLY A 192 3.80 27.52 23.15
N TYR A 193 4.11 27.54 24.45
CA TYR A 193 5.05 28.50 25.00
C TYR A 193 6.46 28.20 24.45
N PRO A 194 7.39 29.16 24.53
CA PRO A 194 8.74 28.88 24.00
C PRO A 194 9.34 27.55 24.48
N ALA A 195 9.20 27.20 25.74
CA ALA A 195 9.81 26.00 26.29
C ALA A 195 8.74 24.95 26.60
N LEU A 196 9.07 23.69 26.34
CA LEU A 196 8.18 22.61 26.71
C LEU A 196 7.88 22.60 28.21
N ASP A 197 8.87 22.98 29.02
CA ASP A 197 8.66 23.01 30.47
C ASP A 197 7.54 23.97 30.85
N GLN A 198 7.36 25.03 30.06
CA GLN A 198 6.27 25.97 30.34
C GLN A 198 4.91 25.35 30.02
N ASP A 199 4.79 24.69 28.86
CA ASP A 199 3.59 23.91 28.56
C ASP A 199 3.22 23.01 29.73
N LEU A 200 4.19 22.19 30.16
CA LEU A 200 3.96 21.21 31.22
C LEU A 200 3.58 21.89 32.52
N ALA A 201 4.21 23.02 32.83
CA ALA A 201 3.90 23.73 34.06
C ALA A 201 2.44 24.14 34.10
N VAL A 202 1.89 24.57 32.96
CA VAL A 202 0.49 24.97 32.91
C VAL A 202 -0.41 23.76 33.19
N VAL A 203 -0.12 22.65 32.52
CA VAL A 203 -0.98 21.48 32.68
C VAL A 203 -0.90 20.95 34.10
N ARG A 204 0.32 20.91 34.67
CA ARG A 204 0.49 20.44 36.04
C ARG A 204 -0.26 21.32 37.03
N SER A 205 -0.19 22.64 36.84
CA SER A 205 -0.86 23.54 37.78
C SER A 205 -2.39 23.41 37.70
N ILE A 206 -2.94 23.33 36.48
CA ILE A 206 -4.38 23.10 36.33
C ILE A 206 -4.77 21.78 36.99
N ARG A 207 -3.99 20.74 36.73
CA ARG A 207 -4.33 19.42 37.27
C ARG A 207 -4.38 19.42 38.80
N GLN A 208 -3.41 20.09 39.44
CA GLN A 208 -3.45 20.25 40.89
C GLN A 208 -4.72 20.96 41.33
N ALA A 209 -5.15 21.98 40.58
CA ALA A 209 -6.33 22.74 40.99
C ALA A 209 -7.62 21.92 40.84
N VAL A 210 -7.69 21.02 39.86
CA VAL A 210 -8.96 20.41 39.47
C VAL A 210 -9.06 18.93 39.82
N GLY A 211 -7.95 18.25 40.10
CA GLY A 211 -8.00 16.84 40.41
C GLY A 211 -7.90 15.93 39.19
N ASP A 212 -7.85 14.62 39.46
CA ASP A 212 -7.62 13.63 38.41
C ASP A 212 -8.86 13.37 37.56
N ASP A 213 -10.05 13.51 38.13
CA ASP A 213 -11.30 13.19 37.43
C ASP A 213 -11.85 14.44 36.75
N PHE A 214 -11.14 14.84 35.69
CA PHE A 214 -11.37 16.13 35.06
C PHE A 214 -10.59 16.16 33.77
N GLY A 215 -11.18 16.72 32.73
CA GLY A 215 -10.51 16.80 31.44
C GLY A 215 -9.65 18.04 31.34
N ILE A 216 -8.48 17.88 30.73
CA ILE A 216 -7.63 19.01 30.35
C ILE A 216 -7.26 18.76 28.88
N MET A 217 -7.97 19.41 27.97
CA MET A 217 -7.59 19.40 26.56
C MET A 217 -6.51 20.45 26.33
N VAL A 218 -5.58 20.16 25.41
CA VAL A 218 -4.55 21.14 25.11
C VAL A 218 -4.49 21.39 23.61
N ASP A 219 -4.12 22.63 23.24
CA ASP A 219 -4.25 23.11 21.87
C ASP A 219 -3.00 23.89 21.48
N TYR A 220 -2.29 23.44 20.45
CA TYR A 220 -1.06 24.08 20.01
C TYR A 220 -1.25 25.13 18.90
N ASN A 221 -2.44 25.22 18.31
CA ASN A 221 -2.68 26.15 17.21
C ASN A 221 -1.56 26.13 16.16
N GLN A 222 -1.22 24.91 15.72
CA GLN A 222 -0.37 24.65 14.57
C GLN A 222 1.06 25.09 14.77
N SER A 223 1.51 25.31 16.01
CA SER A 223 2.75 26.04 16.20
C SER A 223 4.01 25.18 16.17
N LEU A 224 3.88 23.85 16.07
CA LEU A 224 5.03 22.95 16.16
C LEU A 224 5.30 22.27 14.82
N ASP A 225 6.58 22.03 14.55
CA ASP A 225 6.89 21.08 13.50
C ASP A 225 6.70 19.67 14.03
N VAL A 226 6.77 18.70 13.13
CA VAL A 226 6.37 17.33 13.49
C VAL A 226 7.31 16.72 14.53
N PRO A 227 8.65 16.83 14.43
CA PRO A 227 9.49 16.28 15.52
C PRO A 227 9.24 16.96 16.86
N ALA A 228 9.13 18.29 16.88
CA ALA A 228 8.78 18.99 18.11
C ALA A 228 7.46 18.51 18.67
N ALA A 229 6.47 18.31 17.80
CA ALA A 229 5.15 17.88 18.25
C ALA A 229 5.21 16.48 18.88
N ILE A 230 6.01 15.59 18.28
CA ILE A 230 6.18 14.25 18.86
C ILE A 230 6.83 14.37 20.24
N LYS A 231 7.87 15.20 20.37
CA LYS A 231 8.56 15.33 21.64
C LYS A 231 7.66 15.92 22.71
N ARG A 232 7.00 17.05 22.41
CA ARG A 232 6.14 17.68 23.39
C ARG A 232 4.94 16.81 23.71
N SER A 233 4.33 16.20 22.68
CA SER A 233 3.09 15.46 22.91
C SER A 233 3.32 14.22 23.76
N GLN A 234 4.47 13.55 23.59
CA GLN A 234 4.79 12.42 24.46
C GLN A 234 5.04 12.87 25.90
N ALA A 235 5.61 14.07 26.10
CA ALA A 235 5.75 14.58 27.47
C ALA A 235 4.38 14.94 28.06
N LEU A 236 3.50 15.49 27.24
CA LEU A 236 2.15 15.83 27.73
C LEU A 236 1.33 14.57 27.97
N GLN A 237 1.55 13.54 27.16
CA GLN A 237 0.84 12.28 27.34
C GLN A 237 1.21 11.63 28.65
N GLN A 238 2.49 11.76 29.06
CA GLN A 238 2.93 11.23 30.35
C GLN A 238 2.34 12.03 31.49
N GLU A 239 2.20 13.33 31.30
CA GLU A 239 1.56 14.18 32.28
C GLU A 239 0.10 13.79 32.46
N GLY A 240 -0.60 13.60 31.36
CA GLY A 240 -1.99 13.20 31.38
C GLY A 240 -2.86 14.31 30.85
N VAL A 241 -3.21 14.26 29.55
CA VAL A 241 -4.09 15.23 28.92
C VAL A 241 -5.20 14.49 28.20
N THR A 242 -6.24 15.22 27.83
CA THR A 242 -7.44 14.61 27.26
C THR A 242 -7.33 14.47 25.74
N TRP A 243 -6.78 15.48 25.07
CA TRP A 243 -6.37 15.37 23.68
C TRP A 243 -5.30 16.41 23.40
N ILE A 244 -4.64 16.26 22.26
CA ILE A 244 -3.66 17.23 21.78
C ILE A 244 -4.14 17.75 20.44
N GLU A 245 -4.45 19.05 20.37
CA GLU A 245 -5.19 19.63 19.26
C GLU A 245 -4.25 20.38 18.33
N GLU A 246 -4.41 20.19 17.01
CA GLU A 246 -3.67 20.90 15.97
C GLU A 246 -2.18 21.09 16.31
N PRO A 247 -1.43 20.00 16.51
CA PRO A 247 -0.01 20.18 16.83
C PRO A 247 0.77 20.91 15.73
N THR A 248 0.41 20.73 14.47
CA THR A 248 1.21 21.28 13.38
C THR A 248 0.30 21.96 12.34
N LEU A 249 0.91 22.35 11.22
CA LEU A 249 0.18 23.06 10.18
C LEU A 249 -1.13 22.36 9.87
N GLN A 250 -2.23 23.13 9.86
CA GLN A 250 -3.56 22.51 9.78
C GLN A 250 -3.75 21.76 8.48
N HIS A 251 -3.11 22.18 7.40
CA HIS A 251 -3.33 21.48 6.14
C HIS A 251 -2.44 20.26 5.99
N ASP A 252 -1.52 20.03 6.94
CA ASP A 252 -0.56 18.94 6.81
C ASP A 252 -1.15 17.69 7.45
N TYR A 253 -2.03 17.03 6.68
CA TYR A 253 -2.69 15.83 7.19
C TYR A 253 -1.69 14.69 7.38
N GLU A 254 -0.76 14.52 6.44
CA GLU A 254 0.28 13.51 6.57
C GLU A 254 1.08 13.71 7.86
N GLY A 255 1.48 14.95 8.13
CA GLY A 255 2.28 15.22 9.31
C GLY A 255 1.51 14.95 10.59
N HIS A 256 0.20 15.28 10.61
CA HIS A 256 -0.62 14.93 11.76
C HIS A 256 -0.70 13.42 11.92
N GLN A 257 -0.80 12.69 10.81
CA GLN A 257 -0.79 11.23 10.91
C GLN A 257 0.52 10.75 11.53
N ARG A 258 1.66 11.32 11.12
CA ARG A 258 2.93 10.90 11.69
C ARG A 258 2.99 11.21 13.17
N ILE A 259 2.47 12.35 13.60
CA ILE A 259 2.43 12.66 15.03
C ILE A 259 1.54 11.65 15.77
N GLN A 260 0.34 11.42 15.24
CA GLN A 260 -0.59 10.52 15.89
C GLN A 260 -0.02 9.11 15.97
N SER A 261 0.77 8.71 14.96
CA SER A 261 1.38 7.39 14.95
C SER A 261 2.25 7.16 16.17
N LYS A 262 2.74 8.22 16.81
CA LYS A 262 3.63 8.11 17.97
C LYS A 262 2.90 8.31 19.30
N LEU A 263 1.58 8.33 19.32
CA LEU A 263 0.85 8.73 20.51
C LEU A 263 -0.25 7.73 20.83
N ASN A 264 -0.48 7.55 22.13
CA ASN A 264 -1.68 6.89 22.62
C ASN A 264 -2.82 7.89 22.80
N VAL A 265 -2.49 9.07 23.32
CA VAL A 265 -3.46 10.17 23.45
C VAL A 265 -3.96 10.53 22.06
N PRO A 266 -5.23 10.88 21.87
CA PRO A 266 -5.71 11.20 20.52
C PRO A 266 -5.28 12.59 20.08
N VAL A 267 -4.84 12.68 18.83
CA VAL A 267 -4.69 13.96 18.14
C VAL A 267 -6.06 14.44 17.69
N GLN A 268 -6.30 15.73 17.88
CA GLN A 268 -7.58 16.38 17.63
C GLN A 268 -7.36 17.49 16.60
N MET A 269 -8.24 17.57 15.62
CA MET A 269 -8.17 18.68 14.68
C MET A 269 -9.53 18.88 14.06
N GLY A 270 -9.63 19.92 13.25
CA GLY A 270 -10.79 20.05 12.40
C GLY A 270 -11.37 21.45 12.32
N GLU A 271 -10.97 22.36 13.22
CA GLU A 271 -11.56 23.69 13.21
C GLU A 271 -11.27 24.43 11.92
N ASN A 272 -10.26 24.00 11.18
CA ASN A 272 -9.84 24.65 9.95
C ASN A 272 -10.21 23.91 8.67
N TRP A 273 -10.90 22.77 8.75
CA TRP A 273 -11.39 22.13 7.54
C TRP A 273 -12.39 23.05 6.85
N LEU A 274 -12.12 23.39 5.59
CA LEU A 274 -13.08 24.18 4.83
C LEU A 274 -13.90 23.23 3.97
N GLY A 275 -15.07 22.84 4.49
CA GLY A 275 -15.94 21.90 3.81
C GLY A 275 -15.69 20.47 4.25
N PRO A 276 -16.70 19.61 4.08
CA PRO A 276 -16.51 18.20 4.42
C PRO A 276 -15.48 17.51 3.55
N GLU A 277 -15.22 18.04 2.35
CA GLU A 277 -14.20 17.45 1.48
C GLU A 277 -12.81 17.50 2.10
N GLU A 278 -12.49 18.55 2.85
CA GLU A 278 -11.20 18.56 3.53
CA GLU A 278 -11.20 18.57 3.53
C GLU A 278 -11.17 17.58 4.69
N MET A 279 -12.28 17.48 5.43
CA MET A 279 -12.39 16.46 6.47
C MET A 279 -12.19 15.07 5.91
N PHE A 280 -12.78 14.77 4.75
CA PHE A 280 -12.64 13.44 4.12
C PHE A 280 -11.18 13.12 3.80
N LYS A 281 -10.46 14.10 3.29
CA LYS A 281 -9.04 13.90 2.98
C LYS A 281 -8.25 13.61 4.26
N ALA A 282 -8.52 14.36 5.32
CA ALA A 282 -7.78 14.14 6.56
C ALA A 282 -8.13 12.77 7.16
N LEU A 283 -9.43 12.43 7.21
CA LEU A 283 -9.77 11.14 7.79
C LEU A 283 -9.24 10.00 6.93
N SER A 284 -9.20 10.18 5.60
CA SER A 284 -8.80 9.09 4.73
C SER A 284 -7.35 8.68 4.97
N ILE A 285 -6.49 9.59 5.40
CA ILE A 285 -5.13 9.19 5.66
C ILE A 285 -4.84 9.02 7.14
N GLY A 286 -5.85 9.11 8.00
CA GLY A 286 -5.64 8.86 9.43
C GLY A 286 -4.93 9.98 10.17
N ALA A 287 -5.29 11.22 9.87
CA ALA A 287 -4.60 12.36 10.48
C ALA A 287 -4.82 12.44 11.98
N CYS A 288 -5.95 11.92 12.47
CA CYS A 288 -6.42 12.23 13.81
C CYS A 288 -7.41 11.17 14.26
N ARG A 289 -7.44 10.88 15.56
CA ARG A 289 -8.46 9.98 16.06
C ARG A 289 -9.70 10.70 16.60
N LEU A 290 -9.66 12.03 16.71
CA LEU A 290 -10.82 12.85 17.03
C LEU A 290 -11.03 13.90 15.96
N ALA A 291 -12.26 14.42 15.86
CA ALA A 291 -12.57 15.52 14.95
C ALA A 291 -13.38 16.61 15.65
N MET A 292 -13.16 17.87 15.25
CA MET A 292 -13.97 18.98 15.75
C MET A 292 -14.25 19.98 14.64
N PRO A 293 -15.20 19.66 13.76
CA PRO A 293 -15.61 20.61 12.73
C PRO A 293 -16.14 21.91 13.34
N ASP A 294 -16.01 22.99 12.56
CA ASP A 294 -16.42 24.34 12.91
C ASP A 294 -17.66 24.65 12.08
N ALA A 295 -18.78 24.95 12.74
CA ALA A 295 -20.05 25.13 12.02
C ALA A 295 -19.90 26.04 10.81
N MET A 296 -19.07 27.08 10.94
CA MET A 296 -18.83 27.99 9.81
C MET A 296 -17.94 27.34 8.75
N LYS A 297 -16.73 26.96 9.11
CA LYS A 297 -15.83 26.48 8.06
C LYS A 297 -16.30 25.16 7.44
N ILE A 298 -16.94 24.28 8.20
CA ILE A 298 -17.39 23.02 7.63
C ILE A 298 -18.49 23.24 6.59
N GLY A 299 -19.12 24.41 6.55
CA GLY A 299 -20.17 24.65 5.61
C GLY A 299 -21.58 24.75 6.22
N GLY A 300 -21.70 25.17 7.48
CA GLY A 300 -23.00 25.39 8.06
C GLY A 300 -23.63 24.08 8.50
N VAL A 301 -24.97 24.12 8.66
CA VAL A 301 -25.73 22.93 8.98
C VAL A 301 -25.58 21.89 7.88
N THR A 302 -25.71 22.32 6.62
CA THR A 302 -25.63 21.37 5.50
C THR A 302 -24.29 20.63 5.52
N GLY A 303 -23.19 21.37 5.70
CA GLY A 303 -21.88 20.72 5.77
C GLY A 303 -21.69 19.90 7.02
N TRP A 304 -22.24 20.36 8.15
CA TRP A 304 -22.12 19.59 9.39
C TRP A 304 -22.74 18.20 9.26
N ILE A 305 -23.94 18.13 8.68
CA ILE A 305 -24.63 16.86 8.52
CA ILE A 305 -24.64 16.86 8.50
C ILE A 305 -23.79 15.90 7.68
N ARG A 306 -23.10 16.42 6.67
CA ARG A 306 -22.25 15.57 5.86
C ARG A 306 -21.01 15.15 6.66
N ALA A 307 -20.41 16.09 7.39
CA ALA A 307 -19.29 15.75 8.25
C ALA A 307 -19.69 14.72 9.30
N SER A 308 -20.90 14.84 9.84
CA SER A 308 -21.35 13.88 10.83
C SER A 308 -21.41 12.47 10.25
N ALA A 309 -21.86 12.35 9.00
CA ALA A 309 -21.90 11.05 8.33
C ALA A 309 -20.50 10.48 8.11
N LEU A 310 -19.53 11.33 7.80
CA LEU A 310 -18.15 10.84 7.62
C LEU A 310 -17.56 10.38 8.95
N ALA A 311 -17.70 11.20 10.00
CA ALA A 311 -17.15 10.84 11.30
C ALA A 311 -17.72 9.50 11.75
N GLN A 312 -19.02 9.29 11.50
CA GLN A 312 -19.65 8.02 11.86
C GLN A 312 -18.96 6.83 11.17
N GLN A 313 -18.77 6.91 9.84
CA GLN A 313 -18.22 5.74 9.13
C GLN A 313 -16.73 5.54 9.39
N PHE A 314 -15.96 6.62 9.59
CA PHE A 314 -14.55 6.53 9.93
C PHE A 314 -14.32 6.25 11.41
N GLY A 315 -15.38 6.16 12.22
CA GLY A 315 -15.23 5.86 13.65
C GLY A 315 -14.58 6.96 14.47
N ILE A 316 -14.97 8.20 14.24
CA ILE A 316 -14.32 9.37 14.85
C ILE A 316 -15.30 10.10 15.76
N PRO A 317 -15.06 10.09 17.09
CA PRO A 317 -15.84 10.96 17.98
C PRO A 317 -15.70 12.40 17.55
N MET A 318 -16.83 13.09 17.45
CA MET A 318 -16.91 14.38 16.78
C MET A 318 -17.41 15.44 17.75
N SER A 319 -16.57 16.45 18.00
CA SER A 319 -16.88 17.62 18.82
C SER A 319 -17.13 18.83 17.93
N SER A 320 -17.45 19.96 18.56
CA SER A 320 -17.67 21.20 17.82
C SER A 320 -16.53 22.18 18.08
N HIS A 321 -16.41 23.17 17.20
CA HIS A 321 -15.52 24.30 17.42
C HIS A 321 -16.32 25.58 17.30
N LEU A 322 -16.37 26.36 18.38
CA LEU A 322 -17.07 27.64 18.45
C LEU A 322 -18.56 27.48 18.12
N PHE A 323 -19.26 28.59 17.85
CA PHE A 323 -20.69 28.59 17.50
C PHE A 323 -21.52 27.69 18.41
N GLN A 324 -21.38 27.94 19.72
CA GLN A 324 -22.01 27.03 20.69
C GLN A 324 -23.52 27.03 20.54
N GLU A 325 -24.11 28.15 20.11
CA GLU A 325 -25.57 28.21 20.01
C GLU A 325 -26.09 27.16 19.04
N ILE A 326 -25.52 27.10 17.83
CA ILE A 326 -26.01 26.12 16.87
C ILE A 326 -25.37 24.77 17.13
N SER A 327 -24.15 24.74 17.67
CA SER A 327 -23.48 23.46 17.87
C SER A 327 -24.25 22.58 18.83
N ALA A 328 -24.98 23.17 19.78
CA ALA A 328 -25.74 22.34 20.69
C ALA A 328 -26.80 21.55 19.92
N HIS A 329 -27.49 22.21 18.98
CA HIS A 329 -28.45 21.48 18.14
C HIS A 329 -27.75 20.43 17.28
N LEU A 330 -26.63 20.79 16.65
CA LEU A 330 -25.99 19.90 15.68
C LEU A 330 -25.47 18.63 16.35
N LEU A 331 -24.86 18.78 17.52
CA LEU A 331 -24.27 17.62 18.18
C LEU A 331 -25.35 16.65 18.65
N ALA A 332 -26.51 17.16 19.04
CA ALA A 332 -27.60 16.27 19.44
C ALA A 332 -28.04 15.38 18.29
N ALA A 333 -27.85 15.83 17.05
CA ALA A 333 -28.14 15.04 15.86
C ALA A 333 -26.95 14.23 15.36
N THR A 334 -25.83 14.23 16.08
CA THR A 334 -24.59 13.68 15.53
C THR A 334 -24.32 12.32 16.15
N PRO A 335 -24.29 11.25 15.35
CA PRO A 335 -24.16 9.92 15.96
C PRO A 335 -22.94 9.75 16.86
N THR A 336 -21.80 10.37 16.54
CA THR A 336 -20.62 10.20 17.40
C THR A 336 -20.29 11.47 18.18
N ALA A 337 -21.31 12.24 18.55
CA ALA A 337 -21.12 13.47 19.31
C ALA A 337 -20.24 13.23 20.53
N HIS A 338 -19.25 14.10 20.71
CA HIS A 338 -18.27 13.97 21.77
C HIS A 338 -18.40 15.13 22.76
N TRP A 339 -17.74 16.27 22.48
CA TRP A 339 -17.78 17.45 23.34
C TRP A 339 -18.28 18.70 22.59
N LEU A 340 -18.89 19.62 23.34
CA LEU A 340 -19.18 20.96 22.83
C LEU A 340 -18.16 21.94 23.41
N GLU A 341 -17.56 22.75 22.54
CA GLU A 341 -16.64 23.80 23.01
C GLU A 341 -17.43 25.01 23.48
N ARG A 342 -17.34 25.32 24.76
CA ARG A 342 -17.96 26.51 25.30
C ARG A 342 -16.93 27.63 25.22
N LEU A 343 -17.05 28.47 24.21
CA LEU A 343 -16.29 29.72 24.12
C LEU A 343 -17.27 30.75 23.58
N ASP A 344 -17.72 31.65 24.45
CA ASP A 344 -18.92 32.44 24.16
C ASP A 344 -18.55 33.75 23.44
N LEU A 345 -18.09 33.59 22.20
CA LEU A 345 -17.63 34.74 21.41
C LEU A 345 -18.73 35.79 21.23
N ALA A 346 -19.96 35.35 21.06
CA ALA A 346 -21.04 36.28 20.73
C ALA A 346 -21.91 36.63 21.93
N GLY A 347 -21.49 36.30 23.15
CA GLY A 347 -22.36 36.51 24.30
C GLY A 347 -22.76 37.96 24.49
N SER A 348 -21.90 38.90 24.09
CA SER A 348 -22.25 40.30 24.26
C SER A 348 -23.39 40.75 23.35
N VAL A 349 -23.71 40.00 22.30
CA VAL A 349 -24.72 40.43 21.34
C VAL A 349 -25.85 39.42 21.15
N ILE A 350 -25.80 38.28 21.83
CA ILE A 350 -26.85 37.27 21.75
C ILE A 350 -27.39 36.99 23.15
N GLU A 351 -28.72 36.84 23.27
CA GLU A 351 -29.31 36.54 24.57
C GLU A 351 -28.91 35.14 25.05
N PRO A 352 -28.65 34.96 26.35
CA PRO A 352 -28.14 33.68 26.87
C PRO A 352 -29.23 32.62 27.02
N THR A 353 -29.87 32.28 25.89
CA THR A 353 -30.92 31.26 25.93
C THR A 353 -30.33 29.85 26.01
N LEU A 354 -29.14 29.64 25.45
CA LEU A 354 -28.39 28.43 25.73
C LEU A 354 -27.94 28.45 27.18
N THR A 355 -28.19 27.36 27.91
CA THR A 355 -27.83 27.27 29.31
C THR A 355 -26.94 26.05 29.55
N PHE A 356 -26.25 26.05 30.68
CA PHE A 356 -25.33 24.98 31.05
C PHE A 356 -25.71 24.46 32.43
N GLU A 357 -26.20 23.22 32.49
CA GLU A 357 -26.55 22.55 33.74
C GLU A 357 -25.57 21.41 33.98
N GLY A 358 -24.83 21.47 35.08
CA GLY A 358 -23.89 20.41 35.37
C GLY A 358 -22.80 20.28 34.34
N GLY A 359 -22.46 21.38 33.66
CA GLY A 359 -21.47 21.34 32.60
C GLY A 359 -21.99 20.92 31.23
N ASN A 360 -23.28 20.63 31.11
CA ASN A 360 -23.87 20.22 29.83
C ASN A 360 -24.64 21.36 29.20
N ALA A 361 -24.46 21.56 27.90
CA ALA A 361 -25.27 22.55 27.18
C ALA A 361 -26.70 22.04 27.04
N VAL A 362 -27.67 22.93 27.25
CA VAL A 362 -29.09 22.57 27.20
C VAL A 362 -29.73 23.43 26.14
N ILE A 363 -30.25 22.78 25.09
CA ILE A 363 -30.84 23.50 23.95
C ILE A 363 -32.09 24.24 24.42
N PRO A 364 -32.26 25.52 24.11
CA PRO A 364 -33.48 26.23 24.52
C PRO A 364 -34.71 25.74 23.76
N ASP A 365 -35.87 25.90 24.39
CA ASP A 365 -37.14 25.60 23.74
C ASP A 365 -37.59 26.82 22.95
N LEU A 366 -36.97 26.98 21.78
CA LEU A 366 -37.18 28.08 20.87
C LEU A 366 -37.10 27.55 19.45
N PRO A 367 -37.86 28.12 18.51
CA PRO A 367 -37.79 27.64 17.14
C PRO A 367 -36.43 27.93 16.52
N GLY A 368 -36.03 27.08 15.59
CA GLY A 368 -34.73 27.29 14.95
C GLY A 368 -33.61 27.12 15.96
N VAL A 369 -32.62 28.00 15.86
CA VAL A 369 -31.39 27.88 16.66
C VAL A 369 -31.54 28.46 18.05
N GLY A 370 -32.48 29.39 18.27
CA GLY A 370 -32.62 30.03 19.56
C GLY A 370 -31.77 31.26 19.73
N ILE A 371 -31.41 31.93 18.64
CA ILE A 371 -30.62 33.14 18.68
C ILE A 371 -31.56 34.33 18.75
N ILE A 372 -31.39 35.16 19.77
CA ILE A 372 -32.11 36.43 19.92
C ILE A 372 -31.07 37.53 20.07
N TRP A 373 -31.05 38.48 19.13
CA TRP A 373 -30.05 39.56 19.19
C TRP A 373 -30.29 40.46 20.39
N ARG A 374 -29.19 40.96 20.96
CA ARG A 374 -29.25 42.03 21.96
C ARG A 374 -29.12 43.36 21.21
N GLU A 375 -30.27 43.83 20.71
CA GLU A 375 -30.27 44.90 19.72
C GLU A 375 -29.72 46.21 20.27
N LYS A 376 -29.94 46.47 21.56
CA LYS A 376 -29.32 47.65 22.17
C LYS A 376 -27.80 47.52 22.23
N GLU A 377 -27.29 46.32 22.53
CA GLU A 377 -25.85 46.15 22.68
C GLU A 377 -25.12 46.18 21.35
N ILE A 378 -25.79 45.76 20.27
CA ILE A 378 -25.09 45.63 19.00
C ILE A 378 -24.54 46.97 18.55
N GLY A 379 -25.30 48.06 18.76
CA GLY A 379 -24.88 49.36 18.28
C GLY A 379 -23.57 49.84 18.88
N LYS A 380 -23.21 49.34 20.06
CA LYS A 380 -21.98 49.80 20.70
C LYS A 380 -20.75 49.29 19.98
N TYR A 381 -20.84 48.16 19.27
CA TYR A 381 -19.66 47.47 18.74
C TYR A 381 -19.57 47.52 17.23
N LEU A 382 -20.46 48.26 16.56
CA LEU A 382 -20.50 48.29 15.10
C LEU A 382 -19.21 48.87 14.52
N VAL A 383 -18.78 48.31 13.40
CA VAL A 383 -17.56 48.76 12.74
C VAL A 383 -17.90 49.71 11.60
N GLU B 27 17.53 48.26 4.25
CA GLU B 27 17.90 49.00 3.04
C GLU B 27 16.65 49.47 2.29
N VAL B 28 15.84 48.57 1.74
CA VAL B 28 14.65 48.99 1.00
C VAL B 28 13.41 48.52 1.75
N LEU B 29 12.54 49.46 2.10
CA LEU B 29 11.31 49.16 2.82
C LEU B 29 10.11 49.39 1.92
N ILE B 30 9.04 48.67 2.20
CA ILE B 30 7.74 48.97 1.60
C ILE B 30 7.16 50.20 2.27
N THR B 31 6.68 51.15 1.47
CA THR B 31 6.15 52.39 2.01
C THR B 31 4.68 52.60 1.77
N GLY B 32 4.07 51.85 0.87
CA GLY B 32 2.68 52.07 0.55
C GLY B 32 2.14 50.96 -0.31
N LEU B 33 0.82 50.74 -0.23
CA LEU B 33 0.11 49.79 -1.06
C LEU B 33 -1.14 50.49 -1.56
N ARG B 34 -1.30 50.53 -2.88
CA ARG B 34 -2.45 51.14 -3.53
C ARG B 34 -3.13 50.10 -4.39
N THR B 35 -4.46 49.99 -4.28
CA THR B 35 -5.24 49.05 -5.08
C THR B 35 -6.35 49.78 -5.82
N ARG B 36 -6.64 49.33 -7.04
CA ARG B 36 -7.74 49.84 -7.84
C ARG B 36 -8.53 48.66 -8.39
N ALA B 37 -9.82 48.63 -8.11
CA ALA B 37 -10.68 47.58 -8.65
C ALA B 37 -11.25 48.04 -9.99
N VAL B 38 -11.00 47.26 -11.04
CA VAL B 38 -11.60 47.52 -12.34
C VAL B 38 -12.40 46.29 -12.79
N ASN B 39 -13.33 46.55 -13.71
CA ASN B 39 -14.07 45.52 -14.41
C ASN B 39 -13.87 45.79 -15.91
N VAL B 40 -12.95 45.06 -16.54
CA VAL B 40 -12.52 45.42 -17.88
C VAL B 40 -13.19 44.56 -18.93
N PRO B 41 -13.43 45.09 -20.13
CA PRO B 41 -14.12 44.33 -21.17
C PRO B 41 -13.22 43.29 -21.79
N LEU B 42 -13.85 42.24 -22.32
CA LEU B 42 -13.17 41.19 -23.05
C LEU B 42 -13.69 41.19 -24.48
N ALA B 43 -12.78 41.13 -25.45
CA ALA B 43 -13.19 41.04 -26.85
C ALA B 43 -14.08 39.82 -27.07
N TYR B 44 -13.75 38.70 -26.43
CA TYR B 44 -14.60 37.53 -26.45
C TYR B 44 -14.91 37.12 -25.02
N PRO B 45 -16.19 37.03 -24.65
CA PRO B 45 -16.53 36.48 -23.33
C PRO B 45 -15.88 35.12 -23.15
N VAL B 46 -15.51 34.82 -21.91
CA VAL B 46 -14.97 33.50 -21.57
C VAL B 46 -16.19 32.64 -21.19
N HIS B 47 -16.76 31.99 -22.18
CA HIS B 47 -17.82 31.00 -21.96
C HIS B 47 -17.20 29.71 -21.46
N THR B 48 -17.76 29.15 -20.39
CA THR B 48 -17.34 27.85 -19.85
C THR B 48 -18.56 26.96 -19.66
N ALA B 49 -18.28 25.67 -19.42
CA ALA B 49 -19.36 24.73 -19.14
C ALA B 49 -20.13 25.05 -17.87
N VAL B 50 -19.59 25.90 -16.98
CA VAL B 50 -20.24 26.22 -15.73
C VAL B 50 -20.66 27.69 -15.64
N GLY B 51 -20.69 28.41 -16.76
CA GLY B 51 -21.08 29.81 -16.77
C GLY B 51 -20.08 30.67 -17.52
N THR B 52 -20.51 31.89 -17.81
CA THR B 52 -19.72 32.79 -18.64
C THR B 52 -19.07 33.88 -17.78
N VAL B 53 -17.78 34.10 -18.01
CA VAL B 53 -17.05 35.26 -17.49
C VAL B 53 -16.98 36.28 -18.62
N GLY B 54 -17.90 37.25 -18.62
CA GLY B 54 -17.98 38.20 -19.71
C GLY B 54 -17.02 39.38 -19.60
N THR B 55 -16.62 39.73 -18.38
CA THR B 55 -15.68 40.82 -18.15
C THR B 55 -14.62 40.32 -17.19
N ALA B 56 -13.48 41.02 -17.13
CA ALA B 56 -12.45 40.63 -16.18
C ALA B 56 -12.49 41.53 -14.96
N PRO B 57 -12.97 41.05 -13.80
CA PRO B 57 -12.82 41.82 -12.55
C PRO B 57 -11.40 41.68 -12.04
N LEU B 58 -10.64 42.79 -12.09
CA LEU B 58 -9.23 42.81 -11.68
C LEU B 58 -9.01 43.77 -10.52
N VAL B 59 -8.05 43.43 -9.65
CA VAL B 59 -7.49 44.40 -8.71
C VAL B 59 -6.07 44.71 -9.15
N LEU B 60 -5.82 45.98 -9.49
CA LEU B 60 -4.49 46.40 -9.88
C LEU B 60 -3.73 46.93 -8.66
N ILE B 61 -2.47 46.50 -8.50
CA ILE B 61 -1.74 46.68 -7.25
C ILE B 61 -0.50 47.51 -7.52
N ASP B 62 -0.28 48.55 -6.70
CA ASP B 62 0.97 49.30 -6.69
C ASP B 62 1.63 49.19 -5.33
N LEU B 63 2.88 48.75 -5.32
CA LEU B 63 3.67 48.59 -4.10
C LEU B 63 4.76 49.66 -4.06
N ALA B 64 4.57 50.67 -3.23
CA ALA B 64 5.54 51.77 -3.12
C ALA B 64 6.66 51.39 -2.16
N THR B 65 7.89 51.77 -2.53
CA THR B 65 9.09 51.45 -1.75
C THR B 65 9.91 52.69 -1.46
N SER B 66 10.78 52.57 -0.46
CA SER B 66 11.72 53.61 -0.07
C SER B 66 12.81 53.88 -1.12
N ALA B 67 12.91 53.06 -2.16
CA ALA B 67 13.92 53.23 -3.18
C ALA B 67 13.42 54.00 -4.40
N GLY B 68 12.19 54.50 -4.36
CA GLY B 68 11.64 55.25 -5.47
C GLY B 68 10.92 54.43 -6.52
N VAL B 69 11.16 53.13 -6.57
CA VAL B 69 10.50 52.29 -7.54
C VAL B 69 9.15 51.85 -6.99
N VAL B 70 8.24 51.51 -7.89
CA VAL B 70 6.91 51.02 -7.53
C VAL B 70 6.71 49.67 -8.19
N GLY B 71 6.39 48.65 -7.40
CA GLY B 71 6.06 47.35 -7.95
C GLY B 71 4.62 47.32 -8.43
N HIS B 72 4.39 46.58 -9.52
CA HIS B 72 3.07 46.43 -10.12
C HIS B 72 2.70 44.95 -10.16
N SER B 73 1.42 44.68 -9.92
CA SER B 73 0.85 43.35 -10.16
C SER B 73 -0.66 43.52 -10.27
N TYR B 74 -1.33 42.44 -10.61
CA TYR B 74 -2.79 42.46 -10.56
C TYR B 74 -3.30 41.08 -10.19
N LEU B 75 -4.55 41.06 -9.73
CA LEU B 75 -5.28 39.85 -9.39
C LEU B 75 -6.53 39.74 -10.24
N PHE B 76 -6.95 38.49 -10.48
CA PHE B 76 -8.17 38.17 -11.20
C PHE B 76 -9.18 37.60 -10.21
N ALA B 77 -10.31 38.30 -10.04
CA ALA B 77 -11.30 37.92 -9.04
C ALA B 77 -12.35 36.94 -9.56
N TYR B 78 -12.30 36.59 -10.86
CA TYR B 78 -13.18 35.61 -11.47
C TYR B 78 -14.63 36.05 -11.57
N THR B 79 -15.17 36.61 -10.49
CA THR B 79 -16.52 37.14 -10.51
C THR B 79 -16.56 38.52 -9.86
N PRO B 80 -17.41 39.42 -10.37
CA PRO B 80 -17.54 40.74 -9.73
C PRO B 80 -18.01 40.64 -8.28
N VAL B 81 -18.76 39.60 -7.95
CA VAL B 81 -19.21 39.35 -6.58
C VAL B 81 -18.05 39.37 -5.60
N ALA B 82 -16.85 38.95 -6.04
CA ALA B 82 -15.71 38.90 -5.14
C ALA B 82 -14.82 40.12 -5.24
N LEU B 83 -15.08 41.01 -6.19
CA LEU B 83 -14.13 42.07 -6.56
C LEU B 83 -13.90 43.06 -5.41
N LYS B 84 -14.96 43.74 -4.95
CA LYS B 84 -14.76 44.73 -3.88
C LYS B 84 -14.25 44.09 -2.60
N SER B 85 -14.66 42.86 -2.32
CA SER B 85 -14.16 42.15 -1.14
C SER B 85 -12.66 41.96 -1.21
N LEU B 86 -12.13 41.59 -2.38
CA LEU B 86 -10.69 41.39 -2.55
C LEU B 86 -9.92 42.70 -2.40
N LYS B 87 -10.46 43.79 -2.96
CA LYS B 87 -9.82 45.10 -2.78
C LYS B 87 -9.79 45.50 -1.32
N GLN B 88 -10.93 45.37 -0.63
CA GLN B 88 -11.00 45.73 0.79
C GLN B 88 -10.03 44.93 1.62
N LEU B 89 -9.91 43.64 1.32
CA LEU B 89 -8.97 42.78 2.03
C LEU B 89 -7.55 43.33 1.91
N LEU B 90 -7.11 43.59 0.68
CA LEU B 90 -5.77 44.13 0.44
C LEU B 90 -5.56 45.45 1.15
N ASP B 91 -6.57 46.32 1.13
CA ASP B 91 -6.42 47.62 1.77
C ASP B 91 -6.23 47.46 3.26
N ASP B 92 -6.89 46.46 3.85
CA ASP B 92 -6.71 46.22 5.29
C ASP B 92 -5.42 45.46 5.57
N MET B 93 -4.81 44.86 4.56
CA MET B 93 -3.49 44.23 4.70
C MET B 93 -2.35 45.24 4.61
N ALA B 94 -2.61 46.48 4.20
CA ALA B 94 -1.51 47.41 3.97
C ALA B 94 -0.69 47.61 5.23
N ALA B 95 -1.35 47.81 6.37
CA ALA B 95 -0.64 47.99 7.63
C ALA B 95 0.28 46.83 7.95
N MET B 96 -0.02 45.63 7.47
CA MET B 96 0.83 44.49 7.78
C MET B 96 2.17 44.56 7.07
N ILE B 97 2.23 45.18 5.88
CA ILE B 97 3.44 45.15 5.08
C ILE B 97 4.19 46.49 5.03
N VAL B 98 3.52 47.61 5.29
CA VAL B 98 4.22 48.90 5.19
C VAL B 98 5.24 49.00 6.31
N ASN B 99 6.45 49.43 5.95
CA ASN B 99 7.66 49.54 6.75
C ASN B 99 8.37 48.20 6.90
N GLU B 100 7.91 47.13 6.28
CA GLU B 100 8.68 45.91 6.24
C GLU B 100 9.70 45.97 5.10
N PRO B 101 10.85 45.30 5.24
CA PRO B 101 11.80 45.23 4.13
C PRO B 101 11.17 44.61 2.89
N LEU B 102 11.64 45.04 1.72
CA LEU B 102 11.20 44.47 0.45
C LEU B 102 11.90 43.12 0.28
N ALA B 103 11.38 42.12 0.99
CA ALA B 103 11.93 40.77 0.97
C ALA B 103 10.74 39.82 0.82
N PRO B 104 10.39 39.48 -0.42
CA PRO B 104 9.11 38.79 -0.66
C PRO B 104 9.00 37.43 0.02
N VAL B 105 10.11 36.70 0.15
CA VAL B 105 10.05 35.38 0.78
C VAL B 105 9.78 35.52 2.27
N SER B 106 10.38 36.54 2.89
CA SER B 106 10.14 36.79 4.31
CA SER B 106 10.14 36.79 4.31
C SER B 106 8.75 37.37 4.55
N LEU B 107 8.28 38.25 3.64
CA LEU B 107 6.92 38.77 3.74
C LEU B 107 5.90 37.65 3.66
N GLU B 108 6.09 36.71 2.71
CA GLU B 108 5.16 35.60 2.53
C GLU B 108 5.04 34.76 3.80
N ALA B 109 6.17 34.52 4.46
CA ALA B 109 6.12 33.73 5.69
C ALA B 109 5.39 34.47 6.79
N MET B 110 5.55 35.79 6.86
CA MET B 110 4.80 36.59 7.83
C MET B 110 3.29 36.53 7.57
N LEU B 111 2.87 36.67 6.31
CA LEU B 111 1.44 36.61 6.02
C LEU B 111 0.88 35.21 6.29
N ALA B 112 1.63 34.18 5.93
CA ALA B 112 1.19 32.81 6.21
C ALA B 112 0.93 32.62 7.69
N LYS B 113 1.79 33.19 8.53
CA LYS B 113 1.59 33.00 9.97
C LYS B 113 0.45 33.88 10.49
N ARG B 114 0.36 35.13 10.04
CA ARG B 114 -0.69 36.02 10.53
C ARG B 114 -2.08 35.48 10.20
N PHE B 115 -2.24 34.85 9.04
CA PHE B 115 -3.53 34.34 8.59
C PHE B 115 -3.69 32.84 8.85
N CYS B 116 -2.88 32.26 9.72
CA CYS B 116 -2.99 30.81 9.89
C CYS B 116 -4.26 30.43 10.63
N LEU B 117 -4.92 31.36 11.32
CA LEU B 117 -6.17 31.01 11.99
C LEU B 117 -7.37 31.29 11.12
N ALA B 118 -7.36 32.43 10.43
CA ALA B 118 -8.45 32.75 9.53
C ALA B 118 -8.53 31.77 8.37
N GLY B 119 -7.40 31.23 7.95
CA GLY B 119 -7.37 30.34 6.82
C GLY B 119 -6.60 30.91 5.66
N TYR B 120 -5.35 30.46 5.49
CA TYR B 120 -4.44 30.99 4.47
C TYR B 120 -4.71 30.35 3.11
N THR B 121 -5.92 30.58 2.63
CA THR B 121 -6.36 30.04 1.34
C THR B 121 -7.37 31.01 0.77
N GLY B 122 -7.94 30.65 -0.38
CA GLY B 122 -9.01 31.48 -0.93
C GLY B 122 -8.58 32.91 -1.21
N LEU B 123 -9.49 33.84 -0.94
CA LEU B 123 -9.22 35.26 -1.19
C LEU B 123 -8.00 35.74 -0.42
N ILE B 124 -7.83 35.31 0.83
CA ILE B 124 -6.70 35.74 1.65
C ILE B 124 -5.39 35.36 0.96
N ARG B 125 -5.30 34.13 0.49
CA ARG B 125 -4.08 33.67 -0.17
C ARG B 125 -3.90 34.39 -1.50
N MET B 126 -4.98 34.60 -2.23
CA MET B 126 -4.89 35.34 -3.49
C MET B 126 -4.38 36.75 -3.23
N ALA B 127 -4.85 37.39 -2.15
CA ALA B 127 -4.35 38.71 -1.80
C ALA B 127 -2.85 38.69 -1.51
N ALA B 128 -2.39 37.70 -0.73
CA ALA B 128 -0.95 37.59 -0.44
C ALA B 128 -0.15 37.42 -1.72
N ALA B 129 -0.70 36.67 -2.68
CA ALA B 129 0.00 36.45 -3.94
C ALA B 129 0.17 37.75 -4.71
N GLY B 130 -0.86 38.59 -4.73
CA GLY B 130 -0.75 39.88 -5.41
C GLY B 130 0.33 40.75 -4.79
N ILE B 131 0.42 40.75 -3.46
CA ILE B 131 1.50 41.45 -2.79
C ILE B 131 2.85 40.86 -3.21
N ASP B 132 2.94 39.53 -3.20
CA ASP B 132 4.20 38.87 -3.55
C ASP B 132 4.63 39.21 -4.96
N MET B 133 3.70 39.18 -5.91
CA MET B 133 4.06 39.45 -7.29
C MET B 133 4.47 40.91 -7.47
N ALA B 134 3.81 41.83 -6.76
CA ALA B 134 4.25 43.24 -6.80
C ALA B 134 5.59 43.42 -6.11
N ALA B 135 5.84 42.66 -5.03
CA ALA B 135 7.11 42.80 -4.33
C ALA B 135 8.27 42.32 -5.18
N TRP B 136 8.10 41.20 -5.89
CA TRP B 136 9.17 40.72 -6.78
C TRP B 136 9.38 41.69 -7.95
N ASP B 137 8.31 42.24 -8.51
CA ASP B 137 8.48 43.26 -9.54
C ASP B 137 9.31 44.42 -9.03
N ALA B 138 8.99 44.91 -7.81
CA ALA B 138 9.75 46.01 -7.24
C ALA B 138 11.20 45.59 -7.01
N LEU B 139 11.44 44.34 -6.60
CA LEU B 139 12.81 43.89 -6.35
C LEU B 139 13.63 43.84 -7.65
N GLY B 140 13.02 43.37 -8.74
CA GLY B 140 13.65 43.48 -10.03
C GLY B 140 13.97 44.91 -10.42
N LYS B 141 13.10 45.85 -10.04
CA LYS B 141 13.35 47.26 -10.37
C LYS B 141 14.46 47.84 -9.51
N VAL B 142 14.49 47.49 -8.23
CA VAL B 142 15.59 47.91 -7.37
C VAL B 142 16.92 47.52 -7.97
N HIS B 143 17.01 46.31 -8.53
CA HIS B 143 18.24 45.81 -9.11
C HIS B 143 18.33 46.04 -10.61
N GLU B 144 17.42 46.82 -11.18
CA GLU B 144 17.44 47.20 -12.60
C GLU B 144 17.64 45.99 -13.51
N THR B 145 16.85 44.94 -13.28
CA THR B 145 17.04 43.70 -14.02
C THR B 145 15.70 43.01 -14.23
N PRO B 146 15.47 42.40 -15.39
CA PRO B 146 14.22 41.66 -15.59
C PRO B 146 14.10 40.55 -14.56
N LEU B 147 12.85 40.22 -14.21
CA LEU B 147 12.63 39.26 -13.13
C LEU B 147 13.33 37.93 -13.39
N VAL B 148 13.29 37.44 -14.64
CA VAL B 148 13.87 36.13 -14.96
C VAL B 148 15.35 36.09 -14.65
N LYS B 149 16.07 37.20 -14.85
CA LYS B 149 17.49 37.22 -14.55
C LYS B 149 17.75 37.39 -13.07
N LEU B 150 16.85 38.05 -12.35
CA LEU B 150 16.96 38.11 -10.90
C LEU B 150 16.80 36.72 -10.29
N LEU B 151 15.96 35.89 -10.89
CA LEU B 151 15.77 34.52 -10.47
C LEU B 151 16.90 33.60 -10.94
N GLY B 152 17.90 34.12 -11.67
CA GLY B 152 19.07 33.33 -12.00
C GLY B 152 19.03 32.57 -13.30
N ALA B 153 18.09 32.88 -14.19
CA ALA B 153 17.95 32.17 -15.45
C ALA B 153 18.07 33.12 -16.64
N ASN B 154 18.42 32.55 -17.80
CA ASN B 154 18.35 33.29 -19.05
C ASN B 154 16.91 33.44 -19.49
N ALA B 155 16.59 34.60 -20.07
CA ALA B 155 15.34 34.72 -20.77
C ALA B 155 15.34 33.78 -21.96
N ARG B 156 14.19 33.17 -22.23
CA ARG B 156 14.04 32.35 -23.41
C ARG B 156 12.62 32.54 -23.89
N PRO B 157 12.37 32.39 -25.19
CA PRO B 157 10.98 32.34 -25.65
C PRO B 157 10.30 31.10 -25.08
N VAL B 158 8.99 31.17 -24.85
CA VAL B 158 8.23 30.01 -24.43
C VAL B 158 7.00 29.87 -25.32
N GLN B 159 6.80 28.67 -25.85
CA GLN B 159 5.68 28.40 -26.73
C GLN B 159 4.37 28.71 -26.03
N ALA B 160 3.47 29.35 -26.75
CA ALA B 160 2.18 29.78 -26.22
C ALA B 160 1.06 29.15 -27.02
N TYR B 161 -0.03 28.81 -26.34
CA TYR B 161 -1.26 28.44 -27.01
C TYR B 161 -2.28 29.56 -26.80
N ASP B 162 -3.06 29.84 -27.85
CA ASP B 162 -4.12 30.83 -27.78
C ASP B 162 -5.30 30.22 -27.04
N SER B 163 -5.73 30.85 -25.96
CA SER B 163 -6.76 30.31 -25.08
C SER B 163 -8.12 30.85 -25.49
N HIS B 164 -9.01 29.96 -25.91
CA HIS B 164 -10.35 30.32 -26.35
C HIS B 164 -11.35 29.76 -25.33
N SER B 165 -12.63 29.69 -25.69
CA SER B 165 -13.63 29.30 -24.70
CA SER B 165 -13.68 29.38 -24.73
C SER B 165 -14.68 28.43 -25.38
N LEU B 166 -15.83 28.29 -24.71
CA LEU B 166 -16.94 27.45 -25.17
C LEU B 166 -17.70 28.24 -26.21
N ASP B 167 -17.14 28.27 -27.41
CA ASP B 167 -17.48 29.27 -28.42
C ASP B 167 -18.49 28.78 -29.45
N GLY B 168 -18.86 27.50 -29.47
CA GLY B 168 -19.70 26.97 -30.54
C GLY B 168 -18.85 26.65 -31.75
N VAL B 169 -19.29 25.71 -32.59
CA VAL B 169 -18.44 25.21 -33.67
C VAL B 169 -17.94 26.35 -34.56
N LYS B 170 -18.85 27.26 -34.94
CA LYS B 170 -18.50 28.30 -35.89
C LYS B 170 -17.40 29.21 -35.35
N LEU B 171 -17.62 29.79 -34.16
CA LEU B 171 -16.62 30.71 -33.63
C LEU B 171 -15.35 29.99 -33.25
N ALA B 172 -15.46 28.79 -32.68
CA ALA B 172 -14.26 28.05 -32.28
C ALA B 172 -13.36 27.82 -33.48
N THR B 173 -13.94 27.49 -34.63
CA THR B 173 -13.14 27.22 -35.81
C THR B 173 -12.50 28.49 -36.34
N GLU B 174 -13.28 29.56 -36.44
CA GLU B 174 -12.76 30.85 -36.91
C GLU B 174 -11.59 31.31 -36.05
N ARG B 175 -11.76 31.27 -34.72
CA ARG B 175 -10.70 31.72 -33.82
C ARG B 175 -9.45 30.85 -33.95
N ALA B 176 -9.63 29.54 -34.16
CA ALA B 176 -8.48 28.65 -34.34
C ALA B 176 -7.71 29.00 -35.61
N VAL B 177 -8.42 29.28 -36.71
CA VAL B 177 -7.76 29.67 -37.95
C VAL B 177 -6.98 30.98 -37.76
N THR B 178 -7.63 31.97 -37.14
CA THR B 178 -6.97 33.24 -36.84
C THR B 178 -5.71 33.02 -36.02
N ALA B 179 -5.80 32.18 -34.98
CA ALA B 179 -4.63 31.92 -34.14
C ALA B 179 -3.51 31.27 -34.94
N ALA B 180 -3.86 30.36 -35.84
CA ALA B 180 -2.83 29.73 -36.67
C ALA B 180 -2.16 30.76 -37.58
N GLU B 181 -2.94 31.69 -38.13
CA GLU B 181 -2.37 32.74 -38.97
C GLU B 181 -1.49 33.70 -38.16
N LEU B 182 -1.77 33.85 -36.87
CA LEU B 182 -0.91 34.71 -36.04
C LEU B 182 0.38 34.02 -35.61
N GLY B 183 0.55 32.74 -35.89
CA GLY B 183 1.77 32.04 -35.57
C GLY B 183 1.66 31.07 -34.40
N PHE B 184 0.55 31.05 -33.68
CA PHE B 184 0.41 30.08 -32.59
C PHE B 184 0.33 28.67 -33.14
N ARG B 185 0.95 27.75 -32.44
CA ARG B 185 1.02 26.36 -32.84
C ARG B 185 0.02 25.47 -32.09
N ALA B 186 -0.79 26.05 -31.21
CA ALA B 186 -1.83 25.32 -30.51
C ALA B 186 -2.89 26.29 -30.03
N VAL B 187 -4.09 25.76 -29.79
CA VAL B 187 -5.16 26.51 -29.18
C VAL B 187 -5.80 25.63 -28.11
N LYS B 188 -6.49 26.28 -27.18
CA LYS B 188 -7.34 25.59 -26.21
C LYS B 188 -8.78 26.05 -26.44
N THR B 189 -9.69 25.08 -26.41
CA THR B 189 -11.11 25.38 -26.43
C THR B 189 -11.75 24.80 -25.19
N LYS B 190 -12.81 25.42 -24.74
CA LYS B 190 -13.54 24.94 -23.58
C LYS B 190 -14.73 24.12 -24.06
N ILE B 191 -14.88 22.92 -23.50
CA ILE B 191 -15.95 22.02 -23.91
C ILE B 191 -16.74 21.63 -22.68
N GLY B 192 -17.69 20.71 -22.84
CA GLY B 192 -18.68 20.49 -21.81
C GLY B 192 -20.05 20.95 -22.25
N TYR B 193 -20.30 20.86 -23.56
CA TYR B 193 -21.62 21.08 -24.10
C TYR B 193 -22.57 19.98 -23.62
N PRO B 194 -23.88 20.21 -23.68
CA PRO B 194 -24.83 19.21 -23.16
C PRO B 194 -24.60 17.79 -23.70
N ALA B 195 -24.20 17.64 -24.96
CA ALA B 195 -23.96 16.35 -25.58
C ALA B 195 -22.48 16.13 -25.83
N LEU B 196 -22.01 14.89 -25.66
CA LEU B 196 -20.65 14.57 -26.06
C LEU B 196 -20.43 14.77 -27.56
N ASP B 197 -21.46 14.52 -28.38
CA ASP B 197 -21.31 14.73 -29.81
C ASP B 197 -20.94 16.17 -30.14
N GLN B 198 -21.45 17.13 -29.35
CA GLN B 198 -21.12 18.54 -29.57
C GLN B 198 -19.67 18.85 -29.21
N ASP B 199 -19.15 18.25 -28.12
CA ASP B 199 -17.72 18.29 -27.83
C ASP B 199 -16.92 17.84 -29.05
N LEU B 200 -17.30 16.69 -29.60
CA LEU B 200 -16.56 16.11 -30.72
C LEU B 200 -16.69 16.94 -31.97
N ALA B 201 -17.87 17.52 -32.21
CA ALA B 201 -18.07 18.34 -33.41
C ALA B 201 -17.13 19.55 -33.43
N VAL B 202 -16.92 20.19 -32.27
CA VAL B 202 -16.01 21.33 -32.22
C VAL B 202 -14.57 20.89 -32.49
N VAL B 203 -14.12 19.85 -31.79
CA VAL B 203 -12.75 19.38 -31.98
C VAL B 203 -12.50 19.02 -33.44
N ARG B 204 -13.46 18.31 -34.04
CA ARG B 204 -13.30 17.88 -35.43
C ARG B 204 -13.21 19.07 -36.37
N SER B 205 -14.11 20.05 -36.20
CA SER B 205 -14.10 21.23 -37.06
C SER B 205 -12.82 22.03 -36.90
N ILE B 206 -12.28 22.08 -35.67
CA ILE B 206 -10.99 22.73 -35.46
C ILE B 206 -9.89 21.94 -36.14
N ARG B 207 -9.85 20.62 -35.90
CA ARG B 207 -8.80 19.78 -36.47
C ARG B 207 -8.75 19.90 -37.99
N GLN B 208 -9.92 19.91 -38.65
CA GLN B 208 -9.94 20.05 -40.10
C GLN B 208 -9.34 21.37 -40.55
N ALA B 209 -9.54 22.44 -39.78
CA ALA B 209 -9.12 23.76 -40.23
C ALA B 209 -7.64 24.01 -39.99
N VAL B 210 -7.04 23.35 -39.00
CA VAL B 210 -5.66 23.60 -38.64
C VAL B 210 -4.72 22.48 -39.05
N GLY B 211 -5.23 21.27 -39.30
CA GLY B 211 -4.37 20.17 -39.72
C GLY B 211 -3.87 19.36 -38.55
N ASP B 212 -3.07 18.35 -38.89
CA ASP B 212 -2.65 17.37 -37.90
C ASP B 212 -1.48 17.86 -37.04
N ASP B 213 -0.65 18.77 -37.54
CA ASP B 213 0.51 19.22 -36.78
C ASP B 213 0.19 20.54 -36.08
N PHE B 214 -0.64 20.41 -35.04
CA PHE B 214 -1.24 21.53 -34.34
C PHE B 214 -1.85 21.02 -33.05
N GLY B 215 -1.68 21.75 -31.95
CA GLY B 215 -2.24 21.35 -30.67
C GLY B 215 -3.68 21.79 -30.50
N ILE B 216 -4.51 20.89 -29.98
CA ILE B 216 -5.86 21.23 -29.53
C ILE B 216 -5.97 20.74 -28.09
N MET B 217 -5.85 21.67 -27.14
CA MET B 217 -6.13 21.40 -25.73
C MET B 217 -7.61 21.64 -25.45
N VAL B 218 -8.21 20.80 -24.60
CA VAL B 218 -9.63 20.91 -24.30
C VAL B 218 -9.82 20.97 -22.79
N ASP B 219 -10.82 21.74 -22.36
CA ASP B 219 -11.00 22.14 -20.96
C ASP B 219 -12.47 22.00 -20.60
N TYR B 220 -12.76 21.15 -19.60
CA TYR B 220 -14.11 20.86 -19.14
C TYR B 220 -14.56 21.71 -17.94
N ASN B 221 -13.65 22.45 -17.30
CA ASN B 221 -13.97 23.29 -16.14
C ASN B 221 -14.84 22.57 -15.12
N GLN B 222 -14.39 21.37 -14.71
CA GLN B 222 -14.92 20.64 -13.56
C GLN B 222 -16.34 20.12 -13.78
N SER B 223 -16.81 20.04 -15.02
CA SER B 223 -18.23 19.93 -15.28
C SER B 223 -18.75 18.49 -15.37
N LEU B 224 -17.87 17.50 -15.39
CA LEU B 224 -18.25 16.09 -15.50
C LEU B 224 -18.02 15.35 -14.19
N ASP B 225 -18.88 14.37 -13.92
CA ASP B 225 -18.59 13.35 -12.92
C ASP B 225 -17.58 12.36 -13.49
N VAL B 226 -17.03 11.50 -12.62
CA VAL B 226 -15.92 10.63 -13.04
C VAL B 226 -16.31 9.68 -14.17
N PRO B 227 -17.43 8.95 -14.10
CA PRO B 227 -17.84 8.13 -15.27
C PRO B 227 -18.02 8.93 -16.54
N ALA B 228 -18.77 10.04 -16.51
CA ALA B 228 -18.91 10.85 -17.72
C ALA B 228 -17.53 11.29 -18.24
N ALA B 229 -16.64 11.65 -17.32
CA ALA B 229 -15.31 12.10 -17.73
C ALA B 229 -14.53 11.00 -18.42
N ILE B 230 -14.64 9.76 -17.92
CA ILE B 230 -13.97 8.65 -18.59
C ILE B 230 -14.56 8.44 -19.98
N LYS B 231 -15.88 8.49 -20.10
CA LYS B 231 -16.52 8.25 -21.39
C LYS B 231 -16.18 9.34 -22.40
N ARG B 232 -16.37 10.61 -22.02
CA ARG B 232 -16.06 11.70 -22.93
C ARG B 232 -14.57 11.74 -23.25
N SER B 233 -13.71 11.55 -22.24
CA SER B 233 -12.26 11.63 -22.45
C SER B 233 -11.76 10.53 -23.36
N GLN B 234 -12.30 9.33 -23.24
CA GLN B 234 -11.87 8.27 -24.15
C GLN B 234 -12.31 8.58 -25.58
N ALA B 235 -13.44 9.28 -25.73
CA ALA B 235 -13.91 9.64 -27.06
C ALA B 235 -13.04 10.74 -27.66
N LEU B 236 -12.65 11.72 -26.85
CA LEU B 236 -11.76 12.78 -27.33
C LEU B 236 -10.37 12.24 -27.63
N GLN B 237 -9.90 11.30 -26.81
CA GLN B 237 -8.61 10.65 -27.06
C GLN B 237 -8.57 10.01 -28.44
N GLN B 238 -9.63 9.31 -28.84
N GLN B 238 -9.62 9.31 -28.83
CA GLN B 238 -9.69 8.73 -30.17
CA GLN B 238 -9.68 8.72 -30.17
C GLN B 238 -9.71 9.82 -31.23
C GLN B 238 -9.72 9.82 -31.24
N GLU B 239 -10.39 10.93 -30.95
CA GLU B 239 -10.40 12.06 -31.87
C GLU B 239 -8.98 12.60 -32.07
N GLY B 240 -8.26 12.81 -30.97
CA GLY B 240 -6.94 13.38 -31.04
C GLY B 240 -6.90 14.75 -30.41
N VAL B 241 -6.54 14.82 -29.12
CA VAL B 241 -6.40 16.09 -28.41
C VAL B 241 -5.04 16.09 -27.69
N THR B 242 -4.65 17.29 -27.27
CA THR B 242 -3.32 17.51 -26.69
C THR B 242 -3.31 17.24 -25.20
N TRP B 243 -4.34 17.69 -24.48
CA TRP B 243 -4.58 17.31 -23.10
C TRP B 243 -6.05 17.53 -22.78
N ILE B 244 -6.50 16.95 -21.67
CA ILE B 244 -7.87 17.11 -21.18
C ILE B 244 -7.79 17.69 -19.79
N GLU B 245 -8.30 18.90 -19.63
CA GLU B 245 -8.06 19.76 -18.47
C GLU B 245 -9.29 19.77 -17.56
N GLU B 246 -9.06 19.63 -16.26
CA GLU B 246 -10.08 19.71 -15.22
C GLU B 246 -11.40 19.00 -15.58
N PRO B 247 -11.35 17.70 -15.88
CA PRO B 247 -12.60 16.99 -16.19
C PRO B 247 -13.62 17.03 -15.06
N THR B 248 -13.17 17.00 -13.80
CA THR B 248 -14.13 16.95 -12.70
C THR B 248 -13.77 17.95 -11.59
N LEU B 249 -14.43 17.82 -10.44
CA LEU B 249 -14.26 18.79 -9.36
C LEU B 249 -12.80 19.00 -9.04
N GLN B 250 -12.39 20.27 -8.99
CA GLN B 250 -10.96 20.59 -8.93
C GLN B 250 -10.31 20.01 -7.68
N HIS B 251 -11.05 19.92 -6.58
CA HIS B 251 -10.46 19.43 -5.34
C HIS B 251 -10.43 17.91 -5.28
N ASP B 252 -11.04 17.22 -6.25
CA ASP B 252 -11.19 15.76 -6.18
C ASP B 252 -9.97 15.15 -6.87
N TYR B 253 -8.86 15.15 -6.13
CA TYR B 253 -7.62 14.60 -6.69
C TYR B 253 -7.76 13.10 -6.96
N GLU B 254 -8.47 12.38 -6.08
CA GLU B 254 -8.64 10.93 -6.28
C GLU B 254 -9.48 10.64 -7.52
N GLY B 255 -10.54 11.43 -7.75
CA GLY B 255 -11.32 11.24 -8.96
C GLY B 255 -10.54 11.52 -10.23
N HIS B 256 -9.70 12.57 -10.22
CA HIS B 256 -8.83 12.84 -11.37
C HIS B 256 -7.87 11.69 -11.60
N GLN B 257 -7.33 11.11 -10.52
CA GLN B 257 -6.48 9.93 -10.66
C GLN B 257 -7.23 8.82 -11.37
N ARG B 258 -8.51 8.59 -10.99
CA ARG B 258 -9.27 7.51 -11.62
C ARG B 258 -9.47 7.78 -13.10
N ILE B 259 -9.77 9.04 -13.48
CA ILE B 259 -9.90 9.41 -14.89
C ILE B 259 -8.59 9.20 -15.63
N GLN B 260 -7.50 9.74 -15.08
CA GLN B 260 -6.19 9.55 -15.69
C GLN B 260 -5.86 8.08 -15.87
N SER B 261 -6.27 7.23 -14.92
CA SER B 261 -5.94 5.81 -15.03
C SER B 261 -6.58 5.16 -16.25
N LYS B 262 -7.62 5.78 -16.81
CA LYS B 262 -8.31 5.23 -17.97
C LYS B 262 -7.86 5.86 -19.29
N LEU B 263 -6.80 6.69 -19.28
CA LEU B 263 -6.41 7.43 -20.46
C LEU B 263 -4.92 7.31 -20.73
N ASN B 264 -4.59 7.36 -22.02
CA ASN B 264 -3.23 7.62 -22.51
C ASN B 264 -2.95 9.12 -22.61
N VAL B 265 -3.89 9.88 -23.16
CA VAL B 265 -3.82 11.35 -23.23
C VAL B 265 -3.61 11.89 -21.83
N PRO B 266 -2.84 12.96 -21.64
CA PRO B 266 -2.61 13.46 -20.28
C PRO B 266 -3.79 14.23 -19.73
N VAL B 267 -4.12 13.98 -18.46
CA VAL B 267 -5.00 14.85 -17.70
C VAL B 267 -4.21 16.07 -17.25
N GLN B 268 -4.81 17.24 -17.37
CA GLN B 268 -4.17 18.51 -17.03
C GLN B 268 -4.98 19.17 -15.93
N MET B 269 -4.30 19.78 -14.96
CA MET B 269 -5.00 20.52 -13.92
C MET B 269 -4.00 21.45 -13.23
N GLY B 270 -4.53 22.29 -12.35
CA GLY B 270 -3.64 23.09 -11.54
C GLY B 270 -4.07 24.52 -11.34
N GLU B 271 -4.93 25.06 -12.21
CA GLU B 271 -5.27 26.47 -12.09
C GLU B 271 -5.98 26.78 -10.78
N ASN B 272 -6.52 25.77 -10.10
CA ASN B 272 -7.27 26.02 -8.88
C ASN B 272 -6.51 25.64 -7.62
N TRP B 273 -5.25 25.22 -7.76
CA TRP B 273 -4.41 24.94 -6.60
C TRP B 273 -4.10 26.23 -5.87
N LEU B 274 -4.51 26.30 -4.61
CA LEU B 274 -4.20 27.43 -3.75
C LEU B 274 -2.95 27.07 -2.96
N GLY B 275 -1.79 27.47 -3.49
CA GLY B 275 -0.53 27.22 -2.84
C GLY B 275 0.07 25.89 -3.25
N PRO B 276 1.40 25.80 -3.18
CA PRO B 276 2.08 24.56 -3.57
C PRO B 276 1.71 23.36 -2.71
N GLU B 277 1.18 23.56 -1.50
CA GLU B 277 0.76 22.43 -0.69
C GLU B 277 -0.38 21.67 -1.35
N GLU B 278 -1.29 22.37 -2.01
CA GLU B 278 -2.36 21.66 -2.72
C GLU B 278 -1.82 20.94 -3.95
N MET B 279 -0.88 21.55 -4.66
CA MET B 279 -0.20 20.86 -5.75
C MET B 279 0.48 19.58 -5.27
N PHE B 280 1.16 19.64 -4.11
CA PHE B 280 1.82 18.48 -3.54
C PHE B 280 0.83 17.35 -3.24
N LYS B 281 -0.35 17.70 -2.73
CA LYS B 281 -1.34 16.66 -2.47
C LYS B 281 -1.78 15.97 -3.75
N ALA B 282 -2.02 16.76 -4.80
CA ALA B 282 -2.53 16.21 -6.04
C ALA B 282 -1.49 15.34 -6.73
N LEU B 283 -0.25 15.83 -6.85
CA LEU B 283 0.79 15.02 -7.48
C LEU B 283 1.09 13.77 -6.66
N SER B 284 1.01 13.87 -5.34
CA SER B 284 1.34 12.73 -4.49
C SER B 284 0.40 11.56 -4.73
N ILE B 285 -0.81 11.81 -5.22
CA ILE B 285 -1.67 10.67 -5.46
C ILE B 285 -1.86 10.41 -6.96
N GLY B 286 -1.17 11.13 -7.82
CA GLY B 286 -1.19 10.83 -9.24
C GLY B 286 -2.39 11.37 -9.99
N ALA B 287 -2.87 12.56 -9.62
CA ALA B 287 -4.12 13.07 -10.17
C ALA B 287 -4.00 13.48 -11.64
N CYS B 288 -2.80 13.76 -12.15
CA CYS B 288 -2.64 14.38 -13.44
C CYS B 288 -1.22 14.11 -13.92
N ARG B 289 -1.04 13.95 -15.23
CA ARG B 289 0.31 13.84 -15.77
C ARG B 289 0.87 15.16 -16.28
N LEU B 290 0.07 16.23 -16.27
CA LEU B 290 0.54 17.59 -16.54
C LEU B 290 0.04 18.50 -15.45
N ALA B 291 0.73 19.64 -15.25
CA ALA B 291 0.35 20.63 -14.25
C ALA B 291 0.36 22.02 -14.85
N MET B 292 -0.55 22.89 -14.38
CA MET B 292 -0.58 24.28 -14.84
C MET B 292 -0.94 25.21 -13.69
N PRO B 293 0.01 25.50 -12.81
CA PRO B 293 -0.26 26.43 -11.73
C PRO B 293 -0.59 27.82 -12.26
N ASP B 294 -1.33 28.55 -11.45
CA ASP B 294 -1.79 29.91 -11.73
C ASP B 294 -0.95 30.84 -10.85
N ALA B 295 -0.27 31.80 -11.48
CA ALA B 295 0.68 32.61 -10.70
C ALA B 295 0.04 33.21 -9.44
N MET B 296 -1.26 33.57 -9.52
CA MET B 296 -1.95 34.10 -8.34
C MET B 296 -2.27 33.01 -7.33
N LYS B 297 -2.98 31.99 -7.75
CA LYS B 297 -3.46 31.03 -6.75
C LYS B 297 -2.32 30.21 -6.16
N ILE B 298 -1.24 29.99 -6.92
CA ILE B 298 -0.12 29.19 -6.40
C ILE B 298 0.69 29.95 -5.35
N GLY B 299 0.45 31.25 -5.18
CA GLY B 299 1.16 32.02 -4.21
C GLY B 299 2.20 32.98 -4.78
N GLY B 300 2.06 33.40 -6.03
CA GLY B 300 2.96 34.38 -6.58
C GLY B 300 4.25 33.75 -7.07
N VAL B 301 5.26 34.60 -7.24
CA VAL B 301 6.58 34.13 -7.64
C VAL B 301 7.13 33.15 -6.62
N THR B 302 7.06 33.52 -5.34
CA THR B 302 7.52 32.66 -4.26
C THR B 302 6.81 31.30 -4.30
N GLY B 303 5.50 31.29 -4.53
CA GLY B 303 4.81 30.01 -4.65
C GLY B 303 5.16 29.30 -5.94
N TRP B 304 5.31 30.06 -7.04
CA TRP B 304 5.69 29.42 -8.30
C TRP B 304 7.03 28.70 -8.20
N ILE B 305 8.02 29.30 -7.54
CA ILE B 305 9.34 28.66 -7.46
C ILE B 305 9.22 27.34 -6.70
N ARG B 306 8.39 27.32 -5.66
CA ARG B 306 8.21 26.07 -4.93
C ARG B 306 7.49 25.05 -5.80
N ALA B 307 6.40 25.47 -6.45
CA ALA B 307 5.68 24.60 -7.38
C ALA B 307 6.61 24.00 -8.41
N SER B 308 7.49 24.83 -8.99
CA SER B 308 8.42 24.37 -10.01
C SER B 308 9.34 23.28 -9.48
N ALA B 309 9.76 23.40 -8.22
CA ALA B 309 10.63 22.38 -7.64
C ALA B 309 9.88 21.05 -7.50
N LEU B 310 8.59 21.11 -7.12
CA LEU B 310 7.80 19.88 -7.03
C LEU B 310 7.59 19.24 -8.41
N ALA B 311 7.15 20.03 -9.40
CA ALA B 311 6.90 19.43 -10.71
C ALA B 311 8.15 18.76 -11.25
N GLN B 312 9.32 19.35 -10.98
CA GLN B 312 10.56 18.73 -11.42
C GLN B 312 10.74 17.34 -10.81
N GLN B 313 10.57 17.22 -9.49
CA GLN B 313 10.81 15.93 -8.84
C GLN B 313 9.73 14.90 -9.16
N PHE B 314 8.47 15.32 -9.30
CA PHE B 314 7.42 14.39 -9.70
C PHE B 314 7.42 14.10 -11.19
N GLY B 315 8.31 14.73 -11.98
CA GLY B 315 8.39 14.52 -13.42
C GLY B 315 7.15 15.01 -14.17
N ILE B 316 6.71 16.23 -13.88
CA ILE B 316 5.48 16.78 -14.44
C ILE B 316 5.81 18.00 -15.30
N PRO B 317 5.59 17.96 -16.62
CA PRO B 317 5.69 19.18 -17.42
C PRO B 317 4.73 20.24 -16.90
N MET B 318 5.25 21.46 -16.72
CA MET B 318 4.55 22.51 -16.00
C MET B 318 4.26 23.67 -16.95
N SER B 319 2.97 24.02 -17.07
CA SER B 319 2.49 25.14 -17.89
C SER B 319 1.99 26.26 -16.98
N SER B 320 1.55 27.36 -17.58
CA SER B 320 1.01 28.45 -16.79
C SER B 320 -0.51 28.56 -16.98
N HIS B 321 -1.14 29.25 -16.04
CA HIS B 321 -2.54 29.64 -16.17
C HIS B 321 -2.64 31.14 -15.96
N LEU B 322 -3.10 31.84 -17.00
CA LEU B 322 -3.29 33.28 -16.97
C LEU B 322 -1.99 34.01 -16.61
N PHE B 323 -2.10 35.30 -16.30
CA PHE B 323 -0.97 36.11 -15.85
C PHE B 323 0.22 35.95 -16.79
N GLN B 324 -0.08 36.06 -18.09
CA GLN B 324 0.95 35.75 -19.09
C GLN B 324 2.16 36.66 -18.95
N GLU B 325 1.97 37.88 -18.42
CA GLU B 325 3.08 38.82 -18.30
C GLU B 325 4.15 38.30 -17.33
N ILE B 326 3.72 37.86 -16.14
CA ILE B 326 4.71 37.32 -15.20
C ILE B 326 5.04 35.89 -15.56
N SER B 327 4.10 35.15 -16.19
CA SER B 327 4.33 33.73 -16.47
C SER B 327 5.45 33.52 -17.50
N ALA B 328 5.70 34.50 -18.37
CA ALA B 328 6.81 34.33 -19.31
C ALA B 328 8.14 34.34 -18.57
N HIS B 329 8.29 35.22 -17.58
CA HIS B 329 9.48 35.17 -16.75
C HIS B 329 9.58 33.85 -16.01
N LEU B 330 8.51 33.49 -15.30
CA LEU B 330 8.56 32.33 -14.41
C LEU B 330 8.85 31.04 -15.16
N LEU B 331 8.23 30.85 -16.34
CA LEU B 331 8.45 29.61 -17.08
C LEU B 331 9.89 29.49 -17.56
N ALA B 332 10.54 30.63 -17.86
CA ALA B 332 11.94 30.56 -18.27
C ALA B 332 12.83 30.04 -17.15
N ALA B 333 12.41 30.14 -15.90
CA ALA B 333 13.17 29.64 -14.77
C ALA B 333 12.67 28.29 -14.27
N THR B 334 11.73 27.67 -14.99
CA THR B 334 11.09 26.43 -14.55
C THR B 334 11.69 25.25 -15.29
N PRO B 335 12.29 24.26 -14.62
CA PRO B 335 12.97 23.17 -15.33
C PRO B 335 12.07 22.40 -16.30
N THR B 336 10.83 22.10 -15.92
CA THR B 336 9.93 21.34 -16.77
C THR B 336 8.94 22.23 -17.53
N ALA B 337 9.27 23.50 -17.76
CA ALA B 337 8.39 24.43 -18.48
C ALA B 337 7.79 23.80 -19.73
N HIS B 338 6.46 23.93 -19.87
CA HIS B 338 5.74 23.28 -20.95
C HIS B 338 5.13 24.34 -21.86
N TRP B 339 3.92 24.84 -21.57
CA TRP B 339 3.27 25.87 -22.37
C TRP B 339 2.96 27.11 -21.54
N LEU B 340 2.86 28.24 -22.22
CA LEU B 340 2.30 29.45 -21.65
C LEU B 340 0.87 29.63 -22.18
N GLU B 341 -0.07 29.94 -21.29
CA GLU B 341 -1.44 30.25 -21.71
C GLU B 341 -1.54 31.70 -22.14
N ARG B 342 -1.87 31.93 -23.41
CA ARG B 342 -2.05 33.28 -23.92
C ARG B 342 -3.54 33.62 -23.77
N LEU B 343 -3.88 34.36 -22.72
CA LEU B 343 -5.24 34.87 -22.51
C LEU B 343 -5.10 36.25 -21.90
N ASP B 344 -5.22 37.27 -22.73
CA ASP B 344 -4.80 38.63 -22.36
C ASP B 344 -5.92 39.34 -21.59
N LEU B 345 -6.14 38.86 -20.35
CA LEU B 345 -7.19 39.42 -19.52
C LEU B 345 -6.96 40.90 -19.23
N ALA B 346 -5.70 41.33 -19.14
CA ALA B 346 -5.38 42.67 -18.67
C ALA B 346 -4.90 43.59 -19.79
N GLY B 347 -4.99 43.15 -21.06
CA GLY B 347 -4.44 43.92 -22.16
C GLY B 347 -5.01 45.33 -22.29
N SER B 348 -6.22 45.55 -21.76
CA SER B 348 -6.84 46.86 -21.84
C SER B 348 -6.22 47.86 -20.88
N VAL B 349 -5.48 47.41 -19.87
CA VAL B 349 -4.92 48.33 -18.87
C VAL B 349 -3.42 48.12 -18.70
N ILE B 350 -2.81 47.30 -19.54
CA ILE B 350 -1.36 47.07 -19.47
C ILE B 350 -0.76 47.23 -20.86
N GLU B 351 0.37 47.96 -20.95
CA GLU B 351 0.99 48.15 -22.26
C GLU B 351 1.51 46.81 -22.78
N PRO B 352 1.41 46.58 -24.10
CA PRO B 352 1.74 45.25 -24.66
C PRO B 352 3.24 45.05 -24.82
N THR B 353 3.96 45.08 -23.69
CA THR B 353 5.40 44.90 -23.75
C THR B 353 5.76 43.44 -23.96
N LEU B 354 4.90 42.52 -23.54
CA LEU B 354 5.08 41.12 -23.87
C LEU B 354 4.64 40.92 -25.32
N THR B 355 5.50 40.29 -26.13
CA THR B 355 5.23 40.11 -27.54
C THR B 355 5.32 38.62 -27.88
N PHE B 356 4.78 38.27 -29.05
CA PHE B 356 4.70 36.89 -29.49
C PHE B 356 5.30 36.79 -30.89
N GLU B 357 6.38 36.02 -31.01
CA GLU B 357 7.06 35.78 -32.27
C GLU B 357 6.98 34.29 -32.58
N GLY B 358 6.28 33.94 -33.65
CA GLY B 358 6.18 32.55 -34.06
C GLY B 358 5.46 31.67 -33.05
N GLY B 359 4.49 32.23 -32.33
CA GLY B 359 3.79 31.51 -31.28
C GLY B 359 4.46 31.52 -29.93
N ASN B 360 5.68 32.04 -29.83
CA ASN B 360 6.42 32.06 -28.57
C ASN B 360 6.30 33.41 -27.90
N ALA B 361 6.00 33.41 -26.61
CA ALA B 361 6.08 34.63 -25.81
C ALA B 361 7.53 35.09 -25.70
N VAL B 362 7.74 36.40 -25.79
CA VAL B 362 9.07 37.00 -25.71
C VAL B 362 9.08 37.99 -24.56
N ILE B 363 9.91 37.74 -23.56
CA ILE B 363 10.00 38.59 -22.37
C ILE B 363 10.54 39.97 -22.79
N PRO B 364 9.93 41.08 -22.38
CA PRO B 364 10.47 42.39 -22.73
C PRO B 364 11.75 42.70 -21.96
N ASP B 365 12.55 43.58 -22.54
CA ASP B 365 13.80 44.01 -21.92
C ASP B 365 13.50 45.16 -20.98
N LEU B 366 12.94 44.81 -19.82
CA LEU B 366 12.47 45.79 -18.85
C LEU B 366 12.71 45.23 -17.46
N PRO B 367 12.99 46.10 -16.48
CA PRO B 367 13.22 45.62 -15.11
C PRO B 367 11.96 45.01 -14.51
N GLY B 368 12.17 44.02 -13.65
CA GLY B 368 11.02 43.33 -13.06
C GLY B 368 10.23 42.62 -14.13
N VAL B 369 8.90 42.68 -14.00
CA VAL B 369 8.00 41.91 -14.85
C VAL B 369 7.75 42.57 -16.21
N GLY B 370 7.91 43.89 -16.30
CA GLY B 370 7.61 44.60 -17.52
C GLY B 370 6.19 45.07 -17.64
N ILE B 371 5.51 45.30 -16.50
CA ILE B 371 4.15 45.83 -16.48
C ILE B 371 4.22 47.35 -16.51
N ILE B 372 3.51 47.96 -17.46
CA ILE B 372 3.31 49.41 -17.50
C ILE B 372 1.81 49.66 -17.57
N TRP B 373 1.29 50.42 -16.62
CA TRP B 373 -0.15 50.72 -16.60
C TRP B 373 -0.52 51.63 -17.76
N ARG B 374 -1.68 51.37 -18.37
CA ARG B 374 -2.28 52.28 -19.34
C ARG B 374 -3.21 53.20 -18.57
N GLU B 375 -2.64 54.28 -18.02
CA GLU B 375 -3.38 55.09 -17.05
C GLU B 375 -4.55 55.81 -17.70
N LYS B 376 -4.47 56.13 -18.99
CA LYS B 376 -5.61 56.72 -19.66
C LYS B 376 -6.81 55.79 -19.69
N GLU B 377 -6.56 54.47 -19.72
CA GLU B 377 -7.64 53.50 -19.89
C GLU B 377 -8.20 53.00 -18.57
N ILE B 378 -7.38 52.97 -17.52
CA ILE B 378 -7.83 52.40 -16.25
C ILE B 378 -9.05 53.13 -15.74
N GLY B 379 -9.04 54.47 -15.79
CA GLY B 379 -10.16 55.26 -15.29
C GLY B 379 -11.49 54.87 -15.91
N LYS B 380 -11.48 54.33 -17.14
CA LYS B 380 -12.73 53.96 -17.79
C LYS B 380 -13.41 52.77 -17.09
N TYR B 381 -12.63 51.93 -16.42
CA TYR B 381 -13.16 50.65 -15.94
C TYR B 381 -13.27 50.59 -14.43
N LEU B 382 -13.06 51.71 -13.73
CA LEU B 382 -13.05 51.70 -12.28
C LEU B 382 -14.44 51.34 -11.74
N VAL B 383 -14.45 50.58 -10.65
CA VAL B 383 -15.69 50.11 -10.08
C VAL B 383 -16.20 51.13 -9.05
N GLU C 27 24.21 41.97 -20.24
CA GLU C 27 24.47 40.54 -20.05
C GLU C 27 25.87 40.30 -19.48
N VAL C 28 25.94 39.86 -18.23
CA VAL C 28 27.22 39.51 -17.62
C VAL C 28 27.60 38.10 -18.02
N LEU C 29 28.83 37.92 -18.51
CA LEU C 29 29.35 36.64 -18.96
C LEU C 29 30.43 36.14 -18.01
N ILE C 30 30.57 34.82 -17.96
CA ILE C 30 31.70 34.22 -17.25
C ILE C 30 32.93 34.36 -18.15
N THR C 31 34.01 34.91 -17.59
CA THR C 31 35.21 35.15 -18.36
C THR C 31 36.39 34.31 -17.89
N GLY C 32 36.24 33.53 -16.81
CA GLY C 32 37.33 32.68 -16.39
C GLY C 32 36.92 31.80 -15.23
N LEU C 33 37.67 30.72 -15.05
CA LEU C 33 37.45 29.79 -13.95
C LEU C 33 38.80 29.35 -13.44
N ARG C 34 39.10 29.68 -12.19
CA ARG C 34 40.39 29.31 -11.60
C ARG C 34 40.14 28.43 -10.39
N THR C 35 40.93 27.36 -10.25
CA THR C 35 40.82 26.44 -9.12
C THR C 35 42.18 26.26 -8.47
N ARG C 36 42.17 26.14 -7.15
CA ARG C 36 43.38 25.87 -6.38
C ARG C 36 43.08 24.72 -5.42
N ALA C 37 43.87 23.66 -5.50
CA ALA C 37 43.72 22.55 -4.58
C ALA C 37 44.60 22.79 -3.36
N VAL C 38 44.00 22.74 -2.17
CA VAL C 38 44.75 22.91 -0.93
C VAL C 38 44.42 21.76 0.00
N ASN C 39 45.35 21.49 0.91
CA ASN C 39 45.22 20.48 1.96
C ASN C 39 45.47 21.23 3.26
N VAL C 40 44.39 21.64 3.94
CA VAL C 40 44.50 22.63 5.02
C VAL C 40 44.49 21.97 6.39
N PRO C 41 45.15 22.55 7.39
N PRO C 41 45.15 22.55 7.39
CA PRO C 41 45.26 21.89 8.69
CA PRO C 41 45.26 21.89 8.69
C PRO C 41 43.98 22.02 9.49
C PRO C 41 43.98 22.02 9.49
N LEU C 42 43.70 21.00 10.29
CA LEU C 42 42.56 20.99 11.18
C LEU C 42 43.08 21.03 12.61
N ALA C 43 42.67 22.05 13.36
CA ALA C 43 42.98 22.11 14.78
C ALA C 43 42.64 20.80 15.47
N TYR C 44 41.49 20.22 15.15
CA TYR C 44 41.11 18.90 15.65
C TYR C 44 40.78 18.04 14.45
N PRO C 45 41.50 16.94 14.23
CA PRO C 45 41.11 16.00 13.18
C PRO C 45 39.69 15.51 13.38
N VAL C 46 39.01 15.27 12.26
CA VAL C 46 37.65 14.74 12.28
C VAL C 46 37.76 13.22 12.31
N HIS C 47 37.89 12.66 13.52
CA HIS C 47 37.75 11.22 13.68
C HIS C 47 36.28 10.82 13.53
N THR C 48 36.04 9.72 12.80
CA THR C 48 34.70 9.18 12.62
C THR C 48 34.75 7.69 12.82
N ALA C 49 33.57 7.08 12.91
CA ALA C 49 33.50 5.62 13.05
C ALA C 49 34.10 4.89 11.84
N VAL C 50 34.26 5.55 10.71
CA VAL C 50 34.74 4.87 9.51
C VAL C 50 36.12 5.37 9.08
N GLY C 51 36.84 6.04 9.98
CA GLY C 51 38.17 6.55 9.66
C GLY C 51 38.28 8.04 9.90
N THR C 52 39.52 8.52 9.83
CA THR C 52 39.84 9.88 10.26
C THR C 52 40.09 10.79 9.07
N VAL C 53 39.46 11.96 9.08
CA VAL C 53 39.77 13.05 8.16
C VAL C 53 40.71 13.98 8.91
N GLY C 54 42.02 13.82 8.67
CA GLY C 54 43.04 14.54 9.42
C GLY C 54 43.32 15.94 8.92
N THR C 55 43.08 16.19 7.64
CA THR C 55 43.23 17.50 7.02
C THR C 55 42.00 17.74 6.17
N ALA C 56 41.81 18.97 5.72
CA ALA C 56 40.70 19.23 4.82
C ALA C 56 41.23 19.44 3.39
N PRO C 57 41.00 18.51 2.49
CA PRO C 57 41.35 18.75 1.08
C PRO C 57 40.24 19.52 0.40
N LEU C 58 40.54 20.76 0.02
CA LEU C 58 39.58 21.69 -0.56
C LEU C 58 40.01 22.12 -1.96
N VAL C 59 39.02 22.43 -2.80
CA VAL C 59 39.29 23.09 -4.07
C VAL C 59 38.71 24.49 -3.99
N LEU C 60 39.56 25.51 -4.10
CA LEU C 60 39.08 26.88 -4.03
C LEU C 60 38.76 27.37 -5.45
N ILE C 61 37.62 28.02 -5.62
CA ILE C 61 37.09 28.33 -6.94
C ILE C 61 36.96 29.84 -7.09
N ASP C 62 37.49 30.39 -8.18
CA ASP C 62 37.32 31.78 -8.57
C ASP C 62 36.65 31.84 -9.93
N LEU C 63 35.47 32.46 -9.98
CA LEU C 63 34.69 32.61 -11.21
C LEU C 63 34.76 34.08 -11.63
N ALA C 64 35.61 34.40 -12.61
CA ALA C 64 35.70 35.78 -13.06
C ALA C 64 34.58 36.06 -14.06
N THR C 65 34.17 37.34 -14.11
CA THR C 65 33.04 37.74 -14.94
C THR C 65 33.37 39.01 -15.73
N SER C 66 32.57 39.23 -16.77
CA SER C 66 32.70 40.44 -17.56
C SER C 66 32.25 41.69 -16.80
N ALA C 67 31.64 41.53 -15.63
CA ALA C 67 31.32 42.65 -14.75
C ALA C 67 32.47 43.02 -13.83
N GLY C 68 33.60 42.31 -13.92
CA GLY C 68 34.75 42.55 -13.09
C GLY C 68 34.74 41.84 -11.76
N VAL C 69 33.55 41.66 -11.16
CA VAL C 69 33.46 40.93 -9.91
C VAL C 69 33.84 39.48 -10.15
N VAL C 70 34.30 38.81 -9.09
CA VAL C 70 34.72 37.42 -9.13
C VAL C 70 33.89 36.63 -8.12
N GLY C 71 33.25 35.56 -8.56
CA GLY C 71 32.57 34.68 -7.61
C GLY C 71 33.55 33.74 -6.92
N HIS C 72 33.37 33.54 -5.63
CA HIS C 72 34.20 32.63 -4.85
C HIS C 72 33.34 31.48 -4.32
N SER C 73 33.91 30.28 -4.31
CA SER C 73 33.32 29.16 -3.57
C SER C 73 34.43 28.16 -3.29
N TYR C 74 34.08 27.07 -2.60
CA TYR C 74 35.05 26.00 -2.43
C TYR C 74 34.30 24.69 -2.30
N LEU C 75 35.02 23.61 -2.60
CA LEU C 75 34.52 22.25 -2.52
C LEU C 75 35.33 21.49 -1.47
N PHE C 76 34.72 20.45 -0.89
CA PHE C 76 35.38 19.58 0.06
C PHE C 76 35.47 18.18 -0.54
N ALA C 77 36.70 17.67 -0.69
CA ALA C 77 36.89 16.39 -1.36
C ALA C 77 36.91 15.18 -0.41
N TYR C 78 36.83 15.41 0.90
CA TYR C 78 36.66 14.36 1.91
C TYR C 78 37.92 13.53 2.11
N THR C 79 38.61 13.19 1.03
CA THR C 79 39.85 12.44 1.13
C THR C 79 40.84 13.02 0.13
N PRO C 80 42.10 13.17 0.51
CA PRO C 80 43.15 13.58 -0.44
C PRO C 80 43.19 12.72 -1.71
N VAL C 81 42.67 11.48 -1.63
CA VAL C 81 42.67 10.60 -2.80
C VAL C 81 41.84 11.17 -3.93
N ALA C 82 40.78 11.92 -3.62
CA ALA C 82 39.92 12.52 -4.64
C ALA C 82 40.28 13.97 -5.00
N LEU C 83 41.28 14.56 -4.33
CA LEU C 83 41.51 16.00 -4.44
C LEU C 83 42.00 16.40 -5.83
N LYS C 84 43.10 15.81 -6.31
CA LYS C 84 43.61 16.20 -7.62
C LYS C 84 42.62 15.84 -8.73
N SER C 85 41.89 14.73 -8.57
CA SER C 85 40.90 14.34 -9.56
C SER C 85 39.79 15.37 -9.65
N LEU C 86 39.33 15.89 -8.51
CA LEU C 86 38.27 16.89 -8.52
C LEU C 86 38.72 18.21 -9.16
N LYS C 87 39.94 18.65 -8.84
CA LYS C 87 40.47 19.85 -9.49
C LYS C 87 40.59 19.66 -10.99
N GLN C 88 41.16 18.53 -11.42
CA GLN C 88 41.31 18.21 -12.84
C GLN C 88 39.97 18.25 -13.55
N LEU C 89 38.95 17.64 -12.96
CA LEU C 89 37.63 17.64 -13.54
C LEU C 89 37.07 19.06 -13.69
N LEU C 90 37.23 19.89 -12.65
CA LEU C 90 36.78 21.28 -12.72
C LEU C 90 37.51 22.04 -13.82
N ASP C 91 38.82 21.87 -13.93
CA ASP C 91 39.58 22.58 -14.94
C ASP C 91 39.12 22.20 -16.34
N ASP C 92 38.81 20.93 -16.56
CA ASP C 92 38.30 20.49 -17.87
C ASP C 92 36.84 20.87 -18.10
N MET C 93 36.07 21.11 -17.03
CA MET C 93 34.72 21.65 -17.19
C MET C 93 34.71 23.13 -17.56
N ALA C 94 35.81 23.83 -17.29
CA ALA C 94 35.82 25.29 -17.49
C ALA C 94 35.38 25.66 -18.91
N ALA C 95 35.76 24.86 -19.89
CA ALA C 95 35.38 25.14 -21.28
C ALA C 95 33.88 25.11 -21.48
N MET C 96 33.12 24.44 -20.61
CA MET C 96 31.68 24.44 -20.78
C MET C 96 31.03 25.72 -20.25
N ILE C 97 31.73 26.51 -19.44
CA ILE C 97 31.02 27.61 -18.79
C ILE C 97 31.61 28.98 -19.13
N VAL C 98 32.90 29.04 -19.47
CA VAL C 98 33.46 30.33 -19.86
C VAL C 98 32.75 30.82 -21.11
N ASN C 99 32.41 32.11 -21.12
CA ASN C 99 31.68 32.85 -22.15
C ASN C 99 30.17 32.59 -22.10
N GLU C 100 29.67 31.80 -21.15
CA GLU C 100 28.23 31.68 -20.94
C GLU C 100 27.72 32.80 -20.03
N PRO C 101 26.47 33.20 -20.16
CA PRO C 101 25.92 34.20 -19.24
C PRO C 101 25.96 33.71 -17.79
N LEU C 102 26.01 34.69 -16.89
CA LEU C 102 26.04 34.43 -15.45
C LEU C 102 24.60 34.23 -14.98
N ALA C 103 24.08 33.04 -15.29
CA ALA C 103 22.69 32.68 -15.00
C ALA C 103 22.78 31.29 -14.38
N PRO C 104 22.93 31.20 -13.05
CA PRO C 104 23.26 29.89 -12.45
C PRO C 104 22.24 28.82 -12.75
N VAL C 105 20.96 29.17 -12.82
CA VAL C 105 19.94 28.15 -13.00
C VAL C 105 20.00 27.58 -14.42
N SER C 106 20.27 28.44 -15.42
CA SER C 106 20.43 27.95 -16.78
C SER C 106 21.75 27.19 -16.94
N LEU C 107 22.80 27.63 -16.25
N LEU C 107 22.79 27.63 -16.24
CA LEU C 107 24.06 26.88 -16.31
CA LEU C 107 24.06 26.92 -16.27
C LEU C 107 23.89 25.48 -15.72
C LEU C 107 23.92 25.51 -15.70
N GLU C 108 23.15 25.38 -14.61
CA GLU C 108 22.94 24.06 -13.99
C GLU C 108 22.21 23.12 -14.93
N ALA C 109 21.18 23.62 -15.61
CA ALA C 109 20.43 22.80 -16.57
C ALA C 109 21.32 22.31 -17.70
N MET C 110 22.26 23.14 -18.13
CA MET C 110 23.18 22.76 -19.20
C MET C 110 24.14 21.67 -18.75
N LEU C 111 24.70 21.82 -17.54
CA LEU C 111 25.59 20.80 -17.01
C LEU C 111 24.84 19.49 -16.80
N ALA C 112 23.62 19.56 -16.26
CA ALA C 112 22.81 18.36 -16.08
C ALA C 112 22.64 17.61 -17.39
N LYS C 113 22.35 18.33 -18.47
CA LYS C 113 22.17 17.64 -19.74
C LYS C 113 23.49 17.12 -20.26
N ARG C 114 24.54 17.93 -20.21
CA ARG C 114 25.79 17.52 -20.83
C ARG C 114 26.38 16.30 -20.15
N PHE C 115 26.08 16.09 -18.86
CA PHE C 115 26.64 14.98 -18.11
C PHE C 115 25.65 13.83 -17.92
N CYS C 116 24.57 13.81 -18.69
CA CYS C 116 23.51 12.83 -18.42
C CYS C 116 23.90 11.41 -18.84
N LEU C 117 24.94 11.23 -19.65
CA LEU C 117 25.37 9.87 -19.97
C LEU C 117 26.48 9.40 -19.05
N ALA C 118 27.43 10.28 -18.77
CA ALA C 118 28.53 9.96 -17.87
C ALA C 118 28.01 9.69 -16.45
N GLY C 119 26.96 10.38 -16.06
CA GLY C 119 26.44 10.26 -14.71
C GLY C 119 26.57 11.57 -13.96
N TYR C 120 25.46 12.28 -13.82
CA TYR C 120 25.42 13.60 -13.18
C TYR C 120 25.30 13.41 -11.68
N THR C 121 26.35 12.85 -11.09
CA THR C 121 26.37 12.52 -9.67
C THR C 121 27.82 12.47 -9.22
N GLY C 122 28.04 12.27 -7.93
CA GLY C 122 29.42 12.05 -7.55
C GLY C 122 30.26 13.29 -7.75
N LEU C 123 31.54 13.07 -8.09
CA LEU C 123 32.49 14.16 -8.30
C LEU C 123 31.99 15.15 -9.34
N ILE C 124 31.35 14.66 -10.41
CA ILE C 124 30.84 15.54 -11.46
C ILE C 124 29.78 16.49 -10.91
N ARG C 125 28.86 15.96 -10.10
CA ARG C 125 27.82 16.80 -9.51
C ARG C 125 28.42 17.78 -8.49
N MET C 126 29.39 17.32 -7.70
CA MET C 126 30.07 18.20 -6.75
C MET C 126 30.75 19.34 -7.48
N ALA C 127 31.48 19.03 -8.55
CA ALA C 127 32.08 20.07 -9.38
C ALA C 127 31.04 21.06 -9.88
N ALA C 128 29.91 20.56 -10.39
CA ALA C 128 28.86 21.45 -10.87
C ALA C 128 28.33 22.35 -9.76
N ALA C 129 28.21 21.81 -8.54
CA ALA C 129 27.78 22.61 -7.40
C ALA C 129 28.76 23.72 -7.06
N GLY C 130 30.07 23.43 -7.15
CA GLY C 130 31.05 24.47 -6.85
C GLY C 130 30.96 25.65 -7.79
N ILE C 131 30.74 25.37 -9.07
CA ILE C 131 30.49 26.42 -10.04
C ILE C 131 29.20 27.17 -9.69
N ASP C 132 28.16 26.44 -9.33
CA ASP C 132 26.90 27.09 -8.98
C ASP C 132 27.06 28.02 -7.79
N MET C 133 27.79 27.57 -6.76
CA MET C 133 27.96 28.42 -5.60
C MET C 133 28.81 29.66 -5.92
N ALA C 134 29.78 29.54 -6.83
CA ALA C 134 30.55 30.72 -7.21
C ALA C 134 29.73 31.66 -8.09
N ALA C 135 28.93 31.09 -9.00
CA ALA C 135 28.06 31.89 -9.86
C ALA C 135 27.07 32.72 -9.06
N TRP C 136 26.44 32.10 -8.05
CA TRP C 136 25.50 32.85 -7.19
C TRP C 136 26.22 33.92 -6.38
N ASP C 137 27.41 33.63 -5.85
CA ASP C 137 28.18 34.67 -5.17
C ASP C 137 28.52 35.81 -6.14
N ALA C 138 28.96 35.44 -7.35
CA ALA C 138 29.15 36.41 -8.42
C ALA C 138 27.90 37.24 -8.70
N LEU C 139 26.74 36.58 -8.77
CA LEU C 139 25.54 37.34 -9.10
C LEU C 139 25.15 38.29 -7.98
N GLY C 140 25.34 37.89 -6.72
CA GLY C 140 25.14 38.82 -5.63
C GLY C 140 26.04 40.04 -5.75
N LYS C 141 27.31 39.81 -6.11
CA LYS C 141 28.24 40.92 -6.24
C LYS C 141 27.85 41.87 -7.38
N VAL C 142 27.37 41.32 -8.51
CA VAL C 142 26.88 42.15 -9.60
C VAL C 142 25.82 43.13 -9.13
N HIS C 143 24.88 42.66 -8.29
CA HIS C 143 23.82 43.50 -7.75
C HIS C 143 24.18 44.10 -6.38
N GLU C 144 25.45 43.99 -5.97
CA GLU C 144 25.97 44.60 -4.74
C GLU C 144 25.07 44.32 -3.54
N THR C 145 24.73 43.03 -3.35
CA THR C 145 23.74 42.72 -2.36
C THR C 145 24.07 41.34 -1.79
N PRO C 146 23.90 41.13 -0.49
CA PRO C 146 24.19 39.81 0.09
C PRO C 146 23.31 38.75 -0.55
N LEU C 147 23.80 37.51 -0.56
CA LEU C 147 23.09 36.44 -1.25
C LEU C 147 21.68 36.26 -0.68
N VAL C 148 21.55 36.26 0.65
CA VAL C 148 20.22 36.09 1.25
C VAL C 148 19.22 37.11 0.69
N LYS C 149 19.66 38.35 0.47
CA LYS C 149 18.73 39.38 0.01
C LYS C 149 18.37 39.19 -1.46
N LEU C 150 19.35 38.76 -2.28
CA LEU C 150 19.07 38.40 -3.67
C LEU C 150 18.09 37.24 -3.76
N LEU C 151 18.07 36.35 -2.76
CA LEU C 151 17.09 35.26 -2.77
C LEU C 151 15.72 35.72 -2.28
N GLY C 152 15.58 36.99 -1.90
CA GLY C 152 14.30 37.52 -1.48
C GLY C 152 13.99 37.39 -0.01
N ALA C 153 14.99 37.15 0.85
CA ALA C 153 14.73 36.94 2.27
C ALA C 153 15.52 37.93 3.12
N ASN C 154 15.07 38.14 4.35
CA ASN C 154 15.84 38.98 5.26
C ASN C 154 16.94 38.14 5.90
N ALA C 155 18.09 38.76 6.13
CA ALA C 155 19.07 38.14 6.99
C ALA C 155 18.46 37.98 8.38
N ARG C 156 18.65 36.82 8.97
CA ARG C 156 18.23 36.57 10.32
C ARG C 156 19.31 35.71 10.95
N PRO C 157 19.54 35.84 12.26
CA PRO C 157 20.50 34.94 12.90
C PRO C 157 19.99 33.50 12.83
N VAL C 158 20.90 32.55 12.67
CA VAL C 158 20.54 31.13 12.62
C VAL C 158 21.30 30.38 13.70
N GLN C 159 20.57 29.65 14.54
CA GLN C 159 21.21 28.89 15.61
C GLN C 159 22.20 27.86 15.04
N ALA C 160 23.36 27.78 15.67
CA ALA C 160 24.45 26.92 15.19
C ALA C 160 24.83 25.96 16.30
N TYR C 161 25.24 24.76 15.89
CA TYR C 161 25.82 23.82 16.83
C TYR C 161 27.29 23.66 16.49
N ASP C 162 28.13 23.50 17.52
CA ASP C 162 29.57 23.32 17.31
C ASP C 162 29.80 21.85 17.00
N SER C 163 30.39 21.57 15.84
CA SER C 163 30.47 20.21 15.31
C SER C 163 31.79 19.57 15.71
N HIS C 164 31.73 18.50 16.51
CA HIS C 164 32.94 17.82 16.98
C HIS C 164 33.03 16.44 16.30
N SER C 165 33.84 15.54 16.85
N SER C 165 33.88 15.56 16.82
CA SER C 165 34.12 14.29 16.16
CA SER C 165 34.13 14.29 16.12
C SER C 165 34.23 13.15 17.17
C SER C 165 34.23 13.16 17.14
N LEU C 166 34.88 12.06 16.74
CA LEU C 166 34.98 10.84 17.54
C LEU C 166 36.20 10.96 18.45
N ASP C 167 36.01 11.74 19.51
CA ASP C 167 37.12 12.35 20.22
C ASP C 167 37.49 11.63 21.49
N GLY C 168 36.75 10.59 21.88
CA GLY C 168 36.94 9.97 23.18
C GLY C 168 36.35 10.81 24.29
N VAL C 169 36.14 10.17 25.45
CA VAL C 169 35.40 10.85 26.53
C VAL C 169 36.11 12.15 26.92
N LYS C 170 37.44 12.09 27.11
CA LYS C 170 38.16 13.24 27.64
C LYS C 170 38.05 14.45 26.72
N LEU C 171 38.42 14.29 25.45
CA LEU C 171 38.44 15.44 24.54
C LEU C 171 37.04 15.87 24.15
N ALA C 172 36.10 14.91 23.99
CA ALA C 172 34.74 15.30 23.64
C ALA C 172 34.15 16.24 24.69
N THR C 173 34.42 15.95 25.97
CA THR C 173 33.86 16.78 27.03
C THR C 173 34.56 18.12 27.11
N GLU C 174 35.88 18.13 26.92
CA GLU C 174 36.59 19.42 26.93
C GLU C 174 36.08 20.33 25.83
N ARG C 175 35.85 19.79 24.64
CA ARG C 175 35.37 20.62 23.53
C ARG C 175 33.94 21.10 23.78
N ALA C 176 33.11 20.25 24.40
CA ALA C 176 31.75 20.66 24.72
C ALA C 176 31.73 21.81 25.72
N VAL C 177 32.59 21.73 26.75
CA VAL C 177 32.71 22.85 27.69
C VAL C 177 33.09 24.13 26.95
N THR C 178 34.06 24.02 26.05
CA THR C 178 34.56 25.20 25.35
C THR C 178 33.50 25.76 24.41
N ALA C 179 32.79 24.87 23.70
CA ALA C 179 31.64 25.30 22.89
C ALA C 179 30.61 26.07 23.72
N ALA C 180 30.23 25.55 24.89
CA ALA C 180 29.25 26.24 25.73
C ALA C 180 29.76 27.63 26.13
N GLU C 181 31.07 27.75 26.42
CA GLU C 181 31.60 29.05 26.82
C GLU C 181 31.64 30.03 25.65
N LEU C 182 31.79 29.52 24.43
CA LEU C 182 31.72 30.39 23.25
C LEU C 182 30.30 30.83 22.93
N GLY C 183 29.28 30.29 23.58
CA GLY C 183 27.91 30.70 23.36
C GLY C 183 27.05 29.70 22.59
N PHE C 184 27.61 28.62 22.06
CA PHE C 184 26.77 27.64 21.40
C PHE C 184 25.85 26.96 22.41
N ARG C 185 24.66 26.59 21.94
CA ARG C 185 23.67 25.92 22.78
C ARG C 185 23.45 24.47 22.38
N ALA C 186 24.29 23.94 21.49
CA ALA C 186 24.28 22.52 21.17
C ALA C 186 25.63 22.13 20.57
N VAL C 187 26.00 20.87 20.74
CA VAL C 187 27.19 20.31 20.10
C VAL C 187 26.81 18.99 19.44
N LYS C 188 27.61 18.61 18.45
CA LYS C 188 27.50 17.30 17.84
C LYS C 188 28.79 16.54 18.09
N THR C 189 28.66 15.29 18.49
CA THR C 189 29.79 14.41 18.60
C THR C 189 29.55 13.21 17.69
N LYS C 190 30.63 12.65 17.18
CA LYS C 190 30.53 11.47 16.34
C LYS C 190 30.71 10.23 17.19
N ILE C 191 29.84 9.24 17.00
CA ILE C 191 29.94 8.03 17.81
C ILE C 191 30.03 6.80 16.91
N GLY C 192 29.92 5.62 17.49
CA GLY C 192 30.19 4.40 16.76
C GLY C 192 31.51 3.80 17.21
N TYR C 193 31.78 3.89 18.52
CA TYR C 193 32.89 3.22 19.13
C TYR C 193 32.60 1.73 19.12
N PRO C 194 33.60 0.86 19.33
CA PRO C 194 33.33 -0.58 19.24
C PRO C 194 32.19 -1.06 20.12
N ALA C 195 32.04 -0.52 21.32
CA ALA C 195 30.98 -0.92 22.24
C ALA C 195 29.95 0.19 22.42
N LEU C 196 28.68 -0.19 22.47
CA LEU C 196 27.62 0.77 22.81
C LEU C 196 27.91 1.49 24.12
N ASP C 197 28.49 0.79 25.10
CA ASP C 197 28.80 1.43 26.38
C ASP C 197 29.75 2.60 26.20
N GLN C 198 30.61 2.55 25.18
CA GLN C 198 31.51 3.68 24.93
C GLN C 198 30.77 4.86 24.33
N ASP C 199 29.82 4.60 23.40
CA ASP C 199 28.99 5.68 22.87
C ASP C 199 28.30 6.42 24.01
N LEU C 200 27.69 5.66 24.93
CA LEU C 200 26.91 6.22 26.01
C LEU C 200 27.78 6.91 27.04
N ALA C 201 29.00 6.40 27.26
CA ALA C 201 29.88 7.07 28.22
C ALA C 201 30.21 8.47 27.76
N VAL C 202 30.39 8.66 26.44
CA VAL C 202 30.68 9.98 25.89
C VAL C 202 29.49 10.91 26.04
N VAL C 203 28.31 10.45 25.63
CA VAL C 203 27.13 11.30 25.70
C VAL C 203 26.88 11.71 27.15
N ARG C 204 27.06 10.77 28.08
CA ARG C 204 26.80 11.03 29.49
C ARG C 204 27.75 12.05 30.06
N SER C 205 29.04 11.98 29.66
N SER C 205 29.03 12.00 29.64
CA SER C 205 30.02 12.96 30.14
CA SER C 205 30.01 12.96 30.16
C SER C 205 29.78 14.34 29.55
C SER C 205 29.81 14.34 29.54
N ILE C 206 29.44 14.40 28.26
CA ILE C 206 29.11 15.69 27.66
C ILE C 206 27.88 16.26 28.35
N ARG C 207 26.88 15.42 28.63
CA ARG C 207 25.64 15.92 29.23
C ARG C 207 25.88 16.52 30.59
N GLN C 208 26.76 15.87 31.37
CA GLN C 208 27.09 16.40 32.70
C GLN C 208 27.75 17.76 32.58
N ALA C 209 28.59 17.94 31.55
CA ALA C 209 29.33 19.18 31.39
C ALA C 209 28.48 20.33 30.85
N VAL C 210 27.46 20.04 30.05
CA VAL C 210 26.68 21.10 29.41
C VAL C 210 25.32 21.30 30.07
N GLY C 211 24.82 20.33 30.83
CA GLY C 211 23.53 20.47 31.45
C GLY C 211 22.38 20.02 30.58
N ASP C 212 21.18 20.09 31.15
CA ASP C 212 20.00 19.52 30.52
C ASP C 212 19.45 20.39 29.39
N ASP C 213 19.59 21.71 29.48
CA ASP C 213 19.02 22.62 28.49
C ASP C 213 20.08 22.94 27.45
N PHE C 214 20.38 21.94 26.62
CA PHE C 214 21.53 21.95 25.73
C PHE C 214 21.41 20.79 24.77
N GLY C 215 21.73 21.03 23.50
CA GLY C 215 21.62 20.00 22.48
C GLY C 215 22.87 19.13 22.41
N ILE C 216 22.66 17.83 22.21
CA ILE C 216 23.74 16.89 21.89
C ILE C 216 23.26 16.06 20.71
N MET C 217 23.72 16.41 19.52
CA MET C 217 23.48 15.61 18.34
C MET C 217 24.56 14.54 18.24
N VAL C 218 24.17 13.34 17.83
CA VAL C 218 25.12 12.24 17.72
C VAL C 218 25.11 11.68 16.28
N ASP C 219 26.29 11.27 15.80
CA ASP C 219 26.52 10.95 14.39
C ASP C 219 27.28 9.62 14.29
N TYR C 220 26.66 8.63 13.64
CA TYR C 220 27.25 7.31 13.46
C TYR C 220 28.04 7.15 12.15
N ASN C 221 27.92 8.10 11.22
CA ASN C 221 28.60 8.03 9.93
C ASN C 221 28.48 6.65 9.29
N GLN C 222 27.25 6.14 9.22
CA GLN C 222 26.85 4.97 8.44
C GLN C 222 27.37 3.66 9.01
N SER C 223 27.84 3.65 10.25
CA SER C 223 28.67 2.55 10.74
C SER C 223 27.88 1.38 11.32
N LEU C 224 26.54 1.46 11.43
CA LEU C 224 25.75 0.40 12.04
C LEU C 224 24.91 -0.33 10.98
N ASP C 225 24.70 -1.63 11.18
CA ASP C 225 23.59 -2.24 10.46
C ASP C 225 22.26 -1.88 11.14
N VAL C 226 21.15 -2.30 10.52
CA VAL C 226 19.84 -1.81 10.96
C VAL C 226 19.50 -2.32 12.37
N PRO C 227 19.68 -3.61 12.70
CA PRO C 227 19.43 -4.04 14.08
C PRO C 227 20.36 -3.40 15.11
N ALA C 228 21.65 -3.26 14.82
CA ALA C 228 22.54 -2.55 15.74
C ALA C 228 22.10 -1.11 15.95
N ALA C 229 21.62 -0.46 14.88
CA ALA C 229 21.22 0.94 14.99
C ALA C 229 19.96 1.08 15.84
N ILE C 230 19.05 0.12 15.72
CA ILE C 230 17.87 0.12 16.57
C ILE C 230 18.28 -0.04 18.03
N LYS C 231 19.23 -0.94 18.30
CA LYS C 231 19.65 -1.20 19.67
C LYS C 231 20.36 0.02 20.28
N ARG C 232 21.39 0.51 19.60
CA ARG C 232 22.12 1.67 20.12
C ARG C 232 21.21 2.90 20.23
N SER C 233 20.38 3.13 19.21
CA SER C 233 19.56 4.35 19.19
C SER C 233 18.54 4.38 20.32
N GLN C 234 17.92 3.23 20.63
CA GLN C 234 16.98 3.21 21.76
C GLN C 234 17.69 3.44 23.09
N ALA C 235 18.94 3.00 23.19
CA ALA C 235 19.71 3.31 24.41
C ALA C 235 20.05 4.79 24.48
N LEU C 236 20.52 5.36 23.37
CA LEU C 236 20.81 6.79 23.32
C LEU C 236 19.55 7.63 23.55
N GLN C 237 18.42 7.17 23.02
CA GLN C 237 17.15 7.87 23.23
C GLN C 237 16.79 7.92 24.71
N GLN C 238 17.06 6.82 25.44
CA GLN C 238 16.81 6.80 26.88
C GLN C 238 17.73 7.79 27.60
N GLU C 239 18.98 7.93 27.12
CA GLU C 239 19.90 8.90 27.72
C GLU C 239 19.44 10.31 27.46
N GLY C 240 18.92 10.55 26.25
CA GLY C 240 18.47 11.87 25.86
C GLY C 240 19.45 12.53 24.90
N VAL C 241 19.16 12.47 23.60
CA VAL C 241 19.96 13.12 22.57
C VAL C 241 19.04 13.91 21.66
N THR C 242 19.65 14.81 20.88
CA THR C 242 18.87 15.74 20.05
C THR C 242 18.46 15.13 18.72
N TRP C 243 19.35 14.38 18.09
CA TRP C 243 18.99 13.59 16.91
C TRP C 243 20.05 12.49 16.78
N ILE C 244 19.73 11.49 15.96
CA ILE C 244 20.66 10.41 15.65
C ILE C 244 20.94 10.45 14.15
N GLU C 245 22.19 10.65 13.78
CA GLU C 245 22.52 11.03 12.42
C GLU C 245 23.16 9.85 11.70
N GLU C 246 22.75 9.64 10.41
CA GLU C 246 23.23 8.56 9.54
C GLU C 246 23.58 7.27 10.29
N PRO C 247 22.60 6.63 10.94
CA PRO C 247 22.90 5.37 11.64
C PRO C 247 23.42 4.27 10.72
N THR C 248 23.02 4.22 9.45
CA THR C 248 23.43 3.10 8.57
C THR C 248 23.80 3.67 7.20
N LEU C 249 23.99 2.77 6.24
CA LEU C 249 24.47 3.14 4.91
C LEU C 249 23.60 4.24 4.34
N GLN C 250 24.27 5.29 3.83
CA GLN C 250 23.55 6.52 3.51
C GLN C 250 22.54 6.30 2.41
N HIS C 251 22.80 5.37 1.49
CA HIS C 251 21.87 5.16 0.39
C HIS C 251 20.72 4.24 0.77
N ASP C 252 20.76 3.62 1.95
CA ASP C 252 19.73 2.67 2.37
C ASP C 252 18.59 3.46 3.01
N TYR C 253 17.74 4.04 2.15
CA TYR C 253 16.62 4.82 2.68
C TYR C 253 15.61 3.93 3.40
N GLU C 254 15.30 2.76 2.83
CA GLU C 254 14.40 1.80 3.50
CA GLU C 254 14.38 1.85 3.52
C GLU C 254 14.90 1.45 4.89
N GLY C 255 16.22 1.19 5.01
CA GLY C 255 16.77 0.82 6.29
C GLY C 255 16.67 1.94 7.30
N HIS C 256 16.91 3.19 6.86
CA HIS C 256 16.72 4.33 7.74
C HIS C 256 15.27 4.44 8.18
N GLN C 257 14.32 4.18 7.27
CA GLN C 257 12.91 4.21 7.66
C GLN C 257 12.62 3.17 8.74
N ARG C 258 13.15 1.95 8.59
CA ARG C 258 12.96 0.92 9.61
C ARG C 258 13.54 1.34 10.95
N ILE C 259 14.76 1.92 10.96
CA ILE C 259 15.33 2.41 12.21
C ILE C 259 14.44 3.52 12.79
N GLN C 260 14.05 4.48 11.95
CA GLN C 260 13.21 5.58 12.42
C GLN C 260 11.89 5.06 12.98
N SER C 261 11.37 3.95 12.44
CA SER C 261 10.09 3.45 12.90
C SER C 261 10.12 2.97 14.35
N LYS C 262 11.30 2.69 14.88
CA LYS C 262 11.47 2.19 16.25
C LYS C 262 11.89 3.27 17.23
N LEU C 263 11.80 4.54 16.85
CA LEU C 263 12.36 5.61 17.66
C LEU C 263 11.38 6.76 17.77
N ASN C 264 11.41 7.41 18.94
CA ASN C 264 10.80 8.72 19.12
C ASN C 264 11.76 9.82 18.69
N VAL C 265 13.04 9.70 19.08
CA VAL C 265 14.10 10.64 18.66
C VAL C 265 14.14 10.69 17.13
N PRO C 266 14.35 11.85 16.52
CA PRO C 266 14.38 11.90 15.05
C PRO C 266 15.66 11.32 14.49
N VAL C 267 15.52 10.62 13.37
CA VAL C 267 16.66 10.25 12.57
C VAL C 267 16.97 11.40 11.63
N GLN C 268 18.26 11.70 11.50
CA GLN C 268 18.76 12.84 10.73
C GLN C 268 19.66 12.32 9.62
N MET C 269 19.49 12.85 8.41
CA MET C 269 20.43 12.50 7.34
C MET C 269 20.42 13.58 6.28
N GLY C 270 21.24 13.39 5.26
CA GLY C 270 21.16 14.28 4.13
C GLY C 270 22.49 14.77 3.62
N GLU C 271 23.55 14.64 4.42
CA GLU C 271 24.82 15.20 3.96
C GLU C 271 25.33 14.48 2.72
N ASN C 272 24.83 13.28 2.44
CA ASN C 272 25.29 12.49 1.32
C ASN C 272 24.32 12.45 0.12
N TRP C 273 23.13 13.07 0.23
CA TRP C 273 22.27 13.24 -0.94
C TRP C 273 22.97 14.02 -2.04
N LEU C 274 23.13 13.38 -3.19
CA LEU C 274 23.68 14.05 -4.37
C LEU C 274 22.51 14.54 -5.22
N GLY C 275 22.10 15.79 -5.00
CA GLY C 275 21.02 16.41 -5.72
C GLY C 275 19.69 16.26 -4.99
N PRO C 276 18.75 17.18 -5.21
CA PRO C 276 17.45 17.08 -4.54
C PRO C 276 16.66 15.84 -4.94
N GLU C 277 16.99 15.23 -6.08
CA GLU C 277 16.30 14.00 -6.49
C GLU C 277 16.57 12.86 -5.52
N GLU C 278 17.75 12.83 -4.91
CA GLU C 278 17.99 11.79 -3.91
C GLU C 278 17.26 12.12 -2.62
N MET C 279 17.22 13.41 -2.27
CA MET C 279 16.42 13.82 -1.12
C MET C 279 14.98 13.42 -1.30
N PHE C 280 14.44 13.65 -2.49
CA PHE C 280 13.04 13.31 -2.77
C PHE C 280 12.79 11.83 -2.55
N LYS C 281 13.71 10.97 -3.00
CA LYS C 281 13.52 9.53 -2.80
C LYS C 281 13.53 9.18 -1.32
N ALA C 282 14.46 9.73 -0.55
CA ALA C 282 14.50 9.42 0.87
C ALA C 282 13.25 9.92 1.59
N LEU C 283 12.87 11.17 1.32
CA LEU C 283 11.69 11.70 2.02
C LEU C 283 10.43 10.97 1.60
N SER C 284 10.36 10.55 0.34
CA SER C 284 9.18 9.86 -0.16
C SER C 284 8.90 8.58 0.62
N ILE C 285 9.94 7.89 1.10
CA ILE C 285 9.68 6.67 1.84
C ILE C 285 9.77 6.84 3.36
N GLY C 286 10.02 8.06 3.85
CA GLY C 286 9.99 8.31 5.29
C GLY C 286 11.26 7.89 5.99
N ALA C 287 12.42 8.08 5.36
CA ALA C 287 13.68 7.60 5.90
C ALA C 287 14.09 8.32 7.17
N CYS C 288 13.62 9.56 7.38
CA CYS C 288 14.18 10.43 8.39
C CYS C 288 13.14 11.50 8.73
N ARG C 289 13.10 11.93 9.99
CA ARG C 289 12.23 13.06 10.31
C ARG C 289 12.94 14.42 10.28
N LEU C 290 14.25 14.42 10.07
CA LEU C 290 15.02 15.66 9.90
C LEU C 290 15.85 15.53 8.64
N ALA C 291 16.22 16.68 8.04
CA ALA C 291 17.11 16.69 6.89
C ALA C 291 18.24 17.70 7.10
N MET C 292 19.42 17.37 6.57
CA MET C 292 20.54 18.32 6.57
C MET C 292 21.31 18.23 5.26
N PRO C 293 20.80 18.84 4.19
CA PRO C 293 21.55 18.83 2.92
C PRO C 293 22.87 19.57 3.05
N ASP C 294 23.80 19.18 2.18
CA ASP C 294 25.14 19.70 2.07
C ASP C 294 25.17 20.60 0.83
N ALA C 295 25.52 21.88 1.00
CA ALA C 295 25.41 22.85 -0.10
C ALA C 295 26.14 22.36 -1.35
N MET C 296 27.25 21.63 -1.18
CA MET C 296 27.93 21.05 -2.34
C MET C 296 27.13 19.88 -2.91
N LYS C 297 26.88 18.84 -2.11
CA LYS C 297 26.33 17.64 -2.72
C LYS C 297 24.90 17.83 -3.21
N ILE C 298 24.11 18.67 -2.54
CA ILE C 298 22.74 18.95 -2.98
C ILE C 298 22.70 19.70 -4.30
N GLY C 299 23.83 20.27 -4.74
CA GLY C 299 23.81 21.00 -6.00
C GLY C 299 23.85 22.52 -5.89
N GLY C 300 24.51 23.03 -4.86
CA GLY C 300 24.74 24.46 -4.78
C GLY C 300 23.51 25.20 -4.29
N VAL C 301 23.50 26.52 -4.51
CA VAL C 301 22.33 27.33 -4.17
C VAL C 301 21.12 26.86 -4.95
N THR C 302 21.32 26.56 -6.24
CA THR C 302 20.22 26.11 -7.08
C THR C 302 19.60 24.82 -6.52
N GLY C 303 20.43 23.84 -6.15
CA GLY C 303 19.89 22.62 -5.57
C GLY C 303 19.31 22.83 -4.19
N TRP C 304 19.94 23.73 -3.41
CA TRP C 304 19.45 24.02 -2.07
C TRP C 304 18.03 24.57 -2.12
N ILE C 305 17.78 25.50 -3.04
CA ILE C 305 16.45 26.10 -3.11
C ILE C 305 15.42 25.01 -3.39
N ARG C 306 15.76 24.06 -4.27
CA ARG C 306 14.83 22.98 -4.57
C ARG C 306 14.68 22.05 -3.37
N ALA C 307 15.77 21.74 -2.69
CA ALA C 307 15.69 20.95 -1.48
C ALA C 307 14.81 21.63 -0.43
N SER C 308 14.92 22.95 -0.31
N SER C 308 14.92 22.94 -0.32
CA SER C 308 14.11 23.66 0.67
CA SER C 308 14.12 23.66 0.65
C SER C 308 12.63 23.53 0.35
C SER C 308 12.63 23.54 0.34
N ALA C 309 12.27 23.61 -0.94
CA ALA C 309 10.87 23.44 -1.32
C ALA C 309 10.36 22.05 -0.98
N LEU C 310 11.21 21.02 -1.07
CA LEU C 310 10.77 19.67 -0.72
C LEU C 310 10.61 19.50 0.80
N ALA C 311 11.59 19.96 1.57
CA ALA C 311 11.48 19.82 3.02
C ALA C 311 10.23 20.51 3.53
N GLN C 312 9.89 21.67 2.95
CA GLN C 312 8.68 22.37 3.34
C GLN C 312 7.45 21.49 3.17
N GLN C 313 7.28 20.89 1.98
CA GLN C 313 6.05 20.11 1.74
C GLN C 313 6.02 18.81 2.50
N PHE C 314 7.18 18.16 2.72
CA PHE C 314 7.25 16.93 3.50
C PHE C 314 7.25 17.19 5.01
N GLY C 315 7.24 18.45 5.45
CA GLY C 315 7.24 18.79 6.88
C GLY C 315 8.52 18.41 7.60
N ILE C 316 9.67 18.67 7.00
CA ILE C 316 10.98 18.25 7.51
C ILE C 316 11.75 19.50 7.91
N PRO C 317 12.07 19.68 9.19
CA PRO C 317 13.03 20.74 9.60
C PRO C 317 14.37 20.49 8.94
N MET C 318 14.94 21.55 8.36
CA MET C 318 16.07 21.39 7.45
C MET C 318 17.27 22.16 7.98
N SER C 319 18.37 21.44 8.24
CA SER C 319 19.64 21.98 8.70
C SER C 319 20.66 21.96 7.56
N SER C 320 21.85 22.48 7.84
CA SER C 320 22.92 22.46 6.87
C SER C 320 24.00 21.46 7.27
N HIS C 321 24.81 21.09 6.29
CA HIS C 321 26.01 20.30 6.52
C HIS C 321 27.18 21.03 5.91
N LEU C 322 28.14 21.41 6.74
CA LEU C 322 29.36 22.10 6.31
C LEU C 322 29.05 23.41 5.58
N PHE C 323 30.07 24.00 4.92
CA PHE C 323 29.92 25.22 4.12
C PHE C 323 29.15 26.28 4.88
N GLN C 324 29.59 26.52 6.10
CA GLN C 324 28.86 27.42 7.00
C GLN C 324 28.74 28.82 6.41
N GLU C 325 29.72 29.27 5.62
CA GLU C 325 29.67 30.62 5.05
C GLU C 325 28.42 30.82 4.21
N ILE C 326 28.15 29.89 3.29
CA ILE C 326 27.00 30.05 2.41
C ILE C 326 25.73 29.52 3.07
N SER C 327 25.86 28.52 3.95
CA SER C 327 24.68 27.95 4.58
C SER C 327 23.96 28.97 5.46
N ALA C 328 24.69 29.96 5.98
CA ALA C 328 24.03 31.00 6.77
C ALA C 328 23.02 31.78 5.92
N HIS C 329 23.42 32.15 4.70
CA HIS C 329 22.47 32.78 3.78
C HIS C 329 21.32 31.83 3.44
N LEU C 330 21.64 30.59 3.06
CA LEU C 330 20.62 29.69 2.53
C LEU C 330 19.56 29.36 3.56
N LEU C 331 19.98 29.13 4.80
CA LEU C 331 19.02 28.82 5.84
C LEU C 331 18.10 30.00 6.11
N ALA C 332 18.61 31.23 5.98
CA ALA C 332 17.74 32.38 6.19
C ALA C 332 16.60 32.40 5.19
N ALA C 333 16.80 31.82 4.00
CA ALA C 333 15.76 31.72 2.99
C ALA C 333 14.97 30.41 3.03
N THR C 334 15.23 29.56 4.02
CA THR C 334 14.64 28.22 4.04
C THR C 334 13.44 28.18 4.97
N PRO C 335 12.23 27.93 4.47
CA PRO C 335 11.04 27.99 5.35
C PRO C 335 11.12 27.12 6.60
N THR C 336 11.73 25.93 6.54
CA THR C 336 11.82 25.06 7.71
C THR C 336 13.24 25.01 8.31
N ALA C 337 14.00 26.09 8.16
CA ALA C 337 15.36 26.18 8.70
C ALA C 337 15.39 25.72 10.14
N HIS C 338 16.38 24.87 10.44
CA HIS C 338 16.54 24.27 11.76
C HIS C 338 17.87 24.70 12.41
N TRP C 339 18.97 23.97 12.13
CA TRP C 339 20.29 24.27 12.68
C TRP C 339 21.33 24.53 11.59
N LEU C 340 22.35 25.31 11.94
CA LEU C 340 23.53 25.44 11.12
C LEU C 340 24.65 24.64 11.73
N GLU C 341 25.28 23.76 10.95
CA GLU C 341 26.48 23.07 11.43
C GLU C 341 27.68 24.00 11.37
N ARG C 342 28.25 24.30 12.54
CA ARG C 342 29.47 25.09 12.63
C ARG C 342 30.62 24.09 12.61
N LEU C 343 31.22 23.88 11.44
CA LEU C 343 32.48 23.15 11.31
C LEU C 343 33.33 23.93 10.32
N ASP C 344 34.34 24.62 10.83
CA ASP C 344 35.02 25.66 10.04
C ASP C 344 36.20 25.08 9.28
N LEU C 345 35.88 24.22 8.30
CA LEU C 345 36.89 23.57 7.47
C LEU C 345 37.78 24.57 6.75
N ALA C 346 37.23 25.73 6.38
CA ALA C 346 37.96 26.65 5.53
C ALA C 346 38.48 27.90 6.25
N GLY C 347 38.41 27.93 7.59
CA GLY C 347 38.81 29.14 8.30
C GLY C 347 40.26 29.53 8.09
N SER C 348 41.13 28.57 7.80
N SER C 348 41.13 28.56 7.80
CA SER C 348 42.54 28.87 7.57
CA SER C 348 42.54 28.86 7.56
C SER C 348 42.77 29.62 6.27
C SER C 348 42.76 29.65 6.27
N VAL C 349 41.79 29.64 5.35
CA VAL C 349 41.95 30.31 4.08
C VAL C 349 40.85 31.32 3.78
N ILE C 350 39.85 31.47 4.65
CA ILE C 350 38.76 32.43 4.45
C ILE C 350 38.72 33.36 5.66
N GLU C 351 38.50 34.65 5.41
CA GLU C 351 38.39 35.61 6.51
C GLU C 351 37.12 35.38 7.34
N PRO C 352 37.20 35.55 8.69
CA PRO C 352 36.05 35.29 9.58
C PRO C 352 35.02 36.42 9.57
N THR C 353 34.41 36.65 8.41
CA THR C 353 33.35 37.63 8.28
C THR C 353 32.05 37.12 8.86
N LEU C 354 31.80 35.81 8.75
CA LEU C 354 30.69 35.20 9.48
C LEU C 354 31.02 35.21 10.96
N THR C 355 30.13 35.74 11.77
CA THR C 355 30.32 35.81 13.20
C THR C 355 29.21 35.04 13.90
N PHE C 356 29.43 34.74 15.17
CA PHE C 356 28.48 34.00 15.99
C PHE C 356 28.15 34.83 17.24
N GLU C 357 26.88 35.20 17.38
CA GLU C 357 26.38 35.97 18.50
C GLU C 357 25.41 35.07 19.27
N GLY C 358 25.72 34.78 20.52
CA GLY C 358 24.85 33.91 21.29
C GLY C 358 24.67 32.55 20.67
N GLY C 359 25.68 32.09 19.93
CA GLY C 359 25.59 30.82 19.24
C GLY C 359 24.85 30.87 17.93
N ASN C 360 24.39 32.05 17.51
CA ASN C 360 23.68 32.22 16.25
C ASN C 360 24.65 32.74 15.20
N ALA C 361 24.68 32.08 14.03
CA ALA C 361 25.47 32.60 12.91
C ALA C 361 24.87 33.93 12.44
N VAL C 362 25.72 34.94 12.21
CA VAL C 362 25.29 36.28 11.79
C VAL C 362 25.89 36.55 10.41
N ILE C 363 25.02 36.75 9.43
CA ILE C 363 25.45 36.95 8.04
C ILE C 363 26.20 38.28 7.93
N PRO C 364 27.39 38.32 7.34
CA PRO C 364 28.09 39.61 7.21
C PRO C 364 27.39 40.50 6.20
N ASP C 365 27.51 41.81 6.41
CA ASP C 365 26.99 42.81 5.48
C ASP C 365 28.00 42.98 4.36
N LEU C 366 27.98 42.03 3.42
CA LEU C 366 28.88 41.98 2.27
C LEU C 366 28.10 41.47 1.07
N PRO C 367 28.48 41.87 -0.14
CA PRO C 367 27.77 41.37 -1.32
C PRO C 367 28.02 39.89 -1.51
N GLY C 368 27.01 39.19 -2.02
CA GLY C 368 27.18 37.76 -2.28
C GLY C 368 27.27 36.98 -0.98
N VAL C 369 28.18 35.99 -0.97
CA VAL C 369 28.29 35.10 0.19
C VAL C 369 29.10 35.71 1.32
N GLY C 370 30.00 36.65 1.03
CA GLY C 370 30.84 37.21 2.06
C GLY C 370 32.15 36.49 2.24
N ILE C 371 32.63 35.81 1.19
CA ILE C 371 33.89 35.08 1.23
C ILE C 371 34.99 36.00 0.75
N ILE C 372 36.02 36.17 1.57
CA ILE C 372 37.23 36.91 1.21
C ILE C 372 38.42 36.00 1.47
N TRP C 373 39.14 35.64 0.41
CA TRP C 373 40.29 34.74 0.57
C TRP C 373 41.36 35.34 1.47
N ARG C 374 42.03 34.48 2.23
CA ARG C 374 43.27 34.85 2.91
C ARG C 374 44.43 34.49 2.00
N GLU C 375 44.74 35.40 1.08
CA GLU C 375 45.67 35.07 -0.01
C GLU C 375 47.06 34.74 0.52
N LYS C 376 47.49 35.41 1.58
CA LYS C 376 48.81 35.10 2.14
C LYS C 376 48.84 33.74 2.82
N GLU C 377 47.69 33.16 3.16
CA GLU C 377 47.66 31.86 3.82
C GLU C 377 47.48 30.70 2.85
N ILE C 378 46.76 30.92 1.75
CA ILE C 378 46.49 29.84 0.80
C ILE C 378 47.80 29.24 0.31
N GLY C 379 48.82 30.08 0.11
CA GLY C 379 50.09 29.59 -0.42
C GLY C 379 50.76 28.51 0.41
N LYS C 380 50.56 28.54 1.73
CA LYS C 380 51.17 27.51 2.56
C LYS C 380 50.59 26.13 2.29
N TYR C 381 49.35 26.04 1.80
CA TYR C 381 48.65 24.75 1.78
C TYR C 381 48.41 24.22 0.37
N LEU C 382 48.94 24.86 -0.66
CA LEU C 382 48.70 24.41 -2.03
C LEU C 382 49.26 23.01 -2.25
N VAL C 383 48.52 22.20 -2.99
CA VAL C 383 48.94 20.86 -3.33
C VAL C 383 49.57 20.88 -4.71
N GLU D 27 48.67 -15.13 -0.26
CA GLU D 27 49.67 -15.71 -1.15
C GLU D 27 49.93 -14.79 -2.32
N VAL D 28 48.89 -14.37 -3.06
CA VAL D 28 49.08 -13.48 -4.20
C VAL D 28 48.67 -12.07 -3.82
N LEU D 29 49.60 -11.12 -3.95
CA LEU D 29 49.39 -9.71 -3.63
C LEU D 29 49.36 -8.85 -4.89
N ILE D 30 48.61 -7.76 -4.82
CA ILE D 30 48.70 -6.73 -5.84
C ILE D 30 50.00 -5.98 -5.66
N THR D 31 50.77 -5.81 -6.74
CA THR D 31 52.04 -5.13 -6.63
C THR D 31 52.08 -3.76 -7.30
N GLY D 32 51.15 -3.46 -8.20
CA GLY D 32 51.18 -2.18 -8.88
C GLY D 32 49.92 -1.94 -9.67
N LEU D 33 49.73 -0.68 -10.04
CA LEU D 33 48.60 -0.25 -10.86
C LEU D 33 49.12 0.76 -11.86
N ARG D 34 48.90 0.51 -13.15
CA ARG D 34 49.25 1.46 -14.19
C ARG D 34 48.00 1.78 -15.01
N THR D 35 47.83 3.05 -15.34
CA THR D 35 46.70 3.48 -16.14
C THR D 35 47.19 4.32 -17.30
N ARG D 36 46.49 4.19 -18.43
CA ARG D 36 46.76 4.98 -19.62
C ARG D 36 45.44 5.54 -20.13
N ALA D 37 45.36 6.85 -20.26
CA ALA D 37 44.19 7.50 -20.82
C ALA D 37 44.36 7.64 -22.33
N VAL D 38 43.41 7.09 -23.08
CA VAL D 38 43.37 7.22 -24.53
C VAL D 38 42.06 7.86 -24.96
N ASN D 39 42.08 8.46 -26.15
CA ASN D 39 40.89 8.95 -26.83
C ASN D 39 40.88 8.28 -28.19
N VAL D 40 39.99 7.31 -28.38
CA VAL D 40 40.09 6.43 -29.53
C VAL D 40 39.07 6.79 -30.60
N PRO D 41 39.43 6.68 -31.88
CA PRO D 41 38.48 7.00 -32.96
C PRO D 41 37.39 5.95 -33.06
N LEU D 42 36.21 6.40 -33.46
CA LEU D 42 35.07 5.54 -33.71
C LEU D 42 34.72 5.56 -35.19
N ALA D 43 34.67 4.37 -35.79
CA ALA D 43 34.24 4.25 -37.19
C ALA D 43 32.93 4.98 -37.44
N TYR D 44 31.99 4.88 -36.50
CA TYR D 44 30.73 5.59 -36.56
C TYR D 44 30.56 6.39 -35.27
N PRO D 45 30.44 7.71 -35.32
CA PRO D 45 30.07 8.46 -34.13
C PRO D 45 28.80 7.91 -33.49
N VAL D 46 28.79 7.87 -32.16
CA VAL D 46 27.56 7.50 -31.43
C VAL D 46 26.75 8.78 -31.27
N HIS D 47 25.87 9.03 -32.24
CA HIS D 47 24.89 10.09 -32.11
C HIS D 47 23.76 9.62 -31.20
N THR D 48 23.38 10.45 -30.23
CA THR D 48 22.26 10.18 -29.36
C THR D 48 21.32 11.39 -29.38
N ALA D 49 20.14 11.20 -28.78
CA ALA D 49 19.19 12.30 -28.66
C ALA D 49 19.74 13.47 -27.84
N VAL D 50 20.79 13.25 -27.05
CA VAL D 50 21.27 14.28 -26.15
C VAL D 50 22.71 14.72 -26.48
N GLY D 51 23.20 14.39 -27.67
CA GLY D 51 24.55 14.75 -28.05
C GLY D 51 25.32 13.55 -28.58
N THR D 52 26.47 13.86 -29.16
CA THR D 52 27.26 12.88 -29.89
C THR D 52 28.52 12.50 -29.14
N VAL D 53 28.74 11.20 -28.97
CA VAL D 53 30.01 10.65 -28.50
C VAL D 53 30.80 10.25 -29.75
N GLY D 54 31.71 11.12 -30.18
CA GLY D 54 32.40 10.92 -31.45
C GLY D 54 33.67 10.11 -31.33
N THR D 55 34.27 10.11 -30.14
CA THR D 55 35.43 9.28 -29.84
C THR D 55 35.18 8.55 -28.54
N ALA D 56 35.96 7.50 -28.30
CA ALA D 56 35.81 6.81 -27.03
C ALA D 56 36.95 7.20 -26.10
N PRO D 57 36.70 8.03 -25.09
CA PRO D 57 37.71 8.27 -24.04
C PRO D 57 37.75 7.08 -23.08
N LEU D 58 38.86 6.36 -23.10
CA LEU D 58 39.04 5.16 -22.27
C LEU D 58 40.24 5.32 -21.34
N VAL D 59 40.13 4.67 -20.18
CA VAL D 59 41.27 4.47 -19.30
C VAL D 59 41.60 3.00 -19.33
N LEU D 60 42.82 2.65 -19.74
CA LEU D 60 43.27 1.27 -19.81
C LEU D 60 44.04 0.93 -18.55
N ILE D 61 43.70 -0.19 -17.91
CA ILE D 61 44.14 -0.50 -16.55
C ILE D 61 44.99 -1.76 -16.56
N ASP D 62 46.18 -1.68 -15.94
CA ASP D 62 47.04 -2.84 -15.70
C ASP D 62 47.22 -3.02 -14.21
N LEU D 63 46.88 -4.19 -13.70
CA LEU D 63 47.05 -4.56 -12.30
C LEU D 63 48.12 -5.64 -12.19
N ALA D 64 49.29 -5.27 -11.66
CA ALA D 64 50.40 -6.19 -11.50
C ALA D 64 50.27 -6.95 -10.17
N THR D 65 50.70 -8.20 -10.19
CA THR D 65 50.60 -9.07 -9.02
C THR D 65 51.94 -9.73 -8.74
N SER D 66 52.05 -10.26 -7.52
CA SER D 66 53.24 -10.97 -7.07
C SER D 66 53.40 -12.34 -7.72
N ALA D 67 52.46 -12.78 -8.54
CA ALA D 67 52.52 -14.06 -9.21
C ALA D 67 52.97 -13.95 -10.66
N GLY D 68 53.39 -12.76 -11.09
CA GLY D 68 53.86 -12.55 -12.44
C GLY D 68 52.80 -12.19 -13.44
N VAL D 69 51.54 -12.54 -13.19
CA VAL D 69 50.49 -12.22 -14.15
C VAL D 69 50.05 -10.77 -13.97
N VAL D 70 49.48 -10.21 -15.02
CA VAL D 70 48.99 -8.84 -15.04
C VAL D 70 47.51 -8.89 -15.40
N GLY D 71 46.67 -8.24 -14.59
CA GLY D 71 45.25 -8.12 -14.92
C GLY D 71 45.01 -6.91 -15.78
N HIS D 72 44.07 -7.04 -16.73
CA HIS D 72 43.70 -5.96 -17.63
C HIS D 72 42.21 -5.64 -17.51
N SER D 73 41.88 -4.35 -17.59
CA SER D 73 40.50 -3.90 -17.76
C SER D 73 40.54 -2.53 -18.41
N TYR D 74 39.36 -2.02 -18.74
CA TYR D 74 39.30 -0.63 -19.15
C TYR D 74 38.00 0.00 -18.66
N LEU D 75 38.01 1.32 -18.64
CA LEU D 75 36.86 2.13 -18.27
C LEU D 75 36.52 3.06 -19.41
N PHE D 76 35.23 3.38 -19.53
CA PHE D 76 34.73 4.28 -20.55
C PHE D 76 34.28 5.56 -19.87
N ALA D 77 34.88 6.70 -20.26
CA ALA D 77 34.61 7.94 -19.54
C ALA D 77 33.47 8.75 -20.13
N TYR D 78 32.88 8.30 -21.25
CA TYR D 78 31.72 8.94 -21.87
C TYR D 78 32.05 10.30 -22.48
N THR D 79 32.85 11.12 -21.80
CA THR D 79 33.25 12.43 -22.35
C THR D 79 34.71 12.69 -22.03
N PRO D 80 35.46 13.31 -22.96
CA PRO D 80 36.85 13.68 -22.63
C PRO D 80 36.97 14.57 -21.41
N VAL D 81 35.92 15.33 -21.11
CA VAL D 81 35.93 16.22 -19.94
C VAL D 81 36.22 15.47 -18.66
N ALA D 82 35.86 14.19 -18.59
CA ALA D 82 36.07 13.41 -17.37
C ALA D 82 37.26 12.47 -17.46
N LEU D 83 37.92 12.41 -18.62
CA LEU D 83 38.95 11.41 -18.84
C LEU D 83 40.14 11.59 -17.91
N LYS D 84 40.79 12.75 -17.96
CA LYS D 84 41.97 12.96 -17.13
C LYS D 84 41.63 12.84 -15.64
N SER D 85 40.45 13.33 -15.24
CA SER D 85 40.01 13.20 -13.85
C SER D 85 39.99 11.74 -13.41
N LEU D 86 39.42 10.86 -14.24
CA LEU D 86 39.30 9.45 -13.90
C LEU D 86 40.67 8.79 -13.80
N LYS D 87 41.59 9.13 -14.71
CA LYS D 87 42.92 8.57 -14.61
C LYS D 87 43.61 8.99 -13.33
N GLN D 88 43.56 10.29 -13.03
CA GLN D 88 44.16 10.82 -11.81
C GLN D 88 43.62 10.13 -10.56
N LEU D 89 42.31 9.93 -10.51
CA LEU D 89 41.68 9.28 -9.38
C LEU D 89 42.21 7.87 -9.19
N LEU D 90 42.27 7.09 -10.28
CA LEU D 90 42.82 5.73 -10.23
C LEU D 90 44.27 5.73 -9.76
N ASP D 91 45.07 6.68 -10.25
CA ASP D 91 46.48 6.70 -9.86
C ASP D 91 46.63 7.05 -8.38
N ASP D 92 45.73 7.88 -7.85
CA ASP D 92 45.74 8.18 -6.43
C ASP D 92 45.14 7.06 -5.60
N MET D 93 44.39 6.15 -6.22
CA MET D 93 43.91 4.95 -5.55
C MET D 93 44.96 3.84 -5.48
N ALA D 94 46.08 3.97 -6.19
CA ALA D 94 47.03 2.87 -6.26
C ALA D 94 47.48 2.44 -4.87
N ALA D 95 47.85 3.40 -4.02
CA ALA D 95 48.38 3.06 -2.71
C ALA D 95 47.37 2.32 -1.84
N MET D 96 46.07 2.49 -2.09
CA MET D 96 45.05 1.80 -1.31
C MET D 96 45.04 0.30 -1.60
N ILE D 97 45.47 -0.12 -2.78
CA ILE D 97 45.36 -1.52 -3.18
C ILE D 97 46.70 -2.22 -3.29
N VAL D 98 47.80 -1.50 -3.51
CA VAL D 98 49.09 -2.16 -3.62
C VAL D 98 49.44 -2.81 -2.29
N ASN D 99 49.87 -4.07 -2.36
CA ASN D 99 50.22 -4.96 -1.25
C ASN D 99 49.01 -5.55 -0.57
N GLU D 100 47.80 -5.35 -1.09
CA GLU D 100 46.64 -6.09 -0.64
C GLU D 100 46.58 -7.43 -1.38
N PRO D 101 46.00 -8.46 -0.76
CA PRO D 101 45.79 -9.72 -1.49
C PRO D 101 44.90 -9.53 -2.70
N LEU D 102 45.13 -10.37 -3.70
CA LEU D 102 44.29 -10.44 -4.90
C LEU D 102 42.99 -11.16 -4.54
N ALA D 103 42.09 -10.41 -3.91
CA ALA D 103 40.82 -10.95 -3.45
C ALA D 103 39.78 -9.88 -3.77
N PRO D 104 39.23 -9.90 -5.00
CA PRO D 104 38.42 -8.75 -5.46
C PRO D 104 37.21 -8.46 -4.57
N VAL D 105 36.62 -9.48 -3.95
CA VAL D 105 35.43 -9.23 -3.12
C VAL D 105 35.81 -8.47 -1.86
N SER D 106 36.93 -8.84 -1.23
CA SER D 106 37.36 -8.09 -0.05
C SER D 106 37.91 -6.71 -0.45
N LEU D 107 38.56 -6.62 -1.61
CA LEU D 107 39.02 -5.32 -2.09
C LEU D 107 37.86 -4.35 -2.32
N GLU D 108 36.78 -4.83 -2.95
CA GLU D 108 35.60 -3.98 -3.16
C GLU D 108 35.02 -3.49 -1.84
N ALA D 109 34.94 -4.37 -0.84
CA ALA D 109 34.44 -3.95 0.47
C ALA D 109 35.31 -2.84 1.05
N MET D 110 36.63 -2.95 0.87
CA MET D 110 37.55 -1.93 1.39
C MET D 110 37.34 -0.59 0.71
N LEU D 111 37.15 -0.59 -0.62
CA LEU D 111 36.95 0.67 -1.33
C LEU D 111 35.60 1.28 -0.95
N ALA D 112 34.57 0.44 -0.82
CA ALA D 112 33.26 0.91 -0.40
C ALA D 112 33.34 1.65 0.92
N LYS D 113 34.08 1.09 1.88
CA LYS D 113 34.22 1.74 3.17
C LYS D 113 35.04 3.01 3.06
N ARG D 114 36.21 2.93 2.39
CA ARG D 114 37.09 4.09 2.34
C ARG D 114 36.44 5.29 1.66
N PHE D 115 35.55 5.06 0.68
CA PHE D 115 34.87 6.14 -0.01
C PHE D 115 33.45 6.41 0.51
N CYS D 116 33.11 5.88 1.68
CA CYS D 116 31.78 6.07 2.28
CA CYS D 116 31.72 6.10 2.08
C CYS D 116 31.45 7.55 2.49
N LEU D 117 32.48 8.36 2.75
CA LEU D 117 32.16 9.75 3.05
C LEU D 117 32.21 10.62 1.80
N ALA D 118 33.18 10.37 0.93
CA ALA D 118 33.25 11.12 -0.32
C ALA D 118 32.05 10.83 -1.21
N GLY D 119 31.47 9.63 -1.09
CA GLY D 119 30.40 9.24 -1.99
C GLY D 119 30.85 8.12 -2.90
N TYR D 120 30.47 6.89 -2.57
CA TYR D 120 30.91 5.71 -3.33
C TYR D 120 30.00 5.54 -4.55
N THR D 121 30.10 6.52 -5.45
CA THR D 121 29.25 6.53 -6.62
C THR D 121 29.99 7.30 -7.71
N GLY D 122 29.38 7.38 -8.88
CA GLY D 122 29.98 8.30 -9.83
C GLY D 122 31.35 7.81 -10.29
N LEU D 123 32.23 8.77 -10.57
CA LEU D 123 33.57 8.46 -11.05
C LEU D 123 34.32 7.57 -10.07
N ILE D 124 34.12 7.79 -8.76
CA ILE D 124 34.81 6.97 -7.77
C ILE D 124 34.39 5.52 -7.90
N ARG D 125 33.09 5.29 -8.08
CA ARG D 125 32.60 3.93 -8.21
C ARG D 125 33.07 3.30 -9.52
N MET D 126 33.06 4.07 -10.60
CA MET D 126 33.57 3.60 -11.89
C MET D 126 35.04 3.20 -11.76
N ALA D 127 35.83 4.01 -11.05
CA ALA D 127 37.23 3.67 -10.80
C ALA D 127 37.35 2.36 -10.02
N ALA D 128 36.55 2.21 -8.94
CA ALA D 128 36.58 0.97 -8.18
C ALA D 128 36.24 -0.23 -9.06
N ALA D 129 35.24 -0.08 -9.94
CA ALA D 129 34.89 -1.17 -10.84
C ALA D 129 36.04 -1.52 -11.78
N GLY D 130 36.77 -0.52 -12.26
CA GLY D 130 37.91 -0.80 -13.11
C GLY D 130 38.96 -1.66 -12.42
N ILE D 131 39.25 -1.35 -11.16
CA ILE D 131 40.14 -2.18 -10.35
C ILE D 131 39.56 -3.58 -10.20
N ASP D 132 38.24 -3.68 -9.96
CA ASP D 132 37.60 -4.98 -9.78
C ASP D 132 37.71 -5.85 -11.03
N MET D 133 37.44 -5.29 -12.20
CA MET D 133 37.46 -6.09 -13.42
C MET D 133 38.88 -6.57 -13.73
N ALA D 134 39.88 -5.73 -13.47
CA ALA D 134 41.26 -6.12 -13.70
C ALA D 134 41.71 -7.18 -12.69
N ALA D 135 41.25 -7.05 -11.44
CA ALA D 135 41.61 -8.03 -10.41
C ALA D 135 40.98 -9.39 -10.70
N TRP D 136 39.74 -9.40 -11.20
CA TRP D 136 39.13 -10.66 -11.59
C TRP D 136 39.84 -11.25 -12.82
N ASP D 137 40.22 -10.41 -13.79
CA ASP D 137 41.04 -10.92 -14.87
C ASP D 137 42.31 -11.56 -14.31
N ALA D 138 42.95 -10.89 -13.36
CA ALA D 138 44.21 -11.40 -12.82
C ALA D 138 43.99 -12.69 -12.03
N LEU D 139 42.86 -12.80 -11.33
CA LEU D 139 42.61 -14.04 -10.58
C LEU D 139 42.40 -15.22 -11.52
N GLY D 140 41.64 -15.02 -12.61
CA GLY D 140 41.54 -16.07 -13.61
C GLY D 140 42.88 -16.46 -14.19
N LYS D 141 43.81 -15.49 -14.32
CA LYS D 141 45.12 -15.81 -14.86
C LYS D 141 45.97 -16.56 -13.86
N VAL D 142 45.86 -16.21 -12.57
CA VAL D 142 46.53 -16.98 -11.52
C VAL D 142 46.13 -18.45 -11.59
N HIS D 143 44.85 -18.71 -11.86
CA HIS D 143 44.32 -20.07 -11.90
C HIS D 143 44.26 -20.64 -13.32
N GLU D 144 44.77 -19.89 -14.30
CA GLU D 144 44.92 -20.35 -15.68
C GLU D 144 43.58 -20.82 -16.25
N THR D 145 42.54 -20.01 -16.04
CA THR D 145 41.23 -20.48 -16.46
C THR D 145 40.41 -19.28 -16.93
N PRO D 146 39.55 -19.46 -17.94
CA PRO D 146 38.69 -18.36 -18.37
C PRO D 146 37.79 -17.90 -17.22
N LEU D 147 37.45 -16.61 -17.23
CA LEU D 147 36.71 -16.04 -16.10
C LEU D 147 35.39 -16.76 -15.87
N VAL D 148 34.69 -17.14 -16.95
CA VAL D 148 33.40 -17.80 -16.80
C VAL D 148 33.55 -19.11 -16.05
N LYS D 149 34.66 -19.83 -16.28
CA LYS D 149 34.84 -21.09 -15.57
C LYS D 149 35.24 -20.86 -14.12
N LEU D 150 36.04 -19.82 -13.85
CA LEU D 150 36.35 -19.45 -12.47
C LEU D 150 35.07 -19.08 -11.70
N LEU D 151 34.08 -18.53 -12.39
CA LEU D 151 32.82 -18.24 -11.73
C LEU D 151 31.94 -19.46 -11.57
N GLY D 152 32.34 -20.63 -12.06
CA GLY D 152 31.57 -21.83 -11.85
C GLY D 152 30.59 -22.17 -12.95
N ALA D 153 30.71 -21.58 -14.12
CA ALA D 153 29.77 -21.77 -15.21
C ALA D 153 30.45 -22.29 -16.46
N ASN D 154 29.69 -23.01 -17.29
CA ASN D 154 30.18 -23.37 -18.61
C ASN D 154 30.16 -22.16 -19.53
N ALA D 155 31.17 -22.03 -20.37
CA ALA D 155 31.06 -21.04 -21.43
C ALA D 155 29.90 -21.45 -22.33
N ARG D 156 29.13 -20.48 -22.77
CA ARG D 156 28.07 -20.72 -23.73
C ARG D 156 28.04 -19.51 -24.64
N PRO D 157 27.65 -19.67 -25.90
CA PRO D 157 27.49 -18.50 -26.76
C PRO D 157 26.33 -17.66 -26.25
N VAL D 158 26.44 -16.35 -26.48
CA VAL D 158 25.42 -15.38 -26.06
C VAL D 158 24.98 -14.58 -27.27
N GLN D 159 23.67 -14.59 -27.55
CA GLN D 159 23.14 -13.80 -28.66
C GLN D 159 23.44 -12.32 -28.48
N ALA D 160 23.79 -11.67 -29.58
CA ALA D 160 24.22 -10.27 -29.54
C ALA D 160 23.41 -9.49 -30.54
N TYR D 161 23.11 -8.24 -30.21
CA TYR D 161 22.55 -7.30 -31.15
C TYR D 161 23.64 -6.30 -31.53
N ASP D 162 23.63 -5.86 -32.79
CA ASP D 162 24.59 -4.89 -33.25
C ASP D 162 24.07 -3.50 -32.88
N SER D 163 24.88 -2.75 -32.15
CA SER D 163 24.44 -1.52 -31.49
C SER D 163 24.81 -0.31 -32.36
N HIS D 164 23.79 0.38 -32.88
CA HIS D 164 23.98 1.54 -33.74
C HIS D 164 23.56 2.80 -32.97
N SER D 165 23.40 3.92 -33.67
CA SER D 165 23.15 5.20 -33.00
C SER D 165 22.11 6.00 -33.78
N LEU D 166 22.02 7.30 -33.48
CA LEU D 166 21.02 8.19 -34.07
C LEU D 166 21.51 8.60 -35.45
N ASP D 167 21.32 7.69 -36.40
CA ASP D 167 22.07 7.69 -37.65
C ASP D 167 21.29 8.27 -38.82
N GLY D 168 20.00 8.55 -38.67
CA GLY D 168 19.18 8.99 -39.77
C GLY D 168 18.78 7.84 -40.68
N VAL D 169 17.65 8.02 -41.39
CA VAL D 169 17.02 6.91 -42.10
C VAL D 169 18.01 6.18 -42.99
N LYS D 170 18.81 6.92 -43.76
CA LYS D 170 19.66 6.28 -44.74
C LYS D 170 20.70 5.39 -44.08
N LEU D 171 21.53 5.95 -43.21
CA LEU D 171 22.60 5.16 -42.59
C LEU D 171 22.02 4.09 -41.68
N ALA D 172 20.94 4.39 -40.97
CA ALA D 172 20.36 3.41 -40.06
C ALA D 172 20.00 2.12 -40.79
N THR D 173 19.42 2.24 -41.99
CA THR D 173 19.00 1.06 -42.73
C THR D 173 20.21 0.31 -43.30
N GLU D 174 21.18 1.06 -43.86
CA GLU D 174 22.39 0.43 -44.37
C GLU D 174 23.07 -0.39 -43.29
N ARG D 175 23.24 0.18 -42.09
CA ARG D 175 23.91 -0.52 -41.01
C ARG D 175 23.10 -1.74 -40.57
N ALA D 176 21.78 -1.61 -40.54
CA ALA D 176 20.95 -2.75 -40.20
C ALA D 176 21.11 -3.87 -41.23
N VAL D 177 21.16 -3.52 -42.52
CA VAL D 177 21.36 -4.54 -43.55
C VAL D 177 22.70 -5.24 -43.37
N THR D 178 23.76 -4.45 -43.15
CA THR D 178 25.09 -5.02 -42.98
C THR D 178 25.15 -5.95 -41.78
N ALA D 179 24.54 -5.55 -40.65
CA ALA D 179 24.53 -6.42 -39.48
C ALA D 179 23.81 -7.73 -39.75
N ALA D 180 22.69 -7.66 -40.47
CA ALA D 180 21.97 -8.88 -40.84
C ALA D 180 22.87 -9.78 -41.68
N GLU D 181 23.67 -9.18 -42.56
CA GLU D 181 24.61 -9.95 -43.38
C GLU D 181 25.70 -10.60 -42.53
N LEU D 182 26.15 -9.92 -41.47
CA LEU D 182 27.17 -10.50 -40.60
C LEU D 182 26.64 -11.59 -39.68
N GLY D 183 25.33 -11.86 -39.68
CA GLY D 183 24.76 -12.90 -38.84
C GLY D 183 23.99 -12.42 -37.63
N PHE D 184 23.96 -11.11 -37.36
CA PHE D 184 23.23 -10.62 -36.19
C PHE D 184 21.72 -10.78 -36.40
N ARG D 185 21.02 -11.13 -35.33
CA ARG D 185 19.58 -11.30 -35.39
C ARG D 185 18.82 -10.11 -34.84
N ALA D 186 19.51 -9.03 -34.48
CA ALA D 186 18.85 -7.84 -33.96
C ALA D 186 19.82 -6.67 -34.01
N VAL D 187 19.26 -5.47 -34.13
CA VAL D 187 20.05 -4.25 -34.04
C VAL D 187 19.34 -3.30 -33.10
N LYS D 188 20.13 -2.39 -32.52
CA LYS D 188 19.62 -1.27 -31.74
C LYS D 188 19.88 0.02 -32.51
N THR D 189 18.86 0.88 -32.58
CA THR D 189 19.03 2.22 -33.10
C THR D 189 18.63 3.22 -32.01
N LYS D 190 19.31 4.37 -32.02
CA LYS D 190 18.99 5.42 -31.06
C LYS D 190 18.05 6.41 -31.71
N ILE D 191 16.95 6.74 -31.00
CA ILE D 191 15.93 7.63 -31.54
C ILE D 191 15.70 8.80 -30.58
N GLY D 192 14.68 9.61 -30.87
CA GLY D 192 14.57 10.88 -30.20
C GLY D 192 14.87 12.03 -31.13
N TYR D 193 14.50 11.88 -32.39
CA TYR D 193 14.54 12.99 -33.32
C TYR D 193 13.49 14.03 -32.91
N PRO D 194 13.63 15.28 -33.39
CA PRO D 194 12.65 16.32 -32.98
C PRO D 194 11.20 15.90 -33.13
N ALA D 195 10.86 15.12 -34.16
CA ALA D 195 9.50 14.71 -34.43
C ALA D 195 9.37 13.20 -34.25
N LEU D 196 8.23 12.78 -33.70
CA LEU D 196 7.93 11.36 -33.58
C LEU D 196 7.86 10.70 -34.96
N ASP D 197 7.43 11.43 -35.98
CA ASP D 197 7.36 10.81 -37.30
C ASP D 197 8.75 10.38 -37.77
N GLN D 198 9.79 11.12 -37.39
CA GLN D 198 11.15 10.75 -37.75
C GLN D 198 11.59 9.48 -37.03
N ASP D 199 11.24 9.33 -35.74
CA ASP D 199 11.43 8.05 -35.05
C ASP D 199 10.81 6.91 -35.84
N LEU D 200 9.53 7.05 -36.18
CA LEU D 200 8.80 5.97 -36.83
C LEU D 200 9.32 5.70 -38.23
N ALA D 201 9.80 6.74 -38.92
CA ALA D 201 10.33 6.56 -40.27
C ALA D 201 11.59 5.70 -40.26
N VAL D 202 12.42 5.84 -39.21
CA VAL D 202 13.64 5.04 -39.12
C VAL D 202 13.30 3.57 -38.85
N VAL D 203 12.40 3.33 -37.90
CA VAL D 203 12.04 1.95 -37.56
C VAL D 203 11.38 1.27 -38.75
N ARG D 204 10.49 1.99 -39.45
CA ARG D 204 9.82 1.44 -40.62
C ARG D 204 10.82 1.09 -41.71
N SER D 205 11.81 1.94 -41.94
CA SER D 205 12.82 1.68 -42.97
C SER D 205 13.67 0.46 -42.61
N ILE D 206 14.14 0.40 -41.36
CA ILE D 206 14.91 -0.77 -40.92
C ILE D 206 14.07 -2.02 -41.06
N ARG D 207 12.81 -1.95 -40.63
CA ARG D 207 11.93 -3.12 -40.65
C ARG D 207 11.73 -3.66 -42.06
N GLN D 208 11.58 -2.77 -43.05
CA GLN D 208 11.40 -3.22 -44.43
C GLN D 208 12.64 -3.93 -44.95
N ALA D 209 13.82 -3.52 -44.49
CA ALA D 209 15.06 -4.11 -44.99
C ALA D 209 15.44 -5.40 -44.28
N VAL D 210 15.04 -5.58 -43.02
CA VAL D 210 15.43 -6.78 -42.27
C VAL D 210 14.30 -7.79 -42.12
N GLY D 211 13.06 -7.40 -42.39
CA GLY D 211 11.95 -8.33 -42.26
C GLY D 211 11.44 -8.42 -40.84
N ASP D 212 10.39 -9.23 -40.67
CA ASP D 212 9.70 -9.30 -39.38
C ASP D 212 10.41 -10.17 -38.37
N ASP D 213 11.20 -11.16 -38.82
CA ASP D 213 11.90 -12.06 -37.91
C ASP D 213 13.28 -11.48 -37.57
N PHE D 214 13.25 -10.40 -36.81
CA PHE D 214 14.46 -9.60 -36.57
C PHE D 214 14.16 -8.60 -35.46
N GLY D 215 15.10 -8.46 -34.54
CA GLY D 215 14.90 -7.54 -33.43
C GLY D 215 15.29 -6.13 -33.80
N ILE D 216 14.49 -5.18 -33.34
CA ILE D 216 14.79 -3.76 -33.46
C ILE D 216 14.56 -3.17 -32.06
N MET D 217 15.64 -2.97 -31.31
CA MET D 217 15.62 -2.27 -30.03
C MET D 217 15.80 -0.78 -30.30
N VAL D 218 15.10 0.06 -29.53
CA VAL D 218 15.19 1.50 -29.72
C VAL D 218 15.54 2.18 -28.41
N ASP D 219 16.35 3.25 -28.50
CA ASP D 219 16.98 3.86 -27.33
C ASP D 219 16.77 5.37 -27.40
N TYR D 220 16.10 5.93 -26.38
CA TYR D 220 15.82 7.36 -26.32
C TYR D 220 16.86 8.16 -25.55
N ASN D 221 17.75 7.51 -24.79
CA ASN D 221 18.77 8.19 -24.00
C ASN D 221 18.20 9.33 -23.15
N GLN D 222 17.14 9.04 -22.40
CA GLN D 222 16.58 9.92 -21.39
C GLN D 222 15.97 11.19 -21.96
N SER D 223 15.64 11.21 -23.25
CA SER D 223 15.34 12.48 -23.90
C SER D 223 13.88 12.92 -23.81
N LEU D 224 12.98 12.08 -23.30
CA LEU D 224 11.56 12.42 -23.25
C LEU D 224 11.10 12.63 -21.81
N ASP D 225 10.11 13.51 -21.64
CA ASP D 225 9.36 13.52 -20.39
C ASP D 225 8.35 12.38 -20.42
N VAL D 226 7.71 12.13 -19.28
CA VAL D 226 6.85 10.95 -19.14
C VAL D 226 5.68 10.98 -20.12
N PRO D 227 4.92 12.08 -20.25
CA PRO D 227 3.86 12.09 -21.26
C PRO D 227 4.36 11.95 -22.69
N ALA D 228 5.44 12.63 -23.09
CA ALA D 228 5.98 12.41 -24.42
C ALA D 228 6.39 10.96 -24.60
N ALA D 229 6.95 10.34 -23.56
CA ALA D 229 7.41 8.97 -23.67
C ALA D 229 6.24 8.00 -23.77
N ILE D 230 5.12 8.30 -23.10
CA ILE D 230 3.93 7.45 -23.27
C ILE D 230 3.43 7.54 -24.71
N LYS D 231 3.39 8.76 -25.26
CA LYS D 231 2.87 8.97 -26.62
C LYS D 231 3.76 8.30 -27.67
N ARG D 232 5.05 8.64 -27.65
CA ARG D 232 5.97 8.04 -28.61
C ARG D 232 6.02 6.53 -28.47
N SER D 233 6.06 6.02 -27.23
CA SER D 233 6.27 4.58 -27.02
C SER D 233 5.07 3.78 -27.47
N GLN D 234 3.86 4.31 -27.28
CA GLN D 234 2.69 3.61 -27.77
C GLN D 234 2.68 3.56 -29.30
N ALA D 235 3.21 4.60 -29.95
CA ALA D 235 3.31 4.61 -31.41
C ALA D 235 4.38 3.62 -31.89
N LEU D 236 5.52 3.56 -31.20
CA LEU D 236 6.54 2.58 -31.55
C LEU D 236 6.06 1.17 -31.28
N GLN D 237 5.28 0.99 -30.22
CA GLN D 237 4.70 -0.31 -29.90
C GLN D 237 3.81 -0.82 -31.03
N GLN D 238 3.01 0.07 -31.61
CA GLN D 238 2.16 -0.28 -32.74
C GLN D 238 2.98 -0.64 -33.98
N GLU D 239 4.11 0.04 -34.19
CA GLU D 239 5.00 -0.33 -35.28
C GLU D 239 5.58 -1.72 -35.04
N GLY D 240 6.04 -1.99 -33.82
CA GLY D 240 6.63 -3.27 -33.48
C GLY D 240 8.12 -3.12 -33.25
N VAL D 241 8.50 -3.03 -31.98
CA VAL D 241 9.90 -2.92 -31.60
C VAL D 241 10.14 -3.95 -30.51
N THR D 242 11.42 -4.23 -30.26
CA THR D 242 11.81 -5.29 -29.33
C THR D 242 11.84 -4.80 -27.88
N TRP D 243 12.32 -3.58 -27.65
CA TRP D 243 12.20 -2.96 -26.34
C TRP D 243 12.37 -1.45 -26.52
N ILE D 244 11.96 -0.69 -25.50
CA ILE D 244 12.13 0.76 -25.47
C ILE D 244 13.00 1.11 -24.28
N GLU D 245 14.18 1.66 -24.55
CA GLU D 245 15.24 1.81 -23.59
C GLU D 245 15.35 3.27 -23.14
N GLU D 246 15.52 3.47 -21.82
CA GLU D 246 15.69 4.78 -21.18
C GLU D 246 14.83 5.89 -21.80
N PRO D 247 13.49 5.76 -21.78
CA PRO D 247 12.66 6.84 -22.30
C PRO D 247 12.86 8.18 -21.61
N THR D 248 13.16 8.20 -20.31
CA THR D 248 13.23 9.46 -19.58
C THR D 248 14.44 9.45 -18.63
N LEU D 249 14.48 10.41 -17.71
CA LEU D 249 15.62 10.61 -16.84
C LEU D 249 15.98 9.31 -16.14
N GLN D 250 17.26 8.94 -16.21
CA GLN D 250 17.66 7.61 -15.78
C GLN D 250 17.39 7.39 -14.30
N HIS D 251 17.50 8.46 -13.49
CA HIS D 251 17.26 8.29 -12.05
C HIS D 251 15.77 8.27 -11.71
N ASP D 252 14.88 8.60 -12.66
CA ASP D 252 13.46 8.71 -12.37
C ASP D 252 12.85 7.32 -12.52
N TYR D 253 13.03 6.50 -11.48
CA TYR D 253 12.48 5.15 -11.51
C TYR D 253 10.95 5.17 -11.48
N GLU D 254 10.36 6.08 -10.71
CA GLU D 254 8.90 6.19 -10.69
CA GLU D 254 8.90 6.16 -10.69
C GLU D 254 8.35 6.57 -12.05
N GLY D 255 9.03 7.49 -12.75
CA GLY D 255 8.56 7.89 -14.06
C GLY D 255 8.64 6.76 -15.07
N HIS D 256 9.72 5.97 -15.03
CA HIS D 256 9.80 4.80 -15.90
C HIS D 256 8.68 3.81 -15.57
N GLN D 257 8.36 3.65 -14.29
CA GLN D 257 7.22 2.80 -13.91
C GLN D 257 5.93 3.29 -14.54
N ARG D 258 5.66 4.61 -14.47
CA ARG D 258 4.47 5.16 -15.10
CA ARG D 258 4.47 5.17 -15.10
C ARG D 258 4.45 4.89 -16.59
N ILE D 259 5.60 5.07 -17.27
CA ILE D 259 5.68 4.77 -18.69
C ILE D 259 5.41 3.29 -18.94
N GLN D 260 6.07 2.42 -18.17
CA GLN D 260 5.90 1.00 -18.39
C GLN D 260 4.46 0.57 -18.14
N SER D 261 3.76 1.23 -17.20
CA SER D 261 2.39 0.85 -16.91
C SER D 261 1.47 1.06 -18.09
N LYS D 262 1.86 1.88 -19.05
CA LYS D 262 1.04 2.15 -20.23
C LYS D 262 1.47 1.35 -21.46
N LEU D 263 2.36 0.38 -21.31
CA LEU D 263 2.92 -0.31 -22.47
C LEU D 263 2.86 -1.84 -22.30
N ASN D 264 2.69 -2.52 -23.43
CA ASN D 264 2.92 -3.96 -23.50
C ASN D 264 4.39 -4.26 -23.78
N VAL D 265 4.99 -3.55 -24.72
CA VAL D 265 6.42 -3.66 -25.03
C VAL D 265 7.22 -3.40 -23.76
N PRO D 266 8.33 -4.09 -23.54
CA PRO D 266 9.09 -3.87 -22.30
C PRO D 266 9.93 -2.61 -22.32
N VAL D 267 9.88 -1.90 -21.20
CA VAL D 267 10.84 -0.82 -20.97
C VAL D 267 12.15 -1.44 -20.51
N GLN D 268 13.24 -0.94 -21.06
CA GLN D 268 14.60 -1.39 -20.82
C GLN D 268 15.40 -0.25 -20.19
N MET D 269 16.19 -0.57 -19.17
CA MET D 269 17.08 0.42 -18.57
C MET D 269 18.17 -0.31 -17.82
N GLY D 270 19.16 0.45 -17.34
CA GLY D 270 20.17 -0.12 -16.46
C GLY D 270 21.59 0.31 -16.70
N GLU D 271 21.86 0.89 -17.88
CA GLU D 271 23.25 1.24 -18.17
C GLU D 271 23.78 2.32 -17.25
N ASN D 272 22.90 3.03 -16.54
CA ASN D 272 23.32 4.12 -15.67
C ASN D 272 23.23 3.78 -14.19
N TRP D 273 22.74 2.60 -13.82
CA TRP D 273 22.77 2.17 -12.43
C TRP D 273 24.20 2.12 -11.91
N LEU D 274 24.47 2.93 -10.90
CA LEU D 274 25.77 2.92 -10.22
C LEU D 274 25.65 2.01 -9.01
N GLY D 275 26.01 0.74 -9.19
CA GLY D 275 25.96 -0.26 -8.13
C GLY D 275 24.65 -1.03 -8.14
N PRO D 276 24.67 -2.27 -7.64
CA PRO D 276 23.42 -3.05 -7.58
C PRO D 276 22.38 -2.42 -6.66
N GLU D 277 22.78 -1.51 -5.76
CA GLU D 277 21.80 -0.86 -4.88
C GLU D 277 20.88 0.05 -5.67
N GLU D 278 21.37 0.65 -6.75
CA GLU D 278 20.47 1.43 -7.58
CA GLU D 278 20.48 1.44 -7.60
C GLU D 278 19.58 0.52 -8.42
N MET D 279 20.11 -0.61 -8.88
CA MET D 279 19.25 -1.57 -9.56
C MET D 279 18.14 -2.04 -8.63
N PHE D 280 18.47 -2.25 -7.35
CA PHE D 280 17.51 -2.76 -6.41
C PHE D 280 16.34 -1.78 -6.23
N LYS D 281 16.64 -0.49 -6.19
CA LYS D 281 15.63 0.53 -6.04
C LYS D 281 14.69 0.55 -7.24
N ALA D 282 15.26 0.47 -8.44
CA ALA D 282 14.44 0.53 -9.65
C ALA D 282 13.58 -0.73 -9.81
N LEU D 283 14.17 -1.89 -9.56
CA LEU D 283 13.38 -3.12 -9.65
C LEU D 283 12.31 -3.16 -8.58
N SER D 284 12.60 -2.64 -7.39
CA SER D 284 11.63 -2.68 -6.29
C SER D 284 10.37 -1.88 -6.63
N ILE D 285 10.48 -0.83 -7.43
CA ILE D 285 9.27 -0.07 -7.75
C ILE D 285 8.73 -0.41 -9.13
N GLY D 286 9.37 -1.33 -9.85
CA GLY D 286 8.80 -1.78 -11.12
C GLY D 286 9.09 -0.87 -12.28
N ALA D 287 10.29 -0.30 -12.35
CA ALA D 287 10.55 0.73 -13.35
C ALA D 287 10.65 0.16 -14.76
N CYS D 288 10.91 -1.14 -14.89
CA CYS D 288 11.28 -1.73 -16.16
C CYS D 288 11.02 -3.22 -16.11
N ARG D 289 10.69 -3.80 -17.26
CA ARG D 289 10.56 -5.26 -17.33
C ARG D 289 11.80 -5.94 -17.89
N LEU D 290 12.79 -5.17 -18.32
CA LEU D 290 14.08 -5.70 -18.71
C LEU D 290 15.15 -4.88 -18.01
N ALA D 291 16.33 -5.48 -17.84
CA ALA D 291 17.46 -4.78 -17.25
C ALA D 291 18.70 -5.01 -18.10
N MET D 292 19.59 -4.02 -18.14
CA MET D 292 20.87 -4.14 -18.84
C MET D 292 21.96 -3.41 -18.07
N PRO D 293 22.48 -4.03 -17.01
CA PRO D 293 23.57 -3.39 -16.26
C PRO D 293 24.84 -3.24 -17.09
N ASP D 294 25.61 -2.22 -16.74
CA ASP D 294 26.87 -1.87 -17.38
C ASP D 294 28.00 -2.40 -16.50
N ALA D 295 28.86 -3.25 -17.05
CA ALA D 295 29.87 -3.93 -16.24
C ALA D 295 30.65 -2.94 -15.38
N MET D 296 30.94 -1.74 -15.90
CA MET D 296 31.62 -0.72 -15.12
C MET D 296 30.72 -0.13 -14.05
N LYS D 297 29.60 0.44 -14.45
CA LYS D 297 28.86 1.24 -13.47
C LYS D 297 28.20 0.38 -12.41
N ILE D 298 27.88 -0.89 -12.74
CA ILE D 298 27.28 -1.78 -11.75
C ILE D 298 28.28 -2.21 -10.69
N GLY D 299 29.57 -1.97 -10.91
CA GLY D 299 30.58 -2.39 -9.98
C GLY D 299 31.49 -3.54 -10.43
N GLY D 300 31.66 -3.75 -11.73
CA GLY D 300 32.59 -4.77 -12.21
C GLY D 300 31.98 -6.14 -12.05
N VAL D 301 32.85 -7.17 -11.99
CA VAL D 301 32.38 -8.55 -11.86
C VAL D 301 31.63 -8.72 -10.54
N THR D 302 32.21 -8.22 -9.45
CA THR D 302 31.59 -8.38 -8.13
C THR D 302 30.19 -7.76 -8.11
N GLY D 303 30.05 -6.56 -8.67
CA GLY D 303 28.74 -5.94 -8.76
C GLY D 303 27.82 -6.69 -9.71
N TRP D 304 28.37 -7.15 -10.83
CA TRP D 304 27.56 -7.92 -11.78
C TRP D 304 26.95 -9.15 -11.11
N ILE D 305 27.74 -9.86 -10.32
CA ILE D 305 27.23 -11.09 -9.70
C ILE D 305 26.04 -10.76 -8.82
N ARG D 306 26.13 -9.66 -8.08
CA ARG D 306 25.02 -9.27 -7.22
C ARG D 306 23.81 -8.82 -8.04
N ALA D 307 24.03 -8.02 -9.07
CA ALA D 307 22.96 -7.64 -9.99
C ALA D 307 22.24 -8.87 -10.55
N SER D 308 22.99 -9.91 -10.89
CA SER D 308 22.33 -11.04 -11.54
C SER D 308 21.48 -11.82 -10.55
N ALA D 309 21.89 -11.84 -9.27
CA ALA D 309 21.06 -12.44 -8.24
C ALA D 309 19.75 -11.68 -8.08
N LEU D 310 19.78 -10.35 -8.17
CA LEU D 310 18.55 -9.57 -8.07
C LEU D 310 17.65 -9.81 -9.28
N ALA D 311 18.21 -9.72 -10.49
CA ALA D 311 17.37 -9.89 -11.67
C ALA D 311 16.69 -11.24 -11.66
N GLN D 312 17.36 -12.26 -11.13
CA GLN D 312 16.75 -13.60 -11.06
C GLN D 312 15.54 -13.59 -10.13
N GLN D 313 15.68 -13.00 -8.94
CA GLN D 313 14.57 -13.01 -7.98
C GLN D 313 13.41 -12.11 -8.40
N PHE D 314 13.71 -10.98 -9.05
CA PHE D 314 12.69 -10.09 -9.60
C PHE D 314 12.14 -10.56 -10.95
N GLY D 315 12.71 -11.60 -11.55
CA GLY D 315 12.19 -12.16 -12.79
C GLY D 315 12.40 -11.24 -13.97
N ILE D 316 13.62 -10.72 -14.09
CA ILE D 316 13.98 -9.72 -15.10
C ILE D 316 15.02 -10.34 -16.03
N PRO D 317 14.73 -10.51 -17.32
CA PRO D 317 15.79 -10.89 -18.26
C PRO D 317 16.87 -9.82 -18.29
N MET D 318 18.12 -10.24 -18.18
CA MET D 318 19.23 -9.32 -17.95
C MET D 318 20.19 -9.34 -19.13
N SER D 319 20.44 -8.18 -19.72
CA SER D 319 21.34 -7.97 -20.84
C SER D 319 22.56 -7.18 -20.38
N SER D 320 23.52 -7.01 -21.27
CA SER D 320 24.70 -6.21 -20.94
C SER D 320 24.67 -4.84 -21.61
N HIS D 321 25.47 -3.92 -21.08
CA HIS D 321 25.70 -2.63 -21.72
C HIS D 321 27.20 -2.43 -21.88
N LEU D 322 27.65 -2.27 -23.13
CA LEU D 322 29.07 -2.14 -23.46
C LEU D 322 29.93 -3.25 -22.83
N PHE D 323 31.25 -3.05 -22.81
CA PHE D 323 32.21 -4.00 -22.22
C PHE D 323 31.96 -5.43 -22.70
N GLN D 324 31.86 -5.58 -24.02
CA GLN D 324 31.47 -6.86 -24.60
C GLN D 324 32.49 -7.95 -24.28
N GLU D 325 33.77 -7.59 -24.14
CA GLU D 325 34.79 -8.59 -23.84
C GLU D 325 34.49 -9.30 -22.52
N ILE D 326 34.28 -8.53 -21.45
CA ILE D 326 33.98 -9.16 -20.16
C ILE D 326 32.52 -9.61 -20.08
N SER D 327 31.60 -8.93 -20.76
CA SER D 327 30.18 -9.27 -20.64
C SER D 327 29.86 -10.65 -21.20
N ALA D 328 30.66 -11.13 -22.16
CA ALA D 328 30.44 -12.48 -22.67
C ALA D 328 30.62 -13.51 -21.58
N HIS D 329 31.65 -13.35 -20.75
CA HIS D 329 31.82 -14.23 -19.59
C HIS D 329 30.66 -14.06 -18.62
N LEU D 330 30.35 -12.82 -18.27
CA LEU D 330 29.39 -12.57 -17.19
C LEU D 330 27.99 -13.09 -17.54
N LEU D 331 27.54 -12.84 -18.77
CA LEU D 331 26.21 -13.32 -19.17
C LEU D 331 26.14 -14.83 -19.13
N ALA D 332 27.25 -15.50 -19.46
CA ALA D 332 27.23 -16.97 -19.38
C ALA D 332 27.03 -17.46 -17.96
N ALA D 333 27.35 -16.67 -16.94
CA ALA D 333 27.05 -17.04 -15.55
C ALA D 333 25.78 -16.39 -15.02
N THR D 334 24.94 -15.83 -15.87
CA THR D 334 23.78 -15.08 -15.40
C THR D 334 22.50 -15.88 -15.63
N PRO D 335 21.74 -16.23 -14.59
CA PRO D 335 20.56 -17.08 -14.80
C PRO D 335 19.56 -16.53 -15.81
N THR D 336 19.37 -15.21 -15.87
CA THR D 336 18.39 -14.64 -16.77
C THR D 336 19.03 -13.93 -17.96
N ALA D 337 20.26 -14.31 -18.34
CA ALA D 337 20.95 -13.71 -19.47
C ALA D 337 20.04 -13.56 -20.67
N HIS D 338 20.03 -12.36 -21.27
CA HIS D 338 19.14 -12.02 -22.36
C HIS D 338 20.00 -11.76 -23.59
N TRP D 339 20.46 -10.53 -23.83
CA TRP D 339 21.26 -10.14 -24.98
C TRP D 339 22.62 -9.57 -24.57
N LEU D 340 23.61 -9.69 -25.45
CA LEU D 340 24.85 -8.95 -25.33
C LEU D 340 24.81 -7.76 -26.28
N GLU D 341 25.18 -6.57 -25.79
CA GLU D 341 25.32 -5.41 -26.66
C GLU D 341 26.68 -5.45 -27.33
N ARG D 342 26.66 -5.50 -28.65
CA ARG D 342 27.89 -5.48 -29.43
C ARG D 342 28.14 -4.03 -29.85
N LEU D 343 28.98 -3.35 -29.08
CA LEU D 343 29.49 -2.03 -29.44
C LEU D 343 30.97 -2.05 -29.10
N ASP D 344 31.80 -2.12 -30.13
CA ASP D 344 33.23 -2.42 -29.95
C ASP D 344 34.00 -1.11 -29.74
N LEU D 345 33.75 -0.49 -28.58
CA LEU D 345 34.40 0.78 -28.23
C LEU D 345 35.91 0.66 -28.17
N ALA D 346 36.43 -0.51 -27.77
CA ALA D 346 37.85 -0.68 -27.50
C ALA D 346 38.56 -1.53 -28.55
N GLY D 347 37.90 -1.81 -29.68
CA GLY D 347 38.48 -2.70 -30.67
C GLY D 347 39.81 -2.22 -31.24
N SER D 348 40.00 -0.90 -31.32
CA SER D 348 41.24 -0.35 -31.85
C SER D 348 42.43 -0.55 -30.91
N VAL D 349 42.20 -0.91 -29.64
CA VAL D 349 43.29 -1.14 -28.70
C VAL D 349 43.29 -2.54 -28.10
N ILE D 350 42.33 -3.38 -28.45
CA ILE D 350 42.22 -4.72 -27.88
C ILE D 350 42.14 -5.73 -29.03
N GLU D 351 42.93 -6.81 -28.93
CA GLU D 351 42.92 -7.82 -29.98
C GLU D 351 41.54 -8.47 -30.05
N PRO D 352 41.03 -8.76 -31.26
CA PRO D 352 39.68 -9.32 -31.41
C PRO D 352 39.63 -10.81 -31.09
N THR D 353 39.91 -11.15 -29.83
CA THR D 353 39.80 -12.55 -29.43
C THR D 353 38.36 -12.96 -29.21
N LEU D 354 37.51 -12.02 -28.80
CA LEU D 354 36.07 -12.26 -28.80
C LEU D 354 35.57 -12.30 -30.24
N THR D 355 34.88 -13.38 -30.60
CA THR D 355 34.37 -13.53 -31.94
C THR D 355 32.85 -13.74 -31.92
N PHE D 356 32.25 -13.62 -33.09
CA PHE D 356 30.81 -13.75 -33.27
C PHE D 356 30.51 -14.79 -34.35
N GLU D 357 29.67 -15.75 -34.01
CA GLU D 357 29.30 -16.82 -34.92
C GLU D 357 27.79 -16.92 -34.96
N GLY D 358 27.19 -16.61 -36.10
CA GLY D 358 25.75 -16.64 -36.20
C GLY D 358 25.08 -15.64 -35.31
N GLY D 359 25.75 -14.54 -34.99
CA GLY D 359 25.22 -13.49 -34.13
C GLY D 359 25.50 -13.68 -32.66
N ASN D 360 26.06 -14.82 -32.27
CA ASN D 360 26.35 -15.13 -30.88
C ASN D 360 27.80 -14.78 -30.57
N ALA D 361 28.03 -14.08 -29.46
CA ALA D 361 29.39 -13.88 -28.99
C ALA D 361 29.97 -15.20 -28.49
N VAL D 362 31.23 -15.45 -28.83
CA VAL D 362 31.91 -16.68 -28.45
C VAL D 362 33.10 -16.30 -27.57
N ILE D 363 33.09 -16.77 -26.33
CA ILE D 363 34.15 -16.48 -25.36
C ILE D 363 35.45 -17.13 -25.84
N PRO D 364 36.57 -16.40 -25.87
CA PRO D 364 37.83 -17.02 -26.30
C PRO D 364 38.40 -17.97 -25.25
N ASP D 365 39.12 -18.99 -25.73
CA ASP D 365 39.75 -19.94 -24.82
C ASP D 365 41.05 -19.32 -24.30
N LEU D 366 40.90 -18.37 -23.39
CA LEU D 366 42.02 -17.64 -22.81
C LEU D 366 41.78 -17.50 -21.33
N PRO D 367 42.84 -17.39 -20.53
CA PRO D 367 42.65 -17.22 -19.08
C PRO D 367 42.11 -15.84 -18.76
N GLY D 368 41.28 -15.79 -17.72
CA GLY D 368 40.71 -14.51 -17.35
C GLY D 368 39.73 -14.03 -18.39
N VAL D 369 39.79 -12.73 -18.69
CA VAL D 369 38.77 -12.12 -19.55
C VAL D 369 39.08 -12.37 -21.02
N GLY D 370 40.35 -12.51 -21.38
CA GLY D 370 40.74 -12.65 -22.77
C GLY D 370 41.20 -11.37 -23.44
N ILE D 371 41.55 -10.34 -22.66
CA ILE D 371 41.95 -9.05 -23.21
C ILE D 371 43.46 -9.04 -23.47
N ILE D 372 43.84 -8.69 -24.68
CA ILE D 372 45.24 -8.55 -25.09
C ILE D 372 45.40 -7.18 -25.71
N TRP D 373 46.23 -6.33 -25.10
CA TRP D 373 46.42 -4.97 -25.61
C TRP D 373 47.08 -4.98 -26.98
N ARG D 374 46.62 -4.10 -27.86
CA ARG D 374 47.34 -3.83 -29.11
C ARG D 374 48.33 -2.72 -28.83
N GLU D 375 49.51 -3.11 -28.33
CA GLU D 375 50.45 -2.16 -27.78
C GLU D 375 51.04 -1.21 -28.83
N LYS D 376 50.98 -1.57 -30.11
CA LYS D 376 51.37 -0.59 -31.14
C LYS D 376 50.30 0.48 -31.34
N GLU D 377 49.03 0.12 -31.18
CA GLU D 377 47.97 1.08 -31.47
C GLU D 377 47.76 2.06 -30.33
N ILE D 378 48.04 1.64 -29.10
CA ILE D 378 47.73 2.47 -27.94
C ILE D 378 48.49 3.79 -28.00
N GLY D 379 49.76 3.74 -28.41
CA GLY D 379 50.55 4.96 -28.51
C GLY D 379 49.93 6.02 -29.40
N LYS D 380 49.23 5.60 -30.45
CA LYS D 380 48.61 6.56 -31.36
C LYS D 380 47.53 7.40 -30.69
N TYR D 381 46.96 6.92 -29.58
CA TYR D 381 45.76 7.57 -29.02
C TYR D 381 45.96 8.14 -27.63
N LEU D 382 47.17 8.08 -27.08
CA LEU D 382 47.41 8.59 -25.73
C LEU D 382 47.08 10.08 -25.63
N VAL D 383 46.56 10.47 -24.47
CA VAL D 383 46.11 11.84 -24.23
C VAL D 383 47.24 12.69 -23.63
N SER E 26 42.19 -27.23 -19.68
CA SER E 26 41.57 -28.56 -19.75
C SER E 26 40.20 -28.59 -19.05
N GLU E 27 39.26 -29.29 -19.66
CA GLU E 27 37.92 -29.45 -19.10
C GLU E 27 37.93 -30.54 -18.03
N VAL E 28 37.24 -30.28 -16.92
CA VAL E 28 37.14 -31.24 -15.83
C VAL E 28 35.71 -31.75 -15.79
N LEU E 29 35.55 -33.08 -15.75
CA LEU E 29 34.27 -33.74 -15.75
C LEU E 29 34.03 -34.46 -14.42
N ILE E 30 32.76 -34.56 -14.05
CA ILE E 30 32.34 -35.41 -12.94
C ILE E 30 32.36 -36.86 -13.39
N THR E 31 33.04 -37.72 -12.64
CA THR E 31 33.21 -39.10 -13.06
C THR E 31 32.57 -40.09 -12.12
N GLY E 32 31.98 -39.63 -11.01
CA GLY E 32 31.28 -40.55 -10.13
C GLY E 32 30.62 -39.79 -8.99
N LEU E 33 29.60 -40.41 -8.42
CA LEU E 33 28.95 -39.88 -7.23
C LEU E 33 28.74 -41.05 -6.29
N ARG E 34 29.32 -40.97 -5.10
CA ARG E 34 29.13 -41.99 -4.08
C ARG E 34 28.47 -41.35 -2.88
N THR E 35 27.49 -42.05 -2.30
CA THR E 35 26.82 -41.58 -1.09
C THR E 35 26.87 -42.64 -0.01
N ARG E 36 26.98 -42.19 1.24
CA ARG E 36 26.95 -43.06 2.41
C ARG E 36 25.98 -42.50 3.43
N ALA E 37 24.94 -43.26 3.78
CA ALA E 37 24.01 -42.84 4.82
C ALA E 37 24.55 -43.28 6.17
N VAL E 38 24.70 -42.33 7.09
CA VAL E 38 25.14 -42.63 8.44
C VAL E 38 24.14 -42.06 9.43
N ASN E 39 24.10 -42.69 10.61
CA ASN E 39 23.26 -42.25 11.72
C ASN E 39 24.22 -42.09 12.90
N VAL E 40 24.57 -40.85 13.21
CA VAL E 40 25.79 -40.57 13.97
C VAL E 40 25.49 -40.11 15.40
N PRO E 41 26.32 -40.50 16.38
CA PRO E 41 26.08 -40.07 17.76
C PRO E 41 26.28 -38.57 17.96
N LEU E 42 25.48 -38.05 18.88
CA LEU E 42 25.64 -36.71 19.41
C LEU E 42 25.92 -36.82 20.90
N ALA E 43 27.00 -36.19 21.34
CA ALA E 43 27.26 -36.03 22.78
C ALA E 43 26.03 -35.50 23.52
N TYR E 44 25.32 -34.56 22.91
CA TYR E 44 24.10 -34.02 23.50
C TYR E 44 22.99 -34.10 22.46
N PRO E 45 21.91 -34.84 22.73
CA PRO E 45 20.76 -34.83 21.82
C PRO E 45 20.23 -33.41 21.62
N VAL E 46 19.77 -33.13 20.41
CA VAL E 46 19.19 -31.83 20.10
C VAL E 46 17.72 -31.91 20.48
N HIS E 47 17.42 -31.65 21.75
CA HIS E 47 16.04 -31.46 22.15
C HIS E 47 15.50 -30.14 21.56
N THR E 48 14.26 -30.16 21.07
CA THR E 48 13.58 -28.96 20.61
C THR E 48 12.14 -28.93 21.13
N ALA E 49 11.50 -27.78 20.99
CA ALA E 49 10.09 -27.69 21.39
C ALA E 49 9.17 -28.62 20.60
N VAL E 50 9.59 -29.09 19.43
CA VAL E 50 8.73 -29.95 18.62
C VAL E 50 9.27 -31.37 18.54
N GLY E 51 10.20 -31.76 19.41
CA GLY E 51 10.71 -33.12 19.42
C GLY E 51 12.22 -33.15 19.48
N THR E 52 12.74 -34.35 19.70
CA THR E 52 14.16 -34.54 19.93
C THR E 52 14.85 -35.17 18.72
N VAL E 53 15.95 -34.56 18.30
CA VAL E 53 16.91 -35.14 17.37
C VAL E 53 18.01 -35.76 18.21
N GLY E 54 17.94 -37.07 18.44
CA GLY E 54 18.91 -37.75 19.27
C GLY E 54 20.18 -38.20 18.58
N THR E 55 20.09 -38.52 17.29
CA THR E 55 21.27 -38.81 16.49
C THR E 55 21.24 -37.95 15.25
N ALA E 56 22.37 -37.91 14.54
CA ALA E 56 22.44 -37.10 13.34
C ALA E 56 22.36 -38.01 12.11
N PRO E 57 21.23 -38.07 11.42
CA PRO E 57 21.19 -38.82 10.15
C PRO E 57 21.78 -37.97 9.04
N LEU E 58 22.95 -38.37 8.55
CA LEU E 58 23.65 -37.66 7.49
C LEU E 58 23.82 -38.53 6.24
N VAL E 59 23.92 -37.86 5.10
CA VAL E 59 24.34 -38.50 3.85
C VAL E 59 25.67 -37.87 3.46
N LEU E 60 26.74 -38.67 3.45
CA LEU E 60 28.05 -38.17 3.08
C LEU E 60 28.24 -38.34 1.57
N ILE E 61 28.77 -37.30 0.91
CA ILE E 61 28.79 -37.25 -0.56
C ILE E 61 30.22 -37.20 -1.05
N ASP E 62 30.58 -38.08 -1.99
CA ASP E 62 31.88 -38.06 -2.65
C ASP E 62 31.71 -37.86 -4.15
N LEU E 63 32.25 -36.76 -4.67
CA LEU E 63 32.11 -36.40 -6.08
C LEU E 63 33.46 -36.57 -6.77
N ALA E 64 33.67 -37.72 -7.42
CA ALA E 64 34.92 -37.96 -8.11
C ALA E 64 34.98 -37.18 -9.42
N THR E 65 36.19 -36.86 -9.86
CA THR E 65 36.36 -36.01 -11.03
C THR E 65 37.47 -36.52 -11.94
N SER E 66 37.42 -36.08 -13.19
CA SER E 66 38.49 -36.41 -14.13
C SER E 66 39.80 -35.71 -13.81
N ALA E 67 39.82 -34.76 -12.88
CA ALA E 67 41.07 -34.20 -12.38
C ALA E 67 41.65 -35.04 -11.27
N GLY E 68 40.98 -36.12 -10.86
CA GLY E 68 41.46 -37.00 -9.80
C GLY E 68 40.98 -36.58 -8.42
N VAL E 69 40.88 -35.27 -8.18
CA VAL E 69 40.40 -34.79 -6.90
C VAL E 69 38.94 -35.21 -6.71
N VAL E 70 38.53 -35.31 -5.44
CA VAL E 70 37.21 -35.79 -5.03
C VAL E 70 36.56 -34.67 -4.21
N GLY E 71 35.36 -34.25 -4.61
CA GLY E 71 34.63 -33.24 -3.82
C GLY E 71 33.86 -33.90 -2.68
N HIS E 72 33.91 -33.29 -1.51
CA HIS E 72 33.22 -33.83 -0.34
C HIS E 72 32.14 -32.86 0.13
N SER E 73 31.03 -33.43 0.59
CA SER E 73 29.96 -32.66 1.24
C SER E 73 29.12 -33.63 2.04
N TYR E 74 28.19 -33.09 2.83
CA TYR E 74 27.23 -33.96 3.48
C TYR E 74 25.92 -33.21 3.64
N LEU E 75 24.85 -33.98 3.79
CA LEU E 75 23.50 -33.47 3.99
C LEU E 75 22.99 -33.92 5.36
N PHE E 76 22.08 -33.13 5.94
CA PHE E 76 21.47 -33.46 7.22
C PHE E 76 19.99 -33.78 6.97
N ALA E 77 19.57 -35.00 7.33
CA ALA E 77 18.21 -35.42 7.01
C ALA E 77 17.19 -35.10 8.09
N TYR E 78 17.64 -34.62 9.26
CA TYR E 78 16.77 -34.16 10.34
C TYR E 78 16.13 -35.33 11.06
N THR E 79 15.52 -36.24 10.32
CA THR E 79 14.93 -37.43 10.92
C THR E 79 15.39 -38.69 10.19
N PRO E 80 15.65 -39.75 10.92
CA PRO E 80 15.95 -41.05 10.29
C PRO E 80 14.89 -41.49 9.29
N VAL E 81 13.65 -41.01 9.45
CA VAL E 81 12.57 -41.35 8.55
C VAL E 81 12.90 -40.95 7.12
N ALA E 82 13.61 -39.83 6.92
CA ALA E 82 13.93 -39.35 5.58
C ALA E 82 15.31 -39.78 5.09
N LEU E 83 16.11 -40.44 5.93
CA LEU E 83 17.52 -40.70 5.59
C LEU E 83 17.66 -41.59 4.35
N LYS E 84 17.09 -42.79 4.39
CA LYS E 84 17.24 -43.71 3.25
C LYS E 84 16.63 -43.14 1.99
N SER E 85 15.52 -42.41 2.11
CA SER E 85 14.91 -41.79 0.94
C SER E 85 15.83 -40.75 0.32
N LEU E 86 16.53 -40.00 1.15
CA LEU E 86 17.44 -38.99 0.62
C LEU E 86 18.62 -39.62 -0.09
N LYS E 87 19.19 -40.69 0.49
CA LYS E 87 20.28 -41.39 -0.20
C LYS E 87 19.81 -41.97 -1.52
N GLN E 88 18.62 -42.60 -1.53
CA GLN E 88 18.09 -43.18 -2.75
C GLN E 88 17.91 -42.14 -3.85
N LEU E 89 17.30 -41.01 -3.49
CA LEU E 89 17.15 -39.92 -4.44
C LEU E 89 18.50 -39.50 -5.02
N LEU E 90 19.49 -39.29 -4.16
CA LEU E 90 20.81 -38.89 -4.64
C LEU E 90 21.42 -39.92 -5.56
N ASP E 91 21.24 -41.20 -5.24
CA ASP E 91 21.82 -42.23 -6.11
C ASP E 91 21.15 -42.24 -7.47
N ASP E 92 19.84 -41.99 -7.50
CA ASP E 92 19.14 -41.95 -8.77
C ASP E 92 19.40 -40.65 -9.52
N MET E 93 19.87 -39.60 -8.82
CA MET E 93 20.24 -38.36 -9.49
C MET E 93 21.61 -38.43 -10.13
N ALA E 94 22.44 -39.40 -9.69
CA ALA E 94 23.81 -39.52 -10.19
C ALA E 94 23.87 -39.48 -11.71
N ALA E 95 22.93 -40.18 -12.36
CA ALA E 95 22.96 -40.26 -13.82
C ALA E 95 22.82 -38.89 -14.47
N MET E 96 22.21 -37.92 -13.79
CA MET E 96 22.08 -36.58 -14.35
C MET E 96 23.40 -35.80 -14.34
N ILE E 97 24.37 -36.16 -13.50
CA ILE E 97 25.52 -35.29 -13.33
C ILE E 97 26.82 -35.96 -13.76
N VAL E 98 26.88 -37.29 -13.72
CA VAL E 98 28.13 -37.95 -14.12
C VAL E 98 28.38 -37.68 -15.59
N ASN E 99 29.63 -37.35 -15.91
CA ASN E 99 30.15 -36.95 -17.22
CA ASN E 99 30.11 -36.97 -17.25
C ASN E 99 29.75 -35.54 -17.63
N GLU E 100 29.24 -34.75 -16.70
CA GLU E 100 29.02 -33.34 -16.96
C GLU E 100 30.24 -32.54 -16.50
N PRO E 101 30.46 -31.36 -17.10
CA PRO E 101 31.54 -30.48 -16.62
C PRO E 101 31.37 -30.14 -15.15
N LEU E 102 32.49 -29.87 -14.48
CA LEU E 102 32.47 -29.51 -13.06
C LEU E 102 32.25 -28.00 -12.98
N ALA E 103 31.03 -27.60 -13.32
CA ALA E 103 30.64 -26.20 -13.39
C ALA E 103 29.40 -26.08 -12.53
N PRO E 104 29.56 -25.79 -11.23
CA PRO E 104 28.41 -25.92 -10.32
C PRO E 104 27.24 -25.01 -10.67
N VAL E 105 27.51 -23.82 -11.23
CA VAL E 105 26.40 -22.92 -11.51
C VAL E 105 25.58 -23.46 -12.68
N SER E 106 26.25 -24.06 -13.68
CA SER E 106 25.50 -24.64 -14.79
C SER E 106 24.82 -25.94 -14.38
N LEU E 107 25.46 -26.74 -13.52
CA LEU E 107 24.80 -27.94 -13.00
C LEU E 107 23.53 -27.60 -12.26
N GLU E 108 23.57 -26.52 -11.45
CA GLU E 108 22.39 -26.12 -10.70
C GLU E 108 21.25 -25.70 -11.63
N ALA E 109 21.57 -24.93 -12.66
CA ALA E 109 20.52 -24.55 -13.61
C ALA E 109 19.89 -25.78 -14.24
N MET E 110 20.70 -26.81 -14.50
CA MET E 110 20.17 -28.02 -15.13
C MET E 110 19.25 -28.78 -14.19
N LEU E 111 19.64 -28.92 -12.92
CA LEU E 111 18.80 -29.62 -11.98
C LEU E 111 17.51 -28.86 -11.74
N ALA E 112 17.57 -27.53 -11.70
CA ALA E 112 16.38 -26.71 -11.55
C ALA E 112 15.38 -26.98 -12.66
N LYS E 113 15.86 -27.02 -13.90
CA LYS E 113 14.99 -27.28 -15.03
C LYS E 113 14.46 -28.71 -14.99
N ARG E 114 15.34 -29.68 -14.70
CA ARG E 114 14.92 -31.08 -14.78
C ARG E 114 13.85 -31.40 -13.75
N PHE E 115 13.84 -30.70 -12.61
CA PHE E 115 12.92 -30.98 -11.52
C PHE E 115 11.80 -29.94 -11.43
N CYS E 116 11.57 -29.16 -12.48
CA CYS E 116 10.58 -28.12 -12.37
C CYS E 116 9.15 -28.67 -12.34
N LEU E 117 8.92 -29.91 -12.80
CA LEU E 117 7.56 -30.45 -12.73
C LEU E 117 7.32 -31.19 -11.42
N ALA E 118 8.30 -32.00 -11.00
CA ALA E 118 8.19 -32.73 -9.74
C ALA E 118 8.19 -31.79 -8.54
N GLY E 119 8.85 -30.64 -8.64
CA GLY E 119 8.92 -29.73 -7.51
C GLY E 119 10.36 -29.57 -7.03
N TYR E 120 11.01 -28.47 -7.44
CA TYR E 120 12.42 -28.24 -7.11
C TYR E 120 12.53 -27.69 -5.69
N THR E 121 12.14 -28.51 -4.74
CA THR E 121 12.06 -28.08 -3.35
C THR E 121 12.21 -29.31 -2.47
N GLY E 122 12.21 -29.10 -1.17
CA GLY E 122 12.26 -30.22 -0.25
C GLY E 122 13.46 -31.10 -0.50
N LEU E 123 13.24 -32.42 -0.37
CA LEU E 123 14.31 -33.40 -0.48
C LEU E 123 15.06 -33.26 -1.80
N ILE E 124 14.34 -33.05 -2.90
CA ILE E 124 15.02 -32.91 -4.19
C ILE E 124 16.00 -31.73 -4.16
N ARG E 125 15.56 -30.59 -3.61
CA ARG E 125 16.41 -29.42 -3.56
C ARG E 125 17.61 -29.62 -2.65
N MET E 126 17.37 -30.25 -1.50
CA MET E 126 18.47 -30.58 -0.58
C MET E 126 19.48 -31.48 -1.26
N ALA E 127 19.00 -32.51 -1.99
CA ALA E 127 19.90 -33.37 -2.76
C ALA E 127 20.74 -32.56 -3.74
N ALA E 128 20.10 -31.63 -4.47
CA ALA E 128 20.83 -30.79 -5.42
C ALA E 128 21.88 -29.93 -4.74
N ALA E 129 21.56 -29.38 -3.56
CA ALA E 129 22.54 -28.60 -2.82
C ALA E 129 23.74 -29.44 -2.40
N GLY E 130 23.51 -30.69 -1.98
CA GLY E 130 24.63 -31.55 -1.60
C GLY E 130 25.58 -31.80 -2.76
N ILE E 131 25.03 -32.01 -3.95
CA ILE E 131 25.84 -32.03 -5.16
C ILE E 131 26.60 -30.71 -5.32
N ASP E 132 25.90 -29.59 -5.17
CA ASP E 132 26.54 -28.29 -5.38
C ASP E 132 27.68 -28.07 -4.40
N MET E 133 27.50 -28.41 -3.13
CA MET E 133 28.57 -28.22 -2.15
C MET E 133 29.76 -29.13 -2.46
N ALA E 134 29.51 -30.36 -2.89
CA ALA E 134 30.63 -31.22 -3.27
C ALA E 134 31.33 -30.70 -4.52
N ALA E 135 30.57 -30.19 -5.49
CA ALA E 135 31.16 -29.67 -6.72
C ALA E 135 32.05 -28.46 -6.47
N TRP E 136 31.60 -27.53 -5.61
CA TRP E 136 32.44 -26.38 -5.30
C TRP E 136 33.68 -26.80 -4.51
N ASP E 137 33.55 -27.75 -3.59
CA ASP E 137 34.73 -28.30 -2.94
C ASP E 137 35.71 -28.83 -3.99
N ALA E 138 35.20 -29.58 -4.95
CA ALA E 138 36.06 -30.17 -5.98
C ALA E 138 36.71 -29.09 -6.84
N LEU E 139 35.97 -28.03 -7.14
CA LEU E 139 36.53 -26.95 -7.95
C LEU E 139 37.65 -26.21 -7.20
N GLY E 140 37.50 -26.01 -5.89
CA GLY E 140 38.59 -25.45 -5.11
C GLY E 140 39.82 -26.35 -5.12
N LYS E 141 39.60 -27.67 -5.07
CA LYS E 141 40.71 -28.62 -5.12
C LYS E 141 41.37 -28.63 -6.49
N VAL E 142 40.57 -28.51 -7.55
CA VAL E 142 41.13 -28.39 -8.90
C VAL E 142 42.13 -27.24 -8.97
N HIS E 143 41.80 -26.12 -8.35
CA HIS E 143 42.62 -24.93 -8.38
C HIS E 143 43.53 -24.82 -7.16
N GLU E 144 43.60 -25.87 -6.33
CA GLU E 144 44.50 -25.95 -5.16
C GLU E 144 44.36 -24.70 -4.28
N THR E 145 43.12 -24.39 -3.91
CA THR E 145 42.90 -23.14 -3.21
C THR E 145 41.67 -23.27 -2.31
N PRO E 146 41.70 -22.70 -1.11
CA PRO E 146 40.52 -22.78 -0.25
C PRO E 146 39.33 -22.11 -0.93
N LEU E 147 38.13 -22.62 -0.63
CA LEU E 147 36.93 -22.14 -1.30
C LEU E 147 36.76 -20.64 -1.16
N VAL E 148 37.05 -20.09 0.02
CA VAL E 148 36.88 -18.65 0.23
C VAL E 148 37.70 -17.86 -0.79
N LYS E 149 38.93 -18.28 -1.05
CA LYS E 149 39.77 -17.56 -1.99
C LYS E 149 39.29 -17.76 -3.43
N LEU E 150 38.77 -18.94 -3.75
CA LEU E 150 38.16 -19.17 -5.06
C LEU E 150 36.97 -18.27 -5.28
N LEU E 151 36.24 -17.96 -4.19
CA LEU E 151 35.10 -17.04 -4.24
C LEU E 151 35.53 -15.58 -4.29
N GLY E 152 36.84 -15.32 -4.24
CA GLY E 152 37.34 -13.96 -4.35
C GLY E 152 37.51 -13.21 -3.05
N ALA E 153 37.48 -13.88 -1.90
CA ALA E 153 37.51 -13.19 -0.62
C ALA E 153 38.68 -13.66 0.24
N ASN E 154 39.15 -12.76 1.11
CA ASN E 154 40.15 -13.15 2.09
C ASN E 154 39.53 -14.03 3.17
N ALA E 155 40.27 -15.05 3.59
CA ALA E 155 39.82 -15.76 4.78
C ALA E 155 39.86 -14.77 5.95
N ARG E 156 38.80 -14.77 6.75
CA ARG E 156 38.78 -13.99 7.97
C ARG E 156 38.12 -14.84 9.03
N PRO E 157 38.50 -14.69 10.29
CA PRO E 157 37.77 -15.39 11.35
C PRO E 157 36.36 -14.84 11.43
N VAL E 158 35.42 -15.70 11.81
CA VAL E 158 34.03 -15.27 12.00
C VAL E 158 33.59 -15.70 13.38
N GLN E 159 33.00 -14.77 14.12
CA GLN E 159 32.48 -15.08 15.44
C GLN E 159 31.45 -16.21 15.38
N ALA E 160 31.50 -17.07 16.38
CA ALA E 160 30.68 -18.26 16.41
C ALA E 160 29.99 -18.33 17.76
N TYR E 161 28.74 -18.77 17.76
CA TYR E 161 28.04 -19.04 19.00
C TYR E 161 27.93 -20.54 19.20
N ASP E 162 28.06 -21.01 20.43
CA ASP E 162 27.93 -22.43 20.73
C ASP E 162 26.44 -22.75 20.82
N SER E 163 26.01 -23.70 20.03
CA SER E 163 24.59 -23.95 19.77
C SER E 163 24.10 -25.10 20.65
N HIS E 164 23.19 -24.81 21.56
CA HIS E 164 22.72 -25.79 22.52
C HIS E 164 21.27 -26.14 22.19
N SER E 165 20.57 -26.81 23.08
CA SER E 165 19.22 -27.28 22.74
CA SER E 165 19.24 -27.32 22.76
C SER E 165 18.29 -27.02 23.91
N LEU E 166 17.18 -27.76 23.96
CA LEU E 166 16.15 -27.55 24.98
C LEU E 166 16.55 -28.42 26.17
N ASP E 167 17.53 -27.91 26.89
CA ASP E 167 18.32 -28.73 27.80
C ASP E 167 17.80 -28.77 29.23
N GLY E 168 16.80 -27.96 29.56
CA GLY E 168 16.43 -27.79 30.94
C GLY E 168 17.43 -26.89 31.66
N VAL E 169 16.96 -26.27 32.75
CA VAL E 169 17.74 -25.20 33.37
C VAL E 169 19.14 -25.67 33.74
N LYS E 170 19.24 -26.82 34.42
CA LYS E 170 20.53 -27.27 34.91
C LYS E 170 21.52 -27.51 33.78
N LEU E 171 21.13 -28.29 32.77
CA LEU E 171 22.09 -28.62 31.73
C LEU E 171 22.36 -27.42 30.84
N ALA E 172 21.33 -26.59 30.59
CA ALA E 172 21.53 -25.37 29.81
C ALA E 172 22.60 -24.49 30.44
N THR E 173 22.58 -24.37 31.77
CA THR E 173 23.55 -23.50 32.43
C THR E 173 24.96 -24.11 32.40
N GLU E 174 25.07 -25.41 32.62
CA GLU E 174 26.37 -26.08 32.55
C GLU E 174 27.02 -25.88 31.18
N ARG E 175 26.24 -26.10 30.11
CA ARG E 175 26.80 -25.99 28.76
C ARG E 175 27.20 -24.56 28.43
N ALA E 176 26.48 -23.58 28.95
CA ALA E 176 26.84 -22.19 28.71
C ALA E 176 28.12 -21.82 29.46
N VAL E 177 28.29 -22.32 30.69
CA VAL E 177 29.57 -22.07 31.38
C VAL E 177 30.71 -22.72 30.61
N THR E 178 30.51 -23.97 30.17
CA THR E 178 31.55 -24.68 29.43
C THR E 178 31.89 -23.95 28.14
N ALA E 179 30.87 -23.51 27.39
CA ALA E 179 31.16 -22.74 26.16
C ALA E 179 31.93 -21.48 26.47
N ALA E 180 31.62 -20.81 27.57
CA ALA E 180 32.34 -19.58 27.92
C ALA E 180 33.80 -19.89 28.22
N GLU E 181 34.06 -21.02 28.89
CA GLU E 181 35.45 -21.41 29.14
C GLU E 181 36.17 -21.76 27.83
N LEU E 182 35.45 -22.30 26.86
CA LEU E 182 36.06 -22.61 25.57
C LEU E 182 36.34 -21.38 24.72
N GLY E 183 35.94 -20.19 25.16
CA GLY E 183 36.20 -18.98 24.40
C GLY E 183 35.02 -18.42 23.64
N PHE E 184 33.89 -19.13 23.56
CA PHE E 184 32.74 -18.58 22.86
C PHE E 184 32.22 -17.34 23.58
N ARG E 185 31.72 -16.38 22.80
CA ARG E 185 31.16 -15.15 23.35
C ARG E 185 29.64 -15.13 23.27
N ALA E 186 29.02 -16.23 22.85
CA ALA E 186 27.56 -16.34 22.84
C ALA E 186 27.18 -17.81 22.74
N VAL E 187 26.00 -18.12 23.27
CA VAL E 187 25.40 -19.43 23.13
C VAL E 187 23.99 -19.25 22.60
N LYS E 188 23.45 -20.31 21.99
CA LYS E 188 22.03 -20.38 21.66
C LYS E 188 21.40 -21.49 22.49
N THR E 189 20.23 -21.20 23.08
CA THR E 189 19.45 -22.24 23.72
C THR E 189 18.10 -22.34 23.02
N LYS E 190 17.54 -23.54 22.99
CA LYS E 190 16.24 -23.74 22.37
C LYS E 190 15.16 -23.68 23.43
N ILE E 191 14.12 -22.87 23.20
CA ILE E 191 13.09 -22.75 24.22
C ILE E 191 11.72 -23.05 23.63
N GLY E 192 10.68 -22.78 24.40
CA GLY E 192 9.36 -23.28 24.06
C GLY E 192 8.89 -24.37 25.02
N TYR E 193 9.28 -24.25 26.29
CA TYR E 193 8.77 -25.11 27.34
C TYR E 193 7.28 -24.82 27.53
N PRO E 194 6.53 -25.71 28.20
CA PRO E 194 5.07 -25.48 28.35
C PRO E 194 4.71 -24.09 28.87
N ALA E 195 5.44 -23.56 29.83
CA ALA E 195 5.15 -22.26 30.43
C ALA E 195 6.24 -21.23 30.07
N LEU E 196 5.80 -19.99 29.82
CA LEU E 196 6.75 -18.91 29.59
C LEU E 196 7.72 -18.76 30.76
N ASP E 197 7.24 -19.00 32.00
CA ASP E 197 8.13 -18.89 33.16
C ASP E 197 9.29 -19.87 33.08
N GLN E 198 9.11 -21.00 32.39
CA GLN E 198 10.21 -21.96 32.24
C GLN E 198 11.24 -21.46 31.22
N ASP E 199 10.77 -20.96 30.06
CA ASP E 199 11.65 -20.25 29.14
C ASP E 199 12.49 -19.21 29.87
N LEU E 200 11.82 -18.34 30.63
CA LEU E 200 12.50 -17.26 31.33
C LEU E 200 13.48 -17.80 32.36
N ALA E 201 13.07 -18.84 33.10
CA ALA E 201 13.98 -19.43 34.08
C ALA E 201 15.27 -19.91 33.44
N VAL E 202 15.20 -20.48 32.22
CA VAL E 202 16.42 -20.94 31.55
C VAL E 202 17.28 -19.75 31.13
N VAL E 203 16.68 -18.78 30.44
CA VAL E 203 17.47 -17.66 29.94
C VAL E 203 18.08 -16.90 31.10
N ARG E 204 17.32 -16.72 32.19
CA ARG E 204 17.85 -15.99 33.34
C ARG E 204 19.00 -16.76 34.00
N SER E 205 18.87 -18.08 34.10
CA SER E 205 19.93 -18.87 34.72
C SER E 205 21.22 -18.76 33.92
N ILE E 206 21.11 -18.84 32.58
CA ILE E 206 22.31 -18.69 31.75
C ILE E 206 22.92 -17.32 31.98
N ARG E 207 22.08 -16.27 32.00
CA ARG E 207 22.63 -14.92 32.12
C ARG E 207 23.44 -14.79 33.41
N GLN E 208 22.93 -15.35 34.50
CA GLN E 208 23.64 -15.26 35.77
C GLN E 208 24.95 -16.01 35.75
N ALA E 209 25.05 -17.06 34.93
CA ALA E 209 26.28 -17.85 34.92
C ALA E 209 27.32 -17.33 33.93
N VAL E 210 26.91 -16.56 32.91
CA VAL E 210 27.84 -16.05 31.92
C VAL E 210 28.12 -14.57 32.07
N GLY E 211 27.23 -13.81 32.70
CA GLY E 211 27.43 -12.38 32.87
C GLY E 211 26.84 -11.55 31.75
N ASP E 212 27.04 -10.23 31.88
CA ASP E 212 26.33 -9.27 31.05
C ASP E 212 26.93 -9.09 29.65
N ASP E 213 28.22 -9.39 29.48
CA ASP E 213 28.89 -9.18 28.20
C ASP E 213 29.00 -10.52 27.45
N PHE E 214 27.85 -10.97 26.96
CA PHE E 214 27.72 -12.34 26.45
C PHE E 214 26.37 -12.50 25.75
N GLY E 215 26.37 -13.10 24.57
CA GLY E 215 25.13 -13.26 23.85
C GLY E 215 24.34 -14.49 24.29
N ILE E 216 23.02 -14.34 24.28
CA ILE E 216 22.08 -15.44 24.51
C ILE E 216 21.04 -15.35 23.39
N MET E 217 21.20 -16.17 22.35
CA MET E 217 20.20 -16.33 21.32
C MET E 217 19.22 -17.41 21.75
N VAL E 218 17.93 -17.22 21.44
CA VAL E 218 16.93 -18.23 21.80
C VAL E 218 16.15 -18.67 20.56
N ASP E 219 15.67 -19.92 20.60
CA ASP E 219 15.14 -20.60 19.41
C ASP E 219 13.87 -21.35 19.79
N TYR E 220 12.75 -20.97 19.18
CA TYR E 220 11.45 -21.57 19.47
C TYR E 220 11.07 -22.72 18.53
N ASN E 221 11.81 -22.94 17.45
CA ASN E 221 11.53 -24.03 16.51
C ASN E 221 10.04 -24.12 16.15
N GLN E 222 9.48 -22.98 15.79
CA GLN E 222 8.17 -22.84 15.17
C GLN E 222 7.03 -23.17 16.12
N SER E 223 7.29 -23.21 17.42
CA SER E 223 6.35 -23.84 18.34
C SER E 223 5.22 -22.94 18.84
N LEU E 224 5.23 -21.64 18.55
CA LEU E 224 4.25 -20.70 19.08
C LEU E 224 3.32 -20.17 18.00
N ASP E 225 2.08 -19.85 18.38
CA ASP E 225 1.26 -19.05 17.49
C ASP E 225 1.68 -17.58 17.63
N VAL E 226 1.10 -16.73 16.79
CA VAL E 226 1.53 -15.34 16.73
C VAL E 226 1.29 -14.59 18.04
N PRO E 227 0.11 -14.67 18.68
CA PRO E 227 -0.05 -13.97 19.96
C PRO E 227 0.81 -14.53 21.08
N ALA E 228 1.01 -15.85 21.15
CA ALA E 228 1.91 -16.39 22.16
C ALA E 228 3.34 -15.91 21.91
N ALA E 229 3.75 -15.83 20.65
CA ALA E 229 5.10 -15.37 20.31
C ALA E 229 5.29 -13.90 20.68
N ILE E 230 4.25 -13.09 20.50
CA ILE E 230 4.34 -11.69 20.91
C ILE E 230 4.52 -11.60 22.42
N LYS E 231 3.71 -12.35 23.17
CA LYS E 231 3.77 -12.33 24.64
C LYS E 231 5.13 -12.81 25.14
N ARG E 232 5.54 -14.00 24.70
CA ARG E 232 6.80 -14.56 25.18
C ARG E 232 7.98 -13.70 24.76
N SER E 233 7.99 -13.22 23.51
CA SER E 233 9.13 -12.44 22.99
C SER E 233 9.26 -11.11 23.71
N GLN E 234 8.14 -10.46 24.04
CA GLN E 234 8.25 -9.22 24.78
C GLN E 234 8.81 -9.43 26.18
N ALA E 235 8.53 -10.59 26.78
CA ALA E 235 9.12 -10.90 28.09
C ALA E 235 10.61 -11.19 27.95
N LEU E 236 10.99 -11.94 26.91
CA LEU E 236 12.40 -12.24 26.67
C LEU E 236 13.18 -10.97 26.32
N GLN E 237 12.56 -10.07 25.56
CA GLN E 237 13.19 -8.81 25.20
C GLN E 237 13.60 -8.02 26.44
N GLN E 238 12.77 -8.06 27.49
CA GLN E 238 13.12 -7.42 28.76
C GLN E 238 14.36 -8.02 29.39
N GLU E 239 14.67 -9.27 29.08
CA GLU E 239 15.90 -9.90 29.57
C GLU E 239 17.11 -9.60 28.70
N GLY E 240 16.92 -8.99 27.53
CA GLY E 240 18.05 -8.61 26.70
C GLY E 240 18.68 -9.73 25.88
N VAL E 241 17.89 -10.72 25.46
CA VAL E 241 18.45 -11.76 24.59
C VAL E 241 18.84 -11.17 23.24
N THR E 242 19.66 -11.94 22.52
CA THR E 242 20.32 -11.44 21.31
C THR E 242 19.42 -11.53 20.08
N TRP E 243 18.64 -12.60 19.95
CA TRP E 243 17.61 -12.64 18.92
C TRP E 243 16.58 -13.70 19.32
N ILE E 244 15.44 -13.66 18.63
CA ILE E 244 14.38 -14.64 18.83
C ILE E 244 14.17 -15.34 17.50
N GLU E 245 14.42 -16.65 17.49
CA GLU E 245 14.56 -17.43 16.27
C GLU E 245 13.31 -18.27 16.03
N GLU E 246 12.84 -18.29 14.78
CA GLU E 246 11.63 -18.98 14.31
C GLU E 246 10.55 -19.08 15.38
N PRO E 247 10.00 -17.94 15.83
CA PRO E 247 8.90 -17.98 16.79
C PRO E 247 7.71 -18.82 16.33
N THR E 248 7.39 -18.83 15.03
CA THR E 248 6.16 -19.51 14.59
C THR E 248 6.44 -20.29 13.30
N LEU E 249 5.38 -20.83 12.70
CA LEU E 249 5.52 -21.66 11.52
C LEU E 249 6.46 -21.03 10.50
N GLN E 250 7.42 -21.83 10.02
CA GLN E 250 8.53 -21.26 9.24
C GLN E 250 8.04 -20.66 7.94
N HIS E 251 7.00 -21.23 7.34
CA HIS E 251 6.54 -20.69 6.07
C HIS E 251 5.68 -19.44 6.24
N ASP E 252 5.29 -19.09 7.47
CA ASP E 252 4.34 -18.01 7.71
C ASP E 252 5.12 -16.70 7.82
N TYR E 253 5.50 -16.16 6.65
CA TYR E 253 6.28 -14.92 6.62
C TYR E 253 5.46 -13.74 7.12
N GLU E 254 4.18 -13.71 6.77
CA GLU E 254 3.30 -12.66 7.26
CA GLU E 254 3.33 -12.64 7.26
C GLU E 254 3.26 -12.66 8.78
N GLY E 255 3.11 -13.84 9.39
CA GLY E 255 3.01 -13.91 10.84
C GLY E 255 4.30 -13.48 11.54
N HIS E 256 5.45 -13.88 10.99
CA HIS E 256 6.72 -13.42 11.52
C HIS E 256 6.83 -11.91 11.48
N GLN E 257 6.32 -11.31 10.39
CA GLN E 257 6.30 -9.86 10.30
C GLN E 257 5.49 -9.26 11.42
N ARG E 258 4.31 -9.84 11.70
CA ARG E 258 3.47 -9.33 12.76
C ARG E 258 4.16 -9.44 14.11
N ILE E 259 4.84 -10.56 14.37
CA ILE E 259 5.60 -10.71 15.61
C ILE E 259 6.73 -9.68 15.66
N GLN E 260 7.47 -9.54 14.54
CA GLN E 260 8.56 -8.58 14.51
C GLN E 260 8.05 -7.17 14.70
N SER E 261 6.85 -6.87 14.21
CA SER E 261 6.31 -5.51 14.32
C SER E 261 6.15 -5.07 15.77
N LYS E 262 6.07 -6.02 16.70
CA LYS E 262 5.84 -5.73 18.11
C LYS E 262 7.10 -5.76 18.96
N LEU E 263 8.29 -5.85 18.33
CA LEU E 263 9.52 -6.11 19.04
C LEU E 263 10.61 -5.13 18.64
N ASN E 264 11.45 -4.80 19.62
CA ASN E 264 12.75 -4.18 19.35
C ASN E 264 13.81 -5.23 19.06
N VAL E 265 13.82 -6.33 19.83
CA VAL E 265 14.72 -7.46 19.60
C VAL E 265 14.53 -7.98 18.18
N PRO E 266 15.58 -8.37 17.45
CA PRO E 266 15.36 -8.85 16.08
C PRO E 266 14.78 -10.26 16.06
N VAL E 267 13.82 -10.47 15.17
CA VAL E 267 13.41 -11.84 14.83
C VAL E 267 14.41 -12.42 13.84
N GLN E 268 14.80 -13.69 14.08
CA GLN E 268 15.77 -14.41 13.30
C GLN E 268 15.08 -15.59 12.62
N MET E 269 15.37 -15.79 11.34
CA MET E 269 14.88 -16.99 10.67
C MET E 269 15.73 -17.31 9.47
N GLY E 270 15.45 -18.45 8.87
CA GLY E 270 15.98 -18.72 7.56
C GLY E 270 16.50 -20.14 7.39
N GLU E 271 16.64 -20.90 8.48
CA GLU E 271 17.21 -22.23 8.33
C GLU E 271 16.34 -23.14 7.47
N ASN E 272 15.08 -22.77 7.27
CA ASN E 272 14.15 -23.58 6.51
C ASN E 272 13.81 -23.02 5.14
N TRP E 273 14.40 -21.89 4.74
CA TRP E 273 14.21 -21.41 3.37
C TRP E 273 14.81 -22.41 2.41
N LEU E 274 13.97 -22.93 1.52
CA LEU E 274 14.41 -23.83 0.47
C LEU E 274 14.65 -22.98 -0.78
N GLY E 275 15.91 -22.55 -0.94
CA GLY E 275 16.28 -21.72 -2.07
C GLY E 275 16.16 -20.24 -1.76
N PRO E 276 16.97 -19.42 -2.42
CA PRO E 276 16.90 -17.97 -2.19
C PRO E 276 15.57 -17.37 -2.60
N GLU E 277 14.77 -18.06 -3.42
CA GLU E 277 13.45 -17.54 -3.76
C GLU E 277 12.53 -17.48 -2.54
N GLU E 278 12.67 -18.42 -1.59
CA GLU E 278 11.89 -18.31 -0.37
CA GLU E 278 11.89 -18.33 -0.36
C GLU E 278 12.44 -17.22 0.53
N MET E 279 13.76 -17.06 0.57
CA MET E 279 14.35 -15.93 1.27
C MET E 279 13.81 -14.61 0.75
N PHE E 280 13.76 -14.47 -0.58
CA PHE E 280 13.33 -13.22 -1.21
C PHE E 280 11.90 -12.88 -0.80
N LYS E 281 11.04 -13.89 -0.77
CA LYS E 281 9.66 -13.67 -0.36
C LYS E 281 9.59 -13.23 1.10
N ALA E 282 10.35 -13.88 1.98
CA ALA E 282 10.30 -13.50 3.39
C ALA E 282 10.82 -12.09 3.61
N LEU E 283 11.94 -11.75 2.97
CA LEU E 283 12.51 -10.42 3.16
C LEU E 283 11.65 -9.35 2.52
N SER E 284 10.99 -9.67 1.41
CA SER E 284 10.10 -8.71 0.75
C SER E 284 8.96 -8.29 1.66
N ILE E 285 8.48 -9.18 2.52
CA ILE E 285 7.36 -8.82 3.38
CA ILE E 285 7.36 -8.95 3.44
C ILE E 285 7.82 -8.31 4.74
N GLY E 286 9.12 -8.34 5.04
CA GLY E 286 9.60 -7.83 6.30
C GLY E 286 9.48 -8.81 7.45
N ALA E 287 9.63 -10.10 7.18
CA ALA E 287 9.37 -11.12 8.19
C ALA E 287 10.36 -11.11 9.34
N CYS E 288 11.57 -10.56 9.15
CA CYS E 288 12.66 -10.77 10.08
C CYS E 288 13.73 -9.71 9.85
N ARG E 289 14.36 -9.25 10.92
CA ARG E 289 15.45 -8.30 10.77
C ARG E 289 16.81 -8.98 10.70
N LEU E 290 16.88 -10.28 10.97
CA LEU E 290 18.10 -11.07 10.80
C LEU E 290 17.78 -12.24 9.91
N ALA E 291 18.83 -12.79 9.26
CA ALA E 291 18.66 -13.99 8.44
C ALA E 291 19.76 -14.98 8.76
N MET E 292 19.42 -16.28 8.70
CA MET E 292 20.41 -17.34 8.84
C MET E 292 20.13 -18.48 7.88
N PRO E 293 20.54 -18.34 6.62
CA PRO E 293 20.41 -19.46 5.68
C PRO E 293 21.20 -20.69 6.08
N ASP E 294 20.67 -21.84 5.65
CA ASP E 294 21.26 -23.16 5.85
C ASP E 294 21.95 -23.55 4.53
N ALA E 295 23.27 -23.82 4.58
CA ALA E 295 24.01 -24.06 3.33
C ALA E 295 23.35 -25.15 2.47
N MET E 296 22.72 -26.14 3.10
CA MET E 296 21.99 -27.17 2.35
C MET E 296 20.67 -26.63 1.81
N LYS E 297 19.81 -26.11 2.68
CA LYS E 297 18.46 -25.81 2.19
C LYS E 297 18.46 -24.61 1.25
N ILE E 298 19.36 -23.65 1.46
CA ILE E 298 19.42 -22.48 0.58
C ILE E 298 19.90 -22.84 -0.82
N GLY E 299 20.42 -24.05 -1.02
CA GLY E 299 20.91 -24.44 -2.31
C GLY E 299 22.44 -24.51 -2.46
N GLY E 300 23.17 -24.73 -1.38
CA GLY E 300 24.61 -24.92 -1.53
C GLY E 300 25.32 -23.59 -1.67
N VAL E 301 26.55 -23.67 -2.21
CA VAL E 301 27.37 -22.48 -2.40
C VAL E 301 26.72 -21.56 -3.39
N THR E 302 26.19 -22.12 -4.49
CA THR E 302 25.54 -21.31 -5.51
C THR E 302 24.33 -20.58 -4.93
N GLY E 303 23.51 -21.28 -4.14
CA GLY E 303 22.38 -20.60 -3.52
C GLY E 303 22.80 -19.62 -2.44
N TRP E 304 23.88 -19.93 -1.73
CA TRP E 304 24.35 -19.03 -0.68
C TRP E 304 24.80 -17.71 -1.27
N ILE E 305 25.54 -17.75 -2.38
CA ILE E 305 26.02 -16.52 -3.01
C ILE E 305 24.84 -15.62 -3.38
N ARG E 306 23.76 -16.23 -3.89
CA ARG E 306 22.59 -15.44 -4.24
C ARG E 306 21.90 -14.92 -2.98
N ALA E 307 21.81 -15.76 -1.95
CA ALA E 307 21.26 -15.32 -0.66
C ALA E 307 22.05 -14.14 -0.09
N SER E 308 23.37 -14.18 -0.18
CA SER E 308 24.15 -13.08 0.36
CA SER E 308 24.19 -13.09 0.33
C SER E 308 23.88 -11.78 -0.40
N ALA E 309 23.71 -11.86 -1.73
CA ALA E 309 23.38 -10.68 -2.51
C ALA E 309 22.07 -10.06 -2.06
N LEU E 310 21.07 -10.89 -1.74
CA LEU E 310 19.78 -10.40 -1.25
C LEU E 310 19.91 -9.74 0.11
N ALA E 311 20.47 -10.47 1.07
CA ALA E 311 20.68 -9.92 2.41
C ALA E 311 21.38 -8.57 2.35
N GLN E 312 22.36 -8.42 1.46
CA GLN E 312 23.06 -7.15 1.34
C GLN E 312 22.10 -6.03 0.94
N GLN E 313 21.29 -6.25 -0.10
CA GLN E 313 20.37 -5.20 -0.56
C GLN E 313 19.22 -4.93 0.42
N PHE E 314 18.71 -5.96 1.11
CA PHE E 314 17.64 -5.74 2.10
C PHE E 314 18.17 -5.24 3.44
N GLY E 315 19.47 -5.06 3.60
CA GLY E 315 20.04 -4.63 4.88
C GLY E 315 19.90 -5.62 6.02
N ILE E 316 20.16 -6.91 5.77
CA ILE E 316 19.95 -7.97 6.75
C ILE E 316 21.30 -8.58 7.12
N PRO E 317 21.73 -8.49 8.38
CA PRO E 317 22.89 -9.27 8.83
C PRO E 317 22.61 -10.75 8.65
N MET E 318 23.58 -11.46 8.08
CA MET E 318 23.37 -12.83 7.63
C MET E 318 24.27 -13.77 8.39
N SER E 319 23.68 -14.73 9.09
CA SER E 319 24.38 -15.78 9.82
C SER E 319 24.25 -17.12 9.10
N SER E 320 24.88 -18.15 9.66
CA SER E 320 24.77 -19.50 9.11
C SER E 320 23.93 -20.41 10.00
N HIS E 321 23.45 -21.49 9.38
CA HIS E 321 22.78 -22.57 10.10
C HIS E 321 23.45 -23.89 9.77
N LEU E 322 23.99 -24.56 10.80
CA LEU E 322 24.72 -25.81 10.66
C LEU E 322 25.83 -25.71 9.62
N PHE E 323 26.30 -26.87 9.15
CA PHE E 323 27.35 -26.97 8.12
C PHE E 323 28.49 -26.00 8.39
N GLN E 324 29.02 -26.07 9.62
CA GLN E 324 30.01 -25.08 10.03
C GLN E 324 31.25 -25.13 9.16
N GLU E 325 31.58 -26.30 8.59
CA GLU E 325 32.81 -26.42 7.80
C GLU E 325 32.77 -25.52 6.56
N ILE E 326 31.70 -25.61 5.79
CA ILE E 326 31.59 -24.76 4.60
C ILE E 326 31.15 -23.36 4.97
N SER E 327 30.38 -23.21 6.06
CA SER E 327 29.86 -21.88 6.40
C SER E 327 30.97 -20.92 6.80
N ALA E 328 32.09 -21.42 7.34
CA ALA E 328 33.20 -20.52 7.62
C ALA E 328 33.71 -19.86 6.35
N HIS E 329 33.87 -20.64 5.27
CA HIS E 329 34.23 -20.07 3.99
C HIS E 329 33.17 -19.09 3.51
N LEU E 330 31.90 -19.54 3.52
CA LEU E 330 30.83 -18.76 2.91
C LEU E 330 30.62 -17.43 3.63
N LEU E 331 30.71 -17.44 4.97
CA LEU E 331 30.52 -16.18 5.70
C LEU E 331 31.62 -15.18 5.37
N ALA E 332 32.86 -15.67 5.22
CA ALA E 332 33.96 -14.77 4.89
C ALA E 332 33.73 -14.05 3.58
N ALA E 333 32.90 -14.61 2.69
CA ALA E 333 32.57 -13.98 1.42
C ALA E 333 31.27 -13.17 1.48
N THR E 334 30.61 -13.12 2.64
CA THR E 334 29.26 -12.53 2.74
C THR E 334 29.37 -11.11 3.24
N PRO E 335 28.92 -10.10 2.47
CA PRO E 335 29.10 -8.70 2.91
C PRO E 335 28.47 -8.40 4.27
N THR E 336 27.34 -9.02 4.61
CA THR E 336 26.68 -8.73 5.88
C THR E 336 26.84 -9.85 6.89
N ALA E 337 27.88 -10.67 6.75
CA ALA E 337 28.17 -11.78 7.65
C ALA E 337 28.00 -11.37 9.11
N HIS E 338 27.30 -12.22 9.87
CA HIS E 338 26.97 -11.92 11.25
C HIS E 338 27.59 -12.97 12.19
N TRP E 339 26.91 -14.10 12.43
CA TRP E 339 27.42 -15.16 13.30
C TRP E 339 27.51 -16.50 12.57
N LEU E 340 28.42 -17.36 13.03
CA LEU E 340 28.48 -18.75 12.60
C LEU E 340 27.88 -19.62 13.69
N GLU E 341 26.95 -20.51 13.30
CA GLU E 341 26.41 -21.46 14.26
C GLU E 341 27.39 -22.60 14.42
N ARG E 342 27.94 -22.76 15.61
CA ARG E 342 28.77 -23.92 15.90
C ARG E 342 27.88 -24.99 16.47
N LEU E 343 27.51 -25.95 15.62
CA LEU E 343 26.84 -27.19 16.05
C LEU E 343 27.50 -28.31 15.25
N ASP E 344 28.38 -29.06 15.91
CA ASP E 344 29.30 -29.94 15.20
C ASP E 344 28.64 -31.31 14.96
N LEU E 345 27.64 -31.31 14.07
CA LEU E 345 26.86 -32.52 13.80
C LEU E 345 27.72 -33.62 13.18
N ALA E 346 28.75 -33.26 12.41
CA ALA E 346 29.52 -34.25 11.67
C ALA E 346 30.91 -34.47 12.24
N GLY E 347 31.18 -33.95 13.44
CA GLY E 347 32.53 -34.06 14.01
C GLY E 347 33.00 -35.49 14.21
N SER E 348 32.07 -36.43 14.42
CA SER E 348 32.44 -37.84 14.57
CA SER E 348 32.48 -37.82 14.59
C SER E 348 32.95 -38.46 13.27
N VAL E 349 32.69 -37.84 12.12
CA VAL E 349 33.10 -38.40 10.84
C VAL E 349 33.96 -37.45 10.02
N ILE E 350 34.22 -36.24 10.50
CA ILE E 350 35.06 -35.27 9.80
C ILE E 350 36.21 -34.82 10.70
N GLU E 351 37.41 -34.70 10.13
CA GLU E 351 38.56 -34.28 10.91
C GLU E 351 38.43 -32.81 11.33
N PRO E 352 38.90 -32.46 12.55
CA PRO E 352 38.72 -31.10 13.09
C PRO E 352 39.72 -30.10 12.50
N THR E 353 39.64 -29.90 11.19
CA THR E 353 40.52 -28.92 10.58
C THR E 353 40.02 -27.49 10.79
N LEU E 354 38.72 -27.30 10.94
CA LEU E 354 38.18 -26.02 11.39
C LEU E 354 38.46 -25.84 12.88
N THR E 355 39.11 -24.75 13.24
CA THR E 355 39.42 -24.48 14.64
C THR E 355 38.70 -23.21 15.08
N PHE E 356 38.67 -23.03 16.41
CA PHE E 356 38.07 -21.85 17.03
C PHE E 356 39.10 -21.20 17.94
N GLU E 357 39.44 -19.94 17.64
CA GLU E 357 40.32 -19.12 18.46
C GLU E 357 39.50 -17.98 19.03
N GLY E 358 39.46 -17.88 20.35
CA GLY E 358 38.71 -16.82 20.98
C GLY E 358 37.28 -16.76 20.53
N GLY E 359 36.66 -17.91 20.30
CA GLY E 359 35.27 -17.96 19.89
C GLY E 359 35.05 -17.77 18.41
N ASN E 360 36.10 -17.49 17.64
CA ASN E 360 35.99 -17.22 16.21
C ASN E 360 36.38 -18.48 15.42
N ALA E 361 35.54 -18.84 14.45
CA ALA E 361 35.91 -19.91 13.51
C ALA E 361 37.07 -19.46 12.63
N VAL E 362 38.05 -20.35 12.45
CA VAL E 362 39.25 -20.07 11.66
C VAL E 362 39.34 -21.09 10.51
N ILE E 363 39.31 -20.60 9.28
CA ILE E 363 39.27 -21.49 8.11
C ILE E 363 40.61 -22.19 7.97
N PRO E 364 40.66 -23.51 7.76
CA PRO E 364 41.94 -24.20 7.60
C PRO E 364 42.59 -23.87 6.26
N ASP E 365 43.92 -23.96 6.22
CA ASP E 365 44.67 -23.73 4.99
C ASP E 365 44.69 -25.03 4.20
N LEU E 366 43.55 -25.34 3.59
CA LEU E 366 43.35 -26.55 2.82
C LEU E 366 42.55 -26.20 1.56
N PRO E 367 42.71 -26.95 0.47
CA PRO E 367 41.95 -26.64 -0.74
C PRO E 367 40.48 -26.98 -0.57
N GLY E 368 39.64 -26.25 -1.30
CA GLY E 368 38.20 -26.41 -1.19
C GLY E 368 37.75 -26.10 0.22
N VAL E 369 36.85 -26.94 0.73
CA VAL E 369 36.18 -26.65 1.99
C VAL E 369 37.02 -27.06 3.19
N GLY E 370 37.95 -28.00 3.03
CA GLY E 370 38.72 -28.48 4.17
C GLY E 370 38.16 -29.72 4.85
N ILE E 371 37.32 -30.49 4.16
CA ILE E 371 36.73 -31.68 4.74
C ILE E 371 37.62 -32.87 4.47
N ILE E 372 37.99 -33.58 5.53
CA ILE E 372 38.76 -34.82 5.44
C ILE E 372 37.98 -35.87 6.21
N TRP E 373 37.49 -36.91 5.51
CA TRP E 373 36.71 -37.94 6.18
C TRP E 373 37.54 -38.69 7.21
N ARG E 374 36.88 -39.08 8.31
CA ARG E 374 37.46 -40.02 9.26
C ARG E 374 37.00 -41.41 8.81
N GLU E 375 37.78 -42.01 7.92
CA GLU E 375 37.31 -43.22 7.22
C GLU E 375 37.15 -44.38 8.18
N LYS E 376 37.98 -44.48 9.22
CA LYS E 376 37.81 -45.55 10.19
C LYS E 376 36.62 -45.33 11.11
N GLU E 377 36.15 -44.09 11.28
CA GLU E 377 34.98 -43.86 12.12
C GLU E 377 33.67 -44.07 11.36
N ILE E 378 33.67 -43.81 10.06
CA ILE E 378 32.42 -43.79 9.31
C ILE E 378 31.76 -45.17 9.33
N GLY E 379 32.56 -46.24 9.26
CA GLY E 379 32.02 -47.58 9.24
C GLY E 379 31.26 -47.96 10.49
N LYS E 380 31.57 -47.31 11.62
CA LYS E 380 30.80 -47.56 12.83
C LYS E 380 29.36 -47.12 12.71
N TYR E 381 29.04 -46.18 11.82
CA TYR E 381 27.74 -45.51 11.85
C TYR E 381 26.88 -45.78 10.62
N LEU E 382 27.31 -46.65 9.72
CA LEU E 382 26.63 -46.82 8.45
C LEU E 382 25.23 -47.39 8.64
N VAL E 383 24.30 -46.90 7.86
CA VAL E 383 22.93 -47.37 7.92
C VAL E 383 22.74 -48.49 6.92
N GLU F 27 -11.75 -46.66 17.87
CA GLU F 27 -12.59 -47.54 17.06
C GLU F 27 -11.75 -48.17 15.95
N VAL F 28 -11.60 -47.49 14.82
CA VAL F 28 -10.85 -48.05 13.70
C VAL F 28 -9.42 -47.53 13.75
N LEU F 29 -8.46 -48.47 13.82
CA LEU F 29 -7.05 -48.16 13.83
C LEU F 29 -6.42 -48.49 12.48
N ILE F 30 -5.36 -47.77 12.14
CA ILE F 30 -4.53 -48.14 10.99
C ILE F 30 -3.67 -49.33 11.40
N THR F 31 -3.65 -50.38 10.56
CA THR F 31 -2.87 -51.56 10.91
C THR F 31 -1.71 -51.81 9.98
N GLY F 32 -1.66 -51.19 8.80
CA GLY F 32 -0.57 -51.46 7.91
C GLY F 32 -0.56 -50.53 6.72
N LEU F 33 0.62 -50.38 6.13
CA LEU F 33 0.84 -49.59 4.94
C LEU F 33 1.69 -50.40 3.97
N ARG F 34 1.22 -50.53 2.74
CA ARG F 34 1.97 -51.23 1.71
C ARG F 34 2.04 -50.32 0.48
N THR F 35 3.23 -50.21 -0.10
CA THR F 35 3.44 -49.39 -1.28
C THR F 35 4.02 -50.25 -2.39
N ARG F 36 3.65 -49.93 -3.62
CA ARG F 36 4.18 -50.59 -4.81
C ARG F 36 4.53 -49.53 -5.84
N ALA F 37 5.80 -49.48 -6.22
CA ALA F 37 6.26 -48.55 -7.24
C ALA F 37 6.11 -49.18 -8.62
N VAL F 38 5.39 -48.49 -9.50
CA VAL F 38 5.20 -48.93 -10.88
C VAL F 38 5.68 -47.84 -11.83
N ASN F 39 6.05 -48.25 -13.03
CA ASN F 39 6.34 -47.36 -14.14
C ASN F 39 5.40 -47.81 -15.26
N VAL F 40 4.34 -47.05 -15.50
CA VAL F 40 3.27 -47.47 -16.41
C VAL F 40 3.40 -46.70 -17.71
N PRO F 41 3.40 -47.36 -18.86
CA PRO F 41 3.42 -46.64 -20.14
C PRO F 41 2.11 -45.89 -20.39
N LEU F 42 2.22 -44.85 -21.20
CA LEU F 42 1.10 -44.01 -21.56
C LEU F 42 0.78 -44.18 -23.04
N ALA F 43 -0.52 -44.10 -23.36
CA ALA F 43 -0.93 -44.15 -24.76
C ALA F 43 -0.28 -43.03 -25.57
N TYR F 44 -0.17 -41.84 -24.99
CA TYR F 44 0.54 -40.72 -25.61
C TYR F 44 1.50 -40.15 -24.58
N PRO F 45 2.78 -39.96 -24.91
CA PRO F 45 3.69 -39.29 -23.98
C PRO F 45 3.20 -37.88 -23.69
N VAL F 46 3.48 -37.41 -22.48
CA VAL F 46 3.17 -36.04 -22.10
C VAL F 46 4.40 -35.21 -22.46
N HIS F 47 4.43 -34.75 -23.70
CA HIS F 47 5.43 -33.77 -24.12
C HIS F 47 5.08 -32.41 -23.55
N THR F 48 6.09 -31.74 -23.01
CA THR F 48 5.93 -30.39 -22.47
C THR F 48 7.04 -29.49 -22.99
N ALA F 49 6.88 -28.19 -22.77
CA ALA F 49 7.91 -27.25 -23.16
C ALA F 49 9.22 -27.48 -22.40
N VAL F 50 9.20 -28.22 -21.30
CA VAL F 50 10.39 -28.44 -20.49
C VAL F 50 10.83 -29.91 -20.48
N GLY F 51 10.35 -30.72 -21.42
CA GLY F 51 10.73 -32.13 -21.50
C GLY F 51 9.51 -33.04 -21.51
N THR F 52 9.79 -34.32 -21.76
CA THR F 52 8.75 -35.32 -21.97
C THR F 52 8.62 -36.25 -20.77
N VAL F 53 7.38 -36.44 -20.32
CA VAL F 53 7.03 -37.47 -19.35
C VAL F 53 6.45 -38.63 -20.14
N GLY F 54 7.30 -39.61 -20.46
CA GLY F 54 6.97 -40.66 -21.40
C GLY F 54 6.26 -41.83 -20.78
N THR F 55 6.46 -42.05 -19.49
CA THR F 55 5.75 -43.06 -18.71
C THR F 55 5.25 -42.38 -17.45
N ALA F 56 4.41 -43.08 -16.70
CA ALA F 56 3.97 -42.51 -15.43
C ALA F 56 4.56 -43.29 -14.26
N PRO F 57 5.51 -42.73 -13.53
CA PRO F 57 6.00 -43.37 -12.30
C PRO F 57 5.01 -43.12 -11.18
N LEU F 58 4.41 -44.20 -10.67
CA LEU F 58 3.39 -44.13 -9.64
C LEU F 58 3.78 -44.95 -8.43
N VAL F 59 3.35 -44.48 -7.26
CA VAL F 59 3.40 -45.27 -6.03
C VAL F 59 1.96 -45.61 -5.69
N LEU F 60 1.64 -46.91 -5.68
CA LEU F 60 0.31 -47.38 -5.33
C LEU F 60 0.26 -47.73 -3.85
N ILE F 61 -0.73 -47.21 -3.14
CA ILE F 61 -0.76 -47.23 -1.68
C ILE F 61 -1.95 -48.05 -1.20
N ASP F 62 -1.71 -48.98 -0.27
CA ASP F 62 -2.76 -49.68 0.45
C ASP F 62 -2.64 -49.40 1.93
N LEU F 63 -3.73 -48.96 2.53
CA LEU F 63 -3.78 -48.60 3.94
C LEU F 63 -4.72 -49.58 4.66
N ALA F 64 -4.14 -50.54 5.38
CA ALA F 64 -4.93 -51.55 6.07
C ALA F 64 -5.46 -51.01 7.40
N THR F 65 -6.67 -51.44 7.75
CA THR F 65 -7.34 -50.98 8.96
C THR F 65 -7.88 -52.16 9.75
N SER F 66 -8.14 -51.89 11.03
CA SER F 66 -8.68 -52.89 11.94
C SER F 66 -10.13 -53.27 11.65
N ALA F 67 -10.80 -52.56 10.73
CA ALA F 67 -12.19 -52.83 10.42
C ALA F 67 -12.36 -53.73 9.20
N GLY F 68 -11.27 -54.27 8.65
CA GLY F 68 -11.35 -55.12 7.49
C GLY F 68 -11.24 -54.40 6.16
N VAL F 69 -11.45 -53.10 6.12
CA VAL F 69 -11.37 -52.39 4.86
C VAL F 69 -9.93 -51.96 4.61
N VAL F 70 -9.61 -51.73 3.34
CA VAL F 70 -8.28 -51.25 2.93
C VAL F 70 -8.47 -49.99 2.11
N GLY F 71 -7.77 -48.92 2.49
CA GLY F 71 -7.82 -47.69 1.71
C GLY F 71 -6.84 -47.74 0.55
N HIS F 72 -7.24 -47.17 -0.58
CA HIS F 72 -6.41 -47.10 -1.77
C HIS F 72 -6.16 -45.65 -2.16
N SER F 73 -4.92 -45.35 -2.54
CA SER F 73 -4.58 -44.09 -3.18
C SER F 73 -3.35 -44.34 -4.03
N TYR F 74 -2.99 -43.35 -4.83
CA TYR F 74 -1.71 -43.42 -5.52
C TYR F 74 -1.10 -42.03 -5.64
N LEU F 75 0.21 -42.02 -5.85
CA LEU F 75 0.96 -40.79 -6.04
C LEU F 75 1.65 -40.83 -7.40
N PHE F 76 1.95 -39.62 -7.91
CA PHE F 76 2.63 -39.43 -9.18
C PHE F 76 3.95 -38.75 -8.87
N ALA F 77 5.06 -39.41 -9.23
CA ALA F 77 6.38 -38.91 -8.87
C ALA F 77 7.01 -38.08 -9.97
N TYR F 78 6.32 -37.93 -11.11
CA TYR F 78 6.70 -37.04 -12.19
C TYR F 78 7.91 -37.54 -12.98
N THR F 79 8.93 -38.08 -12.30
CA THR F 79 10.13 -38.60 -12.96
C THR F 79 10.57 -39.88 -12.26
N PRO F 80 11.00 -40.89 -13.04
CA PRO F 80 11.58 -42.10 -12.42
C PRO F 80 12.67 -41.83 -11.40
N VAL F 81 13.37 -40.70 -11.52
CA VAL F 81 14.47 -40.38 -10.62
C VAL F 81 13.99 -40.23 -9.17
N ALA F 82 12.73 -39.82 -8.98
CA ALA F 82 12.17 -39.67 -7.64
C ALA F 82 11.33 -40.86 -7.20
N LEU F 83 11.11 -41.84 -8.09
CA LEU F 83 10.12 -42.88 -7.79
C LEU F 83 10.53 -43.72 -6.59
N LYS F 84 11.71 -44.35 -6.65
N LYS F 84 11.70 -44.36 -6.66
CA LYS F 84 12.17 -45.18 -5.55
CA LYS F 84 12.16 -45.19 -5.54
C LYS F 84 12.34 -44.38 -4.27
C LYS F 84 12.35 -44.39 -4.26
N SER F 85 12.78 -43.13 -4.37
CA SER F 85 12.91 -42.29 -3.18
C SER F 85 11.57 -42.15 -2.47
N LEU F 86 10.49 -41.95 -3.23
CA LEU F 86 9.17 -41.70 -2.65
C LEU F 86 8.59 -42.96 -2.02
N LYS F 87 8.82 -44.12 -2.64
CA LYS F 87 8.41 -45.37 -2.01
C LYS F 87 9.14 -45.57 -0.69
N GLN F 88 10.47 -45.40 -0.68
CA GLN F 88 11.26 -45.62 0.52
C GLN F 88 10.78 -44.73 1.67
N LEU F 89 10.51 -43.46 1.36
CA LEU F 89 10.02 -42.50 2.33
C LEU F 89 8.69 -42.95 2.93
N LEU F 90 7.72 -43.31 2.07
CA LEU F 90 6.46 -43.84 2.55
C LEU F 90 6.65 -45.06 3.44
N ASP F 91 7.52 -45.99 3.01
CA ASP F 91 7.74 -47.19 3.81
C ASP F 91 8.35 -46.86 5.18
N ASP F 92 9.19 -45.83 5.26
CA ASP F 92 9.75 -45.44 6.54
C ASP F 92 8.77 -44.61 7.36
N MET F 93 7.73 -44.07 6.72
CA MET F 93 6.67 -43.40 7.46
C MET F 93 5.67 -44.36 8.07
N ALA F 94 5.71 -45.65 7.70
CA ALA F 94 4.64 -46.56 8.10
C ALA F 94 4.56 -46.66 9.61
N ALA F 95 5.70 -46.68 10.30
CA ALA F 95 5.64 -46.80 11.76
C ALA F 95 5.03 -45.57 12.42
N MET F 96 5.06 -44.41 11.76
CA MET F 96 4.42 -43.23 12.34
C MET F 96 2.90 -43.35 12.38
N ILE F 97 2.29 -44.11 11.47
CA ILE F 97 0.84 -44.14 11.37
C ILE F 97 0.22 -45.48 11.78
N VAL F 98 0.99 -46.57 11.84
CA VAL F 98 0.40 -47.84 12.24
C VAL F 98 0.01 -47.77 13.71
N ASN F 99 -1.20 -48.24 14.02
CA ASN F 99 -1.88 -48.20 15.31
C ASN F 99 -2.42 -46.83 15.67
N GLU F 100 -2.41 -45.86 14.75
CA GLU F 100 -3.13 -44.63 15.03
C GLU F 100 -4.58 -44.75 14.57
N PRO F 101 -5.51 -44.02 15.18
CA PRO F 101 -6.88 -44.02 14.69
C PRO F 101 -6.95 -43.54 13.25
N LEU F 102 -7.90 -44.07 12.51
CA LEU F 102 -8.18 -43.64 11.15
C LEU F 102 -8.93 -42.31 11.20
N ALA F 103 -8.16 -41.25 11.47
CA ALA F 103 -8.70 -39.89 11.58
C ALA F 103 -7.80 -39.00 10.74
N PRO F 104 -8.08 -38.90 9.43
CA PRO F 104 -7.11 -38.25 8.51
C PRO F 104 -6.72 -36.84 8.89
N VAL F 105 -7.66 -36.05 9.43
CA VAL F 105 -7.33 -34.68 9.80
C VAL F 105 -6.36 -34.66 10.96
N SER F 106 -6.53 -35.57 11.93
CA SER F 106 -5.59 -35.66 13.04
C SER F 106 -4.27 -36.26 12.61
N LEU F 107 -4.30 -37.26 11.72
CA LEU F 107 -3.06 -37.80 11.13
C LEU F 107 -2.27 -36.71 10.42
N GLU F 108 -2.95 -35.84 9.65
CA GLU F 108 -2.24 -34.80 8.89
C GLU F 108 -1.51 -33.85 9.82
N ALA F 109 -2.14 -33.48 10.93
CA ALA F 109 -1.51 -32.55 11.86
C ALA F 109 -0.31 -33.17 12.54
N MET F 110 -0.36 -34.48 12.79
CA MET F 110 0.78 -35.19 13.36
C MET F 110 1.94 -35.21 12.38
N LEU F 111 1.66 -35.50 11.10
CA LEU F 111 2.74 -35.53 10.12
C LEU F 111 3.33 -34.13 9.92
N ALA F 112 2.45 -33.12 9.87
CA ALA F 112 2.89 -31.73 9.75
C ALA F 112 3.91 -31.37 10.81
N LYS F 113 3.63 -31.78 12.06
CA LYS F 113 4.55 -31.47 13.15
C LYS F 113 5.81 -32.33 13.09
N ARG F 114 5.66 -33.64 12.84
CA ARG F 114 6.84 -34.50 12.84
C ARG F 114 7.86 -34.07 11.79
N PHE F 115 7.38 -33.53 10.67
CA PHE F 115 8.26 -33.12 9.59
C PHE F 115 8.56 -31.63 9.58
N CYS F 116 8.27 -30.92 10.66
CA CYS F 116 8.39 -29.47 10.54
C CYS F 116 9.84 -29.02 10.52
N LEU F 117 10.79 -29.89 10.90
CA LEU F 117 12.20 -29.51 10.83
C LEU F 117 12.79 -29.92 9.49
N ALA F 118 12.53 -31.16 9.07
CA ALA F 118 13.01 -31.61 7.76
C ALA F 118 12.43 -30.77 6.62
N GLY F 119 11.23 -30.26 6.77
CA GLY F 119 10.60 -29.46 5.73
C GLY F 119 9.36 -30.15 5.22
N TYR F 120 8.19 -29.69 5.66
CA TYR F 120 6.92 -30.35 5.35
C TYR F 120 6.46 -29.94 3.95
N THR F 121 7.25 -30.35 2.97
CA THR F 121 7.06 -29.89 1.59
C THR F 121 7.67 -30.93 0.67
N GLY F 122 7.52 -30.72 -0.63
CA GLY F 122 8.19 -31.59 -1.58
C GLY F 122 7.72 -33.03 -1.46
N LEU F 123 8.67 -33.96 -1.58
CA LEU F 123 8.38 -35.39 -1.53
C LEU F 123 7.68 -35.77 -0.23
N ILE F 124 8.10 -35.17 0.88
CA ILE F 124 7.55 -35.51 2.19
C ILE F 124 6.06 -35.14 2.25
N ARG F 125 5.72 -33.93 1.83
CA ARG F 125 4.33 -33.51 1.78
C ARG F 125 3.54 -34.37 0.79
N MET F 126 4.17 -34.72 -0.33
CA MET F 126 3.52 -35.60 -1.30
C MET F 126 3.21 -36.96 -0.68
N ALA F 127 4.18 -37.51 0.04
CA ALA F 127 3.96 -38.76 0.78
C ALA F 127 2.83 -38.62 1.79
N ALA F 128 2.80 -37.51 2.54
CA ALA F 128 1.73 -37.30 3.52
C ALA F 128 0.36 -37.25 2.84
N ALA F 129 0.30 -36.64 1.65
CA ALA F 129 -0.96 -36.59 0.92
C ALA F 129 -1.41 -37.97 0.46
N GLY F 130 -0.47 -38.83 0.07
CA GLY F 130 -0.85 -40.16 -0.34
C GLY F 130 -1.50 -40.95 0.78
N ILE F 131 -0.97 -40.78 2.00
CA ILE F 131 -1.57 -41.42 3.16
C ILE F 131 -2.94 -40.83 3.45
N ASP F 132 -3.07 -39.51 3.32
CA ASP F 132 -4.35 -38.84 3.55
C ASP F 132 -5.41 -39.35 2.58
N MET F 133 -5.07 -39.46 1.29
CA MET F 133 -6.07 -39.86 0.31
C MET F 133 -6.50 -41.32 0.50
N ALA F 134 -5.57 -42.15 0.97
CA ALA F 134 -5.92 -43.54 1.26
C ALA F 134 -6.76 -43.66 2.54
N ALA F 135 -6.44 -42.83 3.54
CA ALA F 135 -7.18 -42.84 4.79
C ALA F 135 -8.62 -42.35 4.61
N TRP F 136 -8.81 -41.33 3.77
CA TRP F 136 -10.18 -40.92 3.46
C TRP F 136 -10.91 -42.01 2.67
N ASP F 137 -10.25 -42.64 1.69
CA ASP F 137 -10.88 -43.78 1.03
C ASP F 137 -11.30 -44.83 2.06
N ALA F 138 -10.38 -45.20 2.96
CA ALA F 138 -10.70 -46.14 4.03
C ALA F 138 -11.89 -45.66 4.87
N LEU F 139 -11.96 -44.36 5.16
CA LEU F 139 -13.02 -43.87 6.03
C LEU F 139 -14.39 -43.96 5.35
N GLY F 140 -14.47 -43.65 4.06
CA GLY F 140 -15.71 -43.85 3.34
C GLY F 140 -16.11 -45.31 3.28
N LYS F 141 -15.12 -46.19 3.16
CA LYS F 141 -15.41 -47.62 3.17
C LYS F 141 -15.93 -48.07 4.53
N VAL F 142 -15.33 -47.58 5.61
CA VAL F 142 -15.83 -47.88 6.96
C VAL F 142 -17.31 -47.53 7.07
N HIS F 143 -17.71 -46.39 6.52
CA HIS F 143 -19.11 -45.96 6.58
C HIS F 143 -19.92 -46.36 5.35
N GLU F 144 -19.35 -47.17 4.46
CA GLU F 144 -20.05 -47.72 3.31
C GLU F 144 -20.71 -46.62 2.47
N THR F 145 -19.92 -45.60 2.15
CA THR F 145 -20.51 -44.46 1.49
C THR F 145 -19.47 -43.80 0.58
N PRO F 146 -19.90 -43.28 -0.56
CA PRO F 146 -18.95 -42.59 -1.45
C PRO F 146 -18.34 -41.38 -0.76
N LEU F 147 -17.09 -41.09 -1.13
CA LEU F 147 -16.35 -40.02 -0.48
C LEU F 147 -17.10 -38.69 -0.55
N VAL F 148 -17.75 -38.40 -1.68
CA VAL F 148 -18.45 -37.12 -1.82
C VAL F 148 -19.56 -37.02 -0.78
N LYS F 149 -20.24 -38.13 -0.50
CA LYS F 149 -21.33 -38.09 0.47
C LYS F 149 -20.81 -37.98 1.90
N LEU F 150 -19.67 -38.63 2.18
CA LEU F 150 -19.08 -38.49 3.51
C LEU F 150 -18.63 -37.05 3.76
N LEU F 151 -18.32 -36.32 2.70
CA LEU F 151 -17.98 -34.91 2.84
C LEU F 151 -19.23 -34.02 2.92
N GLY F 152 -20.43 -34.59 2.86
CA GLY F 152 -21.63 -33.80 3.05
C GLY F 152 -22.23 -33.21 1.80
N ALA F 153 -21.83 -33.68 0.62
CA ALA F 153 -22.27 -33.12 -0.64
C ALA F 153 -22.98 -34.18 -1.49
N ASN F 154 -23.88 -33.71 -2.35
CA ASN F 154 -24.49 -34.58 -3.35
C ASN F 154 -23.49 -34.87 -4.46
N ALA F 155 -23.49 -36.11 -4.94
CA ALA F 155 -22.78 -36.38 -6.18
C ALA F 155 -23.37 -35.52 -7.29
N ARG F 156 -22.50 -35.01 -8.15
CA ARG F 156 -22.96 -34.29 -9.32
C ARG F 156 -21.93 -34.54 -10.41
N PRO F 157 -22.31 -34.54 -11.68
CA PRO F 157 -21.31 -34.61 -12.74
C PRO F 157 -20.50 -33.31 -12.77
N VAL F 158 -19.23 -33.41 -13.19
CA VAL F 158 -18.38 -32.24 -13.46
C VAL F 158 -17.97 -32.26 -14.91
N GLN F 159 -18.09 -31.12 -15.58
CA GLN F 159 -17.48 -30.95 -16.89
C GLN F 159 -15.99 -31.26 -16.81
N ALA F 160 -15.52 -32.03 -17.79
CA ALA F 160 -14.12 -32.41 -17.89
C ALA F 160 -13.57 -31.94 -19.22
N TYR F 161 -12.29 -31.55 -19.21
CA TYR F 161 -11.60 -31.33 -20.46
C TYR F 161 -10.61 -32.46 -20.69
N ASP F 162 -10.43 -32.81 -21.95
CA ASP F 162 -9.50 -33.86 -22.33
C ASP F 162 -8.11 -33.25 -22.41
N SER F 163 -7.20 -33.74 -21.59
CA SER F 163 -5.89 -33.12 -21.39
C SER F 163 -4.87 -33.74 -22.34
N HIS F 164 -4.34 -32.94 -23.28
CA HIS F 164 -3.35 -33.38 -24.26
C HIS F 164 -1.97 -32.77 -23.93
N SER F 165 -1.05 -32.78 -24.90
CA SER F 165 0.32 -32.35 -24.60
CA SER F 165 0.33 -32.38 -24.62
C SER F 165 0.89 -31.58 -25.79
N LEU F 166 2.23 -31.43 -25.82
CA LEU F 166 2.93 -30.67 -26.85
C LEU F 166 3.10 -31.60 -28.06
N ASP F 167 2.04 -31.72 -28.83
CA ASP F 167 1.85 -32.84 -29.74
C ASP F 167 2.18 -32.52 -31.18
N GLY F 168 2.41 -31.26 -31.51
CA GLY F 168 2.51 -30.85 -32.89
C GLY F 168 1.14 -30.68 -33.53
N VAL F 169 1.10 -29.85 -34.57
CA VAL F 169 -0.17 -29.45 -35.17
C VAL F 169 -0.98 -30.66 -35.63
N LYS F 170 -0.32 -31.66 -36.22
CA LYS F 170 -1.05 -32.79 -36.78
C LYS F 170 -1.73 -33.61 -35.68
N LEU F 171 -0.97 -34.04 -34.67
CA LEU F 171 -1.54 -34.86 -33.62
C LEU F 171 -2.45 -34.04 -32.71
N ALA F 172 -2.08 -32.79 -32.42
CA ALA F 172 -2.94 -31.95 -31.59
C ALA F 172 -4.34 -31.85 -32.18
N THR F 173 -4.44 -31.72 -33.50
CA THR F 173 -5.74 -31.54 -34.13
C THR F 173 -6.52 -32.86 -34.18
N GLU F 174 -5.83 -33.97 -34.47
CA GLU F 174 -6.47 -35.28 -34.44
C GLU F 174 -7.04 -35.57 -33.06
N ARG F 175 -6.27 -35.28 -32.01
CA ARG F 175 -6.73 -35.61 -30.67
C ARG F 175 -7.90 -34.73 -30.26
N ALA F 176 -7.88 -33.46 -30.65
CA ALA F 176 -9.00 -32.58 -30.37
C ALA F 176 -10.27 -33.04 -31.09
N VAL F 177 -10.13 -33.54 -32.32
CA VAL F 177 -11.29 -34.10 -33.02
C VAL F 177 -11.81 -35.34 -32.30
N THR F 178 -10.91 -36.22 -31.86
CA THR F 178 -11.36 -37.43 -31.17
C THR F 178 -12.03 -37.08 -29.84
N ALA F 179 -11.49 -36.10 -29.11
CA ALA F 179 -12.10 -35.68 -27.86
C ALA F 179 -13.52 -35.15 -28.08
N ALA F 180 -13.69 -34.29 -29.09
CA ALA F 180 -15.02 -33.77 -29.40
C ALA F 180 -15.97 -34.89 -29.77
N GLU F 181 -15.47 -35.91 -30.47
CA GLU F 181 -16.31 -37.06 -30.80
C GLU F 181 -16.72 -37.85 -29.57
N LEU F 182 -15.84 -37.94 -28.57
CA LEU F 182 -16.17 -38.61 -27.32
C LEU F 182 -17.12 -37.79 -26.44
N GLY F 183 -17.44 -36.56 -26.83
CA GLY F 183 -18.36 -35.74 -26.09
C GLY F 183 -17.74 -34.66 -25.22
N PHE F 184 -16.41 -34.59 -25.14
CA PHE F 184 -15.79 -33.51 -24.38
C PHE F 184 -16.06 -32.16 -25.03
N ARG F 185 -16.24 -31.15 -24.20
CA ARG F 185 -16.53 -29.81 -24.69
C ARG F 185 -15.32 -28.89 -24.67
N ALA F 186 -14.15 -29.41 -24.31
CA ALA F 186 -12.94 -28.60 -24.21
C ALA F 186 -11.72 -29.51 -24.16
N VAL F 187 -10.59 -29.02 -24.68
CA VAL F 187 -9.33 -29.75 -24.60
C VAL F 187 -8.24 -28.80 -24.14
N LYS F 188 -7.21 -29.39 -23.55
CA LYS F 188 -6.00 -28.68 -23.18
C LYS F 188 -4.84 -29.18 -24.03
N THR F 189 -4.08 -28.26 -24.59
CA THR F 189 -2.86 -28.60 -25.29
C THR F 189 -1.72 -27.87 -24.62
N LYS F 190 -0.56 -28.50 -24.58
CA LYS F 190 0.63 -27.87 -24.03
C LYS F 190 1.38 -27.16 -25.15
N ILE F 191 1.79 -25.92 -24.91
CA ILE F 191 2.44 -25.12 -25.93
C ILE F 191 3.76 -24.57 -25.37
N GLY F 192 4.41 -23.71 -26.14
CA GLY F 192 5.75 -23.31 -25.75
C GLY F 192 6.76 -23.87 -26.73
N TYR F 193 6.34 -23.99 -27.98
CA TYR F 193 7.25 -24.33 -29.06
C TYR F 193 8.31 -23.24 -29.20
N PRO F 194 9.41 -23.52 -29.91
CA PRO F 194 10.45 -22.48 -30.05
C PRO F 194 9.94 -21.13 -30.52
N ALA F 195 8.94 -21.10 -31.41
CA ALA F 195 8.41 -19.86 -31.96
C ALA F 195 6.97 -19.62 -31.52
N LEU F 196 6.64 -18.35 -31.29
CA LEU F 196 5.26 -17.99 -31.02
C LEU F 196 4.34 -18.42 -32.16
N ASP F 197 4.82 -18.34 -33.40
CA ASP F 197 3.99 -18.72 -34.54
C ASP F 197 3.58 -20.18 -34.48
N GLN F 198 4.43 -21.04 -33.90
CA GLN F 198 4.08 -22.45 -33.77
C GLN F 198 2.98 -22.66 -32.73
N ASP F 199 3.05 -21.95 -31.60
CA ASP F 199 1.94 -21.92 -30.66
C ASP F 199 0.64 -21.57 -31.37
N LEU F 200 0.64 -20.45 -32.09
CA LEU F 200 -0.57 -19.98 -32.73
C LEU F 200 -1.04 -20.94 -33.82
N ALA F 201 -0.11 -21.58 -34.55
CA ALA F 201 -0.52 -22.55 -35.57
C ALA F 201 -1.30 -23.71 -34.96
N VAL F 202 -0.85 -24.21 -33.80
CA VAL F 202 -1.54 -25.33 -33.15
C VAL F 202 -2.94 -24.91 -32.70
N VAL F 203 -3.05 -23.75 -32.04
CA VAL F 203 -4.35 -23.30 -31.57
C VAL F 203 -5.30 -23.07 -32.74
N ARG F 204 -4.80 -22.39 -33.78
CA ARG F 204 -5.62 -22.13 -34.96
C ARG F 204 -6.11 -23.42 -35.61
N SER F 205 -5.26 -24.43 -35.66
CA SER F 205 -5.67 -25.69 -36.28
C SER F 205 -6.68 -26.44 -35.42
N ILE F 206 -6.49 -26.43 -34.10
CA ILE F 206 -7.50 -27.03 -33.23
C ILE F 206 -8.81 -26.30 -33.39
N ARG F 207 -8.75 -24.96 -33.43
CA ARG F 207 -9.97 -24.16 -33.45
C ARG F 207 -10.78 -24.42 -34.72
N GLN F 208 -10.11 -24.56 -35.86
CA GLN F 208 -10.83 -24.81 -37.11
C GLN F 208 -11.52 -26.16 -37.09
N ALA F 209 -10.98 -27.14 -36.35
CA ALA F 209 -11.51 -28.49 -36.33
C ALA F 209 -12.61 -28.69 -35.30
N VAL F 210 -12.61 -27.92 -34.20
CA VAL F 210 -13.62 -28.06 -33.17
C VAL F 210 -14.64 -26.93 -33.19
N GLY F 211 -14.35 -25.82 -33.86
CA GLY F 211 -15.30 -24.73 -33.94
C GLY F 211 -15.22 -23.76 -32.78
N ASP F 212 -16.13 -22.79 -32.83
CA ASP F 212 -16.10 -21.66 -31.90
C ASP F 212 -16.60 -22.06 -30.52
N ASP F 213 -17.61 -22.93 -30.45
CA ASP F 213 -18.24 -23.30 -29.18
C ASP F 213 -17.52 -24.51 -28.59
N PHE F 214 -16.30 -24.26 -28.10
CA PHE F 214 -15.42 -25.32 -27.66
C PHE F 214 -14.26 -24.71 -26.88
N GLY F 215 -13.92 -25.30 -25.75
CA GLY F 215 -12.79 -24.78 -24.96
C GLY F 215 -11.45 -25.26 -25.49
N ILE F 216 -10.48 -24.35 -25.53
CA ILE F 216 -9.08 -24.66 -25.80
C ILE F 216 -8.26 -24.01 -24.69
N MET F 217 -7.88 -24.80 -23.69
CA MET F 217 -6.95 -24.35 -22.65
C MET F 217 -5.52 -24.60 -23.11
N VAL F 218 -4.62 -23.66 -22.82
CA VAL F 218 -3.24 -23.82 -23.24
C VAL F 218 -2.33 -23.67 -22.01
N ASP F 219 -1.20 -24.38 -22.06
CA ASP F 219 -0.34 -24.60 -20.90
C ASP F 219 1.12 -24.46 -21.33
N TYR F 220 1.87 -23.55 -20.70
CA TYR F 220 3.26 -23.30 -21.03
C TYR F 220 4.27 -24.03 -20.15
N ASN F 221 3.82 -24.69 -19.09
CA ASN F 221 4.70 -25.42 -18.16
C ASN F 221 5.93 -24.60 -17.78
N GLN F 222 5.69 -23.38 -17.33
CA GLN F 222 6.69 -22.51 -16.71
C GLN F 222 7.78 -22.07 -17.67
N SER F 223 7.56 -22.15 -18.98
CA SER F 223 8.71 -22.06 -19.88
C SER F 223 9.03 -20.64 -20.34
N LEU F 224 8.22 -19.63 -20.03
CA LEU F 224 8.46 -18.27 -20.47
C LEU F 224 8.91 -17.39 -19.30
N ASP F 225 9.79 -16.44 -19.59
CA ASP F 225 9.99 -15.33 -18.67
C ASP F 225 8.82 -14.35 -18.82
N VAL F 226 8.73 -13.39 -17.89
CA VAL F 226 7.51 -12.56 -17.81
C VAL F 226 7.28 -11.76 -19.10
N PRO F 227 8.28 -11.05 -19.66
CA PRO F 227 8.03 -10.34 -20.94
C PRO F 227 7.59 -11.26 -22.08
N ALA F 228 8.27 -12.39 -22.28
CA ALA F 228 7.82 -13.35 -23.29
C ALA F 228 6.38 -13.77 -23.04
N ALA F 229 6.04 -14.03 -21.79
CA ALA F 229 4.70 -14.50 -21.47
C ALA F 229 3.65 -13.44 -21.77
N ILE F 230 3.97 -12.15 -21.55
CA ILE F 230 3.03 -11.09 -21.92
C ILE F 230 2.83 -11.04 -23.43
N LYS F 231 3.92 -11.14 -24.18
CA LYS F 231 3.84 -11.05 -25.64
C LYS F 231 3.10 -12.25 -26.22
N ARG F 232 3.50 -13.47 -25.84
CA ARG F 232 2.81 -14.65 -26.33
C ARG F 232 1.36 -14.68 -25.87
N SER F 233 1.10 -14.36 -24.59
CA SER F 233 -0.26 -14.51 -24.08
C SER F 233 -1.22 -13.53 -24.71
N GLN F 234 -0.75 -12.31 -25.04
CA GLN F 234 -1.64 -11.36 -25.71
C GLN F 234 -1.97 -11.80 -27.13
N ALA F 235 -1.05 -12.52 -27.77
CA ALA F 235 -1.36 -13.05 -29.10
C ALA F 235 -2.35 -14.20 -29.00
N LEU F 236 -2.14 -15.10 -28.03
CA LEU F 236 -3.09 -16.18 -27.78
C LEU F 236 -4.47 -15.62 -27.42
N GLN F 237 -4.50 -14.54 -26.64
CA GLN F 237 -5.78 -13.97 -26.24
C GLN F 237 -6.54 -13.44 -27.44
N GLN F 238 -5.83 -12.83 -28.39
CA GLN F 238 -6.44 -12.40 -29.63
C GLN F 238 -6.94 -13.57 -30.47
N GLU F 239 -6.23 -14.71 -30.44
CA GLU F 239 -6.71 -15.90 -31.13
C GLU F 239 -7.99 -16.42 -30.49
N GLY F 240 -8.10 -16.31 -29.17
CA GLY F 240 -9.22 -16.87 -28.45
C GLY F 240 -8.86 -18.21 -27.84
N VAL F 241 -8.46 -18.18 -26.56
CA VAL F 241 -8.24 -19.39 -25.78
C VAL F 241 -9.01 -19.26 -24.48
N THR F 242 -9.14 -20.38 -23.77
CA THR F 242 -9.98 -20.47 -22.58
C THR F 242 -9.24 -20.06 -21.30
N TRP F 243 -8.00 -20.49 -21.14
CA TRP F 243 -7.14 -19.92 -20.11
C TRP F 243 -5.70 -20.12 -20.53
N ILE F 244 -4.79 -19.40 -19.87
CA ILE F 244 -3.35 -19.52 -20.10
C ILE F 244 -2.70 -20.00 -18.80
N GLU F 245 -2.13 -21.19 -18.83
CA GLU F 245 -1.72 -21.89 -17.61
C GLU F 245 -0.20 -21.84 -17.44
N GLU F 246 0.23 -21.56 -16.20
CA GLU F 246 1.64 -21.55 -15.78
C GLU F 246 2.57 -20.95 -16.84
N PRO F 247 2.38 -19.68 -17.20
CA PRO F 247 3.27 -19.08 -18.18
C PRO F 247 4.72 -18.96 -17.72
N THR F 248 4.98 -18.84 -16.41
CA THR F 248 6.38 -18.67 -15.96
C THR F 248 6.62 -19.55 -14.73
N LEU F 249 7.78 -19.36 -14.11
CA LEU F 249 8.20 -20.18 -12.97
C LEU F 249 7.08 -20.25 -11.95
N GLN F 250 6.76 -21.48 -11.52
CA GLN F 250 5.53 -21.70 -10.75
C GLN F 250 5.58 -21.00 -9.40
N HIS F 251 6.78 -20.82 -8.85
CA HIS F 251 6.88 -20.17 -7.54
C HIS F 251 6.89 -18.64 -7.65
N ASP F 252 6.95 -18.10 -8.87
CA ASP F 252 7.03 -16.66 -9.07
C ASP F 252 5.61 -16.11 -9.12
N TYR F 253 5.00 -16.00 -7.93
CA TYR F 253 3.65 -15.49 -7.87
C TYR F 253 3.57 -14.03 -8.33
N GLU F 254 4.58 -13.21 -7.98
CA GLU F 254 4.56 -11.81 -8.43
CA GLU F 254 4.50 -11.82 -8.42
C GLU F 254 4.62 -11.72 -9.94
N GLY F 255 5.47 -12.54 -10.56
CA GLY F 255 5.60 -12.53 -12.00
C GLY F 255 4.31 -12.94 -12.69
N HIS F 256 3.62 -13.95 -12.14
CA HIS F 256 2.31 -14.30 -12.68
C HIS F 256 1.32 -13.14 -12.54
N GLN F 257 1.36 -12.43 -11.40
CA GLN F 257 0.50 -11.25 -11.24
C GLN F 257 0.76 -10.21 -12.30
N ARG F 258 2.04 -9.93 -12.58
CA ARG F 258 2.39 -8.98 -13.64
C ARG F 258 1.86 -9.46 -15.00
N ILE F 259 2.00 -10.75 -15.30
CA ILE F 259 1.46 -11.28 -16.55
C ILE F 259 -0.06 -11.11 -16.56
N GLN F 260 -0.70 -11.52 -15.47
CA GLN F 260 -2.16 -11.43 -15.42
C GLN F 260 -2.64 -9.99 -15.54
N SER F 261 -1.85 -9.04 -15.03
CA SER F 261 -2.24 -7.63 -15.13
C SER F 261 -2.33 -7.15 -16.57
N LYS F 262 -1.69 -7.83 -17.52
CA LYS F 262 -1.71 -7.40 -18.92
C LYS F 262 -2.71 -8.19 -19.78
N LEU F 263 -3.62 -8.96 -19.18
CA LEU F 263 -4.47 -9.90 -19.90
C LEU F 263 -5.92 -9.79 -19.45
N ASN F 264 -6.82 -9.96 -20.42
CA ASN F 264 -8.22 -10.19 -20.12
C ASN F 264 -8.48 -11.69 -19.89
N VAL F 265 -7.85 -12.53 -20.71
CA VAL F 265 -7.92 -13.99 -20.54
C VAL F 265 -7.38 -14.35 -19.16
N PRO F 266 -7.96 -15.31 -18.45
CA PRO F 266 -7.46 -15.66 -17.13
C PRO F 266 -6.17 -16.47 -17.18
N VAL F 267 -5.24 -16.12 -16.30
CA VAL F 267 -4.09 -16.95 -16.00
C VAL F 267 -4.51 -18.03 -15.02
N GLN F 268 -4.11 -19.26 -15.30
CA GLN F 268 -4.43 -20.47 -14.55
C GLN F 268 -3.14 -21.02 -13.94
N MET F 269 -3.20 -21.42 -12.67
CA MET F 269 -2.05 -22.09 -12.06
C MET F 269 -2.55 -22.89 -10.86
N GLY F 270 -1.65 -23.68 -10.28
CA GLY F 270 -1.96 -24.35 -9.04
C GLY F 270 -1.48 -25.78 -8.92
N GLU F 271 -1.18 -26.43 -10.05
CA GLU F 271 -0.78 -27.84 -9.95
C GLU F 271 0.48 -28.02 -9.13
N ASN F 272 1.28 -26.96 -8.97
CA ASN F 272 2.54 -27.07 -8.25
C ASN F 272 2.51 -26.45 -6.85
N TRP F 273 1.35 -25.96 -6.39
CA TRP F 273 1.21 -25.54 -4.98
C TRP F 273 1.37 -26.74 -4.06
N LEU F 274 2.34 -26.68 -3.16
CA LEU F 274 2.52 -27.72 -2.15
C LEU F 274 1.87 -27.25 -0.84
N GLY F 275 0.62 -27.67 -0.63
CA GLY F 275 -0.14 -27.30 0.53
C GLY F 275 -0.97 -26.05 0.30
N PRO F 276 -2.09 -25.93 1.03
CA PRO F 276 -2.93 -24.73 0.87
C PRO F 276 -2.21 -23.45 1.21
N GLU F 277 -1.13 -23.51 1.98
CA GLU F 277 -0.43 -22.28 2.37
C GLU F 277 0.26 -21.64 1.17
N GLU F 278 0.74 -22.45 0.22
CA GLU F 278 1.28 -21.85 -1.00
CA GLU F 278 1.28 -21.89 -1.02
C GLU F 278 0.17 -21.24 -1.85
N MET F 279 -0.99 -21.88 -1.92
CA MET F 279 -2.12 -21.29 -2.63
C MET F 279 -2.54 -19.97 -2.02
N PHE F 280 -2.53 -19.90 -0.67
CA PHE F 280 -2.89 -18.66 0.02
C PHE F 280 -1.96 -17.53 -0.38
N LYS F 281 -0.66 -17.81 -0.47
CA LYS F 281 0.32 -16.80 -0.88
C LYS F 281 0.04 -16.29 -2.29
N ALA F 282 -0.19 -17.21 -3.23
CA ALA F 282 -0.44 -16.84 -4.62
C ALA F 282 -1.72 -16.02 -4.73
N LEU F 283 -2.80 -16.49 -4.10
CA LEU F 283 -4.06 -15.75 -4.22
C LEU F 283 -4.01 -14.41 -3.50
N SER F 284 -3.25 -14.32 -2.40
CA SER F 284 -3.15 -13.06 -1.66
C SER F 284 -2.51 -11.96 -2.49
N ILE F 285 -1.65 -12.29 -3.44
CA ILE F 285 -1.05 -11.25 -4.24
C ILE F 285 -1.64 -11.18 -5.65
N GLY F 286 -2.62 -12.01 -5.98
CA GLY F 286 -3.31 -11.87 -7.25
C GLY F 286 -2.61 -12.53 -8.43
N ALA F 287 -1.99 -13.69 -8.20
CA ALA F 287 -1.20 -14.30 -9.26
C ALA F 287 -2.04 -14.77 -10.42
N CYS F 288 -3.33 -15.04 -10.20
CA CYS F 288 -4.10 -15.80 -11.18
C CYS F 288 -5.58 -15.59 -10.91
N ARG F 289 -6.38 -15.59 -11.98
CA ARG F 289 -7.82 -15.51 -11.80
C ARG F 289 -8.50 -16.88 -11.74
N LEU F 290 -7.77 -17.95 -12.04
CA LEU F 290 -8.27 -19.31 -11.86
C LEU F 290 -7.27 -20.07 -11.01
N ALA F 291 -7.73 -21.16 -10.42
CA ALA F 291 -6.84 -22.05 -9.66
C ALA F 291 -7.13 -23.51 -10.03
N MET F 292 -6.10 -24.34 -10.02
CA MET F 292 -6.28 -25.80 -10.22
C MET F 292 -5.33 -26.57 -9.32
N PRO F 293 -5.69 -26.76 -8.07
CA PRO F 293 -4.84 -27.55 -7.17
C PRO F 293 -4.79 -29.01 -7.60
N ASP F 294 -3.71 -29.66 -7.20
CA ASP F 294 -3.41 -31.07 -7.48
C ASP F 294 -3.67 -31.88 -6.21
N ALA F 295 -4.58 -32.85 -6.26
CA ALA F 295 -5.00 -33.56 -5.04
C ALA F 295 -3.81 -34.04 -4.21
N MET F 296 -2.71 -34.46 -4.85
CA MET F 296 -1.51 -34.85 -4.13
C MET F 296 -0.79 -33.65 -3.53
N LYS F 297 -0.39 -32.71 -4.38
CA LYS F 297 0.50 -31.66 -3.88
C LYS F 297 -0.21 -30.73 -2.90
N ILE F 298 -1.53 -30.56 -3.05
CA ILE F 298 -2.25 -29.68 -2.13
C ILE F 298 -2.41 -30.30 -0.73
N GLY F 299 -2.07 -31.57 -0.55
CA GLY F 299 -2.28 -32.19 0.74
C GLY F 299 -3.45 -33.19 0.82
N GLY F 300 -3.85 -33.81 -0.29
CA GLY F 300 -4.87 -34.84 -0.23
C GLY F 300 -6.25 -34.22 -0.05
N VAL F 301 -7.19 -35.03 0.45
CA VAL F 301 -8.54 -34.53 0.69
C VAL F 301 -8.51 -33.40 1.71
N THR F 302 -7.81 -33.61 2.83
CA THR F 302 -7.74 -32.60 3.88
C THR F 302 -7.25 -31.26 3.32
N GLY F 303 -6.20 -31.30 2.51
CA GLY F 303 -5.69 -30.07 1.91
C GLY F 303 -6.65 -29.49 0.89
N TRP F 304 -7.30 -30.36 0.11
CA TRP F 304 -8.26 -29.87 -0.89
C TRP F 304 -9.39 -29.09 -0.23
N ILE F 305 -9.93 -29.61 0.88
CA ILE F 305 -11.05 -28.94 1.55
C ILE F 305 -10.65 -27.54 1.96
N ARG F 306 -9.44 -27.40 2.50
CA ARG F 306 -8.95 -26.08 2.87
C ARG F 306 -8.75 -25.21 1.64
N ALA F 307 -8.09 -25.76 0.61
CA ALA F 307 -7.95 -25.03 -0.65
C ALA F 307 -9.30 -24.55 -1.17
N SER F 308 -10.32 -25.42 -1.09
CA SER F 308 -11.63 -25.02 -1.61
CA SER F 308 -11.64 -25.04 -1.59
C SER F 308 -12.23 -23.87 -0.80
N ALA F 309 -11.98 -23.83 0.52
CA ALA F 309 -12.46 -22.70 1.31
C ALA F 309 -11.75 -21.40 0.94
N LEU F 310 -10.47 -21.45 0.56
CA LEU F 310 -9.77 -20.25 0.11
C LEU F 310 -10.28 -19.77 -1.24
N ALA F 311 -10.43 -20.69 -2.20
CA ALA F 311 -10.89 -20.32 -3.53
C ALA F 311 -12.23 -19.61 -3.45
N GLN F 312 -13.13 -20.11 -2.60
CA GLN F 312 -14.42 -19.48 -2.41
C GLN F 312 -14.27 -18.04 -1.94
N GLN F 313 -13.49 -17.81 -0.88
CA GLN F 313 -13.40 -16.45 -0.32
C GLN F 313 -12.66 -15.50 -1.25
N PHE F 314 -11.69 -15.98 -2.00
CA PHE F 314 -10.97 -15.14 -2.96
C PHE F 314 -11.70 -15.02 -4.30
N GLY F 315 -12.84 -15.67 -4.48
CA GLY F 315 -13.58 -15.57 -5.74
C GLY F 315 -12.89 -16.25 -6.91
N ILE F 316 -12.35 -17.45 -6.70
CA ILE F 316 -11.55 -18.16 -7.70
C ILE F 316 -12.23 -19.47 -8.13
N PRO F 317 -12.74 -19.55 -9.37
CA PRO F 317 -13.18 -20.84 -9.91
C PRO F 317 -12.05 -21.86 -9.84
N MET F 318 -12.36 -23.04 -9.31
CA MET F 318 -11.34 -24.01 -8.90
C MET F 318 -11.52 -25.31 -9.67
N SER F 319 -10.48 -25.69 -10.41
CA SER F 319 -10.44 -26.91 -11.20
C SER F 319 -9.48 -27.89 -10.53
N SER F 320 -9.36 -29.07 -11.13
CA SER F 320 -8.48 -30.10 -10.58
C SER F 320 -7.28 -30.28 -11.48
N HIS F 321 -6.24 -30.91 -10.93
CA HIS F 321 -5.09 -31.31 -11.73
C HIS F 321 -4.79 -32.75 -11.46
N LEU F 322 -4.91 -33.58 -12.49
CA LEU F 322 -4.66 -35.01 -12.40
C LEU F 322 -5.55 -35.68 -11.34
N PHE F 323 -5.20 -36.92 -10.96
CA PHE F 323 -5.94 -37.67 -9.94
C PHE F 323 -7.46 -37.60 -10.16
N GLN F 324 -7.87 -37.92 -11.39
CA GLN F 324 -9.26 -37.68 -11.78
C GLN F 324 -10.24 -38.54 -10.99
N GLU F 325 -9.78 -39.70 -10.50
CA GLU F 325 -10.67 -40.57 -9.72
C GLU F 325 -11.15 -39.87 -8.46
N ILE F 326 -10.23 -39.29 -7.67
CA ILE F 326 -10.64 -38.64 -6.44
C ILE F 326 -11.13 -37.22 -6.71
N SER F 327 -10.63 -36.57 -7.77
CA SER F 327 -11.03 -35.18 -8.04
C SER F 327 -12.52 -35.08 -8.40
N ALA F 328 -13.10 -36.15 -8.93
CA ALA F 328 -14.53 -36.14 -9.21
C ALA F 328 -15.33 -35.93 -7.92
N HIS F 329 -14.95 -36.64 -6.85
CA HIS F 329 -15.63 -36.46 -5.56
C HIS F 329 -15.36 -35.06 -5.00
N LEU F 330 -14.10 -34.61 -5.07
CA LEU F 330 -13.71 -33.39 -4.36
C LEU F 330 -14.34 -32.16 -5.00
N LEU F 331 -14.39 -32.13 -6.34
CA LEU F 331 -15.01 -31.00 -7.03
C LEU F 331 -16.50 -30.94 -6.72
N ALA F 332 -17.15 -32.10 -6.57
CA ALA F 332 -18.56 -32.07 -6.19
C ALA F 332 -18.79 -31.41 -4.84
N ALA F 333 -17.79 -31.34 -3.97
CA ALA F 333 -17.92 -30.62 -2.71
C ALA F 333 -17.26 -29.25 -2.73
N THR F 334 -16.90 -28.73 -3.91
CA THR F 334 -16.18 -27.47 -4.01
C THR F 334 -17.13 -26.37 -4.44
N PRO F 335 -17.34 -25.34 -3.62
CA PRO F 335 -18.27 -24.26 -4.01
C PRO F 335 -18.01 -23.66 -5.37
N THR F 336 -16.76 -23.42 -5.73
CA THR F 336 -16.45 -22.76 -7.00
C THR F 336 -15.89 -23.75 -8.03
N ALA F 337 -16.27 -25.03 -7.93
CA ALA F 337 -15.81 -26.05 -8.88
C ALA F 337 -15.94 -25.57 -10.32
N HIS F 338 -14.86 -25.72 -11.10
CA HIS F 338 -14.82 -25.26 -12.47
C HIS F 338 -14.73 -26.48 -13.39
N TRP F 339 -13.53 -26.98 -13.69
CA TRP F 339 -13.33 -28.11 -14.61
C TRP F 339 -12.60 -29.26 -13.92
N LEU F 340 -12.80 -30.46 -14.44
CA LEU F 340 -11.96 -31.60 -14.07
C LEU F 340 -10.99 -31.90 -15.21
N GLU F 341 -9.71 -32.05 -14.88
CA GLU F 341 -8.73 -32.45 -15.90
C GLU F 341 -8.78 -33.96 -16.11
N ARG F 342 -9.12 -34.36 -17.33
CA ARG F 342 -9.14 -35.77 -17.68
C ARG F 342 -7.79 -36.10 -18.28
N LEU F 343 -6.91 -36.71 -17.47
CA LEU F 343 -5.65 -37.26 -17.95
C LEU F 343 -5.48 -38.55 -17.16
N ASP F 344 -5.73 -39.67 -17.84
CA ASP F 344 -5.88 -40.96 -17.15
C ASP F 344 -4.51 -41.62 -16.97
N LEU F 345 -3.73 -41.04 -16.05
CA LEU F 345 -2.38 -41.54 -15.77
C LEU F 345 -2.40 -42.99 -15.29
N ALA F 346 -3.40 -43.35 -14.48
CA ALA F 346 -3.37 -44.64 -13.79
C ALA F 346 -4.36 -45.64 -14.37
N GLY F 347 -4.90 -45.36 -15.56
CA GLY F 347 -5.91 -46.24 -16.14
C GLY F 347 -5.42 -47.65 -16.39
N SER F 348 -4.10 -47.84 -16.51
CA SER F 348 -3.56 -49.19 -16.73
CA SER F 348 -3.56 -49.19 -16.73
C SER F 348 -3.58 -50.04 -15.47
N VAL F 349 -3.73 -49.43 -14.29
CA VAL F 349 -3.71 -50.19 -13.04
C VAL F 349 -4.95 -49.96 -12.18
N ILE F 350 -5.94 -49.21 -12.68
CA ILE F 350 -7.17 -48.92 -11.94
C ILE F 350 -8.38 -49.19 -12.83
N GLU F 351 -9.39 -49.87 -12.29
CA GLU F 351 -10.59 -50.19 -13.06
C GLU F 351 -11.36 -48.91 -13.42
N PRO F 352 -11.94 -48.85 -14.62
CA PRO F 352 -12.59 -47.61 -15.09
C PRO F 352 -14.01 -47.43 -14.56
N THR F 353 -14.12 -47.31 -13.23
CA THR F 353 -15.40 -47.06 -12.59
C THR F 353 -15.84 -45.60 -12.74
N LEU F 354 -14.88 -44.67 -12.83
CA LEU F 354 -15.20 -43.32 -13.22
C LEU F 354 -15.58 -43.32 -14.70
N THR F 355 -16.71 -42.71 -15.03
CA THR F 355 -17.21 -42.68 -16.40
C THR F 355 -17.45 -41.23 -16.82
N PHE F 356 -17.62 -41.05 -18.13
CA PHE F 356 -17.83 -39.73 -18.72
C PHE F 356 -19.05 -39.77 -19.62
N GLU F 357 -20.10 -39.06 -19.21
CA GLU F 357 -21.31 -38.89 -20.02
C GLU F 357 -21.36 -37.45 -20.51
N GLY F 358 -21.38 -37.27 -21.82
CA GLY F 358 -21.49 -35.93 -22.36
C GLY F 358 -20.32 -35.04 -22.06
N GLY F 359 -19.17 -35.61 -21.69
CA GLY F 359 -18.01 -34.85 -21.30
C GLY F 359 -17.92 -34.56 -19.81
N ASN F 360 -18.88 -35.04 -19.03
CA ASN F 360 -18.92 -34.81 -17.59
C ASN F 360 -18.45 -36.06 -16.88
N ALA F 361 -17.57 -35.90 -15.90
CA ALA F 361 -17.16 -37.03 -15.09
C ALA F 361 -18.30 -37.41 -14.15
N VAL F 362 -18.57 -38.70 -14.05
CA VAL F 362 -19.68 -39.21 -13.24
C VAL F 362 -19.09 -40.11 -12.16
N ILE F 363 -19.31 -39.72 -10.91
CA ILE F 363 -18.76 -40.45 -9.76
C ILE F 363 -19.39 -41.84 -9.71
N PRO F 364 -18.62 -42.90 -9.47
CA PRO F 364 -19.22 -44.24 -9.40
C PRO F 364 -19.95 -44.48 -8.09
N ASP F 365 -20.91 -45.41 -8.15
CA ASP F 365 -21.69 -45.77 -6.98
C ASP F 365 -20.91 -46.81 -6.17
N LEU F 366 -19.85 -46.33 -5.51
CA LEU F 366 -18.94 -47.17 -4.75
C LEU F 366 -18.55 -46.47 -3.47
N PRO F 367 -18.29 -47.22 -2.40
CA PRO F 367 -17.81 -46.58 -1.16
C PRO F 367 -16.45 -45.96 -1.36
N GLY F 368 -16.19 -44.88 -0.64
CA GLY F 368 -14.89 -44.24 -0.72
C GLY F 368 -14.70 -43.59 -2.07
N VAL F 369 -13.46 -43.67 -2.59
CA VAL F 369 -13.11 -43.04 -3.85
C VAL F 369 -13.61 -43.86 -5.04
N GLY F 370 -13.71 -45.18 -4.91
CA GLY F 370 -14.09 -46.01 -6.02
C GLY F 370 -12.94 -46.55 -6.82
N ILE F 371 -11.77 -46.65 -6.22
CA ILE F 371 -10.59 -47.20 -6.88
C ILE F 371 -10.55 -48.70 -6.65
N ILE F 372 -10.38 -49.47 -7.72
CA ILE F 372 -10.20 -50.91 -7.64
C ILE F 372 -8.95 -51.26 -8.43
N TRP F 373 -7.94 -51.83 -7.76
CA TRP F 373 -6.71 -52.20 -8.45
C TRP F 373 -6.97 -53.23 -9.53
N ARG F 374 -6.25 -53.10 -10.66
CA ARG F 374 -6.20 -54.17 -11.67
C ARG F 374 -4.97 -55.01 -11.36
N GLU F 375 -5.15 -55.97 -10.44
CA GLU F 375 -4.00 -56.65 -9.86
C GLU F 375 -3.21 -57.43 -10.90
N LYS F 376 -3.87 -57.95 -11.94
CA LYS F 376 -3.15 -58.68 -12.97
C LYS F 376 -2.18 -57.77 -13.72
N GLU F 377 -2.53 -56.49 -13.89
CA GLU F 377 -1.71 -55.58 -14.68
C GLU F 377 -0.57 -54.96 -13.87
N ILE F 378 -0.73 -54.86 -12.54
CA ILE F 378 0.27 -54.17 -11.73
C ILE F 378 1.62 -54.87 -11.83
N GLY F 379 1.62 -56.20 -11.73
CA GLY F 379 2.89 -56.94 -11.80
C GLY F 379 3.66 -56.68 -13.08
N LYS F 380 2.97 -56.29 -14.15
CA LYS F 380 3.66 -55.96 -15.40
C LYS F 380 4.57 -54.75 -15.26
N TYR F 381 4.25 -53.81 -14.36
CA TYR F 381 4.92 -52.52 -14.35
C TYR F 381 5.72 -52.24 -13.08
N LEU F 382 5.84 -53.21 -12.17
CA LEU F 382 6.60 -53.03 -10.95
C LEU F 382 8.06 -52.68 -11.25
N VAL F 383 8.58 -51.68 -10.54
CA VAL F 383 9.96 -51.24 -10.74
C VAL F 383 10.95 -52.26 -10.19
N GLU G 27 -29.95 -41.10 -0.95
CA GLU G 27 -30.51 -42.27 -0.30
C GLU G 27 -31.06 -41.94 1.09
N VAL G 28 -30.59 -40.89 1.75
CA VAL G 28 -31.25 -40.35 2.94
C VAL G 28 -31.79 -38.97 2.61
N LEU G 29 -33.10 -38.81 2.74
CA LEU G 29 -33.79 -37.57 2.49
C LEU G 29 -34.25 -36.95 3.79
N ILE G 30 -34.42 -35.62 3.78
CA ILE G 30 -35.03 -34.92 4.88
C ILE G 30 -36.55 -35.11 4.80
N THR G 31 -37.16 -35.52 5.89
CA THR G 31 -38.59 -35.83 5.86
C THR G 31 -39.43 -34.94 6.75
N GLY G 32 -38.85 -33.99 7.46
CA GLY G 32 -39.64 -33.06 8.24
C GLY G 32 -38.73 -32.09 8.97
N LEU G 33 -39.33 -30.99 9.40
CA LEU G 33 -38.62 -29.98 10.19
C LEU G 33 -39.59 -29.44 11.23
N ARG G 34 -39.25 -29.61 12.50
CA ARG G 34 -40.06 -29.12 13.61
C ARG G 34 -39.25 -28.13 14.44
N THR G 35 -39.89 -27.02 14.80
CA THR G 35 -39.25 -26.02 15.64
C THR G 35 -40.10 -25.74 16.86
N ARG G 36 -39.45 -25.49 17.99
CA ARG G 36 -40.11 -25.07 19.22
C ARG G 36 -39.39 -23.82 19.74
N ALA G 37 -40.14 -22.75 19.93
CA ALA G 37 -39.57 -21.52 20.50
C ALA G 37 -39.73 -21.56 22.00
N VAL G 38 -38.63 -21.39 22.72
CA VAL G 38 -38.63 -21.40 24.18
C VAL G 38 -37.90 -20.16 24.71
N ASN G 39 -38.20 -19.81 25.95
CA ASN G 39 -37.58 -18.69 26.63
C ASN G 39 -37.16 -19.25 27.98
N VAL G 40 -35.89 -19.62 28.11
CA VAL G 40 -35.43 -20.44 29.22
C VAL G 40 -34.80 -19.53 30.29
N PRO G 41 -35.28 -19.59 31.52
CA PRO G 41 -34.61 -18.86 32.61
C PRO G 41 -33.12 -19.21 32.71
N LEU G 42 -32.33 -18.22 33.10
CA LEU G 42 -30.90 -18.39 33.33
C LEU G 42 -30.60 -18.25 34.82
N ALA G 43 -29.71 -19.12 35.31
CA ALA G 43 -29.25 -19.01 36.69
C ALA G 43 -28.64 -17.64 36.98
N TYR G 44 -27.84 -17.11 36.05
CA TYR G 44 -27.28 -15.76 36.16
C TYR G 44 -27.63 -15.01 34.88
N PRO G 45 -28.39 -13.91 34.97
CA PRO G 45 -28.61 -13.10 33.77
C PRO G 45 -27.28 -12.70 33.13
N VAL G 46 -27.29 -12.59 31.80
CA VAL G 46 -26.11 -12.10 31.08
C VAL G 46 -26.25 -10.57 31.00
N HIS G 47 -25.71 -9.90 32.01
CA HIS G 47 -25.58 -8.44 31.94
C HIS G 47 -24.43 -8.09 31.00
N THR G 48 -24.64 -7.07 30.17
CA THR G 48 -23.61 -6.57 29.28
C THR G 48 -23.58 -5.05 29.33
N ALA G 49 -22.50 -4.47 28.80
CA ALA G 49 -22.42 -3.02 28.70
C ALA G 49 -23.55 -2.42 27.85
N VAL G 50 -24.22 -3.20 27.01
CA VAL G 50 -25.28 -2.66 26.16
C VAL G 50 -26.67 -3.18 26.56
N GLY G 51 -26.84 -3.71 27.77
CA GLY G 51 -28.12 -4.25 28.20
C GLY G 51 -28.01 -5.69 28.65
N THR G 52 -29.12 -6.17 29.25
CA THR G 52 -29.16 -7.45 29.94
C THR G 52 -29.96 -8.48 29.15
N VAL G 53 -29.38 -9.67 28.97
CA VAL G 53 -30.09 -10.84 28.45
C VAL G 53 -30.49 -11.68 29.65
N GLY G 54 -31.74 -11.53 30.11
CA GLY G 54 -32.21 -12.14 31.34
C GLY G 54 -32.59 -13.61 31.22
N THR G 55 -33.18 -13.98 30.09
CA THR G 55 -33.50 -15.35 29.77
C THR G 55 -32.91 -15.66 28.41
N ALA G 56 -32.85 -16.94 28.05
CA ALA G 56 -32.34 -17.25 26.73
C ALA G 56 -33.49 -17.58 25.78
N PRO G 57 -33.77 -16.76 24.79
CA PRO G 57 -34.77 -17.12 23.78
C PRO G 57 -34.15 -18.03 22.74
N LEU G 58 -34.58 -19.29 22.73
CA LEU G 58 -34.02 -20.28 21.82
C LEU G 58 -35.09 -20.84 20.88
N VAL G 59 -34.64 -21.28 19.70
CA VAL G 59 -35.46 -22.10 18.82
C VAL G 59 -34.84 -23.49 18.78
N LEU G 60 -35.58 -24.51 19.24
CA LEU G 60 -35.10 -25.89 19.18
C LEU G 60 -35.55 -26.52 17.86
N ILE G 61 -34.64 -27.26 17.23
CA ILE G 61 -34.83 -27.73 15.86
C ILE G 61 -34.72 -29.26 15.83
N ASP G 62 -35.71 -29.91 15.22
CA ASP G 62 -35.70 -31.36 14.98
C ASP G 62 -35.82 -31.61 13.48
N LEU G 63 -34.81 -32.27 12.90
CA LEU G 63 -34.77 -32.58 11.47
C LEU G 63 -34.99 -34.10 11.30
N ALA G 64 -36.21 -34.49 10.92
CA ALA G 64 -36.54 -35.89 10.69
C ALA G 64 -35.99 -36.36 9.35
N THR G 65 -35.63 -37.65 9.28
CA THR G 65 -35.02 -38.18 8.07
C THR G 65 -35.63 -39.52 7.68
N SER G 66 -35.48 -39.86 6.40
CA SER G 66 -35.88 -41.19 5.91
C SER G 66 -35.04 -42.31 6.52
N ALA G 67 -33.97 -42.00 7.25
CA ALA G 67 -33.24 -43.02 7.99
C ALA G 67 -33.80 -43.22 9.39
N GLY G 68 -34.80 -42.44 9.77
CA GLY G 68 -35.46 -42.57 11.06
C GLY G 68 -34.80 -41.71 12.14
N VAL G 69 -33.47 -41.56 12.06
CA VAL G 69 -32.81 -40.67 13.01
C VAL G 69 -33.32 -39.24 12.81
N VAL G 70 -33.21 -38.44 13.87
CA VAL G 70 -33.61 -37.05 13.88
C VAL G 70 -32.41 -36.19 14.25
N GLY G 71 -32.09 -35.22 13.41
CA GLY G 71 -31.06 -34.24 13.77
C GLY G 71 -31.62 -33.19 14.71
N HIS G 72 -30.82 -32.82 15.71
CA HIS G 72 -31.16 -31.81 16.69
C HIS G 72 -30.18 -30.64 16.59
N SER G 73 -30.69 -29.43 16.81
CA SER G 73 -29.86 -28.24 16.97
C SER G 73 -30.73 -27.16 17.60
N TYR G 74 -30.10 -26.05 17.96
CA TYR G 74 -30.87 -24.92 18.46
C TYR G 74 -30.17 -23.63 18.04
N LEU G 75 -30.97 -22.58 18.00
CA LEU G 75 -30.55 -21.22 17.67
C LEU G 75 -30.76 -20.33 18.89
N PHE G 76 -29.97 -19.26 18.97
CA PHE G 76 -30.08 -18.26 20.02
C PHE G 76 -30.54 -16.96 19.39
N ALA G 77 -31.70 -16.46 19.82
CA ALA G 77 -32.29 -15.28 19.19
C ALA G 77 -31.84 -13.97 19.84
N TYR G 78 -31.10 -14.05 20.96
CA TYR G 78 -30.50 -12.91 21.65
C TYR G 78 -31.51 -12.05 22.39
N THR G 79 -32.60 -11.68 21.73
CA THR G 79 -33.68 -10.94 22.35
C THR G 79 -35.01 -11.61 22.05
N PRO G 80 -35.93 -11.63 23.01
CA PRO G 80 -37.28 -12.16 22.73
C PRO G 80 -37.98 -11.43 21.58
N VAL G 81 -37.57 -10.20 21.28
CA VAL G 81 -38.17 -9.43 20.20
C VAL G 81 -38.03 -10.16 18.87
N ALA G 82 -36.96 -10.96 18.72
CA ALA G 82 -36.65 -11.66 17.48
C ALA G 82 -37.11 -13.09 17.47
N LEU G 83 -37.57 -13.62 18.61
CA LEU G 83 -37.75 -15.07 18.77
C LEU G 83 -38.84 -15.61 17.85
N LYS G 84 -40.06 -15.06 17.92
CA LYS G 84 -41.15 -15.56 17.08
C LYS G 84 -40.86 -15.35 15.60
N SER G 85 -40.15 -14.27 15.27
CA SER G 85 -39.76 -14.04 13.88
C SER G 85 -38.85 -15.15 13.38
N LEU G 86 -37.86 -15.52 14.19
CA LEU G 86 -36.94 -16.58 13.81
C LEU G 86 -37.66 -17.90 13.64
N LYS G 87 -38.60 -18.22 14.55
CA LYS G 87 -39.35 -19.47 14.42
C LYS G 87 -40.18 -19.47 13.14
N GLN G 88 -40.89 -18.37 12.89
CA GLN G 88 -41.72 -18.25 11.70
C GLN G 88 -40.91 -18.41 10.43
N LEU G 89 -39.77 -17.71 10.36
CA LEU G 89 -38.87 -17.85 9.21
C LEU G 89 -38.46 -19.31 8.98
N LEU G 90 -38.06 -20.00 10.05
CA LEU G 90 -37.65 -21.40 9.93
C LEU G 90 -38.80 -22.28 9.44
N ASP G 91 -40.00 -22.06 9.99
CA ASP G 91 -41.15 -22.83 9.56
C ASP G 91 -41.44 -22.62 8.08
N ASP G 92 -41.29 -21.39 7.60
CA ASP G 92 -41.51 -21.13 6.18
C ASP G 92 -40.35 -21.61 5.32
N MET G 93 -39.19 -21.82 5.92
CA MET G 93 -38.06 -22.37 5.20
C MET G 93 -38.16 -23.87 5.01
N ALA G 94 -38.96 -24.55 5.84
CA ALA G 94 -39.02 -26.01 5.79
C ALA G 94 -39.35 -26.50 4.38
N ALA G 95 -40.26 -25.82 3.70
CA ALA G 95 -40.65 -26.19 2.34
C ALA G 95 -39.46 -26.28 1.39
N MET G 96 -38.39 -25.53 1.67
CA MET G 96 -37.22 -25.56 0.81
C MET G 96 -36.35 -26.80 1.05
N ILE G 97 -36.41 -27.42 2.22
CA ILE G 97 -35.50 -28.51 2.54
C ILE G 97 -36.18 -29.87 2.64
N VAL G 98 -37.49 -29.92 2.95
CA VAL G 98 -38.12 -31.22 3.09
C VAL G 98 -38.09 -31.93 1.75
N ASN G 99 -37.73 -33.22 1.76
CA ASN G 99 -37.54 -34.08 0.60
C ASN G 99 -36.23 -33.85 -0.12
N GLU G 100 -35.31 -33.05 0.41
CA GLU G 100 -33.99 -32.95 -0.18
C GLU G 100 -33.05 -33.97 0.43
N PRO G 101 -31.98 -34.35 -0.27
CA PRO G 101 -31.00 -35.25 0.33
C PRO G 101 -30.38 -34.64 1.58
N LEU G 102 -29.99 -35.51 2.51
CA LEU G 102 -29.34 -35.07 3.74
C LEU G 102 -27.86 -34.86 3.41
N ALA G 103 -27.61 -33.76 2.70
CA ALA G 103 -26.28 -33.39 2.22
C ALA G 103 -26.07 -31.94 2.63
N PRO G 104 -25.56 -31.69 3.83
CA PRO G 104 -25.54 -30.32 4.37
C PRO G 104 -24.79 -29.33 3.49
N VAL G 105 -23.69 -29.76 2.86
CA VAL G 105 -22.92 -28.82 2.04
C VAL G 105 -23.72 -28.42 0.80
N SER G 106 -24.45 -29.37 0.19
CA SER G 106 -25.27 -28.98 -0.94
C SER G 106 -26.52 -28.19 -0.50
N LEU G 107 -27.08 -28.50 0.67
CA LEU G 107 -28.23 -27.73 1.17
C LEU G 107 -27.86 -26.27 1.39
N GLU G 108 -26.66 -26.03 1.94
CA GLU G 108 -26.20 -24.67 2.23
C GLU G 108 -26.05 -23.88 0.94
N ALA G 109 -25.47 -24.48 -0.09
CA ALA G 109 -25.35 -23.80 -1.37
C ALA G 109 -26.71 -23.46 -1.94
N MET G 110 -27.67 -24.37 -1.80
CA MET G 110 -29.03 -24.10 -2.27
C MET G 110 -29.63 -22.91 -1.54
N LEU G 111 -29.54 -22.90 -0.22
CA LEU G 111 -30.12 -21.81 0.56
C LEU G 111 -29.42 -20.49 0.27
N ALA G 112 -28.09 -20.52 0.10
CA ALA G 112 -27.37 -19.29 -0.25
C ALA G 112 -27.88 -18.70 -1.56
N LYS G 113 -28.17 -19.56 -2.55
CA LYS G 113 -28.68 -19.03 -3.81
C LYS G 113 -30.12 -18.56 -3.69
N ARG G 114 -30.97 -19.32 -2.98
CA ARG G 114 -32.38 -18.92 -2.90
C ARG G 114 -32.55 -17.57 -2.19
N PHE G 115 -31.65 -17.24 -1.26
CA PHE G 115 -31.76 -16.02 -0.47
C PHE G 115 -30.80 -14.92 -0.95
N CYS G 116 -30.25 -15.05 -2.16
CA CYS G 116 -29.26 -14.07 -2.59
C CYS G 116 -29.88 -12.71 -2.86
N LEU G 117 -31.19 -12.64 -3.12
CA LEU G 117 -31.81 -11.35 -3.36
C LEU G 117 -32.30 -10.71 -2.08
N ALA G 118 -32.88 -11.51 -1.18
CA ALA G 118 -33.37 -10.98 0.08
C ALA G 118 -32.24 -10.58 1.02
N GLY G 119 -31.10 -11.26 0.92
CA GLY G 119 -29.98 -11.00 1.80
C GLY G 119 -29.69 -12.19 2.66
N TYR G 120 -28.66 -12.95 2.28
CA TYR G 120 -28.25 -14.16 2.98
C TYR G 120 -27.39 -13.80 4.20
N THR G 121 -28.03 -13.12 5.13
CA THR G 121 -27.35 -12.62 6.32
C THR G 121 -28.40 -12.50 7.41
N GLY G 122 -27.98 -12.07 8.58
CA GLY G 122 -28.93 -11.86 9.67
C GLY G 122 -29.77 -13.09 10.00
N LEU G 123 -31.06 -12.84 10.26
CA LEU G 123 -31.96 -13.91 10.69
C LEU G 123 -31.99 -15.06 9.68
N ILE G 124 -32.04 -14.73 8.39
CA ILE G 124 -32.09 -15.75 7.34
C ILE G 124 -30.87 -16.65 7.42
N ARG G 125 -29.70 -16.03 7.55
CA ARG G 125 -28.47 -16.80 7.64
C ARG G 125 -28.42 -17.61 8.94
N MET G 126 -28.89 -17.02 10.03
CA MET G 126 -28.95 -17.77 11.29
C MET G 126 -29.86 -18.99 11.16
N ALA G 127 -31.03 -18.80 10.54
CA ALA G 127 -31.95 -19.93 10.33
C ALA G 127 -31.30 -21.02 9.49
N ALA G 128 -30.57 -20.63 8.44
CA ALA G 128 -29.94 -21.65 7.59
C ALA G 128 -28.88 -22.43 8.38
N ALA G 129 -28.16 -21.75 9.26
CA ALA G 129 -27.18 -22.40 10.12
C ALA G 129 -27.84 -23.43 11.05
N GLY G 130 -29.00 -23.09 11.62
CA GLY G 130 -29.73 -24.05 12.43
C GLY G 130 -30.05 -25.32 11.67
N ILE G 131 -30.53 -25.17 10.43
CA ILE G 131 -30.73 -26.31 9.54
C ILE G 131 -29.44 -27.09 9.38
N ASP G 132 -28.34 -26.37 9.12
CA ASP G 132 -27.08 -27.04 8.82
C ASP G 132 -26.58 -27.83 10.01
N MET G 133 -26.68 -27.27 11.21
CA MET G 133 -26.22 -27.97 12.39
C MET G 133 -27.09 -29.20 12.69
N ALA G 134 -28.39 -29.09 12.48
CA ALA G 134 -29.23 -30.28 12.63
C ALA G 134 -28.93 -31.33 11.58
N ALA G 135 -28.65 -30.90 10.34
CA ALA G 135 -28.37 -31.86 9.27
C ALA G 135 -27.07 -32.61 9.52
N TRP G 136 -26.06 -31.93 10.06
CA TRP G 136 -24.81 -32.63 10.37
C TRP G 136 -24.97 -33.53 11.58
N ASP G 137 -25.76 -33.12 12.58
CA ASP G 137 -26.08 -34.03 13.65
C ASP G 137 -26.77 -35.29 13.10
N ALA G 138 -27.72 -35.10 12.17
CA ALA G 138 -28.42 -36.23 11.56
C ALA G 138 -27.46 -37.11 10.77
N LEU G 139 -26.51 -36.49 10.06
CA LEU G 139 -25.57 -37.30 9.27
C LEU G 139 -24.65 -38.11 10.17
N GLY G 140 -24.22 -37.55 11.31
CA GLY G 140 -23.50 -38.34 12.28
C GLY G 140 -24.32 -39.51 12.81
N LYS G 141 -25.63 -39.32 12.93
CA LYS G 141 -26.47 -40.42 13.41
C LYS G 141 -26.66 -41.50 12.34
N VAL G 142 -26.82 -41.08 11.08
CA VAL G 142 -26.90 -42.04 9.98
C VAL G 142 -25.68 -42.96 10.00
N HIS G 143 -24.51 -42.42 10.33
CA HIS G 143 -23.28 -43.21 10.31
C HIS G 143 -22.88 -43.68 11.69
N GLU G 144 -23.76 -43.51 12.69
CA GLU G 144 -23.54 -43.98 14.05
C GLU G 144 -22.14 -43.60 14.55
N THR G 145 -21.82 -42.31 14.45
CA THR G 145 -20.46 -41.90 14.77
C THR G 145 -20.56 -40.47 15.32
N PRO G 146 -19.78 -40.12 16.35
CA PRO G 146 -19.79 -38.75 16.84
C PRO G 146 -19.34 -37.80 15.73
N LEU G 147 -19.84 -36.56 15.79
CA LEU G 147 -19.57 -35.64 14.70
C LEU G 147 -18.08 -35.44 14.48
N VAL G 148 -17.29 -35.32 15.55
CA VAL G 148 -15.86 -35.07 15.38
C VAL G 148 -15.22 -36.16 14.54
N LYS G 149 -15.68 -37.41 14.66
CA LYS G 149 -15.06 -38.48 13.90
C LYS G 149 -15.55 -38.49 12.46
N LEU G 150 -16.79 -38.05 12.25
CA LEU G 150 -17.32 -37.89 10.90
C LEU G 150 -16.52 -36.86 10.13
N LEU G 151 -16.07 -35.82 10.81
CA LEU G 151 -15.21 -34.81 10.20
C LEU G 151 -13.77 -35.28 10.05
N GLY G 152 -13.45 -36.48 10.53
CA GLY G 152 -12.14 -37.04 10.30
C GLY G 152 -11.10 -36.71 11.34
N ALA G 153 -11.51 -36.27 12.53
CA ALA G 153 -10.59 -35.90 13.60
C ALA G 153 -10.80 -36.79 14.81
N ASN G 154 -9.77 -36.90 15.64
CA ASN G 154 -9.93 -37.55 16.94
C ASN G 154 -10.62 -36.60 17.91
N ALA G 155 -11.47 -37.16 18.76
CA ALA G 155 -11.93 -36.41 19.91
C ALA G 155 -10.72 -36.06 20.75
N ARG G 156 -10.68 -34.83 21.24
CA ARG G 156 -9.64 -34.46 22.18
C ARG G 156 -10.30 -33.52 23.16
N PRO G 157 -9.88 -33.53 24.42
CA PRO G 157 -10.45 -32.56 25.36
C PRO G 157 -10.05 -31.15 24.91
N VAL G 158 -10.92 -30.17 25.11
CA VAL G 158 -10.59 -28.80 24.72
C VAL G 158 -10.77 -27.87 25.92
N GLN G 159 -9.73 -27.08 26.21
CA GLN G 159 -9.77 -26.19 27.36
C GLN G 159 -10.95 -25.23 27.23
N ALA G 160 -11.61 -24.98 28.35
CA ALA G 160 -12.81 -24.17 28.39
C ALA G 160 -12.63 -23.09 29.44
N TYR G 161 -13.19 -21.94 29.16
CA TYR G 161 -13.28 -20.87 30.14
C TYR G 161 -14.74 -20.68 30.52
N ASP G 162 -14.96 -20.41 31.79
CA ASP G 162 -16.31 -20.20 32.31
C ASP G 162 -16.71 -18.75 32.02
N SER G 163 -17.78 -18.58 31.28
CA SER G 163 -18.14 -17.30 30.69
C SER G 163 -19.14 -16.61 31.61
N HIS G 164 -18.72 -15.48 32.18
CA HIS G 164 -19.56 -14.72 33.10
C HIS G 164 -20.04 -13.44 32.43
N SER G 165 -20.58 -12.51 33.20
CA SER G 165 -21.17 -11.31 32.57
C SER G 165 -20.81 -10.06 33.36
N LEU G 166 -21.58 -8.98 33.17
CA LEU G 166 -21.28 -7.68 33.79
C LEU G 166 -21.86 -7.69 35.19
N ASP G 167 -21.12 -8.34 36.09
CA ASP G 167 -21.67 -8.86 37.33
C ASP G 167 -21.43 -7.97 38.54
N GLY G 168 -20.60 -6.94 38.40
CA GLY G 168 -20.15 -6.19 39.56
C GLY G 168 -19.07 -6.94 40.31
N VAL G 169 -18.28 -6.18 41.09
CA VAL G 169 -17.07 -6.74 41.69
C VAL G 169 -17.39 -7.98 42.55
N LYS G 170 -18.40 -7.90 43.41
CA LYS G 170 -18.61 -9.00 44.36
C LYS G 170 -19.00 -10.29 43.63
N LEU G 171 -20.02 -10.20 42.77
CA LEU G 171 -20.46 -11.39 42.04
C LEU G 171 -19.40 -11.89 41.09
N ALA G 172 -18.71 -10.98 40.39
CA ALA G 172 -17.69 -11.42 39.45
C ALA G 172 -16.63 -12.24 40.15
N THR G 173 -16.25 -11.82 41.37
CA THR G 173 -15.23 -12.55 42.09
C THR G 173 -15.76 -13.87 42.63
N GLU G 174 -17.02 -13.90 43.09
CA GLU G 174 -17.60 -15.15 43.57
C GLU G 174 -17.68 -16.19 42.47
N ARG G 175 -18.14 -15.78 41.28
CA ARG G 175 -18.25 -16.71 40.16
C ARG G 175 -16.87 -17.16 39.69
N ALA G 176 -15.87 -16.28 39.75
CA ALA G 176 -14.51 -16.70 39.40
C ALA G 176 -13.97 -17.72 40.38
N VAL G 177 -14.20 -17.49 41.68
CA VAL G 177 -13.74 -18.45 42.70
C VAL G 177 -14.40 -19.81 42.48
N THR G 178 -15.72 -19.80 42.28
CA THR G 178 -16.43 -21.06 42.05
C THR G 178 -15.90 -21.78 40.81
N ALA G 179 -15.70 -21.05 39.71
CA ALA G 179 -15.19 -21.66 38.48
C ALA G 179 -13.82 -22.28 38.70
N ALA G 180 -12.93 -21.60 39.45
CA ALA G 180 -11.63 -22.20 39.73
C ALA G 180 -11.79 -23.47 40.55
N GLU G 181 -12.75 -23.50 41.46
CA GLU G 181 -12.97 -24.71 42.25
C GLU G 181 -13.50 -25.85 41.38
N LEU G 182 -14.25 -25.53 40.32
CA LEU G 182 -14.77 -26.54 39.40
C LEU G 182 -13.73 -27.04 38.40
N GLY G 183 -12.52 -26.48 38.39
CA GLY G 183 -11.46 -26.96 37.53
C GLY G 183 -11.13 -26.08 36.34
N PHE G 184 -11.91 -25.03 36.08
CA PHE G 184 -11.59 -24.14 34.96
C PHE G 184 -10.29 -23.39 35.25
N ARG G 185 -9.53 -23.14 34.19
CA ARG G 185 -8.29 -22.39 34.28
C ARG G 185 -8.39 -20.98 33.74
N ALA G 186 -9.59 -20.55 33.33
CA ALA G 186 -9.82 -19.18 32.87
C ALA G 186 -11.30 -18.89 33.01
N VAL G 187 -11.63 -17.61 33.15
CA VAL G 187 -13.01 -17.14 33.17
C VAL G 187 -13.05 -15.91 32.28
N LYS G 188 -14.24 -15.57 31.81
CA LYS G 188 -14.47 -14.32 31.10
CA LYS G 188 -14.48 -14.32 31.09
C LYS G 188 -15.50 -13.48 31.84
N THR G 189 -15.21 -12.19 31.96
CA THR G 189 -16.14 -11.25 32.55
C THR G 189 -16.43 -10.18 31.52
N LYS G 190 -17.61 -9.59 31.59
CA LYS G 190 -18.01 -8.55 30.66
C LYS G 190 -17.79 -7.21 31.34
N ILE G 191 -17.12 -6.29 30.65
CA ILE G 191 -16.83 -5.00 31.24
C ILE G 191 -17.41 -3.91 30.36
N GLY G 192 -17.14 -2.66 30.69
CA GLY G 192 -17.85 -1.57 30.05
C GLY G 192 -18.72 -0.80 31.02
N TYR G 193 -18.27 -0.75 32.28
CA TYR G 193 -18.91 0.06 33.30
C TYR G 193 -18.74 1.54 32.96
N PRO G 194 -19.55 2.43 33.56
CA PRO G 194 -19.38 3.87 33.27
C PRO G 194 -17.95 4.39 33.40
N ALA G 195 -17.20 3.98 34.43
CA ALA G 195 -15.83 4.42 34.63
C ALA G 195 -14.83 3.31 34.31
N LEU G 196 -13.68 3.69 33.73
CA LEU G 196 -12.58 2.74 33.57
C LEU G 196 -12.17 2.13 34.90
N ASP G 197 -12.17 2.93 35.98
CA ASP G 197 -11.73 2.39 37.26
C ASP G 197 -12.60 1.23 37.72
N GLN G 198 -13.89 1.24 37.36
CA GLN G 198 -14.76 0.12 37.68
C GLN G 198 -14.41 -1.12 36.88
N ASP G 199 -14.02 -0.96 35.60
CA ASP G 199 -13.48 -2.08 34.83
C ASP G 199 -12.29 -2.69 35.55
N LEU G 200 -11.34 -1.84 35.95
CA LEU G 200 -10.12 -2.33 36.58
C LEU G 200 -10.43 -2.96 37.93
N ALA G 201 -11.40 -2.41 38.66
CA ALA G 201 -11.75 -2.95 39.95
C ALA G 201 -12.18 -4.41 39.83
N VAL G 202 -12.95 -4.73 38.78
CA VAL G 202 -13.40 -6.11 38.61
C VAL G 202 -12.21 -7.01 38.27
N VAL G 203 -11.38 -6.60 37.30
CA VAL G 203 -10.23 -7.43 36.92
C VAL G 203 -9.30 -7.64 38.10
N ARG G 204 -9.02 -6.58 38.86
CA ARG G 204 -8.10 -6.73 40.00
C ARG G 204 -8.67 -7.66 41.06
N SER G 205 -9.96 -7.57 41.34
N SER G 205 -9.96 -7.57 41.33
CA SER G 205 -10.55 -8.43 42.37
CA SER G 205 -10.57 -8.43 42.35
C SER G 205 -10.52 -9.90 41.94
C SER G 205 -10.52 -9.89 41.93
N ILE G 206 -10.86 -10.18 40.68
CA ILE G 206 -10.81 -11.55 40.18
C ILE G 206 -9.38 -12.06 40.28
N ARG G 207 -8.43 -11.27 39.78
CA ARG G 207 -7.04 -11.69 39.75
C ARG G 207 -6.53 -12.06 41.13
N GLN G 208 -6.81 -11.23 42.13
CA GLN G 208 -6.39 -11.56 43.48
CA GLN G 208 -6.41 -11.56 43.50
C GLN G 208 -6.99 -12.89 43.92
N ALA G 209 -8.26 -13.13 43.56
CA ALA G 209 -8.94 -14.35 43.99
C ALA G 209 -8.43 -15.60 43.26
N VAL G 210 -8.00 -15.47 42.01
CA VAL G 210 -7.61 -16.64 41.24
C VAL G 210 -6.10 -16.82 41.10
N GLY G 211 -5.31 -15.77 41.28
CA GLY G 211 -3.87 -15.86 41.13
C GLY G 211 -3.40 -15.55 39.71
N ASP G 212 -2.08 -15.65 39.52
CA ASP G 212 -1.46 -15.21 38.26
C ASP G 212 -1.52 -16.26 37.17
N ASP G 213 -1.52 -17.55 37.53
CA ASP G 213 -1.59 -18.63 36.54
C ASP G 213 -3.06 -18.99 36.30
N PHE G 214 -3.75 -18.06 35.63
CA PHE G 214 -5.19 -18.16 35.43
C PHE G 214 -5.57 -17.14 34.37
N GLY G 215 -6.46 -17.52 33.46
CA GLY G 215 -6.92 -16.61 32.42
C GLY G 215 -8.07 -15.72 32.88
N ILE G 216 -8.01 -14.46 32.50
CA ILE G 216 -9.12 -13.51 32.68
C ILE G 216 -9.33 -12.85 31.33
N MET G 217 -10.32 -13.31 30.58
CA MET G 217 -10.75 -12.65 29.35
C MET G 217 -11.80 -11.60 29.67
N VAL G 218 -11.75 -10.47 28.95
CA VAL G 218 -12.69 -9.37 29.16
C VAL G 218 -13.37 -9.02 27.84
N ASP G 219 -14.63 -8.58 27.97
CA ASP G 219 -15.57 -8.43 26.86
C ASP G 219 -16.31 -7.10 27.01
N TYR G 220 -16.14 -6.20 26.02
CA TYR G 220 -16.77 -4.89 26.04
C TYR G 220 -18.08 -4.84 25.26
N ASN G 221 -18.46 -5.91 24.57
CA ASN G 221 -19.70 -5.95 23.79
C ASN G 221 -19.94 -4.65 23.01
N GLN G 222 -18.92 -4.24 22.25
CA GLN G 222 -19.00 -3.16 21.27
C GLN G 222 -19.21 -1.79 21.91
N SER G 223 -18.99 -1.62 23.20
CA SER G 223 -19.54 -0.45 23.89
C SER G 223 -18.65 0.78 23.85
N LEU G 224 -17.44 0.70 23.30
CA LEU G 224 -16.49 1.81 23.31
C LEU G 224 -16.24 2.34 21.91
N ASP G 225 -16.01 3.65 21.80
CA ASP G 225 -15.42 4.19 20.59
C ASP G 225 -13.92 3.88 20.57
N VAL G 226 -13.30 4.10 19.41
CA VAL G 226 -11.90 3.71 19.22
C VAL G 226 -10.95 4.37 20.23
N PRO G 227 -10.95 5.70 20.41
CA PRO G 227 -10.06 6.27 21.44
C PRO G 227 -10.32 5.73 22.84
N ALA G 228 -11.57 5.66 23.26
CA ALA G 228 -11.86 5.09 24.60
C ALA G 228 -11.34 3.66 24.69
N ALA G 229 -11.51 2.89 23.63
CA ALA G 229 -11.01 1.51 23.59
C ALA G 229 -9.49 1.44 23.73
N ILE G 230 -8.78 2.29 23.02
CA ILE G 230 -7.31 2.35 23.19
C ILE G 230 -6.95 2.67 24.63
N LYS G 231 -7.64 3.66 25.23
CA LYS G 231 -7.30 4.08 26.58
C LYS G 231 -7.61 2.98 27.59
N ARG G 232 -8.83 2.46 27.57
CA ARG G 232 -9.18 1.41 28.51
C ARG G 232 -8.32 0.18 28.29
N SER G 233 -8.06 -0.18 27.03
CA SER G 233 -7.35 -1.42 26.76
C SER G 233 -5.89 -1.34 27.16
N GLN G 234 -5.27 -0.17 27.05
CA GLN G 234 -3.90 -0.07 27.53
C GLN G 234 -3.84 -0.16 29.05
N ALA G 235 -4.90 0.28 29.73
CA ALA G 235 -4.96 0.15 31.19
C ALA G 235 -5.13 -1.31 31.59
N LEU G 236 -6.05 -2.01 30.91
CA LEU G 236 -6.26 -3.43 31.18
C LEU G 236 -5.02 -4.23 30.84
N GLN G 237 -4.34 -3.86 29.75
CA GLN G 237 -3.10 -4.53 29.38
C GLN G 237 -2.07 -4.43 30.50
N GLN G 238 -1.98 -3.26 31.15
CA GLN G 238 -1.05 -3.08 32.27
C GLN G 238 -1.41 -3.98 33.43
N GLU G 239 -2.71 -4.17 33.65
CA GLU G 239 -3.19 -5.03 34.71
C GLU G 239 -2.90 -6.48 34.41
N GLY G 240 -3.00 -6.86 33.14
CA GLY G 240 -2.77 -8.23 32.71
C GLY G 240 -4.10 -8.92 32.49
N VAL G 241 -4.52 -9.04 31.23
CA VAL G 241 -5.71 -9.80 30.87
C VAL G 241 -5.34 -10.70 29.69
N THR G 242 -6.22 -11.66 29.41
CA THR G 242 -5.91 -12.68 28.41
C THR G 242 -6.28 -12.25 27.00
N TRP G 243 -7.40 -11.55 26.84
CA TRP G 243 -7.72 -10.89 25.58
C TRP G 243 -8.72 -9.76 25.89
N ILE G 244 -8.93 -8.91 24.91
CA ILE G 244 -9.92 -7.85 25.00
C ILE G 244 -10.87 -8.03 23.82
N GLU G 245 -12.13 -8.33 24.12
CA GLU G 245 -13.08 -8.83 23.15
C GLU G 245 -14.05 -7.73 22.73
N GLU G 246 -14.27 -7.62 21.41
CA GLU G 246 -15.19 -6.67 20.76
C GLU G 246 -15.17 -5.28 21.43
N PRO G 247 -14.03 -4.59 21.40
CA PRO G 247 -13.97 -3.26 22.01
C PRO G 247 -14.95 -2.26 21.40
N THR G 248 -15.24 -2.37 20.10
CA THR G 248 -16.06 -1.34 19.44
C THR G 248 -17.04 -2.03 18.48
N LEU G 249 -17.75 -1.20 17.69
CA LEU G 249 -18.78 -1.71 16.79
C LEU G 249 -18.30 -2.93 16.03
N GLN G 250 -19.09 -4.01 16.09
CA GLN G 250 -18.60 -5.29 15.57
C GLN G 250 -18.29 -5.23 14.08
N HIS G 251 -19.02 -4.41 13.31
CA HIS G 251 -18.78 -4.36 11.88
C HIS G 251 -17.61 -3.45 11.53
N ASP G 252 -17.06 -2.72 12.50
CA ASP G 252 -15.99 -1.75 12.22
C ASP G 252 -14.65 -2.49 12.33
N TYR G 253 -14.30 -3.18 11.23
CA TYR G 253 -13.05 -3.94 11.22
C TYR G 253 -11.84 -3.01 11.21
N GLU G 254 -11.92 -1.90 10.45
CA GLU G 254 -10.86 -0.90 10.42
C GLU G 254 -10.59 -0.34 11.82
N GLY G 255 -11.65 -0.03 12.57
CA GLY G 255 -11.47 0.51 13.91
C GLY G 255 -10.86 -0.49 14.87
N HIS G 256 -11.29 -1.77 14.79
CA HIS G 256 -10.64 -2.82 15.57
C HIS G 256 -9.16 -2.94 15.21
N GLN G 257 -8.82 -2.80 13.92
CA GLN G 257 -7.40 -2.78 13.54
C GLN G 257 -6.66 -1.64 14.22
N ARG G 258 -7.25 -0.44 14.26
CA ARG G 258 -6.61 0.69 14.90
C ARG G 258 -6.40 0.44 16.38
N ILE G 259 -7.39 -0.17 17.05
CA ILE G 259 -7.24 -0.53 18.47
C ILE G 259 -6.14 -1.57 18.63
N GLN G 260 -6.20 -2.63 17.82
CA GLN G 260 -5.16 -3.66 17.90
C GLN G 260 -3.78 -3.06 17.66
N SER G 261 -3.69 -2.02 16.80
CA SER G 261 -2.39 -1.44 16.48
C SER G 261 -1.71 -0.81 17.68
N LYS G 262 -2.48 -0.49 18.73
CA LYS G 262 -1.96 0.12 19.95
C LYS G 262 -1.80 -0.87 21.11
N LEU G 263 -1.89 -2.18 20.86
CA LEU G 263 -1.91 -3.15 21.94
C LEU G 263 -0.92 -4.28 21.67
N ASN G 264 -0.34 -4.77 22.77
CA ASN G 264 0.33 -6.07 22.78
C ASN G 264 -0.67 -7.20 23.06
N VAL G 265 -1.60 -6.97 23.98
CA VAL G 265 -2.68 -7.94 24.30
C VAL G 265 -3.53 -8.17 23.06
N PRO G 266 -4.01 -9.39 22.80
CA PRO G 266 -4.73 -9.60 21.55
C PRO G 266 -6.17 -9.12 21.61
N VAL G 267 -6.58 -8.47 20.54
CA VAL G 267 -7.99 -8.14 20.37
C VAL G 267 -8.71 -9.38 19.88
N GLN G 268 -9.88 -9.64 20.44
CA GLN G 268 -10.65 -10.84 20.15
C GLN G 268 -11.99 -10.42 19.56
N MET G 269 -12.44 -11.13 18.53
CA MET G 269 -13.76 -10.84 17.99
C MET G 269 -14.23 -12.04 17.18
N GLY G 270 -15.48 -11.95 16.74
CA GLY G 270 -15.94 -12.95 15.79
C GLY G 270 -17.34 -13.46 16.05
N GLU G 271 -17.86 -13.28 17.27
CA GLU G 271 -19.18 -13.83 17.57
C GLU G 271 -20.27 -13.26 16.67
N ASN G 272 -20.03 -12.11 16.05
CA ASN G 272 -21.05 -11.47 15.23
C ASN G 272 -20.78 -11.59 13.74
N TRP G 273 -19.75 -12.34 13.32
CA TRP G 273 -19.50 -12.54 11.89
C TRP G 273 -20.62 -13.40 11.33
N LEU G 274 -21.34 -12.87 10.35
CA LEU G 274 -22.39 -13.64 9.68
C LEU G 274 -21.78 -14.28 8.44
N GLY G 275 -21.36 -15.54 8.59
CA GLY G 275 -20.71 -16.26 7.52
C GLY G 275 -19.20 -16.05 7.49
N PRO G 276 -18.49 -16.99 6.88
CA PRO G 276 -17.02 -16.86 6.75
C PRO G 276 -16.57 -15.69 5.91
N GLU G 277 -17.43 -15.20 5.00
CA GLU G 277 -17.06 -14.07 4.16
C GLU G 277 -16.82 -12.82 5.01
N GLU G 278 -17.55 -12.68 6.12
CA GLU G 278 -17.31 -11.54 7.00
CA GLU G 278 -17.31 -11.54 7.00
C GLU G 278 -16.01 -11.73 7.78
N MET G 279 -15.74 -12.94 8.23
CA MET G 279 -14.45 -13.25 8.86
C MET G 279 -13.28 -12.95 7.93
N PHE G 280 -13.42 -13.31 6.65
CA PHE G 280 -12.35 -13.09 5.69
C PHE G 280 -12.06 -11.60 5.52
N LYS G 281 -13.11 -10.77 5.50
CA LYS G 281 -12.93 -9.33 5.45
C LYS G 281 -12.20 -8.82 6.69
N ALA G 282 -12.58 -9.28 7.87
CA ALA G 282 -11.96 -8.75 9.08
C ALA G 282 -10.50 -9.17 9.15
N LEU G 283 -10.22 -10.45 8.90
CA LEU G 283 -8.83 -10.92 8.95
C LEU G 283 -7.98 -10.26 7.88
N SER G 284 -8.57 -9.97 6.71
CA SER G 284 -7.82 -9.36 5.62
C SER G 284 -7.30 -7.97 5.97
N ILE G 285 -8.00 -7.20 6.80
CA ILE G 285 -7.52 -5.88 7.19
C ILE G 285 -6.79 -5.90 8.53
N GLY G 286 -6.70 -7.06 9.19
CA GLY G 286 -5.95 -7.14 10.44
C GLY G 286 -6.73 -6.68 11.66
N ALA G 287 -8.03 -6.99 11.73
CA ALA G 287 -8.88 -6.43 12.77
C ALA G 287 -8.54 -6.96 14.15
N CYS G 288 -8.04 -8.19 14.25
CA CYS G 288 -7.91 -8.91 15.51
C CYS G 288 -6.77 -9.88 15.39
N ARG G 289 -6.15 -10.26 16.51
CA ARG G 289 -5.16 -11.33 16.46
C ARG G 289 -5.73 -12.66 16.94
N LEU G 290 -6.97 -12.67 17.42
CA LEU G 290 -7.69 -13.87 17.79
C LEU G 290 -9.05 -13.88 17.11
N ALA G 291 -9.63 -15.08 16.97
CA ALA G 291 -10.97 -15.16 16.40
C ALA G 291 -11.81 -16.11 17.24
N MET G 292 -13.12 -15.84 17.32
CA MET G 292 -14.06 -16.75 17.98
C MET G 292 -15.39 -16.78 17.24
N PRO G 293 -15.45 -17.53 16.14
CA PRO G 293 -16.73 -17.67 15.43
C PRO G 293 -17.79 -18.36 16.27
N ASP G 294 -19.03 -18.08 15.91
CA ASP G 294 -20.23 -18.55 16.60
C ASP G 294 -20.85 -19.57 15.68
N ALA G 295 -21.02 -20.81 16.17
CA ALA G 295 -21.44 -21.90 15.28
C ALA G 295 -22.70 -21.53 14.50
N MET G 296 -23.59 -20.73 15.08
CA MET G 296 -24.79 -20.29 14.38
C MET G 296 -24.48 -19.18 13.37
N LYS G 297 -23.88 -18.09 13.83
CA LYS G 297 -23.71 -16.97 12.90
C LYS G 297 -22.71 -17.29 11.80
N ILE G 298 -21.69 -18.10 12.10
CA ILE G 298 -20.68 -18.42 11.07
C ILE G 298 -21.28 -19.30 9.99
N GLY G 299 -22.44 -19.93 10.23
CA GLY G 299 -23.11 -20.72 9.22
C GLY G 299 -23.04 -22.20 9.49
N GLY G 300 -23.01 -22.59 10.74
CA GLY G 300 -23.14 -24.00 11.09
C GLY G 300 -21.81 -24.72 10.99
N VAL G 301 -21.89 -26.06 10.99
CA VAL G 301 -20.70 -26.88 10.77
C VAL G 301 -20.06 -26.53 9.44
N THR G 302 -20.86 -26.39 8.39
CA THR G 302 -20.33 -26.10 7.06
C THR G 302 -19.55 -24.78 7.06
N GLY G 303 -20.12 -23.73 7.68
CA GLY G 303 -19.40 -22.45 7.74
C GLY G 303 -18.20 -22.50 8.68
N TRP G 304 -18.32 -23.26 9.77
CA TRP G 304 -17.20 -23.42 10.70
C TRP G 304 -15.99 -24.04 10.01
N ILE G 305 -16.20 -25.11 9.24
CA ILE G 305 -15.09 -25.73 8.53
C ILE G 305 -14.37 -24.69 7.66
N ARG G 306 -15.14 -23.83 6.99
CA ARG G 306 -14.53 -22.81 6.15
C ARG G 306 -13.80 -21.78 7.00
N ALA G 307 -14.40 -21.39 8.14
CA ALA G 307 -13.74 -20.44 9.02
C ALA G 307 -12.43 -21.00 9.56
N SER G 308 -12.43 -22.27 9.95
N SER G 308 -12.43 -22.27 9.91
CA SER G 308 -11.20 -22.91 10.44
CA SER G 308 -11.22 -22.91 10.45
C SER G 308 -10.10 -22.85 9.39
C SER G 308 -10.10 -22.91 9.41
N ALA G 309 -10.44 -23.08 8.13
CA ALA G 309 -9.43 -23.03 7.06
C ALA G 309 -8.85 -21.63 6.90
N LEU G 310 -9.68 -20.59 7.05
CA LEU G 310 -9.16 -19.22 6.99
C LEU G 310 -8.27 -18.92 8.19
N ALA G 311 -8.75 -19.19 9.40
CA ALA G 311 -7.97 -18.92 10.60
C ALA G 311 -6.61 -19.60 10.52
N GLN G 312 -6.58 -20.83 9.99
CA GLN G 312 -5.32 -21.52 9.81
C GLN G 312 -4.36 -20.71 8.94
N GLN G 313 -4.83 -20.22 7.77
CA GLN G 313 -3.92 -19.54 6.84
C GLN G 313 -3.55 -18.12 7.29
N PHE G 314 -4.46 -17.41 7.93
CA PHE G 314 -4.15 -16.10 8.48
C PHE G 314 -3.37 -16.17 9.79
N GLY G 315 -3.08 -17.37 10.31
CA GLY G 315 -2.36 -17.51 11.57
C GLY G 315 -3.09 -17.04 12.82
N ILE G 316 -4.37 -17.39 12.94
CA ILE G 316 -5.27 -16.87 13.97
C ILE G 316 -5.75 -18.00 14.88
N PRO G 317 -5.35 -18.05 16.15
CA PRO G 317 -5.95 -19.00 17.11
C PRO G 317 -7.46 -18.79 17.20
N MET G 318 -8.21 -19.89 17.08
CA MET G 318 -9.66 -19.85 16.87
C MET G 318 -10.37 -20.50 18.05
N SER G 319 -11.22 -19.73 18.71
CA SER G 319 -12.06 -20.17 19.81
C SER G 319 -13.53 -20.25 19.37
N SER G 320 -14.40 -20.67 20.28
CA SER G 320 -15.81 -20.75 19.98
C SER G 320 -16.59 -19.70 20.76
N HIS G 321 -17.82 -19.45 20.30
CA HIS G 321 -18.76 -18.60 21.00
C HIS G 321 -20.08 -19.34 21.13
N LEU G 322 -20.51 -19.57 22.37
CA LEU G 322 -21.74 -20.29 22.70
C LEU G 322 -21.77 -21.68 22.08
N PHE G 323 -22.96 -22.29 22.03
CA PHE G 323 -23.17 -23.60 21.40
C PHE G 323 -22.07 -24.60 21.78
N GLN G 324 -21.84 -24.71 23.10
CA GLN G 324 -20.73 -25.52 23.58
C GLN G 324 -20.88 -26.98 23.16
N GLU G 325 -22.13 -27.45 22.96
CA GLU G 325 -22.33 -28.86 22.63
C GLU G 325 -21.68 -29.21 21.30
N ILE G 326 -21.99 -28.45 20.24
CA ILE G 326 -21.38 -28.74 18.96
C ILE G 326 -19.96 -28.16 18.90
N SER G 327 -19.67 -27.10 19.65
CA SER G 327 -18.35 -26.46 19.54
C SER G 327 -17.23 -27.40 20.01
N ALA G 328 -17.53 -28.30 20.95
CA ALA G 328 -16.51 -29.25 21.40
C ALA G 328 -16.07 -30.14 20.25
N HIS G 329 -17.02 -30.65 19.47
CA HIS G 329 -16.68 -31.41 18.26
C HIS G 329 -15.88 -30.55 17.29
N LEU G 330 -16.39 -29.34 16.98
CA LEU G 330 -15.81 -28.51 15.94
C LEU G 330 -14.38 -28.12 16.29
N LEU G 331 -14.16 -27.70 17.53
CA LEU G 331 -12.81 -27.27 17.92
C LEU G 331 -11.83 -28.42 17.84
N ALA G 332 -12.28 -29.64 18.12
CA ALA G 332 -11.39 -30.78 18.00
C ALA G 332 -10.97 -31.02 16.56
N ALA G 333 -11.73 -30.55 15.58
CA ALA G 333 -11.31 -30.63 14.18
C ALA G 333 -10.58 -29.37 13.68
N THR G 334 -10.34 -28.39 14.54
CA THR G 334 -9.88 -27.08 14.09
C THR G 334 -8.38 -26.97 14.28
N PRO G 335 -7.57 -26.78 13.22
CA PRO G 335 -6.11 -26.76 13.41
C PRO G 335 -5.61 -25.71 14.41
N THR G 336 -6.20 -24.51 14.47
CA THR G 336 -5.73 -23.50 15.43
C THR G 336 -6.61 -23.39 16.65
N ALA G 337 -7.31 -24.49 17.02
CA ALA G 337 -8.23 -24.50 18.16
C ALA G 337 -7.58 -23.85 19.39
N HIS G 338 -8.33 -22.95 20.03
CA HIS G 338 -7.82 -22.16 21.15
C HIS G 338 -8.63 -22.45 22.41
N TRP G 339 -9.76 -21.75 22.63
CA TRP G 339 -10.61 -21.96 23.80
C TRP G 339 -12.04 -22.30 23.41
N LEU G 340 -12.73 -23.06 24.27
CA LEU G 340 -14.17 -23.24 24.17
C LEU G 340 -14.86 -22.34 25.21
N GLU G 341 -15.90 -21.62 24.79
CA GLU G 341 -16.66 -20.79 25.72
C GLU G 341 -17.69 -21.65 26.42
N ARG G 342 -17.54 -21.80 27.72
CA ARG G 342 -18.52 -22.53 28.51
C ARG G 342 -19.55 -21.51 28.98
N LEU G 343 -20.69 -21.45 28.27
CA LEU G 343 -21.84 -20.65 28.68
C LEU G 343 -23.06 -21.50 28.37
N ASP G 344 -23.66 -22.08 29.41
CA ASP G 344 -24.59 -23.20 29.22
C ASP G 344 -26.01 -22.67 29.01
N LEU G 345 -26.21 -22.03 27.86
CA LEU G 345 -27.50 -21.41 27.56
C LEU G 345 -28.63 -22.42 27.52
N ALA G 346 -28.35 -23.63 27.03
CA ALA G 346 -29.41 -24.59 26.78
C ALA G 346 -29.45 -25.72 27.81
N GLY G 347 -28.76 -25.56 28.94
CA GLY G 347 -28.71 -26.62 29.93
C GLY G 347 -30.07 -27.03 30.49
N SER G 348 -31.02 -26.12 30.51
N SER G 348 -31.02 -26.10 30.51
CA SER G 348 -32.33 -26.45 31.05
CA SER G 348 -32.35 -26.42 31.02
C SER G 348 -33.16 -27.33 30.12
C SER G 348 -33.08 -27.43 30.15
N VAL G 349 -32.72 -27.55 28.87
CA VAL G 349 -33.48 -28.36 27.92
C VAL G 349 -32.62 -29.40 27.20
N ILE G 350 -31.34 -29.52 27.53
CA ILE G 350 -30.44 -30.51 26.94
C ILE G 350 -29.76 -31.31 28.04
N GLU G 351 -29.71 -32.64 27.89
CA GLU G 351 -29.05 -33.47 28.89
C GLU G 351 -27.55 -33.17 28.95
N PRO G 352 -26.95 -33.16 30.15
CA PRO G 352 -25.51 -32.83 30.33
C PRO G 352 -24.58 -33.96 29.93
N THR G 353 -24.61 -34.34 28.65
CA THR G 353 -23.71 -35.35 28.14
C THR G 353 -22.32 -34.78 27.88
N LEU G 354 -22.24 -33.49 27.59
CA LEU G 354 -20.94 -32.81 27.56
C LEU G 354 -20.46 -32.62 28.98
N THR G 355 -19.28 -33.13 29.30
CA THR G 355 -18.72 -33.00 30.65
C THR G 355 -17.43 -32.19 30.60
N PHE G 356 -16.99 -31.76 31.78
CA PHE G 356 -15.77 -30.94 31.92
C PHE G 356 -14.88 -31.59 32.95
N GLU G 357 -13.68 -32.00 32.53
CA GLU G 357 -12.68 -32.61 33.40
C GLU G 357 -11.46 -31.71 33.44
N GLY G 358 -11.12 -31.22 34.62
CA GLY G 358 -9.97 -30.34 34.72
C GLY G 358 -10.12 -29.09 33.88
N GLY G 359 -11.35 -28.60 33.70
CA GLY G 359 -11.59 -27.44 32.87
C GLY G 359 -11.64 -27.71 31.38
N ASN G 360 -11.50 -28.96 30.96
CA ASN G 360 -11.56 -29.32 29.54
C ASN G 360 -12.93 -29.90 29.21
N ALA G 361 -13.54 -29.42 28.13
CA ALA G 361 -14.74 -30.08 27.63
C ALA G 361 -14.38 -31.44 27.06
N VAL G 362 -15.21 -32.45 27.36
CA VAL G 362 -14.98 -33.82 26.92
C VAL G 362 -16.18 -34.27 26.11
N ILE G 363 -15.96 -34.59 24.84
CA ILE G 363 -17.03 -34.94 23.90
C ILE G 363 -17.65 -36.27 24.30
N PRO G 364 -18.98 -36.35 24.40
CA PRO G 364 -19.61 -37.64 24.76
C PRO G 364 -19.46 -38.66 23.65
N ASP G 365 -19.50 -39.94 24.04
CA ASP G 365 -19.47 -41.04 23.09
C ASP G 365 -20.89 -41.30 22.62
N LEU G 366 -21.38 -40.40 21.77
CA LEU G 366 -22.72 -40.47 21.22
C LEU G 366 -22.65 -40.11 19.75
N PRO G 367 -23.53 -40.66 18.92
CA PRO G 367 -23.54 -40.30 17.49
C PRO G 367 -23.90 -38.83 17.29
N GLY G 368 -23.34 -38.25 16.24
CA GLY G 368 -23.62 -36.84 15.97
C GLY G 368 -23.07 -35.97 17.08
N VAL G 369 -23.83 -34.92 17.41
CA VAL G 369 -23.39 -33.89 18.36
C VAL G 369 -23.50 -34.35 19.81
N GLY G 370 -24.38 -35.30 20.12
CA GLY G 370 -24.64 -35.67 21.49
C GLY G 370 -25.74 -34.90 22.19
N ILE G 371 -26.67 -34.31 21.42
CA ILE G 371 -27.79 -33.55 21.99
C ILE G 371 -28.95 -34.51 22.25
N ILE G 372 -29.43 -34.54 23.49
CA ILE G 372 -30.64 -35.28 23.87
C ILE G 372 -31.56 -34.31 24.60
N TRP G 373 -32.74 -34.06 24.03
CA TRP G 373 -33.66 -33.10 24.63
C TRP G 373 -34.14 -33.60 25.99
N ARG G 374 -34.39 -32.65 26.88
CA ARG G 374 -35.07 -32.93 28.15
C ARG G 374 -36.55 -32.61 27.92
N GLU G 375 -37.28 -33.62 27.42
CA GLU G 375 -38.60 -33.37 26.82
C GLU G 375 -39.62 -32.94 27.85
N LYS G 376 -39.49 -33.40 29.10
CA LYS G 376 -40.38 -32.91 30.15
C LYS G 376 -40.05 -31.49 30.57
N GLU G 377 -38.81 -31.03 30.38
CA GLU G 377 -38.47 -29.66 30.76
C GLU G 377 -38.90 -28.66 29.71
N ILE G 378 -38.83 -29.03 28.43
CA ILE G 378 -39.10 -28.09 27.35
C ILE G 378 -40.50 -27.49 27.50
N GLY G 379 -41.48 -28.30 27.93
CA GLY G 379 -42.84 -27.80 28.04
C GLY G 379 -42.98 -26.62 28.98
N LYS G 380 -42.14 -26.55 30.02
CA LYS G 380 -42.21 -25.44 30.96
C LYS G 380 -41.90 -24.09 30.31
N TYR G 381 -41.16 -24.08 29.21
CA TYR G 381 -40.61 -22.84 28.69
C TYR G 381 -41.14 -22.43 27.33
N LEU G 382 -42.10 -23.18 26.77
CA LEU G 382 -42.61 -22.88 25.44
C LEU G 382 -43.25 -21.51 25.42
N VAL G 383 -43.12 -20.82 24.29
CA VAL G 383 -43.78 -19.52 24.14
C VAL G 383 -44.87 -19.59 23.07
N GLU H 27 -43.27 16.59 22.49
CA GLU H 27 -44.44 17.08 21.78
C GLU H 27 -45.13 15.95 21.02
N VAL H 28 -44.56 15.47 19.93
CA VAL H 28 -45.21 14.41 19.16
C VAL H 28 -44.59 13.06 19.54
N LEU H 29 -45.45 12.15 19.99
CA LEU H 29 -45.03 10.80 20.35
C LEU H 29 -45.61 9.80 19.36
N ILE H 30 -44.91 8.69 19.23
CA ILE H 30 -45.45 7.57 18.46
C ILE H 30 -46.47 6.85 19.34
N THR H 31 -47.66 6.60 18.79
CA THR H 31 -48.71 5.99 19.58
C THR H 31 -49.07 4.58 19.14
N GLY H 32 -48.65 4.15 17.96
CA GLY H 32 -48.99 2.81 17.52
C GLY H 32 -48.29 2.43 16.25
N LEU H 33 -48.19 1.13 16.04
CA LEU H 33 -47.61 0.56 14.84
C LEU H 33 -48.51 -0.56 14.34
N ARG H 34 -48.84 -0.52 13.05
CA ARG H 34 -49.73 -1.49 12.44
C ARG H 34 -49.10 -1.94 11.12
N THR H 35 -49.06 -3.25 10.91
CA THR H 35 -48.45 -3.85 9.75
C THR H 35 -49.43 -4.80 9.10
N ARG H 36 -49.43 -4.82 7.77
CA ARG H 36 -50.25 -5.74 6.99
C ARG H 36 -49.36 -6.40 5.94
N ALA H 37 -49.32 -7.72 5.94
CA ALA H 37 -48.56 -8.47 4.95
C ALA H 37 -49.44 -8.77 3.76
N VAL H 38 -48.99 -8.35 2.57
CA VAL H 38 -49.70 -8.59 1.32
C VAL H 38 -48.75 -9.28 0.35
N ASN H 39 -49.33 -10.08 -0.55
CA ASN H 39 -48.62 -10.58 -1.72
C ASN H 39 -49.34 -10.04 -2.95
N VAL H 40 -48.74 -9.05 -3.61
CA VAL H 40 -49.43 -8.33 -4.69
C VAL H 40 -48.99 -8.85 -6.05
N PRO H 41 -49.87 -8.77 -7.06
CA PRO H 41 -49.53 -9.29 -8.39
C PRO H 41 -48.71 -8.29 -9.18
N LEU H 42 -47.83 -8.83 -10.03
CA LEU H 42 -47.02 -8.03 -10.93
C LEU H 42 -47.55 -8.19 -12.35
N ALA H 43 -47.67 -7.07 -13.05
CA ALA H 43 -48.02 -7.12 -14.46
C ALA H 43 -47.07 -8.02 -15.24
N TYR H 44 -45.77 -7.92 -14.92
CA TYR H 44 -44.75 -8.77 -15.52
C TYR H 44 -43.90 -9.29 -14.37
N PRO H 45 -43.80 -10.61 -14.19
CA PRO H 45 -42.92 -11.14 -13.15
C PRO H 45 -41.50 -10.64 -13.34
N VAL H 46 -40.80 -10.46 -12.22
CA VAL H 46 -39.38 -10.08 -12.27
C VAL H 46 -38.61 -11.39 -12.40
N HIS H 47 -38.36 -11.80 -13.65
CA HIS H 47 -37.43 -12.89 -13.91
C HIS H 47 -35.99 -12.39 -13.73
N THR H 48 -35.15 -13.21 -13.13
CA THR H 48 -33.76 -12.84 -12.93
C THR H 48 -32.88 -14.03 -13.30
N ALA H 49 -31.57 -13.79 -13.32
CA ALA H 49 -30.63 -14.87 -13.57
C ALA H 49 -30.65 -15.92 -12.47
N VAL H 50 -31.12 -15.57 -11.28
CA VAL H 50 -31.11 -16.47 -10.13
C VAL H 50 -32.52 -16.90 -9.72
N GLY H 51 -33.51 -16.68 -10.59
CA GLY H 51 -34.87 -17.11 -10.32
C GLY H 51 -35.85 -15.96 -10.46
N THR H 52 -37.14 -16.31 -10.35
CA THR H 52 -38.22 -15.40 -10.68
C THR H 52 -38.94 -14.91 -9.43
N VAL H 53 -39.16 -13.59 -9.36
CA VAL H 53 -40.03 -12.98 -8.37
C VAL H 53 -41.36 -12.71 -9.08
N GLY H 54 -42.34 -13.60 -8.90
CA GLY H 54 -43.61 -13.47 -9.60
C GLY H 54 -44.62 -12.57 -8.92
N THR H 55 -44.53 -12.43 -7.61
CA THR H 55 -45.42 -11.57 -6.83
C THR H 55 -44.56 -10.70 -5.94
N ALA H 56 -45.13 -9.57 -5.48
CA ALA H 56 -44.40 -8.74 -4.54
C ALA H 56 -44.91 -8.98 -3.13
N PRO H 57 -44.15 -9.68 -2.28
CA PRO H 57 -44.48 -9.78 -0.85
C PRO H 57 -44.10 -8.49 -0.13
N LEU H 58 -45.11 -7.77 0.36
CA LEU H 58 -44.86 -6.49 1.00
C LEU H 58 -45.44 -6.46 2.41
N VAL H 59 -44.80 -5.68 3.27
CA VAL H 59 -45.35 -5.35 4.58
C VAL H 59 -45.72 -3.88 4.53
N LEU H 60 -47.01 -3.57 4.61
CA LEU H 60 -47.48 -2.19 4.64
C LEU H 60 -47.52 -1.69 6.09
N ILE H 61 -46.95 -0.51 6.32
CA ILE H 61 -46.68 -0.01 7.66
C ILE H 61 -47.49 1.26 7.90
N ASP H 62 -48.19 1.33 9.03
CA ASP H 62 -48.82 2.56 9.50
C ASP H 62 -48.28 2.91 10.88
N LEU H 63 -47.81 4.13 11.02
CA LEU H 63 -47.21 4.61 12.27
C LEU H 63 -48.09 5.75 12.80
N ALA H 64 -48.85 5.47 13.84
CA ALA H 64 -49.74 6.47 14.42
C ALA H 64 -49.00 7.33 15.45
N THR H 65 -49.42 8.60 15.52
CA THR H 65 -48.77 9.62 16.33
C THR H 65 -49.79 10.36 17.17
N SER H 66 -49.31 10.97 18.26
CA SER H 66 -50.18 11.79 19.10
C SER H 66 -50.68 13.04 18.40
N ALA H 67 -50.17 13.36 17.21
CA ALA H 67 -50.56 14.58 16.51
C ALA H 67 -51.72 14.39 15.55
N GLY H 68 -52.33 13.21 15.53
CA GLY H 68 -53.41 12.93 14.62
C GLY H 68 -52.98 12.41 13.25
N VAL H 69 -51.71 12.55 12.89
CA VAL H 69 -51.26 12.09 11.59
C VAL H 69 -50.73 10.67 11.72
N VAL H 70 -50.73 9.96 10.60
CA VAL H 70 -50.24 8.60 10.51
C VAL H 70 -49.19 8.53 9.41
N GLY H 71 -48.01 8.03 9.74
CA GLY H 71 -46.98 7.79 8.72
C GLY H 71 -47.19 6.45 8.01
N HIS H 72 -46.87 6.44 6.72
CA HIS H 72 -46.98 5.26 5.87
C HIS H 72 -45.62 4.91 5.28
N SER H 73 -45.35 3.61 5.21
CA SER H 73 -44.21 3.09 4.48
C SER H 73 -44.52 1.63 4.16
N TYR H 74 -43.69 1.05 3.29
CA TYR H 74 -43.77 -0.39 3.05
C TYR H 74 -42.37 -0.95 2.86
N LEU H 75 -42.28 -2.27 3.04
CA LEU H 75 -41.06 -3.01 2.85
C LEU H 75 -41.29 -4.09 1.82
N PHE H 76 -40.21 -4.48 1.16
CA PHE H 76 -40.21 -5.53 0.15
C PHE H 76 -39.44 -6.71 0.72
N ALA H 77 -40.11 -7.84 0.90
CA ALA H 77 -39.50 -9.01 1.52
C ALA H 77 -38.85 -9.96 0.52
N TYR H 78 -38.94 -9.66 -0.80
CA TYR H 78 -38.26 -10.39 -1.86
C TYR H 78 -38.80 -11.80 -2.11
N THR H 79 -39.05 -12.56 -1.05
CA THR H 79 -39.63 -13.89 -1.17
C THR H 79 -40.75 -14.05 -0.15
N PRO H 80 -41.82 -14.80 -0.49
CA PRO H 80 -42.87 -15.04 0.50
C PRO H 80 -42.37 -15.78 1.71
N VAL H 81 -41.26 -16.50 1.57
CA VAL H 81 -40.69 -17.27 2.69
C VAL H 81 -40.30 -16.36 3.82
N ALA H 82 -39.97 -15.09 3.53
CA ALA H 82 -39.56 -14.16 4.56
C ALA H 82 -40.68 -13.25 5.03
N LEU H 83 -41.86 -13.30 4.40
CA LEU H 83 -42.88 -12.27 4.60
C LEU H 83 -43.43 -12.29 6.02
N LYS H 84 -43.97 -13.43 6.46
CA LYS H 84 -44.60 -13.48 7.77
C LYS H 84 -43.58 -13.23 8.87
N SER H 85 -42.34 -13.71 8.68
CA SER H 85 -41.27 -13.44 9.63
C SER H 85 -41.05 -11.93 9.80
N LEU H 86 -41.05 -11.19 8.69
CA LEU H 86 -40.77 -9.75 8.77
C LEU H 86 -41.93 -9.03 9.45
N LYS H 87 -43.16 -9.42 9.15
CA LYS H 87 -44.31 -8.82 9.84
C LYS H 87 -44.24 -9.08 11.33
N GLN H 88 -43.98 -10.34 11.71
CA GLN H 88 -43.91 -10.72 13.11
C GLN H 88 -42.84 -9.94 13.85
N LEU H 89 -41.69 -9.75 13.21
CA LEU H 89 -40.61 -8.98 13.79
C LEU H 89 -41.04 -7.53 14.04
N LEU H 90 -41.64 -6.89 13.03
CA LEU H 90 -42.14 -5.52 13.21
C LEU H 90 -43.14 -5.43 14.34
N ASP H 91 -44.06 -6.40 14.42
CA ASP H 91 -45.06 -6.35 15.48
C ASP H 91 -44.42 -6.48 16.85
N ASP H 92 -43.34 -7.25 16.94
CA ASP H 92 -42.67 -7.40 18.23
C ASP H 92 -41.79 -6.20 18.53
N MET H 93 -41.47 -5.40 17.53
CA MET H 93 -40.74 -4.16 17.75
C MET H 93 -41.64 -3.04 18.22
N ALA H 94 -42.97 -3.18 18.10
CA ALA H 94 -43.84 -2.04 18.35
C ALA H 94 -43.63 -1.49 19.75
N ALA H 95 -43.46 -2.38 20.73
CA ALA H 95 -43.26 -1.95 22.10
C ALA H 95 -41.99 -1.14 22.29
N MET H 96 -40.99 -1.31 21.42
CA MET H 96 -39.77 -0.53 21.56
C MET H 96 -39.96 0.92 21.14
N ILE H 97 -40.95 1.23 20.31
CA ILE H 97 -41.07 2.58 19.76
C ILE H 97 -42.34 3.31 20.21
N VAL H 98 -43.36 2.60 20.73
CA VAL H 98 -44.55 3.28 21.22
C VAL H 98 -44.20 4.10 22.45
N ASN H 99 -44.70 5.34 22.50
CA ASN H 99 -44.46 6.37 23.50
C ASN H 99 -43.11 7.06 23.32
N GLU H 100 -42.33 6.72 22.28
CA GLU H 100 -41.12 7.46 21.99
C GLU H 100 -41.44 8.70 21.17
N PRO H 101 -40.64 9.77 21.30
CA PRO H 101 -40.86 10.94 20.44
C PRO H 101 -40.66 10.56 18.98
N LEU H 102 -41.41 11.25 18.12
CA LEU H 102 -41.27 11.09 16.67
C LEU H 102 -40.02 11.85 16.22
N ALA H 103 -38.87 11.22 16.48
CA ALA H 103 -37.55 11.75 16.15
C ALA H 103 -36.80 10.62 15.47
N PRO H 104 -36.92 10.49 14.14
CA PRO H 104 -36.43 9.27 13.47
C PRO H 104 -34.93 9.02 13.65
N VAL H 105 -34.12 10.08 13.68
CA VAL H 105 -32.68 9.90 13.84
C VAL H 105 -32.36 9.35 15.23
N SER H 106 -33.08 9.81 16.26
CA SER H 106 -32.86 9.26 17.60
C SER H 106 -33.44 7.87 17.74
N LEU H 107 -34.55 7.60 17.05
CA LEU H 107 -35.14 6.26 17.06
C LEU H 107 -34.21 5.24 16.41
N GLU H 108 -33.60 5.60 15.27
CA GLU H 108 -32.65 4.72 14.60
C GLU H 108 -31.49 4.35 15.51
N ALA H 109 -30.98 5.30 16.27
CA ALA H 109 -29.86 5.03 17.15
C ALA H 109 -30.27 4.07 18.27
N MET H 110 -31.49 4.22 18.77
CA MET H 110 -32.01 3.30 19.78
C MET H 110 -32.10 1.89 19.24
N LEU H 111 -32.63 1.73 18.03
CA LEU H 111 -32.78 0.39 17.47
C LEU H 111 -31.42 -0.23 17.16
N ALA H 112 -30.49 0.58 16.64
CA ALA H 112 -29.14 0.07 16.39
C ALA H 112 -28.53 -0.46 17.67
N LYS H 113 -28.74 0.26 18.77
CA LYS H 113 -28.19 -0.21 20.04
C LYS H 113 -28.90 -1.45 20.55
N ARG H 114 -30.24 -1.46 20.51
CA ARG H 114 -30.99 -2.59 21.05
C ARG H 114 -30.71 -3.89 20.31
N PHE H 115 -30.46 -3.82 19.00
CA PHE H 115 -30.20 -5.00 18.21
C PHE H 115 -28.70 -5.24 17.98
N CYS H 116 -27.83 -4.63 18.79
CA CYS H 116 -26.42 -4.75 18.47
C CYS H 116 -25.88 -6.15 18.74
N LEU H 117 -26.60 -6.95 19.52
CA LEU H 117 -26.15 -8.31 19.80
C LEU H 117 -26.76 -9.31 18.85
N ALA H 118 -28.06 -9.19 18.58
CA ALA H 118 -28.70 -10.07 17.60
C ALA H 118 -28.14 -9.87 16.20
N GLY H 119 -27.75 -8.65 15.86
CA GLY H 119 -27.18 -8.37 14.57
C GLY H 119 -28.04 -7.38 13.81
N TYR H 120 -27.60 -6.13 13.74
CA TYR H 120 -28.39 -5.05 13.17
C TYR H 120 -28.24 -5.03 11.65
N THR H 121 -28.69 -6.11 11.03
CA THR H 121 -28.53 -6.31 9.60
C THR H 121 -29.68 -7.21 9.16
N GLY H 122 -29.72 -7.53 7.88
CA GLY H 122 -30.72 -8.48 7.41
C GLY H 122 -32.14 -8.00 7.69
N LEU H 123 -33.01 -8.97 8.04
CA LEU H 123 -34.42 -8.65 8.28
C LEU H 123 -34.58 -7.59 9.37
N ILE H 124 -33.76 -7.65 10.42
CA ILE H 124 -33.90 -6.71 11.53
C ILE H 124 -33.65 -5.29 11.06
N ARG H 125 -32.61 -5.10 10.24
CA ARG H 125 -32.31 -3.76 9.73
C ARG H 125 -33.39 -3.30 8.77
N MET H 126 -33.95 -4.23 8.00
CA MET H 126 -35.03 -3.90 7.08
C MET H 126 -36.23 -3.39 7.84
N ALA H 127 -36.61 -4.10 8.91
CA ALA H 127 -37.69 -3.65 9.76
C ALA H 127 -37.42 -2.26 10.35
N ALA H 128 -36.18 -2.01 10.81
CA ALA H 128 -35.89 -0.67 11.34
C ALA H 128 -36.05 0.39 10.25
N ALA H 129 -35.68 0.05 9.02
CA ALA H 129 -35.83 0.99 7.92
C ALA H 129 -37.29 1.31 7.62
N GLY H 130 -38.19 0.31 7.71
CA GLY H 130 -39.60 0.57 7.54
C GLY H 130 -40.14 1.52 8.59
N ILE H 131 -39.69 1.37 9.82
CA ILE H 131 -40.09 2.30 10.86
C ILE H 131 -39.54 3.68 10.56
N ASP H 132 -38.29 3.74 10.11
CA ASP H 132 -37.70 5.03 9.77
C ASP H 132 -38.49 5.73 8.66
N MET H 133 -38.80 5.02 7.58
CA MET H 133 -39.47 5.68 6.46
C MET H 133 -40.89 6.12 6.85
N ALA H 134 -41.57 5.33 7.69
CA ALA H 134 -42.87 5.75 8.19
C ALA H 134 -42.76 6.95 9.12
N ALA H 135 -41.68 7.02 9.92
CA ALA H 135 -41.52 8.11 10.87
C ALA H 135 -41.23 9.42 10.15
N TRP H 136 -40.43 9.36 9.08
CA TRP H 136 -40.16 10.57 8.32
C TRP H 136 -41.39 11.00 7.51
N ASP H 137 -42.18 10.06 6.99
CA ASP H 137 -43.45 10.44 6.37
C ASP H 137 -44.32 11.18 7.38
N ALA H 138 -44.40 10.65 8.62
CA ALA H 138 -45.19 11.28 9.67
C ALA H 138 -44.66 12.66 10.03
N LEU H 139 -43.32 12.81 10.06
CA LEU H 139 -42.76 14.11 10.43
C LEU H 139 -43.06 15.17 9.36
N GLY H 140 -42.94 14.80 8.09
CA GLY H 140 -43.45 15.66 7.03
C GLY H 140 -44.91 16.04 7.23
N LYS H 141 -45.74 15.08 7.62
CA LYS H 141 -47.15 15.40 7.83
C LYS H 141 -47.34 16.33 9.01
N VAL H 142 -46.60 16.10 10.11
CA VAL H 142 -46.67 17.01 11.25
C VAL H 142 -46.38 18.45 10.83
N HIS H 143 -45.39 18.64 9.96
CA HIS H 143 -45.02 19.97 9.49
C HIS H 143 -45.67 20.33 8.16
N GLU H 144 -46.64 19.54 7.70
CA GLU H 144 -47.45 19.86 6.54
C GLU H 144 -46.58 20.24 5.34
N THR H 145 -45.60 19.40 5.05
CA THR H 145 -44.64 19.77 4.03
C THR H 145 -44.12 18.50 3.37
N PRO H 146 -43.93 18.50 2.05
CA PRO H 146 -43.38 17.30 1.41
C PRO H 146 -42.03 16.95 2.00
N LEU H 147 -41.71 15.65 2.01
CA LEU H 147 -40.47 15.19 2.63
C LEU H 147 -39.25 15.93 2.06
N VAL H 148 -39.19 16.13 0.75
CA VAL H 148 -38.01 16.77 0.15
C VAL H 148 -37.80 18.15 0.73
N LYS H 149 -38.88 18.88 1.02
CA LYS H 149 -38.73 20.23 1.57
C LYS H 149 -38.33 20.19 3.04
N LEU H 150 -38.82 19.19 3.77
CA LEU H 150 -38.38 18.99 5.15
C LEU H 150 -36.89 18.70 5.22
N LEU H 151 -36.34 18.07 4.19
CA LEU H 151 -34.91 17.82 4.17
C LEU H 151 -34.10 19.02 3.68
N GLY H 152 -34.76 20.15 3.38
CA GLY H 152 -34.05 21.37 3.04
C GLY H 152 -33.73 21.57 1.58
N ALA H 153 -34.36 20.81 0.69
CA ALA H 153 -34.07 20.89 -0.74
C ALA H 153 -35.33 21.24 -1.53
N ASN H 154 -35.12 21.77 -2.73
CA ASN H 154 -36.22 21.99 -3.65
C ASN H 154 -36.62 20.67 -4.31
N ALA H 155 -37.92 20.48 -4.50
CA ALA H 155 -38.38 19.43 -5.38
C ALA H 155 -37.84 19.69 -6.79
N ARG H 156 -37.39 18.63 -7.45
CA ARG H 156 -36.96 18.73 -8.84
C ARG H 156 -37.34 17.42 -9.51
N PRO H 157 -37.59 17.43 -10.82
CA PRO H 157 -37.82 16.16 -11.50
C PRO H 157 -36.53 15.36 -11.55
N VAL H 158 -36.66 14.03 -11.55
CA VAL H 158 -35.48 13.19 -11.65
C VAL H 158 -35.72 12.15 -12.74
N GLN H 159 -34.74 12.03 -13.64
CA GLN H 159 -34.84 11.10 -14.75
C GLN H 159 -35.01 9.69 -14.23
N ALA H 160 -35.91 8.95 -14.85
CA ALA H 160 -36.21 7.58 -14.49
C ALA H 160 -35.89 6.67 -15.67
N TYR H 161 -35.46 5.45 -15.35
CA TYR H 161 -35.43 4.38 -16.33
C TYR H 161 -36.50 3.35 -15.99
N ASP H 162 -37.12 2.79 -17.02
CA ASP H 162 -38.11 1.74 -16.83
C ASP H 162 -37.40 0.41 -16.62
N SER H 163 -37.62 -0.21 -15.47
CA SER H 163 -36.85 -1.36 -15.04
C SER H 163 -37.59 -2.63 -15.44
N HIS H 164 -37.03 -3.38 -16.40
CA HIS H 164 -37.62 -4.62 -16.90
C HIS H 164 -36.82 -5.80 -16.31
N SER H 165 -36.95 -6.99 -16.89
CA SER H 165 -36.32 -8.17 -16.28
C SER H 165 -35.81 -9.12 -17.37
N LEU H 166 -35.58 -10.37 -16.99
CA LEU H 166 -35.00 -11.38 -17.91
C LEU H 166 -36.14 -11.95 -18.75
N ASP H 167 -36.47 -11.21 -19.81
CA ASP H 167 -37.75 -11.33 -20.50
C ASP H 167 -37.66 -12.06 -21.83
N GLY H 168 -36.47 -12.42 -22.29
CA GLY H 168 -36.31 -12.95 -23.63
C GLY H 168 -36.35 -11.85 -24.67
N VAL H 169 -35.79 -12.15 -25.85
CA VAL H 169 -35.59 -11.10 -26.86
C VAL H 169 -36.93 -10.44 -27.23
N LYS H 170 -37.99 -11.23 -27.38
CA LYS H 170 -39.23 -10.66 -27.91
C LYS H 170 -39.86 -9.70 -26.92
N LEU H 171 -40.10 -10.16 -25.69
CA LEU H 171 -40.74 -9.30 -24.71
C LEU H 171 -39.83 -8.15 -24.28
N ALA H 172 -38.51 -8.38 -24.21
CA ALA H 172 -37.61 -7.29 -23.84
C ALA H 172 -37.67 -6.16 -24.85
N THR H 173 -37.69 -6.50 -26.14
CA THR H 173 -37.76 -5.48 -27.17
C THR H 173 -39.10 -4.76 -27.16
N GLU H 174 -40.21 -5.49 -26.96
CA GLU H 174 -41.53 -4.86 -26.89
C GLU H 174 -41.60 -3.86 -25.75
N ARG H 175 -41.16 -4.27 -24.56
CA ARG H 175 -41.28 -3.40 -23.40
C ARG H 175 -40.40 -2.16 -23.54
N ALA H 176 -39.26 -2.29 -24.21
CA ALA H 176 -38.42 -1.12 -24.45
C ALA H 176 -39.08 -0.15 -25.41
N VAL H 177 -39.72 -0.67 -26.46
CA VAL H 177 -40.48 0.19 -27.37
C VAL H 177 -41.59 0.92 -26.61
N THR H 178 -42.31 0.18 -25.76
CA THR H 178 -43.38 0.77 -24.98
C THR H 178 -42.85 1.80 -24.00
N ALA H 179 -41.66 1.55 -23.43
CA ALA H 179 -41.06 2.52 -22.52
C ALA H 179 -40.64 3.78 -23.26
N ALA H 180 -40.03 3.62 -24.44
CA ALA H 180 -39.68 4.79 -25.25
C ALA H 180 -40.92 5.59 -25.64
N GLU H 181 -42.04 4.89 -25.88
CA GLU H 181 -43.28 5.58 -26.22
C GLU H 181 -43.84 6.37 -25.04
N LEU H 182 -43.66 5.87 -23.82
CA LEU H 182 -44.14 6.54 -22.62
C LEU H 182 -43.27 7.72 -22.23
N GLY H 183 -42.15 7.96 -22.92
CA GLY H 183 -41.30 9.10 -22.67
C GLY H 183 -40.01 8.77 -21.96
N PHE H 184 -39.81 7.53 -21.52
CA PHE H 184 -38.58 7.15 -20.84
C PHE H 184 -37.40 7.22 -21.80
N ARG H 185 -36.25 7.62 -21.27
CA ARG H 185 -35.05 7.77 -22.06
C ARG H 185 -34.05 6.64 -21.83
N ALA H 186 -34.39 5.67 -20.98
CA ALA H 186 -33.54 4.51 -20.74
C ALA H 186 -34.39 3.39 -20.17
N VAL H 187 -33.90 2.15 -20.34
CA VAL H 187 -34.52 0.97 -19.76
C VAL H 187 -33.42 0.13 -19.13
N LYS H 188 -33.84 -0.70 -18.16
CA LYS H 188 -32.99 -1.74 -17.59
C LYS H 188 -33.58 -3.10 -17.95
N THR H 189 -32.72 -3.98 -18.45
CA THR H 189 -33.06 -5.39 -18.64
C THR H 189 -32.14 -6.22 -17.77
N LYS H 190 -32.65 -7.35 -17.31
CA LYS H 190 -31.87 -8.31 -16.54
C LYS H 190 -31.31 -9.38 -17.48
N ILE H 191 -30.01 -9.68 -17.35
CA ILE H 191 -29.41 -10.67 -18.23
C ILE H 191 -28.70 -11.74 -17.41
N GLY H 192 -27.87 -12.56 -18.06
CA GLY H 192 -27.36 -13.76 -17.44
C GLY H 192 -28.09 -15.00 -17.93
N TYR H 193 -28.44 -15.01 -19.22
CA TYR H 193 -28.93 -16.21 -19.87
C TYR H 193 -27.82 -17.25 -19.90
N PRO H 194 -28.15 -18.52 -20.15
CA PRO H 194 -27.10 -19.56 -20.20
C PRO H 194 -25.88 -19.17 -21.02
N ALA H 195 -26.05 -18.52 -22.17
CA ALA H 195 -24.96 -18.19 -23.07
C ALA H 195 -24.78 -16.68 -23.19
N LEU H 196 -23.52 -16.26 -23.34
CA LEU H 196 -23.23 -14.85 -23.61
C LEU H 196 -23.95 -14.36 -24.86
N ASP H 197 -24.04 -15.21 -25.90
CA ASP H 197 -24.67 -14.76 -27.14
C ASP H 197 -26.13 -14.37 -26.92
N GLN H 198 -26.76 -14.96 -25.91
CA GLN H 198 -28.14 -14.62 -25.58
C GLN H 198 -28.24 -13.24 -24.96
N ASP H 199 -27.33 -12.92 -24.02
CA ASP H 199 -27.22 -11.56 -23.48
C ASP H 199 -27.08 -10.55 -24.62
N LEU H 200 -26.17 -10.84 -25.56
CA LEU H 200 -25.88 -9.90 -26.63
C LEU H 200 -27.08 -9.75 -27.57
N ALA H 201 -27.76 -10.86 -27.87
CA ALA H 201 -28.93 -10.79 -28.74
C ALA H 201 -30.01 -9.90 -28.13
N VAL H 202 -30.19 -9.95 -26.81
CA VAL H 202 -31.21 -9.11 -26.18
C VAL H 202 -30.83 -7.64 -26.27
N VAL H 203 -29.57 -7.32 -25.95
CA VAL H 203 -29.15 -5.92 -25.99
C VAL H 203 -29.20 -5.37 -27.41
N ARG H 204 -28.84 -6.21 -28.40
CA ARG H 204 -28.82 -5.75 -29.78
C ARG H 204 -30.22 -5.48 -30.29
N SER H 205 -31.17 -6.35 -29.97
CA SER H 205 -32.56 -6.15 -30.41
C SER H 205 -33.16 -4.92 -29.76
N ILE H 206 -32.90 -4.71 -28.46
CA ILE H 206 -33.34 -3.48 -27.81
C ILE H 206 -32.71 -2.28 -28.51
N ARG H 207 -31.40 -2.36 -28.78
CA ARG H 207 -30.70 -1.23 -29.39
C ARG H 207 -31.27 -0.90 -30.76
N GLN H 208 -31.55 -1.92 -31.58
CA GLN H 208 -32.12 -1.70 -32.91
C GLN H 208 -33.45 -0.95 -32.81
N ALA H 209 -34.29 -1.30 -31.85
CA ALA H 209 -35.64 -0.75 -31.74
C ALA H 209 -35.65 0.65 -31.14
N VAL H 210 -34.62 1.02 -30.41
CA VAL H 210 -34.67 2.21 -29.57
C VAL H 210 -33.72 3.31 -30.01
N GLY H 211 -32.73 3.02 -30.86
CA GLY H 211 -31.80 4.02 -31.34
C GLY H 211 -30.62 4.22 -30.41
N ASP H 212 -29.63 4.95 -30.92
CA ASP H 212 -28.38 5.12 -30.19
C ASP H 212 -28.50 6.08 -29.02
N ASP H 213 -29.42 7.03 -29.06
CA ASP H 213 -29.55 8.00 -27.98
C ASP H 213 -30.62 7.54 -26.99
N PHE H 214 -30.25 6.51 -26.24
CA PHE H 214 -31.16 5.84 -25.32
C PHE H 214 -30.30 5.01 -24.37
N GLY H 215 -30.69 4.98 -23.10
CA GLY H 215 -29.95 4.15 -22.15
C GLY H 215 -30.42 2.70 -22.17
N ILE H 216 -29.45 1.80 -22.05
CA ILE H 216 -29.72 0.37 -21.83
C ILE H 216 -28.83 -0.05 -20.66
N MET H 217 -29.39 -0.12 -19.46
CA MET H 217 -28.69 -0.68 -18.31
C MET H 217 -28.91 -2.18 -18.25
N VAL H 218 -27.89 -2.91 -17.81
CA VAL H 218 -27.98 -4.37 -17.77
C VAL H 218 -27.60 -4.86 -16.38
N ASP H 219 -28.27 -5.93 -15.94
CA ASP H 219 -28.23 -6.40 -14.55
C ASP H 219 -28.10 -7.91 -14.52
N TYR H 220 -27.00 -8.42 -13.95
CA TYR H 220 -26.74 -9.86 -13.85
C TYR H 220 -27.22 -10.50 -12.54
N ASN H 221 -27.66 -9.71 -11.56
CA ASN H 221 -28.11 -10.25 -10.28
C ASN H 221 -27.16 -11.30 -9.73
N GLN H 222 -25.87 -10.94 -9.67
CA GLN H 222 -24.83 -11.69 -8.95
C GLN H 222 -24.51 -13.04 -9.56
N SER H 223 -24.84 -13.28 -10.83
CA SER H 223 -24.86 -14.63 -11.37
C SER H 223 -23.55 -15.08 -12.00
N LEU H 224 -22.54 -14.22 -12.07
CA LEU H 224 -21.29 -14.53 -12.75
C LEU H 224 -20.15 -14.62 -11.76
N ASP H 225 -19.24 -15.58 -11.98
CA ASP H 225 -17.96 -15.49 -11.29
C ASP H 225 -17.11 -14.41 -11.95
N VAL H 226 -16.01 -14.05 -11.29
CA VAL H 226 -15.22 -12.88 -11.73
C VAL H 226 -14.67 -13.05 -13.15
N PRO H 227 -14.05 -14.17 -13.52
CA PRO H 227 -13.63 -14.32 -14.94
C PRO H 227 -14.79 -14.26 -15.92
N ALA H 228 -15.88 -14.99 -15.65
CA ALA H 228 -17.04 -14.89 -16.53
C ALA H 228 -17.52 -13.45 -16.63
N ALA H 229 -17.56 -12.73 -15.51
CA ALA H 229 -18.01 -11.34 -15.51
C ALA H 229 -17.11 -10.46 -16.38
N ILE H 230 -15.79 -10.66 -16.34
CA ILE H 230 -14.90 -9.87 -17.20
C ILE H 230 -15.17 -10.20 -18.68
N LYS H 231 -15.32 -11.48 -19.02
CA LYS H 231 -15.54 -11.84 -20.41
C LYS H 231 -16.86 -11.29 -20.93
N ARG H 232 -17.93 -11.50 -20.19
CA ARG H 232 -19.22 -11.01 -20.65
C ARG H 232 -19.26 -9.49 -20.64
N SER H 233 -18.72 -8.86 -19.60
CA SER H 233 -18.83 -7.40 -19.50
C SER H 233 -18.03 -6.70 -20.58
N GLN H 234 -16.90 -7.28 -21.00
CA GLN H 234 -16.16 -6.67 -22.11
C GLN H 234 -16.91 -6.84 -23.42
N ALA H 235 -17.63 -7.95 -23.58
CA ALA H 235 -18.47 -8.11 -24.76
C ALA H 235 -19.59 -7.08 -24.79
N LEU H 236 -20.27 -6.89 -23.64
CA LEU H 236 -21.38 -5.94 -23.58
C LEU H 236 -20.89 -4.51 -23.78
N GLN H 237 -19.70 -4.19 -23.27
CA GLN H 237 -19.16 -2.85 -23.43
C GLN H 237 -18.87 -2.54 -24.89
N GLN H 238 -18.37 -3.54 -25.64
CA GLN H 238 -18.24 -3.38 -27.08
C GLN H 238 -19.59 -3.14 -27.73
N GLU H 239 -20.63 -3.83 -27.23
CA GLU H 239 -21.98 -3.63 -27.74
C GLU H 239 -22.46 -2.23 -27.47
N GLY H 240 -22.24 -1.75 -26.26
CA GLY H 240 -22.68 -0.43 -25.88
C GLY H 240 -23.82 -0.56 -24.89
N VAL H 241 -23.50 -0.51 -23.59
CA VAL H 241 -24.52 -0.48 -22.55
C VAL H 241 -24.23 0.68 -21.61
N THR H 242 -25.23 1.02 -20.81
CA THR H 242 -25.13 2.20 -19.97
C THR H 242 -24.39 1.91 -18.67
N TRP H 243 -24.64 0.76 -18.08
CA TRP H 243 -23.88 0.29 -16.93
C TRP H 243 -24.08 -1.21 -16.80
N ILE H 244 -23.21 -1.87 -16.04
CA ILE H 244 -23.31 -3.30 -15.77
C ILE H 244 -23.47 -3.49 -14.27
N GLU H 245 -24.61 -4.04 -13.87
CA GLU H 245 -25.05 -4.04 -12.48
C GLU H 245 -24.83 -5.41 -11.85
N GLU H 246 -24.24 -5.42 -10.64
CA GLU H 246 -24.08 -6.60 -9.80
C GLU H 246 -23.62 -7.83 -10.63
N PRO H 247 -22.45 -7.76 -11.26
CA PRO H 247 -21.97 -8.94 -12.00
C PRO H 247 -21.73 -10.15 -11.12
N THR H 248 -21.35 -9.98 -9.86
CA THR H 248 -20.99 -11.14 -9.05
C THR H 248 -21.60 -11.02 -7.65
N LEU H 249 -21.22 -11.95 -6.77
CA LEU H 249 -21.75 -11.98 -5.40
C LEU H 249 -21.72 -10.59 -4.78
N GLN H 250 -22.87 -10.18 -4.25
CA GLN H 250 -23.04 -8.78 -3.85
C GLN H 250 -22.07 -8.38 -2.74
N HIS H 251 -21.73 -9.30 -1.85
CA HIS H 251 -20.81 -8.97 -0.77
C HIS H 251 -19.35 -9.00 -1.21
N ASP H 252 -19.06 -9.45 -2.44
CA ASP H 252 -17.67 -9.59 -2.90
C ASP H 252 -17.22 -8.27 -3.50
N TYR H 253 -16.90 -7.32 -2.61
CA TYR H 253 -16.47 -6.01 -3.08
C TYR H 253 -15.13 -6.08 -3.81
N GLU H 254 -14.21 -6.92 -3.32
CA GLU H 254 -12.93 -7.06 -4.00
C GLU H 254 -13.13 -7.61 -5.41
N GLY H 255 -14.01 -8.61 -5.56
CA GLY H 255 -14.26 -9.18 -6.87
C GLY H 255 -14.87 -8.17 -7.83
N HIS H 256 -15.82 -7.37 -7.35
CA HIS H 256 -16.35 -6.29 -8.17
C HIS H 256 -15.24 -5.31 -8.55
N GLN H 257 -14.32 -5.02 -7.63
CA GLN H 257 -13.19 -4.16 -7.98
C GLN H 257 -12.36 -4.75 -9.11
N ARG H 258 -12.11 -6.06 -9.05
CA ARG H 258 -11.33 -6.68 -10.12
C ARG H 258 -12.06 -6.56 -11.47
N ILE H 259 -13.38 -6.77 -11.47
CA ILE H 259 -14.16 -6.64 -12.70
C ILE H 259 -14.11 -5.20 -13.21
N GLN H 260 -14.35 -4.24 -12.32
CA GLN H 260 -14.32 -2.84 -12.73
C GLN H 260 -12.94 -2.46 -13.26
N SER H 261 -11.89 -3.11 -12.76
CA SER H 261 -10.56 -2.78 -13.23
C SER H 261 -10.35 -3.11 -14.70
N LYS H 262 -11.17 -4.00 -15.27
CA LYS H 262 -11.03 -4.42 -16.67
C LYS H 262 -12.04 -3.73 -17.61
N LEU H 263 -12.74 -2.71 -17.13
CA LEU H 263 -13.87 -2.14 -17.86
C LEU H 263 -13.74 -0.63 -17.93
N ASN H 264 -14.16 -0.07 -19.07
CA ASN H 264 -14.41 1.36 -19.19
C ASN H 264 -15.82 1.71 -18.75
N VAL H 265 -16.78 0.86 -19.13
CA VAL H 265 -18.19 1.01 -18.71
C VAL H 265 -18.29 0.91 -17.20
N PRO H 266 -19.16 1.66 -16.54
CA PRO H 266 -19.20 1.62 -15.07
C PRO H 266 -19.90 0.39 -14.55
N VAL H 267 -19.31 -0.21 -13.53
CA VAL H 267 -19.96 -1.22 -12.73
C VAL H 267 -20.89 -0.52 -11.75
N GLN H 268 -22.09 -1.06 -11.59
CA GLN H 268 -23.13 -0.48 -10.76
C GLN H 268 -23.52 -1.49 -9.69
N MET H 269 -23.68 -1.03 -8.45
CA MET H 269 -24.12 -1.95 -7.40
C MET H 269 -24.77 -1.13 -6.29
N GLY H 270 -25.30 -1.84 -5.30
CA GLY H 270 -25.70 -1.21 -4.07
C GLY H 270 -27.06 -1.59 -3.54
N GLU H 271 -27.89 -2.20 -4.38
CA GLU H 271 -29.24 -2.54 -3.91
C GLU H 271 -29.20 -3.48 -2.72
N ASN H 272 -28.09 -4.18 -2.49
CA ASN H 272 -27.99 -5.14 -1.41
C ASN H 272 -27.17 -4.65 -0.22
N TRP H 273 -26.65 -3.42 -0.25
CA TRP H 273 -25.99 -2.86 0.92
C TRP H 273 -26.97 -2.74 2.07
N LEU H 274 -26.67 -3.39 3.18
CA LEU H 274 -27.48 -3.24 4.39
C LEU H 274 -26.80 -2.20 5.26
N GLY H 275 -27.22 -0.94 5.11
CA GLY H 275 -26.71 0.16 5.88
C GLY H 275 -25.56 0.87 5.21
N PRO H 276 -25.39 2.16 5.50
CA PRO H 276 -24.30 2.92 4.88
C PRO H 276 -22.93 2.35 5.20
N GLU H 277 -22.78 1.62 6.30
CA GLU H 277 -21.49 1.02 6.62
C GLU H 277 -21.07 -0.02 5.58
N GLU H 278 -22.02 -0.72 4.96
CA GLU H 278 -21.63 -1.62 3.88
CA GLU H 278 -21.61 -1.62 3.89
C GLU H 278 -21.27 -0.84 2.62
N MET H 279 -22.03 0.22 2.33
CA MET H 279 -21.63 1.11 1.24
C MET H 279 -20.22 1.66 1.43
N PHE H 280 -19.89 2.09 2.65
CA PHE H 280 -18.57 2.64 2.90
C PHE H 280 -17.47 1.62 2.61
N LYS H 281 -17.70 0.38 2.98
CA LYS H 281 -16.71 -0.66 2.73
C LYS H 281 -16.49 -0.89 1.24
N ALA H 282 -17.58 -0.91 0.46
CA ALA H 282 -17.44 -1.13 -0.98
C ALA H 282 -16.74 0.04 -1.66
N LEU H 283 -17.17 1.27 -1.40
CA LEU H 283 -16.53 2.41 -2.03
C LEU H 283 -15.08 2.58 -1.61
N SER H 284 -14.75 2.24 -0.36
CA SER H 284 -13.36 2.36 0.10
C SER H 284 -12.41 1.46 -0.68
N ILE H 285 -12.87 0.34 -1.22
CA ILE H 285 -11.95 -0.47 -2.01
C ILE H 285 -12.21 -0.34 -3.50
N GLY H 286 -13.13 0.52 -3.93
CA GLY H 286 -13.27 0.77 -5.35
C GLY H 286 -14.09 -0.25 -6.10
N ALA H 287 -15.13 -0.80 -5.45
CA ALA H 287 -15.90 -1.88 -6.04
C ALA H 287 -16.68 -1.46 -7.29
N CYS H 288 -16.97 -0.17 -7.47
CA CYS H 288 -17.96 0.27 -8.44
C CYS H 288 -17.79 1.75 -8.67
N ARG H 289 -18.03 2.20 -9.91
CA ARG H 289 -18.02 3.63 -10.20
C ARG H 289 -19.40 4.26 -10.13
N LEU H 290 -20.45 3.47 -9.93
CA LEU H 290 -21.80 3.96 -9.69
C LEU H 290 -22.36 3.28 -8.45
N ALA H 291 -23.31 3.94 -7.78
CA ALA H 291 -23.98 3.36 -6.61
C ALA H 291 -25.49 3.48 -6.75
N MET H 292 -26.22 2.48 -6.23
CA MET H 292 -27.69 2.56 -6.16
C MET H 292 -28.22 1.96 -4.86
N PRO H 293 -28.18 2.72 -3.77
CA PRO H 293 -28.75 2.21 -2.53
C PRO H 293 -30.26 1.99 -2.64
N ASP H 294 -30.74 1.06 -1.83
CA ASP H 294 -32.15 0.73 -1.73
C ASP H 294 -32.71 1.41 -0.47
N ALA H 295 -33.75 2.23 -0.64
CA ALA H 295 -34.26 3.01 0.49
C ALA H 295 -34.49 2.15 1.73
N MET H 296 -34.87 0.87 1.56
CA MET H 296 -35.07 -0.02 2.69
C MET H 296 -33.75 -0.56 3.24
N LYS H 297 -32.96 -1.20 2.41
CA LYS H 297 -31.77 -1.85 2.95
C LYS H 297 -30.72 -0.84 3.44
N ILE H 298 -30.68 0.36 2.86
CA ILE H 298 -29.70 1.35 3.31
C ILE H 298 -30.07 1.93 4.68
N GLY H 299 -31.31 1.76 5.12
CA GLY H 299 -31.66 2.18 6.46
C GLY H 299 -32.67 3.32 6.46
N GLY H 300 -33.47 3.43 5.39
CA GLY H 300 -34.52 4.42 5.36
C GLY H 300 -33.99 5.77 4.90
N VAL H 301 -34.75 6.82 5.26
CA VAL H 301 -34.33 8.18 4.98
C VAL H 301 -33.04 8.50 5.73
N THR H 302 -33.01 8.19 7.01
CA THR H 302 -31.81 8.45 7.80
C THR H 302 -30.57 7.78 7.17
N GLY H 303 -30.69 6.51 6.79
CA GLY H 303 -29.57 5.85 6.12
C GLY H 303 -29.27 6.45 4.75
N TRP H 304 -30.32 6.85 4.02
CA TRP H 304 -30.09 7.42 2.70
C TRP H 304 -29.29 8.71 2.80
N ILE H 305 -29.60 9.54 3.80
CA ILE H 305 -28.88 10.79 3.95
C ILE H 305 -27.41 10.53 4.19
N ARG H 306 -27.10 9.52 5.01
CA ARG H 306 -25.70 9.20 5.25
C ARG H 306 -25.06 8.67 3.97
N ALA H 307 -25.76 7.75 3.28
CA ALA H 307 -25.28 7.22 2.02
C ALA H 307 -24.94 8.34 1.03
N SER H 308 -25.83 9.33 0.91
CA SER H 308 -25.57 10.34 -0.12
C SER H 308 -24.37 11.21 0.22
N ALA H 309 -24.11 11.43 1.52
CA ALA H 309 -22.89 12.11 1.93
C ALA H 309 -21.64 11.32 1.51
N LEU H 310 -21.67 10.00 1.68
CA LEU H 310 -20.55 9.18 1.23
C LEU H 310 -20.37 9.26 -0.28
N ALA H 311 -21.46 9.06 -1.04
CA ALA H 311 -21.35 9.08 -2.49
C ALA H 311 -20.79 10.40 -2.97
N GLN H 312 -21.16 11.50 -2.32
CA GLN H 312 -20.62 12.82 -2.64
C GLN H 312 -19.10 12.84 -2.49
N GLN H 313 -18.58 12.45 -1.32
CA GLN H 313 -17.14 12.54 -1.09
C GLN H 313 -16.33 11.51 -1.90
N PHE H 314 -16.89 10.32 -2.15
CA PHE H 314 -16.21 9.36 -3.01
C PHE H 314 -16.39 9.64 -4.49
N GLY H 315 -17.15 10.67 -4.87
CA GLY H 315 -17.34 10.98 -6.29
C GLY H 315 -18.12 9.93 -7.06
N ILE H 316 -19.22 9.45 -6.50
CA ILE H 316 -20.02 8.38 -7.08
C ILE H 316 -21.41 8.91 -7.42
N PRO H 317 -21.80 8.91 -8.70
CA PRO H 317 -23.20 9.19 -9.06
C PRO H 317 -24.14 8.16 -8.45
N MET H 318 -25.21 8.63 -7.84
CA MET H 318 -26.01 7.80 -6.94
C MET H 318 -27.45 7.74 -7.43
N SER H 319 -27.92 6.53 -7.71
CA SER H 319 -29.27 6.24 -8.17
C SER H 319 -30.05 5.53 -7.06
N SER H 320 -31.31 5.20 -7.34
CA SER H 320 -32.13 4.53 -6.35
C SER H 320 -32.43 3.09 -6.76
N HIS H 321 -32.79 2.27 -5.79
CA HIS H 321 -33.29 0.93 -6.08
C HIS H 321 -34.65 0.76 -5.44
N LEU H 322 -35.67 0.61 -6.30
CA LEU H 322 -37.04 0.39 -5.85
C LEU H 322 -37.54 1.57 -5.04
N PHE H 323 -38.67 1.39 -4.33
CA PHE H 323 -39.26 2.43 -3.47
C PHE H 323 -39.29 3.78 -4.18
N GLN H 324 -39.86 3.77 -5.39
CA GLN H 324 -39.78 4.96 -6.24
C GLN H 324 -40.53 6.12 -5.61
N GLU H 325 -41.57 5.83 -4.80
CA GLU H 325 -42.34 6.91 -4.18
C GLU H 325 -41.48 7.75 -3.26
N ILE H 326 -40.71 7.10 -2.37
CA ILE H 326 -39.86 7.87 -1.47
C ILE H 326 -38.56 8.24 -2.18
N SER H 327 -38.10 7.44 -3.15
CA SER H 327 -36.83 7.76 -3.80
C SER H 327 -36.89 9.08 -4.57
N ALA H 328 -38.07 9.49 -5.02
CA ALA H 328 -38.17 10.74 -5.76
C ALA H 328 -37.81 11.91 -4.85
N HIS H 329 -38.27 11.88 -3.60
CA HIS H 329 -37.90 12.90 -2.64
C HIS H 329 -36.41 12.83 -2.32
N LEU H 330 -35.92 11.62 -2.05
CA LEU H 330 -34.56 11.44 -1.55
C LEU H 330 -33.53 11.90 -2.59
N LEU H 331 -33.72 11.51 -3.85
CA LEU H 331 -32.75 11.87 -4.89
C LEU H 331 -32.72 13.37 -5.10
N ALA H 332 -33.85 14.06 -4.93
CA ALA H 332 -33.82 15.50 -5.08
C ALA H 332 -32.96 16.16 -4.01
N ALA H 333 -32.70 15.47 -2.89
CA ALA H 333 -31.81 15.99 -1.86
C ALA H 333 -30.41 15.38 -1.93
N THR H 334 -30.09 14.68 -3.02
CA THR H 334 -28.84 13.94 -3.11
C THR H 334 -27.87 14.66 -4.02
N PRO H 335 -26.70 15.11 -3.53
CA PRO H 335 -25.81 15.92 -4.39
C PRO H 335 -25.46 15.25 -5.71
N THR H 336 -25.21 13.94 -5.72
CA THR H 336 -24.82 13.26 -6.96
C THR H 336 -25.94 12.41 -7.55
N ALA H 337 -27.20 12.80 -7.32
CA ALA H 337 -28.34 12.08 -7.86
C ALA H 337 -28.14 11.76 -9.33
N HIS H 338 -28.43 10.52 -9.68
CA HIS H 338 -28.18 10.03 -11.03
C HIS H 338 -29.51 9.63 -11.68
N TRP H 339 -29.98 8.40 -11.45
CA TRP H 339 -31.23 7.90 -12.01
C TRP H 339 -32.18 7.45 -10.90
N LEU H 340 -33.49 7.48 -11.21
CA LEU H 340 -34.49 6.78 -10.40
C LEU H 340 -34.89 5.48 -11.10
N GLU H 341 -34.96 4.39 -10.34
CA GLU H 341 -35.48 3.15 -10.90
C GLU H 341 -37.00 3.15 -10.86
N ARG H 342 -37.62 3.09 -12.02
CA ARG H 342 -39.07 2.96 -12.09
C ARG H 342 -39.41 1.47 -12.15
N LEU H 343 -39.82 0.92 -11.01
CA LEU H 343 -40.35 -0.45 -10.93
C LEU H 343 -41.45 -0.38 -9.88
N ASP H 344 -42.69 -0.35 -10.34
CA ASP H 344 -43.84 0.01 -9.49
C ASP H 344 -44.36 -1.22 -8.74
N LEU H 345 -43.56 -1.66 -7.76
CA LEU H 345 -43.88 -2.86 -7.01
C LEU H 345 -45.21 -2.74 -6.29
N ALA H 346 -45.52 -1.56 -5.75
CA ALA H 346 -46.65 -1.37 -4.88
C ALA H 346 -47.78 -0.57 -5.52
N GLY H 347 -47.75 -0.38 -6.84
CA GLY H 347 -48.79 0.39 -7.52
C GLY H 347 -50.19 -0.17 -7.33
N SER H 348 -50.30 -1.45 -6.99
CA SER H 348 -51.61 -2.06 -6.75
C SER H 348 -52.20 -1.68 -5.41
N VAL H 349 -51.43 -1.08 -4.50
CA VAL H 349 -51.95 -0.77 -3.16
C VAL H 349 -51.64 0.67 -2.77
N ILE H 350 -51.08 1.44 -3.68
CA ILE H 350 -50.72 2.84 -3.44
C ILE H 350 -51.28 3.69 -4.57
N GLU H 351 -51.91 4.83 -4.23
CA GLU H 351 -52.43 5.72 -5.26
C GLU H 351 -51.30 6.32 -6.09
N PRO H 352 -51.49 6.49 -7.40
CA PRO H 352 -50.39 6.95 -8.27
C PRO H 352 -50.17 8.46 -8.21
N THR H 353 -49.83 8.95 -7.01
CA THR H 353 -49.59 10.38 -6.83
C THR H 353 -48.25 10.79 -7.42
N LEU H 354 -47.30 9.87 -7.48
CA LEU H 354 -46.07 10.06 -8.24
C LEU H 354 -46.37 9.90 -9.73
N THR H 355 -45.97 10.89 -10.53
CA THR H 355 -46.18 10.89 -11.97
C THR H 355 -44.85 11.07 -12.70
N PHE H 356 -44.89 10.74 -13.99
CA PHE H 356 -43.71 10.82 -14.84
C PHE H 356 -44.00 11.71 -16.05
N GLU H 357 -43.21 12.77 -16.19
CA GLU H 357 -43.34 13.71 -17.29
C GLU H 357 -42.03 13.68 -18.08
N GLY H 358 -42.11 13.23 -19.34
CA GLY H 358 -40.92 13.19 -20.16
C GLY H 358 -39.89 12.21 -19.66
N GLY H 359 -40.32 11.16 -18.96
CA GLY H 359 -39.41 10.22 -18.35
C GLY H 359 -38.88 10.63 -17.00
N ASN H 360 -39.28 11.79 -16.49
CA ASN H 360 -38.82 12.28 -15.20
C ASN H 360 -39.90 12.05 -14.15
N ALA H 361 -39.49 11.47 -13.02
CA ALA H 361 -40.40 11.36 -11.88
C ALA H 361 -40.65 12.74 -11.27
N VAL H 362 -41.91 13.00 -10.93
CA VAL H 362 -42.33 14.31 -10.44
C VAL H 362 -42.94 14.12 -9.05
N ILE H 363 -42.32 14.74 -8.06
CA ILE H 363 -42.79 14.61 -6.67
C ILE H 363 -44.20 15.17 -6.57
N PRO H 364 -45.14 14.48 -5.92
CA PRO H 364 -46.49 15.07 -5.76
C PRO H 364 -46.50 16.19 -4.73
N ASP H 365 -47.47 17.08 -4.89
CA ASP H 365 -47.63 18.20 -3.95
C ASP H 365 -48.48 17.70 -2.78
N LEU H 366 -47.82 16.98 -1.87
CA LEU H 366 -48.47 16.34 -0.74
C LEU H 366 -47.50 16.33 0.42
N PRO H 367 -48.00 16.34 1.65
CA PRO H 367 -47.09 16.30 2.81
C PRO H 367 -46.45 14.93 2.96
N GLY H 368 -45.26 14.92 3.58
CA GLY H 368 -44.57 13.65 3.74
C GLY H 368 -44.16 13.09 2.40
N VAL H 369 -44.26 11.75 2.27
CA VAL H 369 -43.81 11.06 1.08
C VAL H 369 -44.84 11.12 -0.03
N GLY H 370 -46.12 11.30 0.29
CA GLY H 370 -47.16 11.28 -0.71
C GLY H 370 -47.77 9.92 -0.95
N ILE H 371 -47.77 9.05 0.07
CA ILE H 371 -48.35 7.71 -0.02
C ILE H 371 -49.79 7.75 0.48
N ILE H 372 -50.72 7.27 -0.35
CA ILE H 372 -52.09 7.04 0.07
C ILE H 372 -52.44 5.59 -0.25
N TRP H 373 -52.86 4.82 0.76
CA TRP H 373 -53.21 3.42 0.55
C TRP H 373 -54.46 3.32 -0.33
N ARG H 374 -54.48 2.27 -1.16
CA ARG H 374 -55.71 1.91 -1.88
C ARG H 374 -56.42 0.87 -1.01
N GLU H 375 -57.22 1.35 -0.07
CA GLU H 375 -57.68 0.48 1.01
C GLU H 375 -58.56 -0.65 0.48
N LYS H 376 -59.36 -0.38 -0.55
CA LYS H 376 -60.18 -1.45 -1.12
C LYS H 376 -59.31 -2.56 -1.69
N GLU H 377 -58.22 -2.19 -2.40
CA GLU H 377 -57.37 -3.18 -3.04
C GLU H 377 -56.58 -4.01 -2.05
N ILE H 378 -56.18 -3.41 -0.92
CA ILE H 378 -55.30 -4.10 0.02
C ILE H 378 -55.95 -5.40 0.50
N GLY H 379 -57.26 -5.38 0.72
CA GLY H 379 -57.96 -6.56 1.20
C GLY H 379 -57.84 -7.77 0.28
N LYS H 380 -57.66 -7.54 -1.02
CA LYS H 380 -57.55 -8.66 -1.95
C LYS H 380 -56.26 -9.45 -1.76
N TYR H 381 -55.20 -8.82 -1.26
CA TYR H 381 -53.87 -9.39 -1.34
C TYR H 381 -53.31 -9.79 0.03
N LEU H 382 -54.12 -9.70 1.09
CA LEU H 382 -53.64 -9.99 2.43
C LEU H 382 -53.22 -11.46 2.52
N VAL H 383 -52.18 -11.69 3.30
CA VAL H 383 -51.63 -13.03 3.41
C VAL H 383 -52.38 -13.83 4.48
MG MG I . -8.22 24.88 18.56
C10 ZMD J . -10.51 31.07 19.03
B04 ZMD J . -8.35 28.07 19.53
C02 ZMD J . -10.48 28.67 20.23
C06 ZMD J . -8.74 29.50 18.97
C07 ZMD J . -8.01 30.43 18.16
C08 ZMD J . -8.57 31.63 17.82
C09 ZMD J . -9.82 31.96 18.25
C11 ZMD J . -9.94 29.82 19.38
O01 ZMD J . -11.67 28.18 19.69
O03 ZMD J . -9.43 27.67 20.29
O05 ZMD J . -8.11 27.18 18.52
C1 EDO K . -13.31 30.78 33.72
O1 EDO K . -12.97 31.88 32.85
C2 EDO K . -14.83 30.59 33.79
O2 EDO K . -15.39 30.58 32.48
C1 EDO L . -29.62 19.91 -3.45
O1 EDO L . -30.61 20.44 -4.33
C2 EDO L . -29.21 18.49 -3.87
O2 EDO L . -28.47 18.52 -5.09
C1 EDO M . 6.95 26.62 20.41
O1 EDO M . 7.94 27.44 19.81
C2 EDO M . 5.62 26.85 19.68
O2 EDO M . 5.22 28.23 19.79
MG MG N . -8.83 25.77 -17.38
C10 ZMD O . -10.56 32.07 -17.70
B04 ZMD O . -10.52 28.38 -18.22
C02 ZMD O . -9.18 30.12 -18.94
C06 ZMD O . -11.06 29.75 -17.66
C07 ZMD O . -12.19 30.05 -16.84
C08 ZMD O . -12.46 31.35 -16.48
C09 ZMD O . -11.65 32.35 -16.89
C11 ZMD O . -10.27 30.72 -18.07
O01 ZMD O . -7.92 30.43 -18.40
O03 ZMD O . -9.38 28.70 -18.95
O05 ZMD O . -10.25 27.50 -17.21
C1 EDO P . -7.22 35.22 -32.11
O1 EDO P . -6.81 35.49 -30.76
C2 EDO P . -8.53 34.44 -32.11
O2 EDO P . -9.44 35.13 -31.26
C1 EDO Q . 12.49 33.01 4.90
O1 EDO Q . 11.84 34.10 5.60
C2 EDO Q . 12.05 31.67 5.49
O2 EDO Q . 10.71 31.78 5.99
C1 EDO R . 17.03 26.52 -16.95
O1 EDO R . 16.89 27.81 -17.56
C2 EDO R . 15.73 25.73 -17.10
O2 EDO R . 14.78 26.36 -16.26
C1 EDO S . -21.03 19.39 -18.74
O1 EDO S . -21.69 20.66 -18.84
C2 EDO S . -21.69 18.38 -19.68
O2 EDO S . -23.05 18.21 -19.27
MG MG T . 27.30 13.67 9.63
C10 ZMD U . 33.34 16.16 8.26
B04 ZMD U . 30.59 14.20 9.85
C02 ZMD U . 31.19 16.43 9.85
C06 ZMD U . 31.87 14.42 8.96
C07 ZMD U . 32.67 13.50 8.23
C08 ZMD U . 33.77 13.94 7.54
C09 ZMD U . 34.11 15.27 7.55
C11 ZMD U . 32.19 15.69 8.99
O01 ZMD U . 30.54 17.39 9.07
O03 ZMD U . 30.26 15.45 10.36
O05 ZMD U . 29.56 13.58 9.20
C1 EDO V . 35.49 24.79 20.51
O1 EDO V . 35.12 24.84 19.12
C2 EDO V . 35.66 23.33 20.88
O2 EDO V . 36.63 22.77 20.00
C1 EDO W . 30.44 0.96 14.52
O1 EDO W . 31.78 1.45 14.47
C2 EDO W . 30.27 0.08 15.75
O2 EDO W . 31.18 -1.02 15.67
MG MG X . 21.27 2.92 -24.09
C10 ZMD Y . 27.29 4.59 -26.17
B04 ZMD Y . 23.59 4.31 -25.92
C02 ZMD Y . 25.27 2.85 -26.51
C06 ZMD Y . 24.98 5.03 -25.83
C07 ZMD Y . 25.34 6.36 -25.48
C08 ZMD Y . 26.66 6.76 -25.48
C09 ZMD Y . 27.64 5.87 -25.83
C11 ZMD Y . 25.92 4.19 -26.17
O01 ZMD Y . 25.80 1.84 -25.70
O03 ZMD Y . 23.85 2.99 -26.28
O05 ZMD Y . 22.88 4.43 -24.76
C1 EDO Z . 26.89 -1.94 -39.16
O1 EDO Z . 27.75 -0.79 -39.07
C2 EDO Z . 27.73 -3.21 -39.13
O2 EDO Z . 28.30 -3.39 -37.84
C1 EDO AA . 23.70 -19.80 -15.35
O1 EDO AA . 22.61 -20.03 -16.26
C2 EDO AA . 24.97 -20.49 -15.85
O2 EDO AA . 24.68 -21.84 -16.27
C1 EDO BA . 12.88 15.03 -27.66
O1 EDO BA . 12.65 15.87 -28.79
C2 EDO BA . 13.83 13.92 -28.07
O2 EDO BA . 15.17 14.43 -28.12
MG MG CA . 16.95 -22.86 14.70
C10 ZMD DA . 19.48 -28.90 14.80
B04 ZMD DA . 17.66 -25.82 15.84
C02 ZMD DA . 19.91 -26.35 15.53
C06 ZMD DA . 17.82 -27.31 15.38
C07 ZMD DA . 16.83 -28.34 15.15
C08 ZMD DA . 17.22 -29.60 14.77
C09 ZMD DA . 18.55 -29.88 14.58
C11 ZMD DA . 19.09 -27.60 15.22
O01 ZMD DA . 20.61 -25.93 14.39
O03 ZMD DA . 18.95 -25.33 15.97
O05 ZMD DA . 16.87 -25.13 14.95
C1 EDO EA . 30.18 -27.17 25.33
O1 EDO EA . 30.18 -27.35 23.91
C2 EDO EA . 28.76 -27.29 25.86
O2 EDO EA . 28.27 -28.58 25.53
C1 EDO FA . 32.69 -8.98 3.16
O1 EDO FA . 32.83 -7.58 2.89
C2 EDO FA . 33.16 -9.79 1.98
O2 EDO FA . 34.56 -9.54 1.81
C1 EDO GA . 4.75 -23.78 24.09
O1 EDO GA . 3.78 -24.80 24.42
C2 EDO GA . 5.41 -24.15 22.77
O2 EDO GA . 6.10 -25.39 22.88
MG MG HA . -0.32 -27.77 -16.38
C10 ZMD IA . 1.26 -34.22 -16.74
B04 ZMD IA . 0.83 -30.64 -17.67
C02 ZMD IA . -0.63 -32.40 -17.40
C06 ZMD IA . 1.62 -31.93 -17.26
C07 ZMD IA . 3.02 -32.16 -17.07
C08 ZMD IA . 3.48 -33.39 -16.72
C09 ZMD IA . 2.60 -34.42 -16.56
C11 ZMD IA . 0.77 -32.91 -17.11
O01 ZMD IA . -1.50 -32.61 -16.30
O03 ZMD IA . -0.52 -31.01 -17.75
O05 ZMD IA . 1.07 -29.65 -16.76
C1 EDO JA . -7.83 -38.00 -27.77
O1 EDO JA . -6.58 -38.64 -27.49
C2 EDO JA . -8.97 -38.68 -27.01
O2 EDO JA . -8.55 -38.95 -25.67
C1 EDO KA . -6.86 -30.64 13.88
O1 EDO KA . -5.83 -30.19 14.77
C2 EDO KA . -7.53 -31.88 14.44
O2 EDO KA . -6.55 -32.89 14.73
C1 EDO LA . 9.68 -21.22 -25.57
O1 EDO LA . 11.10 -21.07 -25.75
C2 EDO LA . 9.42 -21.97 -24.28
O2 EDO LA . 9.83 -23.34 -24.38
MG MG MA . -18.53 -11.62 23.52
C10 ZMD NA . -24.33 -14.01 25.52
B04 ZMD NA . -21.21 -11.94 25.38
C02 ZMD NA . -21.67 -14.19 25.83
C06 ZMD NA . -22.77 -12.22 25.27
C07 ZMD NA . -23.86 -11.35 24.98
C08 ZMD NA . -25.15 -11.86 24.96
C09 ZMD NA . -25.39 -13.17 25.22
C11 ZMD NA . -23.00 -13.50 25.53
O01 ZMD NA . -21.45 -15.26 24.95
O03 ZMD NA . -20.64 -13.18 25.67
O05 ZMD NA . -20.68 -11.43 24.23
C1 EDO OA . -19.75 -19.58 38.42
O1 EDO OA . -21.09 -19.17 38.09
C2 EDO OA . -19.60 -21.07 38.21
O2 EDO OA . -20.06 -21.44 36.89
C1 EDO PA . -20.76 -27.69 -3.43
O1 EDO PA . -21.34 -26.55 -4.09
C2 EDO PA . -21.84 -28.36 -2.59
O2 EDO PA . -22.88 -28.92 -3.41
C1 EDO QA . -18.64 2.80 29.02
O1 EDO QA . -19.43 3.97 28.78
C2 EDO QA . -19.07 1.71 28.06
O2 EDO QA . -20.45 1.39 28.30
MG MG RA . -30.45 -4.96 -9.75
C10 ZMD SA . -36.62 -6.65 -8.30
B04 ZMD SA . -33.26 -6.42 -9.91
C02 ZMD SA . -35.09 -4.98 -9.75
C06 ZMD SA . -34.41 -7.09 -9.06
C07 ZMD SA . -34.49 -8.36 -8.44
C08 ZMD SA . -35.64 -8.73 -7.76
C09 ZMD SA . -36.69 -7.89 -7.69
C11 ZMD SA . -35.44 -6.27 -9.00
O01 ZMD SA . -35.15 -3.87 -8.89
O03 ZMD SA . -33.75 -5.15 -10.24
O05 ZMD SA . -32.07 -6.36 -9.23
C1 EDO TA . -43.74 -0.48 -20.19
O1 EDO TA . -43.56 -0.18 -18.81
C2 EDO TA . -43.08 -1.80 -20.55
O2 EDO TA . -43.60 -2.85 -19.73
C1 EDO UA . -29.39 10.35 17.23
O1 EDO UA . -29.98 10.52 18.52
C2 EDO UA . -27.98 10.94 17.25
O2 EDO UA . -27.16 10.03 17.97
C1 EDO VA . -25.65 -16.66 -15.33
O1 EDO VA . -27.02 -17.07 -15.37
C2 EDO VA . -24.87 -17.27 -16.50
O2 EDO VA . -24.61 -18.63 -16.17
#